data_8TL2
#
_entry.id   8TL2
#
_cell.length_a   1.00
_cell.length_b   1.00
_cell.length_c   1.00
_cell.angle_alpha   90.00
_cell.angle_beta   90.00
_cell.angle_gamma   90.00
#
_symmetry.space_group_name_H-M   'P 1'
#
loop_
_entity.id
_entity.type
_entity.pdbx_description
1 polymer 'BG505 DS-SOSIP Surface protein gp120'
2 polymer 'BG505 DS-SOSIP Transmembrane protein gp41'
3 polymer 'DJ85-c.01 FAB HEAVY CHAIN'
4 polymer 'DJ85-c.01 FAB LIGHT CHAIN'
5 branched 2-acetamido-2-deoxy-beta-D-glucopyranose-(1-4)-2-acetamido-2-deoxy-beta-D-glucopyranose
6 branched beta-D-mannopyranose-(1-4)-2-acetamido-2-deoxy-beta-D-glucopyranose-(1-4)-2-acetamido-2-deoxy-beta-D-glucopyranose
7 branched alpha-D-mannopyranose-(1-2)-alpha-D-mannopyranose-(1-3)-beta-D-mannopyranose-(1-4)-2-acetamido-2-deoxy-beta-D-glucopyranose-(1-4)-2-acetamido-2-deoxy-beta-D-glucopyranose
8 non-polymer 2-acetamido-2-deoxy-beta-D-glucopyranose
#
loop_
_entity_poly.entity_id
_entity_poly.type
_entity_poly.pdbx_seq_one_letter_code
_entity_poly.pdbx_strand_id
1 'polypeptide(L)'
;AENLWVTVYYGVPVWKDAETTLFCASDAKAYETEKHNVWATHACVPTDPNPQEIHLENVTEEFNMWKNNMVEQMHTDIIS
LWDQSLKPCVKLTPLCVTLQCTNVTNNITDDMRGELKNCSFNMTTELRDKKQKVYSLFYRLDVVQINENQGNRSNNSNKE
YRLINCNTSACTQACPKVSFEPIPIHYCAPAGFAILKCKDKKFNGTGPCPSVSTVQCTHGIKPVVSTQLLLNGSLAEEEV
MIRSENITNNAKNILVQFNTPVQINCTRPNNNTRKSIRIGPGQAFYATGDIIGDIRQAHCNVSKATWNETLGKVVKQLRK
HFGNNTIIRFANSSGGDLEVTTHSFNCGGEFFYCNTSGLFNSTWISNTSVQGSNSTGSNDSITLPCRIKQIINMWQRIGQ
CMYAPPIQGVIRCVSNITGLILTRDGGSTNSTTETFRPGGGDMRDNWRSELYKYKVVKIEPLGVAPTRCKRRVVGRRRRR
R
;
A,C,E
2 'polypeptide(L)'
;AVGIGAVFLGFLGAAGSTMGAASMTLTVQARNLLSGIVQQQSNLLRAPEAQQHLLKLTVWGIKQLQARVLAVERYLRDQQ
LLGIWGCSGKLICCTNVPWNSSWSNRNLSEIWDNMTWLQWDKEISNYTQIIYGLLEESQNQQEKNEQDLLALD
;
B,D,F
3 'polypeptide(L)'
;QVQLQESGPGLVKPSETLSLTCAVSGVSISGNYYWNWIRQSPGKGLEWIGNIHGNTAATVYNPSLGSRVTFSRDTSKNQF
SLRLDSVTAADTAVYFCATLYEFRVYMGERISYHDYWGQGLLVTVSASTKGPSVFPLAPSSRSTSESTAALGCLVKDYFP
EPVTVSWNSGSLTSGVHTFPAVLQSSGLYSLSSVVTVPSSSLGTQTYVCNVNHKPSNTKVDKRVEIKTCGGLEVLFQ
;
G,K
4 'polypeptide(L)'
;DIQMTQSPSSLSASVGDRVTISCRASQDISSDLNWYQQKPGKPPQLLIYFASNLQSGVPSRFSGSGAGTEFTLTINSLQA
EDFASYFCLQYQSYPWTFGQGTMVDLKRTVAAPSVFIFPPSEDQVKSGTVSVVCLLNNFYPREASVKWKVDGALKTGNSQ
ESVTEQDSKDNTYSLSSTLTLSSTEYQSHKVYACEVTHQGLSSPVTKSFNRGEC
;
H,L
#
loop_
_chem_comp.id
_chem_comp.type
_chem_comp.name
_chem_comp.formula
BMA D-saccharide, beta linking beta-D-mannopyranose 'C6 H12 O6'
MAN D-saccharide, alpha linking alpha-D-mannopyranose 'C6 H12 O6'
NAG D-saccharide, beta linking 2-acetamido-2-deoxy-beta-D-glucopyranose 'C8 H15 N O6'
#
# COMPACT_ATOMS: atom_id res chain seq x y z
N ALA A 1 -45.05 8.26 -35.08
CA ALA A 1 -45.34 9.67 -34.97
C ALA A 1 -44.37 10.34 -34.00
N GLU A 2 -44.08 9.65 -32.89
CA GLU A 2 -43.17 10.20 -31.90
C GLU A 2 -41.77 10.39 -32.48
N ASN A 3 -41.29 9.40 -33.25
CA ASN A 3 -39.95 9.37 -33.84
C ASN A 3 -38.88 9.82 -32.85
N LEU A 4 -39.04 9.43 -31.58
CA LEU A 4 -38.10 9.77 -30.52
C LEU A 4 -37.19 8.58 -30.25
N TRP A 5 -35.95 8.88 -29.84
CA TRP A 5 -34.91 7.88 -29.68
C TRP A 5 -34.15 8.10 -28.38
N VAL A 6 -33.66 7.00 -27.81
CA VAL A 6 -32.92 7.08 -26.55
C VAL A 6 -31.57 7.75 -26.80
N THR A 7 -31.17 8.60 -25.85
CA THR A 7 -29.84 9.21 -25.86
C THR A 7 -29.28 9.14 -24.46
N VAL A 8 -27.98 8.81 -24.37
CA VAL A 8 -27.30 8.51 -23.13
C VAL A 8 -26.49 9.73 -22.70
N TYR A 9 -26.61 10.09 -21.43
CA TYR A 9 -25.87 11.18 -20.83
C TYR A 9 -25.07 10.66 -19.65
N TYR A 10 -23.80 11.06 -19.59
CA TYR A 10 -22.89 10.68 -18.50
C TYR A 10 -22.53 11.92 -17.70
N GLY A 11 -22.61 11.81 -16.39
CA GLY A 11 -22.43 12.94 -15.50
C GLY A 11 -23.71 13.59 -15.01
N VAL A 12 -24.84 12.90 -15.07
CA VAL A 12 -26.12 13.49 -14.67
C VAL A 12 -26.10 13.75 -13.16
N PRO A 13 -26.59 14.91 -12.68
CA PRO A 13 -26.60 15.13 -11.21
C PRO A 13 -27.78 14.45 -10.49
N VAL A 14 -27.59 13.16 -10.20
CA VAL A 14 -28.58 12.36 -9.49
C VAL A 14 -27.85 11.54 -8.43
N TRP A 15 -28.51 11.37 -7.29
CA TRP A 15 -27.90 10.67 -6.15
C TRP A 15 -28.92 9.74 -5.52
N LYS A 16 -28.40 8.79 -4.75
CA LYS A 16 -29.20 7.82 -3.99
C LYS A 16 -28.61 7.68 -2.60
N ASP A 17 -29.43 7.18 -1.67
CA ASP A 17 -28.97 6.92 -0.32
C ASP A 17 -28.03 5.72 -0.30
N ALA A 18 -26.96 5.82 0.49
CA ALA A 18 -25.96 4.77 0.55
C ALA A 18 -25.18 4.90 1.86
N GLU A 19 -24.44 3.85 2.18
CA GLU A 19 -23.58 3.80 3.35
C GLU A 19 -22.16 3.49 2.91
N THR A 20 -21.19 4.20 3.50
CA THR A 20 -19.79 4.05 3.15
C THR A 20 -18.94 4.30 4.40
N THR A 21 -17.63 4.42 4.19
CA THR A 21 -16.67 4.63 5.27
C THR A 21 -16.00 5.98 5.06
N LEU A 22 -16.28 6.93 5.94
CA LEU A 22 -15.64 8.24 5.90
C LEU A 22 -14.26 8.17 6.53
N PHE A 23 -13.43 9.17 6.22
CA PHE A 23 -12.04 9.22 6.67
C PHE A 23 -11.78 10.54 7.37
N CYS A 24 -10.52 10.70 7.82
CA CYS A 24 -10.14 11.74 8.73
C CYS A 24 -10.05 13.11 8.05
N ALA A 25 -10.13 14.15 8.88
CA ALA A 25 -9.65 15.48 8.53
C ALA A 25 -9.56 16.33 9.79
N SER A 26 -8.41 16.96 10.02
CA SER A 26 -8.20 17.75 11.22
C SER A 26 -7.20 18.86 10.91
N ASP A 27 -7.23 19.90 11.74
CA ASP A 27 -6.34 21.04 11.57
C ASP A 27 -4.94 20.72 12.09
N HIS A 36 0.66 15.12 22.71
CA HIS A 36 0.13 13.76 22.85
C HIS A 36 -1.28 13.80 23.44
N ASN A 37 -2.19 13.06 22.80
CA ASN A 37 -3.57 12.99 23.26
C ASN A 37 -4.15 11.63 22.86
N VAL A 38 -5.24 11.26 23.53
CA VAL A 38 -5.85 9.95 23.29
C VAL A 38 -6.37 9.87 21.86
N TRP A 39 -7.00 10.94 21.38
CA TRP A 39 -7.60 10.96 20.03
C TRP A 39 -6.50 11.32 19.05
N ALA A 40 -5.81 10.28 18.55
CA ALA A 40 -4.62 10.46 17.73
C ALA A 40 -4.93 11.19 16.43
N THR A 41 -4.41 12.40 16.29
CA THR A 41 -4.48 13.15 15.04
C THR A 41 -3.33 12.84 14.11
N HIS A 42 -2.35 12.04 14.55
CA HIS A 42 -1.24 11.68 13.68
C HIS A 42 -1.73 10.90 12.47
N ALA A 43 -2.67 9.97 12.67
CA ALA A 43 -3.24 9.17 11.60
C ALA A 43 -4.44 9.84 10.94
N CYS A 44 -4.55 11.17 11.03
CA CYS A 44 -5.65 11.91 10.45
C CYS A 44 -5.10 12.88 9.42
N VAL A 45 -5.80 13.01 8.29
CA VAL A 45 -5.35 13.84 7.17
C VAL A 45 -5.45 15.31 7.58
N PRO A 46 -4.59 16.20 7.09
CA PRO A 46 -4.82 17.63 7.31
C PRO A 46 -6.11 18.09 6.63
N THR A 47 -6.75 19.10 7.24
CA THR A 47 -7.97 19.68 6.70
C THR A 47 -7.65 20.87 5.82
N ASP A 48 -8.45 21.04 4.76
CA ASP A 48 -8.27 22.18 3.89
C ASP A 48 -8.62 23.47 4.63
N PRO A 49 -7.88 24.57 4.42
CA PRO A 49 -8.22 25.82 5.11
C PRO A 49 -9.41 26.55 4.52
N ASN A 50 -9.88 26.15 3.33
CA ASN A 50 -10.95 26.85 2.62
C ASN A 50 -12.02 25.83 2.23
N PRO A 51 -12.82 25.36 3.18
CA PRO A 51 -13.89 24.41 2.82
C PRO A 51 -14.91 25.04 1.90
N GLN A 52 -15.47 24.21 1.01
CA GLN A 52 -16.41 24.64 -0.01
C GLN A 52 -17.80 24.13 0.32
N GLU A 53 -18.79 25.02 0.28
CA GLU A 53 -20.20 24.69 0.48
C GLU A 53 -20.98 25.16 -0.72
N ILE A 54 -21.76 24.26 -1.33
CA ILE A 54 -22.54 24.56 -2.54
C ILE A 54 -24.01 24.43 -2.18
N HIS A 55 -24.72 25.56 -2.14
CA HIS A 55 -26.14 25.56 -1.83
C HIS A 55 -26.94 25.05 -3.02
N LEU A 56 -27.80 24.05 -2.78
CA LEU A 56 -28.59 23.42 -3.83
C LEU A 56 -29.98 24.05 -3.82
N GLU A 57 -30.27 24.87 -4.84
CA GLU A 57 -31.57 25.50 -4.96
C GLU A 57 -32.60 24.51 -5.50
N ASN A 58 -33.84 24.67 -5.04
CA ASN A 58 -34.97 23.85 -5.46
C ASN A 58 -34.80 22.38 -5.11
N VAL A 59 -33.99 22.07 -4.09
CA VAL A 59 -33.74 20.71 -3.64
C VAL A 59 -34.31 20.56 -2.23
N THR A 60 -35.23 19.61 -2.07
CA THR A 60 -35.79 19.26 -0.77
C THR A 60 -35.48 17.78 -0.53
N GLU A 61 -34.86 17.48 0.61
CA GLU A 61 -34.34 16.15 0.90
C GLU A 61 -35.00 15.58 2.14
N GLU A 62 -35.06 14.25 2.21
CA GLU A 62 -35.64 13.54 3.35
C GLU A 62 -34.53 13.21 4.33
N PHE A 63 -34.65 13.71 5.57
CA PHE A 63 -33.67 13.51 6.61
C PHE A 63 -34.27 12.71 7.75
N ASN A 64 -33.41 11.95 8.44
CA ASN A 64 -33.83 11.15 9.59
C ASN A 64 -32.60 10.92 10.46
N MET A 65 -32.58 11.57 11.64
CA MET A 65 -31.43 11.47 12.52
C MET A 65 -31.36 10.16 13.29
N TRP A 66 -32.48 9.42 13.39
CA TRP A 66 -32.53 8.21 14.20
C TRP A 66 -32.14 6.96 13.44
N LYS A 67 -31.77 7.07 12.15
CA LYS A 67 -31.29 5.95 11.37
C LYS A 67 -30.08 6.39 10.56
N ASN A 68 -29.18 7.13 11.19
CA ASN A 68 -27.97 7.64 10.56
C ASN A 68 -26.81 6.69 10.85
N ASN A 69 -26.12 6.25 9.81
CA ASN A 69 -25.00 5.33 9.95
C ASN A 69 -23.72 6.02 10.41
N MET A 70 -23.65 7.35 10.32
CA MET A 70 -22.44 8.06 10.76
C MET A 70 -22.21 7.89 12.25
N VAL A 71 -23.28 7.80 13.04
CA VAL A 71 -23.14 7.68 14.49
C VAL A 71 -22.43 6.38 14.85
N GLU A 72 -22.81 5.28 14.21
CA GLU A 72 -22.18 4.00 14.50
C GLU A 72 -20.69 4.02 14.14
N GLN A 73 -20.36 4.59 12.98
CA GLN A 73 -18.96 4.66 12.58
C GLN A 73 -18.16 5.54 13.55
N MET A 74 -18.74 6.67 13.98
CA MET A 74 -18.06 7.53 14.94
C MET A 74 -17.84 6.80 16.25
N HIS A 75 -18.84 6.06 16.73
CA HIS A 75 -18.69 5.31 17.98
C HIS A 75 -17.58 4.28 17.85
N THR A 76 -17.57 3.52 16.74
CA THR A 76 -16.56 2.50 16.54
C THR A 76 -15.17 3.12 16.46
N ASP A 77 -15.03 4.24 15.74
CA ASP A 77 -13.73 4.89 15.61
C ASP A 77 -13.24 5.41 16.95
N ILE A 78 -14.14 6.00 17.75
CA ILE A 78 -13.75 6.52 19.05
C ILE A 78 -13.29 5.39 19.95
N ILE A 79 -14.04 4.28 19.96
CA ILE A 79 -13.65 3.14 20.80
C ILE A 79 -12.31 2.58 20.35
N SER A 80 -12.10 2.47 19.03
CA SER A 80 -10.85 1.94 18.52
C SER A 80 -9.68 2.84 18.90
N LEU A 81 -9.85 4.16 18.78
CA LEU A 81 -8.79 5.08 19.16
C LEU A 81 -8.47 4.98 20.65
N TRP A 82 -9.51 4.90 21.49
CA TRP A 82 -9.29 4.77 22.92
C TRP A 82 -8.53 3.50 23.23
N ASP A 83 -8.91 2.39 22.60
CA ASP A 83 -8.22 1.12 22.84
C ASP A 83 -6.77 1.19 22.36
N GLN A 84 -6.54 1.81 21.21
CA GLN A 84 -5.18 1.86 20.65
C GLN A 84 -4.27 2.73 21.51
N SER A 85 -4.80 3.81 22.08
CA SER A 85 -3.98 4.72 22.88
C SER A 85 -3.40 4.05 24.11
N LEU A 86 -4.06 3.01 24.64
CA LEU A 86 -3.65 2.39 25.90
C LEU A 86 -2.67 1.24 25.72
N LYS A 87 -2.36 0.83 24.48
CA LYS A 87 -1.51 -0.34 24.28
C LYS A 87 -0.11 -0.17 24.85
N PRO A 88 0.64 0.92 24.55
CA PRO A 88 1.99 1.09 25.11
C PRO A 88 1.99 1.75 26.48
N CYS A 89 1.44 1.06 27.47
CA CYS A 89 1.36 1.56 28.84
C CYS A 89 1.47 0.40 29.81
N VAL A 90 1.80 0.73 31.06
CA VAL A 90 2.07 -0.29 32.06
C VAL A 90 0.78 -1.02 32.42
N LYS A 91 0.91 -2.33 32.66
CA LYS A 91 -0.18 -3.17 33.14
C LYS A 91 0.05 -3.47 34.61
N LEU A 92 -0.96 -3.22 35.44
CA LEU A 92 -0.83 -3.33 36.89
C LEU A 92 -1.27 -4.72 37.38
N THR A 93 -0.62 -5.74 36.83
CA THR A 93 -0.84 -7.11 37.27
C THR A 93 -0.38 -7.31 38.73
N PRO A 94 0.82 -6.86 39.12
CA PRO A 94 1.28 -7.13 40.49
C PRO A 94 0.44 -6.49 41.58
N LEU A 95 -0.37 -5.48 41.26
CA LEU A 95 -1.08 -4.72 42.28
C LEU A 95 -2.12 -5.52 43.04
N CYS A 96 -2.50 -6.71 42.57
CA CYS A 96 -3.48 -7.54 43.27
C CYS A 96 -2.79 -8.21 44.44
N VAL A 97 -2.73 -7.51 45.56
CA VAL A 97 -2.12 -7.99 46.79
C VAL A 97 -3.06 -7.66 47.96
N THR A 98 -2.75 -8.23 49.12
CA THR A 98 -3.54 -8.02 50.33
C THR A 98 -3.13 -6.70 50.96
N LEU A 99 -3.98 -5.69 50.84
CA LEU A 99 -3.74 -4.38 51.43
C LEU A 99 -4.21 -4.36 52.88
N GLN A 100 -3.46 -3.64 53.71
CA GLN A 100 -3.83 -3.40 55.10
C GLN A 100 -4.13 -1.91 55.24
N CYS A 101 -5.40 -1.57 55.46
CA CYS A 101 -5.87 -0.20 55.38
C CYS A 101 -6.43 0.29 56.71
N THR A 102 -6.26 1.59 56.95
CA THR A 102 -6.82 2.29 58.10
C THR A 102 -7.55 3.53 57.61
N ASN A 103 -8.27 4.17 58.53
CA ASN A 103 -9.04 5.35 58.21
C ASN A 103 -8.17 6.61 58.27
N VAL A 104 -8.51 7.58 57.43
CA VAL A 104 -7.84 8.87 57.40
C VAL A 104 -8.72 9.87 58.17
N THR A 105 -8.17 10.43 59.24
CA THR A 105 -8.89 11.38 60.09
C THR A 105 -7.98 12.54 60.47
N ASN A 106 -7.23 13.06 59.50
CA ASN A 106 -6.31 14.18 59.70
C ASN A 106 -6.89 15.39 58.99
N ASN A 107 -7.54 16.27 59.74
CA ASN A 107 -8.12 17.50 59.21
C ASN A 107 -9.13 17.21 58.11
N ILE A 108 -10.21 16.52 58.50
CA ILE A 108 -11.30 16.17 57.62
C ILE A 108 -12.58 16.84 58.10
N THR A 109 -13.50 17.07 57.17
CA THR A 109 -14.81 17.62 57.48
C THR A 109 -15.77 16.49 57.81
N ASP A 110 -17.04 16.83 58.05
CA ASP A 110 -18.05 15.84 58.39
C ASP A 110 -18.62 15.11 57.18
N ASP A 111 -18.32 15.57 55.96
CA ASP A 111 -18.82 14.94 54.75
C ASP A 111 -17.78 14.10 54.01
N MET A 112 -16.51 14.17 54.42
CA MET A 112 -15.43 13.40 53.81
C MET A 112 -14.91 12.34 54.79
N ARG A 113 -15.81 11.82 55.63
CA ARG A 113 -15.45 10.84 56.65
C ARG A 113 -15.59 9.43 56.06
N GLY A 114 -14.51 8.68 56.07
CA GLY A 114 -14.50 7.32 55.56
C GLY A 114 -14.28 7.20 54.07
N GLU A 115 -14.17 8.32 53.35
CA GLU A 115 -14.00 8.25 51.89
C GLU A 115 -12.59 7.84 51.50
N LEU A 116 -11.59 8.16 52.32
CA LEU A 116 -10.19 7.88 52.02
C LEU A 116 -9.65 6.82 52.95
N LYS A 117 -8.90 5.88 52.39
CA LYS A 117 -8.27 4.79 53.13
C LYS A 117 -6.76 4.85 52.93
N ASN A 118 -6.03 4.79 54.05
CA ASN A 118 -4.57 4.77 54.04
C ASN A 118 -4.14 3.31 54.10
N CYS A 119 -3.64 2.79 52.99
CA CYS A 119 -3.33 1.37 52.83
C CYS A 119 -1.84 1.16 52.71
N SER A 120 -1.37 0.04 53.24
CA SER A 120 0.01 -0.39 53.13
C SER A 120 0.06 -1.81 52.56
N PHE A 121 1.11 -2.10 51.81
CA PHE A 121 1.22 -3.37 51.13
C PHE A 121 2.66 -3.62 50.70
N ASN A 122 2.97 -4.89 50.47
CA ASN A 122 4.24 -5.29 49.89
C ASN A 122 4.17 -5.18 48.37
N MET A 123 5.29 -4.80 47.76
CA MET A 123 5.39 -4.61 46.32
C MET A 123 6.73 -5.14 45.83
N THR A 124 6.75 -5.60 44.59
CA THR A 124 7.98 -6.07 43.97
C THR A 124 8.90 -4.89 43.65
N THR A 125 10.05 -5.20 43.08
CA THR A 125 11.03 -4.18 42.70
C THR A 125 11.71 -4.62 41.41
N GLU A 126 12.77 -3.90 41.04
CA GLU A 126 13.46 -4.21 39.79
C GLU A 126 14.12 -5.59 39.84
N LEU A 127 14.68 -5.97 40.98
CA LEU A 127 15.23 -7.30 41.16
C LEU A 127 14.14 -8.25 41.62
N ARG A 128 14.09 -9.43 41.02
CA ARG A 128 13.01 -10.38 41.25
C ARG A 128 13.15 -11.16 42.56
N ASP A 129 14.27 -11.00 43.28
CA ASP A 129 14.49 -11.67 44.56
C ASP A 129 14.44 -10.70 45.74
N LYS A 130 13.81 -9.53 45.55
CA LYS A 130 13.71 -8.52 46.59
C LYS A 130 12.28 -7.97 46.63
N LYS A 131 11.89 -7.47 47.79
CA LYS A 131 10.58 -6.90 48.00
C LYS A 131 10.71 -5.61 48.80
N GLN A 132 9.70 -4.75 48.68
CA GLN A 132 9.64 -3.49 49.40
C GLN A 132 8.26 -3.34 50.02
N LYS A 133 8.18 -2.45 51.01
CA LYS A 133 6.93 -2.10 51.68
C LYS A 133 6.56 -0.67 51.34
N VAL A 134 5.34 -0.46 50.84
CA VAL A 134 4.89 0.85 50.38
C VAL A 134 3.50 1.11 50.91
N TYR A 135 3.05 2.37 50.77
CA TYR A 135 1.73 2.76 51.22
C TYR A 135 1.17 3.80 50.25
N SER A 136 -0.15 3.90 50.23
CA SER A 136 -0.84 4.83 49.34
C SER A 136 -2.21 5.15 49.89
N LEU A 137 -2.79 6.24 49.38
CA LEU A 137 -4.15 6.65 49.72
C LEU A 137 -5.09 6.23 48.60
N PHE A 138 -6.12 5.48 48.95
CA PHE A 138 -7.12 5.02 48.01
C PHE A 138 -8.50 5.58 48.39
N TYR A 139 -9.40 5.57 47.41
CA TYR A 139 -10.79 5.94 47.65
C TYR A 139 -11.60 4.70 48.04
N ARG A 140 -12.61 4.92 48.87
CA ARG A 140 -13.43 3.81 49.35
C ARG A 140 -14.13 3.09 48.21
N LEU A 141 -14.43 3.80 47.12
CA LEU A 141 -15.08 3.17 45.96
C LEU A 141 -14.18 2.21 45.21
N ASP A 142 -12.87 2.21 45.49
CA ASP A 142 -11.93 1.37 44.77
C ASP A 142 -11.49 0.12 45.55
N VAL A 143 -11.66 0.10 46.87
CA VAL A 143 -11.22 -0.99 47.72
C VAL A 143 -12.44 -1.66 48.35
N VAL A 144 -12.45 -2.98 48.34
CA VAL A 144 -13.53 -3.78 48.92
C VAL A 144 -12.92 -4.73 49.95
N GLN A 145 -13.60 -4.87 51.09
CA GLN A 145 -13.10 -5.73 52.15
C GLN A 145 -13.05 -7.18 51.70
N ILE A 146 -12.01 -7.87 52.16
CA ILE A 146 -11.82 -9.28 51.85
C ILE A 146 -12.36 -10.16 52.97
N LYS A 159 -9.58 -5.60 58.65
CA LYS A 159 -8.52 -4.65 58.36
C LYS A 159 -7.74 -5.07 57.11
N GLU A 160 -8.40 -5.82 56.22
CA GLU A 160 -7.82 -6.29 54.97
C GLU A 160 -8.76 -5.96 53.83
N TYR A 161 -8.19 -5.48 52.72
CA TYR A 161 -8.96 -5.04 51.57
C TYR A 161 -8.27 -5.50 50.29
N ARG A 162 -8.99 -5.41 49.18
CA ARG A 162 -8.45 -5.70 47.87
C ARG A 162 -9.07 -4.76 46.86
N LEU A 163 -8.37 -4.56 45.74
CA LEU A 163 -8.88 -3.69 44.69
C LEU A 163 -10.16 -4.28 44.11
N ILE A 164 -11.05 -3.39 43.67
CA ILE A 164 -12.40 -3.81 43.26
C ILE A 164 -12.33 -4.73 42.04
N ASN A 165 -11.36 -4.50 41.16
CA ASN A 165 -11.28 -5.20 39.88
C ASN A 165 -10.44 -6.47 39.94
N CYS A 166 -9.95 -6.86 41.11
CA CYS A 166 -9.01 -7.97 41.18
C CYS A 166 -9.63 -9.28 40.70
N ASN A 167 -10.90 -9.52 41.00
CA ASN A 167 -11.55 -10.77 40.64
C ASN A 167 -12.18 -10.74 39.25
N THR A 168 -12.03 -9.64 38.50
CA THR A 168 -12.56 -9.51 37.16
C THR A 168 -11.47 -9.50 36.10
N SER A 169 -10.49 -8.62 36.22
CA SER A 169 -9.41 -8.50 35.24
C SER A 169 -8.30 -7.66 35.87
N ALA A 170 -7.27 -7.39 35.07
CA ALA A 170 -6.15 -6.55 35.48
C ALA A 170 -6.20 -5.24 34.71
N CYS A 171 -6.15 -4.13 35.43
CA CYS A 171 -6.25 -2.80 34.84
C CYS A 171 -4.93 -2.38 34.22
N THR A 172 -5.02 -1.43 33.30
CA THR A 172 -3.86 -0.83 32.64
C THR A 172 -3.75 0.62 33.08
N GLN A 173 -2.57 0.99 33.58
CA GLN A 173 -2.35 2.34 34.04
C GLN A 173 -2.22 3.28 32.84
N ALA A 174 -3.09 4.28 32.79
CA ALA A 174 -3.01 5.27 31.71
C ALA A 174 -1.68 5.99 31.77
N CYS A 175 -1.02 6.13 30.62
CA CYS A 175 0.28 6.75 30.58
C CYS A 175 0.14 8.22 30.99
N PRO A 176 1.08 8.77 31.78
CA PRO A 176 0.89 10.11 32.34
C PRO A 176 1.12 11.25 31.36
N LYS A 177 1.55 10.96 30.12
CA LYS A 177 1.82 12.00 29.14
C LYS A 177 0.64 12.28 28.22
N VAL A 178 -0.17 11.27 27.89
CA VAL A 178 -1.29 11.49 27.00
C VAL A 178 -2.37 12.29 27.70
N SER A 179 -2.91 13.28 27.00
CA SER A 179 -3.95 14.16 27.54
C SER A 179 -5.33 13.66 27.13
N PHE A 180 -6.27 13.78 28.05
CA PHE A 180 -7.65 13.31 27.85
C PHE A 180 -8.55 14.38 27.23
N GLU A 181 -8.04 15.59 26.99
CA GLU A 181 -8.90 16.65 26.47
C GLU A 181 -9.36 16.31 25.05
N PRO A 182 -10.58 16.68 24.66
CA PRO A 182 -11.02 16.41 23.28
C PRO A 182 -10.54 17.47 22.31
N ILE A 183 -10.44 17.06 21.04
CA ILE A 183 -10.09 17.97 19.95
C ILE A 183 -11.09 17.76 18.82
N PRO A 184 -11.36 18.77 17.98
CA PRO A 184 -12.34 18.58 16.92
C PRO A 184 -11.89 17.54 15.89
N ILE A 185 -12.88 16.87 15.29
CA ILE A 185 -12.64 15.88 14.25
C ILE A 185 -13.61 16.15 13.11
N HIS A 186 -13.10 16.09 11.87
CA HIS A 186 -13.90 16.24 10.68
C HIS A 186 -13.91 14.92 9.93
N TYR A 187 -15.09 14.53 9.44
CA TYR A 187 -15.30 13.24 8.76
C TYR A 187 -15.63 13.52 7.30
N CYS A 188 -14.72 13.16 6.39
CA CYS A 188 -14.90 13.44 4.97
C CYS A 188 -15.06 12.16 4.17
N ALA A 189 -15.97 12.23 3.18
CA ALA A 189 -16.41 11.09 2.39
C ALA A 189 -15.43 10.79 1.26
N PRO A 190 -15.50 9.59 0.67
CA PRO A 190 -14.59 9.27 -0.45
C PRO A 190 -15.05 9.88 -1.76
N ALA A 191 -14.34 9.58 -2.85
CA ALA A 191 -14.73 10.03 -4.18
C ALA A 191 -15.95 9.26 -4.65
N GLY A 192 -16.83 9.93 -5.37
CA GLY A 192 -18.07 9.35 -5.83
C GLY A 192 -19.23 9.47 -4.87
N PHE A 193 -18.99 9.97 -3.66
CA PHE A 193 -20.01 10.21 -2.66
C PHE A 193 -20.06 11.70 -2.34
N ALA A 194 -21.10 12.09 -1.60
CA ALA A 194 -21.31 13.48 -1.22
C ALA A 194 -21.99 13.54 0.14
N ILE A 195 -21.78 14.65 0.83
CA ILE A 195 -22.37 14.90 2.14
C ILE A 195 -23.32 16.09 2.01
N LEU A 196 -24.58 15.85 2.32
CA LEU A 196 -25.62 16.87 2.27
C LEU A 196 -25.93 17.36 3.67
N LYS A 197 -26.06 18.67 3.81
CA LYS A 197 -26.29 19.34 5.08
C LYS A 197 -27.58 20.15 4.99
N CYS A 198 -28.41 20.06 6.02
CA CYS A 198 -29.68 20.76 6.08
C CYS A 198 -29.49 22.07 6.84
N LYS A 199 -29.72 23.19 6.16
CA LYS A 199 -29.55 24.51 6.74
C LYS A 199 -30.87 25.11 7.22
N ASP A 200 -31.90 24.29 7.42
CA ASP A 200 -33.22 24.75 7.81
C ASP A 200 -33.32 24.77 9.33
N LYS A 201 -33.57 25.95 9.88
CA LYS A 201 -33.81 26.06 11.31
C LYS A 201 -35.19 25.51 11.65
N LYS A 202 -35.40 25.24 12.95
CA LYS A 202 -36.61 24.60 13.46
C LYS A 202 -36.81 23.20 12.87
N PHE A 203 -35.75 22.59 12.35
CA PHE A 203 -35.82 21.23 11.84
C PHE A 203 -35.65 20.25 13.00
N ASN A 204 -36.66 19.41 13.21
CA ASN A 204 -36.71 18.55 14.40
C ASN A 204 -36.14 17.16 14.13
N GLY A 205 -35.20 17.04 13.20
CA GLY A 205 -34.42 15.83 13.04
C GLY A 205 -34.99 14.81 12.08
N THR A 206 -36.26 14.92 11.70
CA THR A 206 -36.88 13.95 10.81
C THR A 206 -37.89 14.66 9.92
N GLY A 207 -37.88 14.33 8.63
CA GLY A 207 -38.83 14.86 7.69
C GLY A 207 -38.19 15.52 6.49
N PRO A 208 -38.96 16.35 5.76
CA PRO A 208 -38.39 17.06 4.61
C PRO A 208 -37.70 18.37 4.97
N CYS A 209 -36.42 18.47 4.62
CA CYS A 209 -35.68 19.71 4.72
C CYS A 209 -35.69 20.40 3.37
N PRO A 210 -36.24 21.61 3.23
CA PRO A 210 -36.27 22.27 1.91
C PRO A 210 -35.06 23.13 1.59
N SER A 211 -34.15 23.35 2.54
CA SER A 211 -32.94 24.13 2.33
C SER A 211 -31.74 23.21 2.52
N VAL A 212 -31.04 22.91 1.43
CA VAL A 212 -30.01 21.89 1.41
C VAL A 212 -28.74 22.45 0.79
N SER A 213 -27.60 22.01 1.30
CA SER A 213 -26.30 22.34 0.72
C SER A 213 -25.46 21.07 0.67
N THR A 214 -24.45 21.09 -0.17
CA THR A 214 -23.44 20.03 -0.25
C THR A 214 -22.16 20.57 0.35
N VAL A 215 -21.64 19.88 1.36
CA VAL A 215 -20.41 20.27 2.04
C VAL A 215 -19.31 19.31 1.65
N GLN A 216 -18.09 19.83 1.57
CA GLN A 216 -16.95 18.95 1.34
C GLN A 216 -16.84 17.93 2.47
N CYS A 217 -16.98 18.38 3.71
CA CYS A 217 -17.17 17.47 4.84
C CYS A 217 -17.52 18.27 6.09
N THR A 218 -17.68 17.55 7.19
CA THR A 218 -18.35 18.06 8.37
C THR A 218 -17.44 18.98 9.19
N HIS A 219 -18.05 19.94 9.88
CA HIS A 219 -17.32 20.82 10.79
C HIS A 219 -16.72 20.02 11.94
N GLY A 220 -15.83 20.68 12.68
CA GLY A 220 -15.18 20.06 13.81
C GLY A 220 -16.14 19.67 14.91
N ILE A 221 -16.13 18.39 15.30
CA ILE A 221 -16.98 17.86 16.36
C ILE A 221 -16.07 17.36 17.48
N LYS A 222 -16.33 17.82 18.69
CA LYS A 222 -15.53 17.44 19.85
C LYS A 222 -16.10 16.18 20.49
N PRO A 223 -15.31 15.09 20.61
CA PRO A 223 -15.88 13.88 21.27
C PRO A 223 -15.86 13.98 22.79
N VAL A 224 -16.84 14.70 23.33
CA VAL A 224 -16.98 14.90 24.76
C VAL A 224 -17.82 13.76 25.33
N VAL A 225 -17.33 13.14 26.40
CA VAL A 225 -17.99 12.01 27.05
C VAL A 225 -18.58 12.49 28.35
N SER A 226 -19.90 12.36 28.50
CA SER A 226 -20.60 12.76 29.71
C SER A 226 -21.97 12.10 29.70
N THR A 227 -22.64 12.16 30.86
CA THR A 227 -23.98 11.61 31.03
C THR A 227 -24.85 12.62 31.74
N GLN A 228 -26.15 12.59 31.42
CA GLN A 228 -27.20 13.41 32.02
C GLN A 228 -27.12 14.89 31.61
N LEU A 229 -26.07 15.28 30.89
CA LEU A 229 -25.89 16.67 30.48
C LEU A 229 -24.91 16.68 29.32
N LEU A 230 -25.19 17.53 28.33
CA LEU A 230 -24.32 17.71 27.17
C LEU A 230 -23.49 18.96 27.38
N LEU A 231 -22.16 18.80 27.39
CA LEU A 231 -21.24 19.89 27.70
C LEU A 231 -20.39 20.24 26.49
N ASN A 232 -20.10 21.53 26.36
CA ASN A 232 -19.25 22.04 25.27
C ASN A 232 -19.81 21.63 23.90
N GLY A 233 -21.12 21.78 23.75
CA GLY A 233 -21.82 21.42 22.53
C GLY A 233 -22.23 22.63 21.71
N SER A 234 -23.11 22.37 20.75
CA SER A 234 -23.63 23.39 19.85
C SER A 234 -25.00 23.86 20.33
N LEU A 235 -25.28 25.14 20.14
CA LEU A 235 -26.51 25.76 20.60
C LEU A 235 -27.47 25.98 19.44
N ALA A 236 -28.77 25.88 19.73
CA ALA A 236 -29.79 26.15 18.73
C ALA A 236 -29.78 27.63 18.37
N GLU A 237 -30.00 27.91 17.09
CA GLU A 237 -29.95 29.28 16.57
C GLU A 237 -31.25 30.05 16.75
N GLU A 238 -32.36 29.36 17.02
CA GLU A 238 -33.67 30.00 17.11
C GLU A 238 -34.26 29.91 18.52
N GLU A 239 -34.38 28.71 19.07
CA GLU A 239 -35.00 28.51 20.38
C GLU A 239 -34.66 27.11 20.85
N VAL A 240 -35.15 26.76 22.04
CA VAL A 240 -34.91 25.43 22.59
C VAL A 240 -35.60 24.40 21.72
N MET A 241 -34.86 23.34 21.35
CA MET A 241 -35.35 22.30 20.46
C MET A 241 -35.50 21.00 21.23
N ILE A 242 -36.60 20.30 21.00
CA ILE A 242 -36.88 19.01 21.62
C ILE A 242 -37.03 17.97 20.52
N ARG A 243 -36.33 16.85 20.66
CA ARG A 243 -36.33 15.79 19.66
C ARG A 243 -36.54 14.44 20.32
N SER A 244 -37.29 13.57 19.64
CA SER A 244 -37.53 12.22 20.09
C SER A 244 -37.98 11.38 18.90
N GLU A 245 -37.55 10.11 18.89
CA GLU A 245 -37.93 9.22 17.80
C GLU A 245 -39.44 9.02 17.74
N ASN A 246 -40.07 8.83 18.90
CA ASN A 246 -41.52 8.66 18.98
C ASN A 246 -41.93 9.23 20.35
N ILE A 247 -42.40 10.48 20.34
CA ILE A 247 -42.64 11.19 21.60
C ILE A 247 -43.75 10.53 22.39
N THR A 248 -44.73 9.91 21.72
CA THR A 248 -45.80 9.23 22.44
C THR A 248 -45.26 8.07 23.27
N ASN A 249 -44.32 7.31 22.72
CA ASN A 249 -43.72 6.21 23.47
C ASN A 249 -42.87 6.74 24.62
N ASN A 250 -43.05 6.16 25.79
CA ASN A 250 -42.32 6.58 26.98
C ASN A 250 -40.96 5.89 27.13
N ALA A 251 -40.64 4.93 26.26
CA ALA A 251 -39.37 4.22 26.31
C ALA A 251 -38.28 4.87 25.47
N LYS A 252 -38.57 6.02 24.86
CA LYS A 252 -37.64 6.71 23.99
C LYS A 252 -37.09 7.95 24.69
N ASN A 253 -35.77 8.11 24.69
CA ASN A 253 -35.15 9.26 25.32
C ASN A 253 -35.48 10.53 24.54
N ILE A 254 -35.51 11.65 25.27
CA ILE A 254 -35.80 12.97 24.70
C ILE A 254 -34.53 13.79 24.75
N LEU A 255 -34.15 14.39 23.63
CA LEU A 255 -32.97 15.23 23.52
C LEU A 255 -33.41 16.69 23.50
N VAL A 256 -32.85 17.48 24.41
CA VAL A 256 -33.14 18.91 24.53
C VAL A 256 -31.88 19.67 24.17
N GLN A 257 -32.01 20.64 23.26
CA GLN A 257 -30.91 21.51 22.83
C GLN A 257 -31.27 22.93 23.20
N PHE A 258 -30.40 23.58 23.97
CA PHE A 258 -30.63 24.95 24.39
C PHE A 258 -30.21 25.93 23.30
N ASN A 259 -30.80 27.12 23.33
CA ASN A 259 -30.37 28.22 22.47
C ASN A 259 -29.33 29.10 23.13
N THR A 260 -29.17 29.03 24.46
CA THR A 260 -28.14 29.74 25.19
C THR A 260 -27.51 28.79 26.21
N PRO A 261 -26.22 28.88 26.49
CA PRO A 261 -25.58 27.93 27.39
C PRO A 261 -25.77 28.33 28.85
N VAL A 262 -25.46 27.39 29.74
CA VAL A 262 -25.48 27.61 31.18
C VAL A 262 -24.10 27.31 31.73
N GLN A 263 -23.45 28.30 32.34
CA GLN A 263 -22.09 28.13 32.83
C GLN A 263 -22.09 27.28 34.10
N ILE A 264 -21.10 26.38 34.18
CA ILE A 264 -20.90 25.54 35.35
C ILE A 264 -19.43 25.60 35.73
N ASN A 265 -19.15 25.89 37.01
CA ASN A 265 -17.78 25.97 37.52
C ASN A 265 -17.61 24.91 38.60
N CYS A 266 -16.54 24.11 38.50
CA CYS A 266 -16.37 23.13 39.57
C CYS A 266 -14.96 22.60 39.69
N THR A 267 -14.68 22.04 40.88
CA THR A 267 -13.28 21.88 41.28
C THR A 267 -13.11 20.75 42.29
N ARG A 268 -11.86 20.28 42.35
CA ARG A 268 -11.32 19.49 43.45
C ARG A 268 -10.30 20.34 44.20
N PRO A 269 -10.51 20.67 45.50
CA PRO A 269 -9.62 21.61 46.17
C PRO A 269 -8.47 20.96 46.94
N ASN A 270 -8.45 19.63 47.04
CA ASN A 270 -7.40 18.97 47.79
C ASN A 270 -6.06 19.11 47.08
N ASN A 271 -5.02 19.41 47.85
CA ASN A 271 -3.66 19.55 47.32
C ASN A 271 -3.00 18.17 47.37
N ASN A 272 -3.09 17.45 46.25
CA ASN A 272 -2.60 16.09 46.17
C ASN A 272 -1.10 16.06 45.90
N THR A 273 -0.50 14.89 46.14
CA THR A 273 0.92 14.67 45.89
C THR A 273 1.08 13.31 45.22
N ARG A 274 1.89 13.27 44.17
CA ARG A 274 2.14 12.06 43.38
C ARG A 274 3.56 11.57 43.64
N LYS A 275 3.71 10.27 43.86
CA LYS A 275 5.02 9.64 44.02
C LYS A 275 5.10 8.40 43.16
N SER A 276 6.31 8.13 42.66
CA SER A 276 6.56 7.01 41.75
C SER A 276 7.24 5.88 42.50
N ILE A 277 6.76 4.66 42.28
CA ILE A 277 7.32 3.45 42.85
C ILE A 277 7.74 2.53 41.71
N ARG A 278 9.01 2.12 41.72
CA ARG A 278 9.53 1.26 40.65
C ARG A 278 9.13 -0.18 40.95
N ILE A 279 8.25 -0.73 40.12
CA ILE A 279 7.73 -2.09 40.31
C ILE A 279 8.37 -3.09 39.36
N GLY A 280 9.41 -2.68 38.61
CA GLY A 280 10.07 -3.55 37.69
C GLY A 280 11.05 -2.79 36.81
N PRO A 281 11.65 -3.47 35.83
CA PRO A 281 12.56 -2.78 34.92
C PRO A 281 11.83 -1.79 34.03
N GLY A 282 12.03 -0.49 34.28
CA GLY A 282 11.37 0.53 33.50
C GLY A 282 9.87 0.62 33.70
N GLN A 283 9.34 0.12 34.81
CA GLN A 283 7.92 0.14 35.10
C GLN A 283 7.69 0.86 36.42
N ALA A 284 6.86 1.90 36.39
CA ALA A 284 6.59 2.75 37.54
C ALA A 284 5.09 2.81 37.80
N PHE A 285 4.74 2.86 39.08
CA PHE A 285 3.37 3.00 39.54
C PHE A 285 3.25 4.31 40.31
N TYR A 286 2.26 5.12 39.95
CA TYR A 286 2.08 6.45 40.53
C TYR A 286 1.02 6.37 41.61
N ALA A 287 1.40 6.69 42.83
CA ALA A 287 0.53 6.63 44.01
C ALA A 287 0.38 8.01 44.62
N THR A 288 -0.66 8.14 45.46
CA THR A 288 -0.94 9.38 46.16
C THR A 288 -0.18 9.39 47.48
N GLY A 289 0.79 10.30 47.60
CA GLY A 289 1.61 10.36 48.80
C GLY A 289 0.85 10.86 50.01
N ASP A 290 0.45 12.13 49.99
CA ASP A 290 -0.28 12.72 51.11
C ASP A 290 -0.97 13.99 50.62
N ILE A 291 -1.91 14.46 51.43
CA ILE A 291 -2.66 15.69 51.16
C ILE A 291 -2.10 16.79 52.06
N ILE A 292 -1.73 17.91 51.45
CA ILE A 292 -1.14 19.03 52.16
C ILE A 292 -2.29 19.95 52.56
N GLY A 293 -2.54 20.05 53.86
CA GLY A 293 -3.58 20.91 54.39
C GLY A 293 -4.86 20.16 54.73
N ASP A 294 -6.00 20.82 54.58
CA ASP A 294 -7.28 20.24 54.90
C ASP A 294 -7.76 19.34 53.77
N ILE A 295 -8.75 18.51 54.07
CA ILE A 295 -9.37 17.59 53.12
C ILE A 295 -10.83 17.98 53.01
N ARG A 296 -11.27 18.30 51.79
CA ARG A 296 -12.62 18.75 51.54
C ARG A 296 -13.16 18.09 50.28
N GLN A 297 -14.49 18.06 50.18
CA GLN A 297 -15.15 17.42 49.06
C GLN A 297 -15.04 18.26 47.79
N ALA A 298 -14.71 17.61 46.68
CA ALA A 298 -14.81 18.23 45.39
C ALA A 298 -16.29 18.45 45.04
N HIS A 299 -16.58 19.58 44.39
CA HIS A 299 -17.98 19.96 44.23
C HIS A 299 -18.13 20.87 43.03
N CYS A 300 -19.39 21.01 42.58
CA CYS A 300 -19.71 21.84 41.42
C CYS A 300 -20.80 22.86 41.73
N ASN A 301 -20.77 23.96 40.97
CA ASN A 301 -21.65 25.11 41.15
C ASN A 301 -22.26 25.50 39.82
N VAL A 302 -23.58 25.78 39.85
CA VAL A 302 -24.30 26.30 38.69
C VAL A 302 -25.23 27.42 39.15
N SER A 303 -25.37 28.45 38.33
CA SER A 303 -26.19 29.59 38.69
C SER A 303 -27.66 29.17 38.83
N LYS A 304 -28.38 29.90 39.70
CA LYS A 304 -29.77 29.58 40.03
C LYS A 304 -30.76 30.24 39.07
N ALA A 305 -30.63 31.56 38.88
CA ALA A 305 -31.58 32.27 38.01
C ALA A 305 -31.48 31.78 36.57
N THR A 306 -30.26 31.54 36.09
CA THR A 306 -30.09 31.03 34.73
C THR A 306 -30.74 29.66 34.58
N TRP A 307 -30.56 28.79 35.58
CA TRP A 307 -31.18 27.47 35.52
C TRP A 307 -32.70 27.58 35.54
N ASN A 308 -33.24 28.49 36.36
CA ASN A 308 -34.69 28.67 36.41
C ASN A 308 -35.22 29.15 35.07
N GLU A 309 -34.53 30.10 34.44
CA GLU A 309 -34.96 30.59 33.14
C GLU A 309 -34.89 29.48 32.08
N THR A 310 -33.81 28.69 32.11
CA THR A 310 -33.67 27.60 31.15
C THR A 310 -34.78 26.58 31.33
N LEU A 311 -35.10 26.22 32.58
CA LEU A 311 -36.18 25.28 32.81
C LEU A 311 -37.53 25.87 32.42
N GLY A 312 -37.72 27.19 32.59
CA GLY A 312 -38.94 27.81 32.11
C GLY A 312 -39.09 27.68 30.61
N LYS A 313 -38.00 27.95 29.87
CA LYS A 313 -38.04 27.77 28.43
C LYS A 313 -38.32 26.31 28.06
N VAL A 314 -37.68 25.38 28.76
CA VAL A 314 -37.84 23.96 28.45
C VAL A 314 -39.28 23.52 28.68
N VAL A 315 -39.87 23.92 29.80
CA VAL A 315 -41.24 23.52 30.09
C VAL A 315 -42.22 24.19 29.12
N LYS A 316 -41.94 25.44 28.74
CA LYS A 316 -42.77 26.11 27.75
C LYS A 316 -42.77 25.34 26.43
N GLN A 317 -41.59 24.89 25.99
CA GLN A 317 -41.52 24.10 24.77
C GLN A 317 -42.15 22.73 24.94
N LEU A 318 -42.02 22.12 26.12
CA LEU A 318 -42.59 20.80 26.36
C LEU A 318 -44.11 20.85 26.36
N ARG A 319 -44.70 21.97 26.78
CA ARG A 319 -46.15 22.09 26.79
C ARG A 319 -46.74 21.95 25.39
N LYS A 320 -45.95 22.20 24.35
CA LYS A 320 -46.47 22.10 22.99
C LYS A 320 -46.92 20.68 22.67
N HIS A 321 -46.16 19.68 23.11
CA HIS A 321 -46.42 18.30 22.76
C HIS A 321 -47.31 17.56 23.77
N PHE A 322 -47.32 18.00 25.04
CA PHE A 322 -47.99 17.29 26.11
C PHE A 322 -49.13 18.11 26.71
N GLY A 323 -49.86 18.82 25.87
CA GLY A 323 -51.02 19.57 26.31
C GLY A 323 -50.67 20.93 26.90
N ASN A 324 -51.68 21.78 26.97
CA ASN A 324 -51.51 23.16 27.41
C ASN A 324 -51.82 23.36 28.89
N ASN A 325 -52.59 22.46 29.51
CA ASN A 325 -53.00 22.60 30.91
C ASN A 325 -52.36 21.54 31.80
N THR A 326 -51.32 20.86 31.32
CA THR A 326 -50.69 19.80 32.09
C THR A 326 -49.70 20.39 33.11
N ILE A 327 -49.38 19.58 34.11
CA ILE A 327 -48.40 19.93 35.13
C ILE A 327 -47.13 19.15 34.84
N ILE A 328 -45.99 19.86 34.77
CA ILE A 328 -44.73 19.28 34.33
C ILE A 328 -43.81 19.20 35.55
N ARG A 329 -43.37 17.98 35.86
CA ARG A 329 -42.58 17.71 37.06
C ARG A 329 -41.17 17.28 36.68
N PHE A 330 -40.19 17.83 37.40
CA PHE A 330 -38.79 17.43 37.29
C PHE A 330 -38.38 16.78 38.61
N ALA A 331 -37.91 15.53 38.53
CA ALA A 331 -37.62 14.74 39.72
C ALA A 331 -36.26 14.07 39.62
N ASN A 332 -35.94 13.20 40.58
CA ASN A 332 -34.63 12.57 40.66
C ASN A 332 -34.58 11.35 39.75
N SER A 333 -33.36 10.84 39.55
CA SER A 333 -33.17 9.64 38.76
C SER A 333 -33.69 8.42 39.51
N SER A 334 -34.07 7.40 38.75
CA SER A 334 -34.64 6.19 39.34
C SER A 334 -33.58 5.43 40.15
N GLY A 335 -32.54 4.97 39.49
CA GLY A 335 -31.49 4.24 40.16
C GLY A 335 -30.70 3.39 39.18
N GLY A 336 -29.68 2.73 39.72
CA GLY A 336 -28.82 1.86 38.94
C GLY A 336 -27.35 2.02 39.29
N ASP A 337 -26.48 1.85 38.31
CA ASP A 337 -25.05 2.01 38.54
C ASP A 337 -24.72 3.48 38.80
N LEU A 338 -23.55 3.71 39.41
CA LEU A 338 -23.12 5.06 39.69
C LEU A 338 -22.93 5.89 38.43
N GLU A 339 -22.57 5.25 37.31
CA GLU A 339 -22.35 5.98 36.07
C GLU A 339 -23.65 6.51 35.47
N VAL A 340 -24.73 5.72 35.53
CA VAL A 340 -25.98 6.11 34.91
C VAL A 340 -26.86 6.96 35.83
N THR A 341 -26.71 6.83 37.15
CA THR A 341 -27.53 7.56 38.11
C THR A 341 -26.91 8.89 38.55
N THR A 342 -25.74 9.24 38.01
CA THR A 342 -25.08 10.49 38.37
C THR A 342 -24.48 11.11 37.11
N HIS A 343 -24.29 12.43 37.17
CA HIS A 343 -23.66 13.16 36.08
C HIS A 343 -22.17 12.85 36.11
N SER A 344 -21.74 11.93 35.25
CA SER A 344 -20.35 11.49 35.20
C SER A 344 -19.63 12.21 34.06
N PHE A 345 -18.44 12.72 34.35
CA PHE A 345 -17.63 13.38 33.35
C PHE A 345 -16.17 13.29 33.77
N ASN A 346 -15.29 13.86 32.94
CA ASN A 346 -13.85 13.81 33.19
C ASN A 346 -13.24 15.13 32.75
N CYS A 347 -12.48 15.75 33.64
CA CYS A 347 -11.73 16.94 33.28
C CYS A 347 -10.62 17.14 34.31
N GLY A 348 -9.64 17.96 33.94
CA GLY A 348 -8.47 18.18 34.78
C GLY A 348 -7.71 16.90 35.05
N GLY A 349 -7.87 15.90 34.18
CA GLY A 349 -7.26 14.61 34.37
C GLY A 349 -7.94 13.73 35.40
N GLU A 350 -9.11 14.12 35.92
CA GLU A 350 -9.80 13.38 36.96
C GLU A 350 -11.23 13.08 36.56
N PHE A 351 -11.76 11.98 37.11
CA PHE A 351 -13.05 11.41 36.73
C PHE A 351 -14.06 11.70 37.84
N PHE A 352 -14.98 12.62 37.57
CA PHE A 352 -15.98 13.11 38.51
C PHE A 352 -17.33 12.43 38.27
N TYR A 353 -18.06 12.22 39.36
CA TYR A 353 -19.44 11.77 39.34
C TYR A 353 -20.22 12.66 40.29
N CYS A 354 -21.11 13.50 39.75
CA CYS A 354 -21.83 14.50 40.53
C CYS A 354 -23.29 14.10 40.72
N ASN A 355 -23.84 14.55 41.84
CA ASN A 355 -25.21 14.23 42.25
C ASN A 355 -26.11 15.39 41.83
N THR A 356 -26.72 15.25 40.65
CA THR A 356 -27.58 16.30 40.10
C THR A 356 -29.00 16.12 40.63
N SER A 357 -29.14 16.32 41.94
CA SER A 357 -30.42 16.22 42.61
C SER A 357 -31.08 17.57 42.88
N GLY A 358 -30.30 18.64 43.01
CA GLY A 358 -30.85 19.96 43.20
C GLY A 358 -31.34 20.65 41.95
N LEU A 359 -31.04 20.09 40.77
CA LEU A 359 -31.46 20.69 39.51
C LEU A 359 -32.85 20.22 39.10
N PHE A 360 -33.01 18.90 38.94
CA PHE A 360 -34.27 18.32 38.49
C PHE A 360 -35.15 18.01 39.71
N ASN A 361 -35.59 19.09 40.37
CA ASN A 361 -36.44 18.95 41.54
C ASN A 361 -37.37 20.19 41.56
N SER A 362 -38.54 20.04 40.96
CA SER A 362 -39.49 21.16 40.88
C SER A 362 -40.76 20.67 40.19
N THR A 363 -41.80 21.51 40.27
CA THR A 363 -43.06 21.26 39.58
C THR A 363 -43.55 22.59 39.00
N TRP A 364 -43.98 22.56 37.74
CA TRP A 364 -44.48 23.72 37.04
C TRP A 364 -45.95 23.49 36.70
N ILE A 365 -46.79 24.46 37.06
CA ILE A 365 -48.23 24.37 36.93
C ILE A 365 -48.70 25.39 35.90
N SER A 366 -49.65 25.00 35.06
CA SER A 366 -50.18 25.90 34.04
C SER A 366 -50.88 27.07 34.70
N ASN A 367 -50.66 28.27 34.16
CA ASN A 367 -51.26 29.49 34.70
C ASN A 367 -51.41 30.54 33.60
N SER A 378 -30.57 36.03 43.05
CA SER A 378 -29.68 37.18 42.94
C SER A 378 -28.29 36.74 42.50
N ASN A 379 -27.53 36.17 43.45
CA ASN A 379 -26.18 35.67 43.16
C ASN A 379 -25.90 34.30 43.74
N ASP A 380 -26.77 33.75 44.59
CA ASP A 380 -26.55 32.40 45.11
C ASP A 380 -26.61 31.38 44.00
N SER A 381 -25.90 30.27 44.19
CA SER A 381 -25.76 29.23 43.19
C SER A 381 -26.07 27.87 43.82
N ILE A 382 -26.56 26.96 42.98
CA ILE A 382 -26.85 25.59 43.38
C ILE A 382 -25.54 24.81 43.39
N THR A 383 -25.29 24.11 44.48
CA THR A 383 -24.07 23.34 44.69
C THR A 383 -24.39 21.85 44.65
N LEU A 384 -23.69 21.12 43.79
CA LEU A 384 -23.81 19.69 43.64
C LEU A 384 -22.57 19.03 44.22
N PRO A 385 -22.66 18.21 45.28
CA PRO A 385 -21.48 17.48 45.73
C PRO A 385 -21.11 16.39 44.73
N CYS A 386 -19.80 16.17 44.55
CA CYS A 386 -19.30 15.22 43.58
C CYS A 386 -18.27 14.30 44.23
N ARG A 387 -18.13 13.11 43.63
CA ARG A 387 -17.15 12.11 44.04
C ARG A 387 -16.19 11.88 42.88
N ILE A 388 -15.08 11.22 43.19
CA ILE A 388 -14.01 11.01 42.22
C ILE A 388 -13.66 9.53 42.20
N LYS A 389 -13.34 9.03 41.01
CA LYS A 389 -12.98 7.62 40.85
C LYS A 389 -11.70 7.48 40.02
N GLN A 390 -11.00 6.38 40.28
CA GLN A 390 -9.73 6.08 39.63
C GLN A 390 -9.76 4.83 38.76
N ILE A 391 -10.51 3.80 39.12
CA ILE A 391 -10.69 2.61 38.30
C ILE A 391 -11.90 2.88 37.42
N ILE A 392 -11.69 2.92 36.11
CA ILE A 392 -12.68 3.42 35.16
C ILE A 392 -13.02 2.31 34.17
N ASN A 393 -14.31 2.09 33.98
CA ASN A 393 -14.85 1.29 32.87
C ASN A 393 -15.59 2.29 31.97
N MET A 394 -14.85 2.89 31.05
CA MET A 394 -15.35 4.01 30.25
C MET A 394 -16.60 3.62 29.46
N TRP A 395 -16.46 2.67 28.56
CA TRP A 395 -17.58 2.20 27.77
C TRP A 395 -18.27 1.04 28.49
N GLN A 396 -19.47 0.71 28.03
CA GLN A 396 -20.26 -0.34 28.67
C GLN A 396 -19.68 -1.71 28.37
N ARG A 397 -18.53 -2.02 28.95
CA ARG A 397 -17.83 -3.27 28.76
C ARG A 397 -17.41 -3.83 30.11
N ILE A 398 -17.30 -5.16 30.18
CA ILE A 398 -16.90 -5.87 31.39
C ILE A 398 -15.64 -6.65 31.07
N GLY A 399 -14.63 -6.52 31.93
CA GLY A 399 -13.35 -7.17 31.75
C GLY A 399 -12.24 -6.29 31.20
N GLN A 400 -12.50 -5.00 31.03
CA GLN A 400 -11.49 -4.05 30.54
C GLN A 400 -11.61 -2.77 31.38
N CYS A 401 -10.69 -2.59 32.32
CA CYS A 401 -10.67 -1.43 33.20
C CYS A 401 -9.40 -0.63 32.96
N MET A 402 -9.38 0.58 33.50
CA MET A 402 -8.26 1.49 33.35
C MET A 402 -8.03 2.22 34.68
N TYR A 403 -6.77 2.51 34.95
CA TYR A 403 -6.36 3.21 36.17
C TYR A 403 -5.83 4.59 35.82
N ALA A 404 -6.40 5.62 36.44
CA ALA A 404 -6.01 7.00 36.18
C ALA A 404 -4.97 7.42 37.20
N PRO A 405 -3.75 7.80 36.82
CA PRO A 405 -2.80 8.25 37.84
C PRO A 405 -3.27 9.54 38.47
N PRO A 406 -2.91 9.78 39.74
CA PRO A 406 -3.38 10.99 40.42
C PRO A 406 -2.78 12.26 39.82
N ILE A 407 -3.54 13.35 39.92
CA ILE A 407 -3.10 14.65 39.47
C ILE A 407 -2.60 15.44 40.67
N GLN A 408 -1.60 16.29 40.44
CA GLN A 408 -0.95 17.04 41.49
C GLN A 408 -1.58 18.42 41.62
N GLY A 409 -2.05 18.74 42.83
CA GLY A 409 -2.54 20.07 43.14
C GLY A 409 -4.02 20.25 42.91
N VAL A 410 -4.49 21.44 43.30
CA VAL A 410 -5.89 21.81 43.11
C VAL A 410 -6.22 21.82 41.63
N ILE A 411 -7.48 21.48 41.30
CA ILE A 411 -7.95 21.53 39.91
C ILE A 411 -9.29 22.25 39.86
N ARG A 412 -9.43 23.09 38.85
CA ARG A 412 -10.64 23.86 38.58
C ARG A 412 -11.06 23.63 37.13
N CYS A 413 -12.34 23.81 36.87
CA CYS A 413 -12.93 23.44 35.59
C CYS A 413 -14.11 24.36 35.32
N VAL A 414 -14.25 24.79 34.06
CA VAL A 414 -15.36 25.63 33.63
C VAL A 414 -15.92 25.05 32.34
N SER A 415 -17.25 25.00 32.25
CA SER A 415 -17.88 24.40 31.10
C SER A 415 -19.23 25.04 30.83
N ASN A 416 -19.74 24.80 29.62
CA ASN A 416 -21.07 25.20 29.19
C ASN A 416 -21.99 23.98 29.23
N ILE A 417 -23.26 24.23 29.55
CA ILE A 417 -24.31 23.22 29.41
C ILE A 417 -25.23 23.68 28.29
N THR A 418 -25.41 22.83 27.29
CA THR A 418 -26.12 23.18 26.06
C THR A 418 -27.09 22.07 25.66
N GLY A 419 -27.69 21.39 26.62
CA GLY A 419 -28.71 20.40 26.33
C GLY A 419 -28.85 19.40 27.46
N LEU A 420 -29.88 18.56 27.32
CA LEU A 420 -30.20 17.55 28.32
C LEU A 420 -30.70 16.29 27.62
N ILE A 421 -30.62 15.17 28.35
CA ILE A 421 -31.17 13.89 27.93
C ILE A 421 -32.20 13.49 28.98
N LEU A 422 -33.47 13.67 28.67
CA LEU A 422 -34.57 13.43 29.60
C LEU A 422 -35.29 12.13 29.25
N THR A 423 -36.06 11.63 30.21
CA THR A 423 -36.88 10.44 30.02
C THR A 423 -38.18 10.63 30.78
N ARG A 424 -39.30 10.31 30.13
CA ARG A 424 -40.62 10.45 30.73
C ARG A 424 -40.95 9.21 31.55
N ASP A 425 -41.38 9.42 32.79
CA ASP A 425 -41.71 8.33 33.70
C ASP A 425 -43.20 8.05 33.63
N GLY A 426 -43.55 6.76 33.52
CA GLY A 426 -44.94 6.37 33.46
C GLY A 426 -45.63 6.87 32.21
N GLY A 427 -46.51 7.85 32.37
CA GLY A 427 -47.26 8.41 31.26
C GLY A 427 -48.62 7.81 31.02
N SER A 428 -49.15 7.03 31.97
CA SER A 428 -50.45 6.42 31.78
C SER A 428 -51.54 7.49 31.78
N THR A 429 -52.69 7.14 31.20
CA THR A 429 -53.81 8.06 31.09
C THR A 429 -54.50 8.34 32.42
N ASN A 430 -54.17 7.59 33.48
CA ASN A 430 -54.84 7.78 34.75
C ASN A 430 -54.60 9.19 35.31
N SER A 431 -53.37 9.68 35.22
CA SER A 431 -52.99 10.98 35.76
C SER A 431 -52.76 11.98 34.62
N THR A 432 -53.01 13.25 34.93
CA THR A 432 -52.85 14.34 33.98
C THR A 432 -51.52 15.07 34.16
N THR A 433 -50.61 14.54 34.97
CA THR A 433 -49.31 15.16 35.22
C THR A 433 -48.21 14.31 34.60
N GLU A 434 -47.19 14.99 34.06
CA GLU A 434 -46.07 14.35 33.39
C GLU A 434 -44.81 14.56 34.20
N THR A 435 -44.07 13.48 34.43
CA THR A 435 -42.83 13.50 35.18
C THR A 435 -41.66 13.19 34.26
N PHE A 436 -40.61 14.00 34.34
CA PHE A 436 -39.41 13.83 33.55
C PHE A 436 -38.21 13.67 34.48
N ARG A 437 -37.33 12.74 34.15
CA ARG A 437 -36.16 12.44 34.96
C ARG A 437 -34.92 12.40 34.08
N PRO A 438 -33.73 12.62 34.65
CA PRO A 438 -32.51 12.55 33.83
C PRO A 438 -32.25 11.13 33.33
N GLY A 439 -31.62 11.03 32.17
CA GLY A 439 -31.25 9.77 31.56
C GLY A 439 -29.80 9.80 31.09
N GLY A 440 -29.48 8.86 30.21
CA GLY A 440 -28.14 8.75 29.67
C GLY A 440 -27.68 7.31 29.52
N GLY A 441 -26.40 7.07 29.82
CA GLY A 441 -25.83 5.74 29.71
C GLY A 441 -25.23 5.46 28.35
N ASP A 442 -26.09 5.31 27.34
CA ASP A 442 -25.61 5.06 25.99
C ASP A 442 -24.93 6.30 25.43
N MET A 443 -23.74 6.12 24.86
CA MET A 443 -22.95 7.23 24.34
C MET A 443 -23.30 7.59 22.90
N ARG A 444 -24.10 6.78 22.21
CA ARG A 444 -24.51 7.13 20.85
C ARG A 444 -25.36 8.38 20.82
N ASP A 445 -26.12 8.66 21.89
CA ASP A 445 -26.89 9.88 21.97
C ASP A 445 -26.01 11.13 21.94
N ASN A 446 -24.83 11.07 22.55
CA ASN A 446 -23.93 12.21 22.53
C ASN A 446 -23.50 12.56 21.12
N TRP A 447 -23.19 11.55 20.30
CA TRP A 447 -22.80 11.80 18.91
C TRP A 447 -24.00 12.19 18.08
N ARG A 448 -25.18 11.63 18.40
CA ARG A 448 -26.38 11.91 17.62
C ARG A 448 -26.79 13.37 17.67
N SER A 449 -26.46 14.08 18.75
CA SER A 449 -26.81 15.48 18.89
C SER A 449 -26.02 16.39 17.96
N GLU A 450 -24.92 15.92 17.39
CA GLU A 450 -24.07 16.71 16.50
C GLU A 450 -24.23 16.36 15.03
N LEU A 451 -24.51 15.10 14.71
CA LEU A 451 -24.65 14.64 13.33
C LEU A 451 -26.12 14.52 12.91
N TYR A 452 -26.98 15.38 13.44
CA TYR A 452 -28.41 15.30 13.16
C TYR A 452 -28.81 16.00 11.87
N LYS A 453 -27.91 16.78 11.25
CA LYS A 453 -28.22 17.54 10.05
C LYS A 453 -27.38 17.13 8.85
N TYR A 454 -26.66 16.01 8.93
CA TYR A 454 -25.79 15.54 7.86
C TYR A 454 -26.27 14.19 7.33
N LYS A 455 -26.09 13.97 6.03
CA LYS A 455 -26.37 12.66 5.46
C LYS A 455 -25.41 12.43 4.29
N VAL A 456 -25.26 11.15 3.94
CA VAL A 456 -24.32 10.71 2.91
C VAL A 456 -25.11 10.13 1.75
N VAL A 457 -24.72 10.50 0.52
CA VAL A 457 -25.35 10.01 -0.69
C VAL A 457 -24.28 9.60 -1.69
N LYS A 458 -24.68 8.79 -2.67
CA LYS A 458 -23.79 8.29 -3.71
C LYS A 458 -24.37 8.68 -5.07
N ILE A 459 -23.50 9.10 -5.98
CA ILE A 459 -23.90 9.70 -7.24
C ILE A 459 -24.15 8.62 -8.28
N GLU A 460 -25.17 8.83 -9.11
CA GLU A 460 -25.50 7.95 -10.23
C GLU A 460 -25.37 8.75 -11.52
N PRO A 461 -24.24 8.65 -12.27
CA PRO A 461 -24.03 9.57 -13.39
C PRO A 461 -24.81 9.24 -14.66
N LEU A 462 -25.07 7.95 -14.90
CA LEU A 462 -25.69 7.55 -16.16
C LEU A 462 -27.15 7.95 -16.21
N GLY A 463 -27.61 8.34 -17.41
CA GLY A 463 -29.01 8.64 -17.63
C GLY A 463 -29.37 8.44 -19.08
N VAL A 464 -30.66 8.21 -19.33
CA VAL A 464 -31.19 8.03 -20.67
C VAL A 464 -32.41 8.93 -20.83
N ALA A 465 -32.49 9.65 -21.95
CA ALA A 465 -33.60 10.57 -22.21
C ALA A 465 -34.00 10.52 -23.67
N PRO A 466 -35.25 10.90 -24.00
CA PRO A 466 -35.64 10.97 -25.41
C PRO A 466 -34.97 12.14 -26.12
N THR A 467 -34.78 11.97 -27.43
CA THR A 467 -34.16 13.01 -28.24
C THR A 467 -34.35 12.63 -29.71
N ARG A 468 -34.28 13.65 -30.58
CA ARG A 468 -34.59 13.51 -32.00
C ARG A 468 -33.38 13.10 -32.83
N CYS A 469 -32.30 12.63 -32.21
CA CYS A 469 -31.13 12.12 -32.91
C CYS A 469 -31.48 10.91 -33.78
N LYS A 470 -30.50 10.50 -34.60
CA LYS A 470 -30.48 9.16 -35.18
C LYS A 470 -29.05 8.80 -35.58
N ARG A 471 -28.50 7.75 -34.96
CA ARG A 471 -27.13 7.37 -35.23
C ARG A 471 -26.97 6.91 -36.68
N ALA B 1 -15.26 46.29 -18.36
CA ALA B 1 -15.32 44.87 -18.70
C ALA B 1 -13.91 44.28 -18.83
N VAL B 2 -12.95 44.85 -18.09
CA VAL B 2 -11.57 44.39 -18.09
C VAL B 2 -11.12 44.30 -16.63
N GLY B 3 -10.39 43.25 -16.30
CA GLY B 3 -9.84 43.08 -14.96
C GLY B 3 -10.77 42.51 -13.92
N ILE B 4 -11.99 42.11 -14.30
CA ILE B 4 -12.94 41.53 -13.37
C ILE B 4 -12.93 40.01 -13.53
N GLY B 5 -12.85 39.29 -12.41
CA GLY B 5 -12.85 37.84 -12.45
C GLY B 5 -14.25 37.26 -12.45
N ALA B 6 -14.31 35.94 -12.70
CA ALA B 6 -15.56 35.22 -12.75
C ALA B 6 -15.40 33.87 -12.07
N VAL B 7 -16.41 33.48 -11.29
CA VAL B 7 -16.46 32.19 -10.61
C VAL B 7 -17.76 31.51 -11.00
N PHE B 8 -17.66 30.26 -11.46
CA PHE B 8 -18.79 29.51 -11.96
C PHE B 8 -19.31 28.54 -10.90
N LEU B 9 -20.45 27.93 -11.19
CA LEU B 9 -21.12 27.08 -10.23
C LEU B 9 -20.31 25.81 -9.96
N GLY B 10 -20.63 25.16 -8.85
CA GLY B 10 -19.83 24.09 -8.31
C GLY B 10 -20.28 22.71 -8.73
N PHE B 11 -20.09 21.74 -7.82
CA PHE B 11 -20.25 20.32 -8.12
C PHE B 11 -21.68 19.96 -8.51
N LEU B 12 -22.63 20.12 -7.59
CA LEU B 12 -24.01 19.69 -7.78
C LEU B 12 -24.98 20.87 -7.77
N GLY B 13 -24.50 22.06 -8.15
CA GLY B 13 -25.35 23.23 -8.12
C GLY B 13 -26.54 23.14 -9.05
N ALA B 14 -26.37 22.46 -10.19
CA ALA B 14 -27.42 22.33 -11.19
C ALA B 14 -28.40 21.19 -10.90
N ALA B 15 -28.43 20.69 -9.66
CA ALA B 15 -29.35 19.62 -9.31
C ALA B 15 -30.81 20.06 -9.41
N GLY B 16 -31.10 21.33 -9.11
CA GLY B 16 -32.45 21.83 -9.17
C GLY B 16 -32.83 22.43 -10.53
N SER B 17 -31.85 22.63 -11.39
CA SER B 17 -32.11 23.20 -12.70
C SER B 17 -32.80 22.17 -13.60
N THR B 18 -33.40 22.66 -14.68
CA THR B 18 -34.07 21.78 -15.62
C THR B 18 -33.08 20.87 -16.32
N MET B 19 -33.62 19.85 -17.00
CA MET B 19 -32.76 18.88 -17.69
C MET B 19 -31.92 19.55 -18.76
N GLY B 20 -32.54 20.42 -19.56
CA GLY B 20 -31.81 21.09 -20.62
C GLY B 20 -30.72 22.01 -20.08
N ALA B 21 -31.04 22.77 -19.03
CA ALA B 21 -30.06 23.65 -18.42
C ALA B 21 -28.93 22.87 -17.76
N ALA B 22 -29.25 21.73 -17.12
CA ALA B 22 -28.25 20.94 -16.41
C ALA B 22 -27.43 20.05 -17.31
N SER B 23 -27.87 19.82 -18.55
CA SER B 23 -27.11 18.98 -19.49
C SER B 23 -25.88 19.68 -20.05
N MET B 24 -25.71 20.98 -19.82
CA MET B 24 -24.58 21.72 -20.34
C MET B 24 -23.37 21.71 -19.41
N THR B 25 -23.47 21.06 -18.24
CA THR B 25 -22.39 21.02 -17.26
C THR B 25 -22.17 19.59 -16.78
N LEU B 26 -22.09 18.65 -17.74
CA LEU B 26 -21.85 17.26 -17.38
C LEU B 26 -20.42 17.03 -16.92
N THR B 27 -19.47 17.82 -17.43
CA THR B 27 -18.07 17.60 -17.09
C THR B 27 -17.79 17.89 -15.62
N VAL B 28 -18.49 18.85 -15.01
CA VAL B 28 -18.23 19.20 -13.63
C VAL B 28 -18.53 18.02 -12.71
N GLN B 29 -19.56 17.23 -13.05
CA GLN B 29 -19.85 16.01 -12.30
C GLN B 29 -18.98 14.85 -12.72
N ALA B 30 -18.67 14.74 -14.02
CA ALA B 30 -17.88 13.62 -14.51
C ALA B 30 -16.48 13.62 -13.92
N ARG B 31 -15.86 14.80 -13.81
CA ARG B 31 -14.49 14.89 -13.32
C ARG B 31 -14.34 14.50 -11.85
N ASN B 32 -15.44 14.48 -11.09
CA ASN B 32 -15.38 14.21 -9.65
C ASN B 32 -15.60 12.74 -9.30
N LEU B 33 -15.83 11.87 -10.29
CA LEU B 33 -16.04 10.46 -10.01
C LEU B 33 -14.75 9.71 -9.73
N LEU B 34 -13.59 10.28 -10.08
CA LEU B 34 -12.30 9.63 -9.89
C LEU B 34 -11.52 10.14 -8.69
N SER B 35 -11.53 11.44 -8.44
CA SER B 35 -10.83 12.01 -7.31
C SER B 35 -11.13 13.50 -7.17
N THR B 58 -3.56 0.30 11.11
CA THR B 58 -3.36 -0.53 9.93
C THR B 58 -4.70 -0.86 9.28
N VAL B 59 -5.68 -1.25 10.10
CA VAL B 59 -6.99 -1.61 9.57
C VAL B 59 -7.65 -0.42 8.90
N TRP B 60 -7.36 0.80 9.38
CA TRP B 60 -7.87 1.99 8.71
C TRP B 60 -7.35 2.08 7.28
N GLY B 61 -6.06 1.76 7.08
CA GLY B 61 -5.53 1.70 5.72
C GLY B 61 -6.22 0.64 4.89
N ILE B 62 -6.57 -0.48 5.50
CA ILE B 62 -7.29 -1.53 4.77
C ILE B 62 -8.64 -1.01 4.29
N LYS B 63 -9.37 -0.32 5.18
CA LYS B 63 -10.66 0.21 4.81
C LYS B 63 -10.54 1.26 3.71
N GLN B 64 -9.54 2.15 3.82
CA GLN B 64 -9.35 3.18 2.81
C GLN B 64 -9.01 2.56 1.45
N LEU B 65 -8.12 1.57 1.45
CA LEU B 65 -7.76 0.91 0.19
C LEU B 65 -8.96 0.18 -0.39
N GLN B 66 -9.79 -0.44 0.45
CA GLN B 66 -11.00 -1.09 -0.05
C GLN B 66 -11.93 -0.07 -0.69
N ALA B 67 -12.10 1.09 -0.07
CA ALA B 67 -12.96 2.12 -0.65
C ALA B 67 -12.41 2.61 -1.98
N ARG B 68 -11.10 2.83 -2.06
CA ARG B 68 -10.50 3.28 -3.32
C ARG B 68 -10.66 2.23 -4.42
N VAL B 69 -10.45 0.96 -4.08
CA VAL B 69 -10.60 -0.11 -5.07
C VAL B 69 -12.05 -0.21 -5.52
N LEU B 70 -12.99 -0.04 -4.60
CA LEU B 70 -14.40 -0.07 -4.97
C LEU B 70 -14.74 1.07 -5.92
N ALA B 71 -14.22 2.26 -5.65
CA ALA B 71 -14.46 3.40 -6.53
C ALA B 71 -13.90 3.12 -7.92
N VAL B 72 -12.68 2.58 -7.98
CA VAL B 72 -12.07 2.26 -9.28
C VAL B 72 -12.92 1.22 -10.01
N GLU B 73 -13.40 0.20 -9.29
CA GLU B 73 -14.22 -0.83 -9.90
C GLU B 73 -15.52 -0.26 -10.45
N ARG B 74 -16.17 0.63 -9.70
CA ARG B 74 -17.39 1.25 -10.19
C ARG B 74 -17.12 2.08 -11.44
N TYR B 75 -16.03 2.85 -11.44
CA TYR B 75 -15.70 3.65 -12.62
C TYR B 75 -15.47 2.77 -13.83
N LEU B 76 -14.71 1.68 -13.65
CA LEU B 76 -14.43 0.79 -14.77
C LEU B 76 -15.69 0.09 -15.26
N ARG B 77 -16.59 -0.29 -14.34
CA ARG B 77 -17.85 -0.89 -14.75
C ARG B 77 -18.68 0.08 -15.57
N ASP B 78 -18.76 1.34 -15.13
CA ASP B 78 -19.52 2.33 -15.89
C ASP B 78 -18.90 2.55 -17.26
N GLN B 79 -17.57 2.63 -17.34
CA GLN B 79 -16.92 2.82 -18.62
C GLN B 79 -17.15 1.63 -19.55
N GLN B 80 -17.10 0.41 -19.02
CA GLN B 80 -17.37 -0.76 -19.85
C GLN B 80 -18.81 -0.76 -20.35
N LEU B 81 -19.76 -0.39 -19.48
CA LEU B 81 -21.16 -0.34 -19.91
C LEU B 81 -21.35 0.70 -21.00
N LEU B 82 -20.70 1.86 -20.87
CA LEU B 82 -20.77 2.87 -21.92
C LEU B 82 -20.17 2.36 -23.22
N GLY B 83 -19.02 1.70 -23.13
CA GLY B 83 -18.34 1.25 -24.34
C GLY B 83 -19.10 0.16 -25.07
N ILE B 84 -19.74 -0.74 -24.33
CA ILE B 84 -20.46 -1.84 -24.97
C ILE B 84 -21.62 -1.34 -25.82
N TRP B 85 -22.17 -0.17 -25.50
CA TRP B 85 -23.23 0.42 -26.30
C TRP B 85 -22.71 1.21 -27.51
N GLY B 86 -21.39 1.31 -27.68
CA GLY B 86 -20.81 2.10 -28.74
C GLY B 86 -20.64 3.57 -28.42
N CYS B 87 -20.88 3.97 -27.17
CA CYS B 87 -20.70 5.36 -26.74
C CYS B 87 -19.40 5.57 -25.99
N SER B 88 -18.34 4.86 -26.38
CA SER B 88 -17.05 4.99 -25.70
C SER B 88 -16.48 6.39 -25.92
N GLY B 89 -15.97 6.98 -24.85
CA GLY B 89 -15.32 8.28 -24.94
C GLY B 89 -16.24 9.42 -25.27
N LYS B 90 -17.52 9.33 -24.93
CA LYS B 90 -18.49 10.38 -25.19
C LYS B 90 -19.32 10.64 -23.95
N LEU B 91 -19.64 11.92 -23.72
CA LEU B 91 -20.54 12.33 -22.66
C LEU B 91 -21.99 12.43 -23.12
N ILE B 92 -22.21 12.93 -24.34
CA ILE B 92 -23.53 12.90 -24.98
C ILE B 92 -23.39 12.07 -26.24
N CYS B 93 -24.01 10.89 -26.24
CA CYS B 93 -23.96 9.96 -27.36
C CYS B 93 -25.36 9.46 -27.65
N CYS B 94 -25.97 9.96 -28.71
CA CYS B 94 -27.28 9.48 -29.10
C CYS B 94 -27.17 8.22 -29.97
N THR B 95 -28.24 7.43 -29.97
CA THR B 95 -28.24 6.03 -30.37
C THR B 95 -29.29 5.81 -31.47
N ASN B 96 -29.53 4.55 -31.80
CA ASN B 96 -30.46 4.17 -32.87
C ASN B 96 -31.74 3.53 -32.36
N VAL B 97 -31.88 3.31 -31.05
CA VAL B 97 -33.05 2.64 -30.49
C VAL B 97 -34.23 3.60 -30.47
N PRO B 98 -35.38 3.27 -31.06
CA PRO B 98 -36.54 4.17 -30.95
C PRO B 98 -37.11 4.16 -29.54
N TRP B 99 -37.82 5.24 -29.22
CA TRP B 99 -38.40 5.44 -27.89
C TRP B 99 -39.81 4.87 -27.89
N ASN B 100 -40.03 3.83 -27.08
CA ASN B 100 -41.37 3.28 -26.93
C ASN B 100 -42.24 4.23 -26.12
N SER B 101 -43.47 4.46 -26.61
CA SER B 101 -44.38 5.37 -25.93
C SER B 101 -44.85 4.84 -24.58
N SER B 102 -44.81 3.51 -24.38
CA SER B 102 -45.24 2.95 -23.10
C SER B 102 -44.31 3.38 -21.97
N TRP B 103 -43.03 3.58 -22.26
CA TRP B 103 -42.09 4.00 -21.22
C TRP B 103 -42.46 5.36 -20.66
N SER B 104 -42.84 6.30 -21.54
CA SER B 104 -43.26 7.63 -21.11
C SER B 104 -43.99 8.30 -22.26
N ASN B 105 -45.13 8.91 -21.95
CA ASN B 105 -45.96 9.57 -22.94
C ASN B 105 -45.68 11.06 -23.08
N ARG B 106 -45.03 11.67 -22.09
CA ARG B 106 -44.81 13.11 -22.10
C ARG B 106 -43.94 13.51 -23.28
N ASN B 107 -44.24 14.68 -23.85
CA ASN B 107 -43.53 15.20 -25.01
C ASN B 107 -42.31 16.00 -24.56
N LEU B 108 -41.56 16.51 -25.55
CA LEU B 108 -40.31 17.21 -25.26
C LEU B 108 -40.54 18.49 -24.45
N SER B 109 -41.70 19.13 -24.64
CA SER B 109 -41.94 20.41 -23.97
C SER B 109 -41.96 20.26 -22.45
N GLU B 110 -42.57 19.18 -21.95
CA GLU B 110 -42.71 18.95 -20.52
C GLU B 110 -41.65 17.97 -19.99
N ILE B 111 -40.51 17.85 -20.67
CA ILE B 111 -39.41 16.99 -20.23
C ILE B 111 -38.15 17.84 -20.07
N TRP B 112 -37.73 18.48 -21.15
CA TRP B 112 -36.47 19.22 -21.17
C TRP B 112 -36.62 20.66 -20.69
N ASP B 113 -37.82 21.09 -20.31
CA ASP B 113 -38.06 22.46 -19.87
C ASP B 113 -38.84 22.59 -18.58
N ASN B 114 -39.57 21.56 -18.14
CA ASN B 114 -40.39 21.61 -16.94
C ASN B 114 -40.16 20.40 -16.05
N MET B 115 -38.92 19.89 -16.02
CA MET B 115 -38.60 18.74 -15.19
C MET B 115 -37.10 18.75 -14.90
N THR B 116 -36.71 18.04 -13.85
CA THR B 116 -35.32 17.88 -13.46
C THR B 116 -34.92 16.41 -13.59
N TRP B 117 -33.61 16.15 -13.44
CA TRP B 117 -33.11 14.81 -13.64
C TRP B 117 -33.56 13.84 -12.55
N LEU B 118 -33.66 14.32 -11.31
CA LEU B 118 -34.11 13.45 -10.22
C LEU B 118 -35.52 12.96 -10.45
N GLN B 119 -36.42 13.86 -10.86
CA GLN B 119 -37.80 13.47 -11.14
C GLN B 119 -37.86 12.48 -12.29
N TRP B 120 -37.06 12.72 -13.33
CA TRP B 120 -37.03 11.79 -14.47
C TRP B 120 -36.54 10.42 -14.04
N ASP B 121 -35.51 10.36 -13.20
CA ASP B 121 -35.03 9.07 -12.71
C ASP B 121 -36.12 8.38 -11.91
N LYS B 122 -36.82 9.13 -11.05
CA LYS B 122 -37.91 8.54 -10.28
C LYS B 122 -39.02 8.02 -11.18
N GLU B 123 -39.26 8.69 -12.31
CA GLU B 123 -40.38 8.31 -13.18
C GLU B 123 -40.09 7.01 -13.93
N ILE B 124 -38.89 6.87 -14.49
CA ILE B 124 -38.56 5.76 -15.38
C ILE B 124 -37.62 4.78 -14.69
N SER B 125 -37.70 4.70 -13.36
CA SER B 125 -36.82 3.80 -12.62
C SER B 125 -37.08 2.33 -12.94
N ASN B 126 -38.26 1.99 -13.48
CA ASN B 126 -38.63 0.61 -13.75
C ASN B 126 -38.59 0.25 -15.22
N TYR B 127 -38.06 1.10 -16.09
CA TYR B 127 -37.91 0.83 -17.51
C TYR B 127 -36.46 1.03 -17.94
N THR B 128 -35.52 0.49 -17.17
CA THR B 128 -34.08 0.71 -17.37
C THR B 128 -33.38 -0.46 -18.03
N GLN B 129 -33.56 -1.68 -17.51
CA GLN B 129 -32.80 -2.82 -17.99
C GLN B 129 -33.14 -3.15 -19.44
N ILE B 130 -34.42 -3.05 -19.81
CA ILE B 130 -34.83 -3.39 -21.17
C ILE B 130 -34.17 -2.45 -22.17
N ILE B 131 -34.04 -1.17 -21.81
CA ILE B 131 -33.37 -0.22 -22.70
C ILE B 131 -31.91 -0.60 -22.86
N TYR B 132 -31.28 -1.04 -21.77
CA TYR B 132 -29.88 -1.45 -21.84
C TYR B 132 -29.71 -2.65 -22.77
N GLY B 133 -30.60 -3.64 -22.65
CA GLY B 133 -30.53 -4.79 -23.54
C GLY B 133 -30.76 -4.41 -24.99
N LEU B 134 -31.72 -3.52 -25.24
CA LEU B 134 -31.97 -3.06 -26.60
C LEU B 134 -30.74 -2.35 -27.16
N LEU B 135 -30.09 -1.52 -26.36
CA LEU B 135 -28.88 -0.85 -26.81
C LEU B 135 -27.78 -1.86 -27.13
N GLU B 136 -27.62 -2.87 -26.26
CA GLU B 136 -26.59 -3.87 -26.49
C GLU B 136 -26.82 -4.62 -27.80
N GLU B 137 -28.04 -5.11 -28.02
CA GLU B 137 -28.30 -5.88 -29.23
C GLU B 137 -28.22 -4.99 -30.47
N SER B 138 -28.65 -3.73 -30.35
CA SER B 138 -28.53 -2.81 -31.48
C SER B 138 -27.06 -2.58 -31.85
N GLN B 139 -26.21 -2.38 -30.84
CA GLN B 139 -24.79 -2.18 -31.13
C GLN B 139 -24.17 -3.43 -31.74
N ASN B 140 -24.56 -4.61 -31.25
CA ASN B 140 -24.04 -5.84 -31.84
C ASN B 140 -24.45 -5.98 -33.30
N GLN B 141 -25.72 -5.68 -33.60
CA GLN B 141 -26.18 -5.74 -34.99
C GLN B 141 -25.44 -4.73 -35.85
N GLN B 142 -25.22 -3.52 -35.33
CA GLN B 142 -24.47 -2.52 -36.07
C GLN B 142 -23.05 -2.98 -36.35
N GLU B 143 -22.41 -3.62 -35.37
CA GLU B 143 -21.05 -4.12 -35.56
C GLU B 143 -21.02 -5.19 -36.65
N LYS B 144 -21.98 -6.13 -36.61
CA LYS B 144 -22.00 -7.18 -37.63
C LYS B 144 -22.25 -6.59 -39.01
N ASN B 145 -23.17 -5.62 -39.11
CA ASN B 145 -23.44 -5.00 -40.40
C ASN B 145 -22.22 -4.23 -40.92
N GLU B 146 -21.51 -3.53 -40.02
CA GLU B 146 -20.31 -2.81 -40.43
C GLU B 146 -19.25 -3.77 -40.94
N GLN B 147 -19.06 -4.90 -40.24
CA GLN B 147 -18.09 -5.89 -40.71
C GLN B 147 -18.50 -6.44 -42.08
N ASP B 148 -19.78 -6.74 -42.27
CA ASP B 148 -20.24 -7.25 -43.56
C ASP B 148 -20.01 -6.22 -44.66
N LEU B 149 -20.28 -4.95 -44.38
CA LEU B 149 -20.05 -3.91 -45.38
C LEU B 149 -18.57 -3.79 -45.71
N LEU B 150 -17.71 -3.83 -44.69
CA LEU B 150 -16.27 -3.74 -44.92
C LEU B 150 -15.71 -4.98 -45.59
N ALA B 151 -16.45 -6.10 -45.58
CA ALA B 151 -15.98 -7.30 -46.27
C ALA B 151 -15.79 -7.04 -47.77
N LEU B 152 -16.73 -6.30 -48.37
CA LEU B 152 -16.64 -5.98 -49.79
C LEU B 152 -15.36 -5.19 -50.10
N ALA C 1 -3.01 -14.35 -53.31
CA ALA C 1 -4.26 -15.01 -53.68
C ALA C 1 -5.21 -15.05 -52.49
N GLU C 2 -4.67 -15.37 -51.31
CA GLU C 2 -5.49 -15.43 -50.11
C GLU C 2 -6.10 -14.07 -49.79
N ASN C 3 -5.30 -13.00 -49.89
CA ASN C 3 -5.72 -11.63 -49.60
C ASN C 3 -6.47 -11.52 -48.28
N LEU C 4 -6.01 -12.30 -47.29
CA LEU C 4 -6.60 -12.29 -45.96
C LEU C 4 -5.80 -11.37 -45.04
N TRP C 5 -6.50 -10.81 -44.06
CA TRP C 5 -5.92 -9.87 -43.10
C TRP C 5 -6.23 -10.31 -41.69
N VAL C 6 -5.33 -9.96 -40.76
CA VAL C 6 -5.54 -10.30 -39.36
C VAL C 6 -6.71 -9.49 -38.81
N THR C 7 -7.46 -10.10 -37.90
CA THR C 7 -8.60 -9.48 -37.25
C THR C 7 -8.57 -9.87 -35.79
N VAL C 8 -8.82 -8.90 -34.92
CA VAL C 8 -8.71 -9.06 -33.47
C VAL C 8 -10.10 -9.26 -32.89
N TYR C 9 -10.24 -10.29 -32.07
CA TYR C 9 -11.47 -10.57 -31.35
C TYR C 9 -11.20 -10.53 -29.86
N TYR C 10 -12.05 -9.81 -29.13
CA TYR C 10 -11.97 -9.71 -27.68
C TYR C 10 -13.10 -10.54 -27.07
N GLY C 11 -12.74 -11.45 -26.19
CA GLY C 11 -13.67 -12.35 -25.56
C GLY C 11 -13.66 -13.77 -26.10
N VAL C 12 -12.54 -14.23 -26.64
CA VAL C 12 -12.47 -15.61 -27.17
C VAL C 12 -12.54 -16.59 -26.01
N PRO C 13 -13.34 -17.68 -26.10
CA PRO C 13 -13.37 -18.66 -24.99
C PRO C 13 -12.19 -19.63 -25.01
N VAL C 14 -11.06 -19.17 -24.48
CA VAL C 14 -9.84 -19.96 -24.36
C VAL C 14 -9.28 -19.77 -22.96
N TRP C 15 -8.75 -20.86 -22.40
CA TRP C 15 -8.26 -20.86 -21.03
C TRP C 15 -6.89 -21.54 -20.97
N LYS C 16 -6.17 -21.27 -19.88
CA LYS C 16 -4.87 -21.85 -19.61
C LYS C 16 -4.78 -22.24 -18.14
N ASP C 17 -3.90 -23.19 -17.85
CA ASP C 17 -3.67 -23.59 -16.47
C ASP C 17 -3.03 -22.44 -15.69
N ALA C 18 -3.48 -22.25 -14.45
CA ALA C 18 -2.99 -21.14 -13.64
C ALA C 18 -3.27 -21.45 -12.17
N GLU C 19 -2.62 -20.67 -11.31
CA GLU C 19 -2.80 -20.76 -9.86
C GLU C 19 -3.22 -19.41 -9.33
N THR C 20 -4.19 -19.41 -8.42
CA THR C 20 -4.73 -18.17 -7.86
C THR C 20 -5.14 -18.45 -6.41
N THR C 21 -5.80 -17.47 -5.80
CA THR C 21 -6.27 -17.56 -4.41
C THR C 21 -7.79 -17.48 -4.41
N LEU C 22 -8.43 -18.56 -3.97
CA LEU C 22 -9.87 -18.61 -3.87
C LEU C 22 -10.33 -18.03 -2.53
N PHE C 23 -11.63 -17.78 -2.42
CA PHE C 23 -12.23 -17.18 -1.24
C PHE C 23 -13.44 -17.97 -0.80
N CYS C 24 -13.99 -17.57 0.35
CA CYS C 24 -15.02 -18.33 1.04
C CYS C 24 -16.40 -18.18 0.38
N ALA C 25 -17.23 -19.19 0.64
CA ALA C 25 -18.67 -19.09 0.43
C ALA C 25 -19.31 -20.16 1.30
N SER C 26 -20.01 -19.74 2.36
CA SER C 26 -20.60 -20.65 3.32
C SER C 26 -22.02 -20.19 3.66
N ASP C 27 -22.88 -21.15 3.93
CA ASP C 27 -24.27 -20.86 4.28
C ASP C 27 -24.37 -20.17 5.63
N HIS C 36 -20.23 -19.97 17.52
CA HIS C 36 -18.80 -20.03 17.75
C HIS C 36 -18.22 -21.36 17.28
N ASN C 37 -17.38 -21.31 16.25
CA ASN C 37 -16.74 -22.49 15.69
C ASN C 37 -15.28 -22.17 15.41
N VAL C 38 -14.46 -23.22 15.37
CA VAL C 38 -13.04 -23.04 15.09
C VAL C 38 -12.84 -22.56 13.66
N TRP C 39 -13.67 -23.02 12.74
CA TRP C 39 -13.60 -22.62 11.33
C TRP C 39 -14.47 -21.38 11.18
N ALA C 40 -13.85 -20.21 11.25
CA ALA C 40 -14.58 -18.95 11.33
C ALA C 40 -15.36 -18.72 10.05
N THR C 41 -16.69 -18.85 10.14
CA THR C 41 -17.58 -18.48 9.05
C THR C 41 -17.97 -17.00 9.07
N HIS C 42 -17.60 -16.28 10.13
CA HIS C 42 -17.92 -14.85 10.20
C HIS C 42 -17.23 -14.07 9.10
N ALA C 43 -15.96 -14.39 8.83
CA ALA C 43 -15.20 -13.73 7.78
C ALA C 43 -15.42 -14.36 6.41
N CYS C 44 -16.25 -15.40 6.32
CA CYS C 44 -16.52 -16.10 5.07
C CYS C 44 -17.80 -15.57 4.45
N VAL C 45 -17.76 -15.29 3.15
CA VAL C 45 -18.85 -14.64 2.43
C VAL C 45 -20.05 -15.56 2.43
N PRO C 46 -21.29 -15.07 2.40
CA PRO C 46 -22.44 -15.97 2.21
C PRO C 46 -22.46 -16.58 0.82
N THR C 47 -23.06 -17.77 0.74
CA THR C 47 -23.19 -18.49 -0.51
C THR C 47 -24.49 -18.13 -1.22
N ASP C 48 -24.46 -18.25 -2.55
CA ASP C 48 -25.67 -18.02 -3.35
C ASP C 48 -26.63 -19.19 -3.17
N PRO C 49 -27.92 -18.94 -2.91
CA PRO C 49 -28.84 -20.08 -2.70
C PRO C 49 -29.04 -20.94 -3.93
N ASN C 50 -28.74 -20.43 -5.13
CA ASN C 50 -28.97 -21.14 -6.38
C ASN C 50 -27.66 -21.23 -7.15
N PRO C 51 -26.83 -22.26 -6.87
CA PRO C 51 -25.59 -22.40 -7.62
C PRO C 51 -25.85 -22.63 -9.10
N GLN C 52 -24.97 -22.08 -9.94
CA GLN C 52 -25.10 -22.12 -11.39
C GLN C 52 -23.97 -22.94 -11.97
N GLU C 53 -24.31 -23.84 -12.90
CA GLU C 53 -23.36 -24.74 -13.54
C GLU C 53 -23.65 -24.80 -15.03
N ILE C 54 -22.58 -24.84 -15.84
CA ILE C 54 -22.69 -24.91 -17.29
C ILE C 54 -21.97 -26.17 -17.76
N HIS C 55 -22.61 -26.91 -18.66
CA HIS C 55 -22.04 -28.14 -19.20
C HIS C 55 -21.34 -27.83 -20.52
N LEU C 56 -20.04 -28.09 -20.59
CA LEU C 56 -19.25 -27.79 -21.77
C LEU C 56 -19.22 -29.03 -22.67
N GLU C 57 -19.93 -28.97 -23.79
CA GLU C 57 -19.98 -30.05 -24.74
C GLU C 57 -18.74 -30.04 -25.63
N ASN C 58 -18.31 -31.23 -26.03
CA ASN C 58 -17.16 -31.47 -26.91
C ASN C 58 -15.84 -31.03 -26.29
N VAL C 59 -15.79 -30.80 -24.99
CA VAL C 59 -14.57 -30.39 -24.29
C VAL C 59 -14.05 -31.56 -23.49
N THR C 60 -12.81 -31.96 -23.79
CA THR C 60 -12.13 -33.04 -23.07
C THR C 60 -10.86 -32.47 -22.45
N GLU C 61 -10.87 -32.31 -21.12
CA GLU C 61 -9.79 -31.65 -20.42
C GLU C 61 -8.84 -32.69 -19.83
N GLU C 62 -7.73 -32.21 -19.28
CA GLU C 62 -6.73 -33.05 -18.63
C GLU C 62 -6.74 -32.75 -17.13
N PHE C 63 -6.74 -33.80 -16.31
CA PHE C 63 -6.81 -33.67 -14.86
C PHE C 63 -5.72 -34.51 -14.20
N ASN C 64 -5.27 -34.04 -13.04
CA ASN C 64 -4.23 -34.72 -12.27
C ASN C 64 -4.44 -34.38 -10.81
N MET C 65 -4.91 -35.36 -10.03
CA MET C 65 -5.23 -35.11 -8.62
C MET C 65 -3.99 -34.84 -7.77
N TRP C 66 -2.83 -35.38 -8.16
CA TRP C 66 -1.63 -35.32 -7.33
C TRP C 66 -0.82 -34.05 -7.54
N LYS C 67 -1.28 -33.14 -8.41
CA LYS C 67 -0.62 -31.86 -8.62
C LYS C 67 -1.55 -30.68 -8.37
N ASN C 68 -2.72 -30.91 -7.79
CA ASN C 68 -3.66 -29.83 -7.54
C ASN C 68 -3.11 -28.87 -6.48
N ASN C 69 -3.20 -27.57 -6.77
CA ASN C 69 -2.77 -26.54 -5.84
C ASN C 69 -3.85 -26.17 -4.84
N MET C 70 -5.10 -26.60 -5.05
CA MET C 70 -6.17 -26.30 -4.12
C MET C 70 -5.95 -26.97 -2.76
N VAL C 71 -5.32 -28.15 -2.76
CA VAL C 71 -5.09 -28.86 -1.52
C VAL C 71 -4.16 -28.07 -0.61
N GLU C 72 -3.10 -27.49 -1.17
CA GLU C 72 -2.18 -26.69 -0.36
C GLU C 72 -2.88 -25.47 0.23
N GLN C 73 -3.70 -24.79 -0.58
CA GLN C 73 -4.42 -23.63 -0.07
C GLN C 73 -5.39 -24.04 1.04
N MET C 74 -6.09 -25.16 0.86
CA MET C 74 -7.00 -25.63 1.90
C MET C 74 -6.26 -25.95 3.18
N HIS C 75 -5.12 -26.63 3.08
CA HIS C 75 -4.34 -26.96 4.27
C HIS C 75 -3.88 -25.70 4.98
N THR C 76 -3.35 -24.74 4.23
CA THR C 76 -2.88 -23.50 4.83
C THR C 76 -4.02 -22.73 5.49
N ASP C 77 -5.17 -22.67 4.83
CA ASP C 77 -6.31 -21.96 5.41
C ASP C 77 -6.79 -22.63 6.69
N ILE C 78 -6.87 -23.96 6.70
CA ILE C 78 -7.31 -24.68 7.88
C ILE C 78 -6.35 -24.44 9.03
N ILE C 79 -5.05 -24.51 8.76
CA ILE C 79 -4.06 -24.29 9.81
C ILE C 79 -4.15 -22.87 10.34
N SER C 80 -4.30 -21.89 9.43
CA SER C 80 -4.40 -20.50 9.85
C SER C 80 -5.63 -20.26 10.71
N LEU C 81 -6.78 -20.82 10.31
CA LEU C 81 -7.99 -20.67 11.11
C LEU C 81 -7.84 -21.32 12.48
N TRP C 82 -7.23 -22.51 12.52
CA TRP C 82 -7.01 -23.18 13.81
C TRP C 82 -6.14 -22.32 14.72
N ASP C 83 -5.07 -21.76 14.16
CA ASP C 83 -4.19 -20.90 14.97
C ASP C 83 -4.92 -19.66 15.44
N GLN C 84 -5.75 -19.07 14.56
CA GLN C 84 -6.46 -17.85 14.91
C GLN C 84 -7.47 -18.09 16.04
N SER C 85 -8.15 -19.24 16.00
CA SER C 85 -9.22 -19.48 16.97
C SER C 85 -8.68 -19.57 18.39
N LEU C 86 -7.42 -19.95 18.57
CA LEU C 86 -6.85 -20.18 19.89
C LEU C 86 -6.21 -18.94 20.50
N LYS C 87 -6.16 -17.81 19.78
CA LYS C 87 -5.46 -16.64 20.30
C LYS C 87 -6.11 -16.09 21.57
N PRO C 88 -7.43 -15.86 21.65
CA PRO C 88 -8.02 -15.29 22.87
C PRO C 88 -8.47 -16.36 23.87
N CYS C 89 -7.49 -17.08 24.43
CA CYS C 89 -7.76 -18.14 25.38
C CYS C 89 -6.66 -18.19 26.42
N VAL C 90 -6.97 -18.83 27.55
CA VAL C 90 -6.06 -18.85 28.70
C VAL C 90 -4.84 -19.69 28.38
N LYS C 91 -3.67 -19.21 28.84
CA LYS C 91 -2.40 -19.92 28.72
C LYS C 91 -2.10 -20.60 30.05
N LEU C 92 -1.89 -21.91 30.02
CA LEU C 92 -1.65 -22.69 31.23
C LEU C 92 -0.15 -22.74 31.53
N THR C 93 0.38 -21.59 31.94
CA THR C 93 1.76 -21.49 32.37
C THR C 93 1.94 -21.98 33.80
N PRO C 94 1.09 -21.62 34.76
CA PRO C 94 1.29 -22.08 36.14
C PRO C 94 1.08 -23.58 36.35
N LEU C 95 0.65 -24.33 35.32
CA LEU C 95 0.35 -25.74 35.50
C LEU C 95 1.60 -26.62 35.60
N CYS C 96 2.78 -26.09 35.30
CA CYS C 96 4.03 -26.86 35.44
C CYS C 96 4.48 -26.76 36.89
N VAL C 97 4.01 -27.70 37.71
CA VAL C 97 4.40 -27.83 39.10
C VAL C 97 4.59 -29.31 39.40
N THR C 98 5.08 -29.60 40.61
CA THR C 98 5.33 -30.97 41.03
C THR C 98 4.04 -31.58 41.55
N LEU C 99 3.42 -32.42 40.74
CA LEU C 99 2.18 -33.10 41.11
C LEU C 99 2.51 -34.33 41.95
N GLN C 100 1.63 -34.62 42.91
CA GLN C 100 1.72 -35.82 43.74
C GLN C 100 0.50 -36.69 43.42
N CYS C 101 0.73 -37.85 42.82
CA CYS C 101 -0.32 -38.66 42.23
C CYS C 101 -0.45 -40.00 42.93
N THR C 102 -1.67 -40.53 42.94
CA THR C 102 -1.99 -41.85 43.45
C THR C 102 -2.87 -42.57 42.44
N ASN C 103 -2.99 -43.89 42.62
CA ASN C 103 -3.78 -44.71 41.72
C ASN C 103 -5.27 -44.60 42.07
N VAL C 104 -6.11 -44.65 41.04
CA VAL C 104 -7.56 -44.67 41.20
C VAL C 104 -8.01 -46.12 41.10
N THR C 105 -8.58 -46.64 42.19
CA THR C 105 -9.01 -48.04 42.26
C THR C 105 -10.38 -48.13 42.92
N ASN C 106 -11.30 -47.25 42.52
CA ASN C 106 -12.66 -47.21 43.05
C ASN C 106 -13.61 -47.58 41.91
N ASN C 107 -14.08 -48.83 41.92
CA ASN C 107 -15.03 -49.34 40.92
C ASN C 107 -14.46 -49.21 39.52
N ILE C 108 -13.36 -49.93 39.28
CA ILE C 108 -12.66 -49.94 38.00
C ILE C 108 -12.62 -51.37 37.48
N THR C 109 -12.84 -51.53 36.18
CA THR C 109 -12.74 -52.83 35.55
C THR C 109 -11.26 -53.23 35.41
N ASP C 110 -11.04 -54.48 35.00
CA ASP C 110 -9.67 -54.97 34.87
C ASP C 110 -8.89 -54.22 33.80
N ASP C 111 -9.54 -53.84 32.70
CA ASP C 111 -8.86 -53.18 31.59
C ASP C 111 -8.55 -51.71 31.86
N MET C 112 -9.21 -51.09 32.84
CA MET C 112 -8.99 -49.68 33.16
C MET C 112 -8.13 -49.51 34.41
N ARG C 113 -7.23 -50.45 34.67
CA ARG C 113 -6.36 -50.39 35.84
C ARG C 113 -5.11 -49.58 35.51
N GLY C 114 -4.89 -48.51 36.27
CA GLY C 114 -3.74 -47.65 36.06
C GLY C 114 -3.91 -46.58 35.00
N GLU C 115 -5.06 -46.51 34.35
CA GLU C 115 -5.27 -45.53 33.30
C GLU C 115 -5.48 -44.12 33.87
N LEU C 116 -6.05 -44.01 35.07
CA LEU C 116 -6.37 -42.73 35.68
C LEU C 116 -5.50 -42.51 36.91
N LYS C 117 -5.05 -41.27 37.10
CA LYS C 117 -4.24 -40.87 38.24
C LYS C 117 -4.92 -39.72 38.97
N ASN C 118 -4.94 -39.80 40.29
CA ASN C 118 -5.52 -38.76 41.16
C ASN C 118 -4.36 -37.93 41.69
N CYS C 119 -4.20 -36.71 41.16
CA CYS C 119 -3.02 -35.89 41.41
C CYS C 119 -3.40 -34.62 42.14
N SER C 120 -2.72 -34.36 43.26
CA SER C 120 -2.88 -33.14 44.03
C SER C 120 -1.65 -32.26 43.84
N PHE C 121 -1.85 -30.95 43.95
CA PHE C 121 -0.79 -29.98 43.74
C PHE C 121 -1.19 -28.65 44.34
N ASN C 122 -0.26 -27.70 44.31
CA ASN C 122 -0.49 -26.33 44.73
C ASN C 122 -0.78 -25.47 43.50
N MET C 123 -1.43 -24.33 43.73
CA MET C 123 -1.82 -23.44 42.64
C MET C 123 -1.91 -22.02 43.17
N THR C 124 -1.78 -21.06 42.25
CA THR C 124 -1.92 -19.66 42.58
C THR C 124 -3.40 -19.30 42.72
N THR C 125 -3.64 -18.04 43.08
CA THR C 125 -5.00 -17.52 43.26
C THR C 125 -5.04 -16.12 42.67
N GLU C 126 -6.19 -15.45 42.82
CA GLU C 126 -6.35 -14.10 42.28
C GLU C 126 -5.38 -13.13 42.94
N LEU C 127 -5.01 -13.36 44.18
CA LEU C 127 -4.00 -12.56 44.88
C LEU C 127 -2.65 -13.24 44.72
N ARG C 128 -1.62 -12.43 44.43
CA ARG C 128 -0.29 -12.95 44.11
C ARG C 128 0.52 -13.31 45.35
N ASP C 129 -0.05 -13.16 46.56
CA ASP C 129 0.63 -13.52 47.80
C ASP C 129 -0.13 -14.61 48.55
N LYS C 130 -0.92 -15.41 47.83
CA LYS C 130 -1.69 -16.50 48.42
C LYS C 130 -1.60 -17.72 47.51
N LYS C 131 -1.75 -18.90 48.12
CA LYS C 131 -1.71 -20.17 47.41
C LYS C 131 -2.87 -21.04 47.87
N GLN C 132 -3.24 -22.00 47.02
CA GLN C 132 -4.30 -22.96 47.32
C GLN C 132 -3.83 -24.35 46.97
N LYS C 133 -4.48 -25.35 47.57
CA LYS C 133 -4.21 -26.76 47.29
C LYS C 133 -5.41 -27.35 46.57
N VAL C 134 -5.16 -27.96 45.41
CA VAL C 134 -6.21 -28.50 44.56
C VAL C 134 -5.80 -29.89 44.08
N TYR C 135 -6.76 -30.59 43.47
CA TYR C 135 -6.51 -31.92 42.95
C TYR C 135 -7.37 -32.13 41.70
N SER C 136 -6.93 -33.08 40.87
CA SER C 136 -7.64 -33.38 39.63
C SER C 136 -7.31 -34.81 39.20
N LEU C 137 -8.15 -35.34 38.32
CA LEU C 137 -7.94 -36.66 37.73
C LEU C 137 -7.33 -36.48 36.34
N PHE C 138 -6.17 -37.09 36.13
CA PHE C 138 -5.45 -37.02 34.87
C PHE C 138 -5.37 -38.41 34.25
N TYR C 139 -5.13 -38.43 32.93
CA TYR C 139 -4.93 -39.67 32.20
C TYR C 139 -3.46 -40.06 32.24
N ARG C 140 -3.20 -41.37 32.21
CA ARG C 140 -1.83 -41.86 32.30
C ARG C 140 -0.98 -41.41 31.13
N LEU C 141 -1.58 -41.06 30.00
CA LEU C 141 -0.83 -40.61 28.83
C LEU C 141 -0.37 -39.16 28.95
N ASP C 142 -0.84 -38.42 29.96
CA ASP C 142 -0.54 -37.01 30.10
C ASP C 142 0.56 -36.72 31.12
N VAL C 143 0.74 -37.58 32.11
CA VAL C 143 1.67 -37.36 33.21
C VAL C 143 2.83 -38.34 33.08
N VAL C 144 4.04 -37.83 33.28
CA VAL C 144 5.27 -38.63 33.24
C VAL C 144 5.96 -38.49 34.60
N GLN C 145 6.47 -39.61 35.11
CA GLN C 145 7.13 -39.60 36.40
C GLN C 145 8.40 -38.76 36.34
N ILE C 146 8.68 -38.09 37.46
CA ILE C 146 9.85 -37.23 37.59
C ILE C 146 10.95 -37.94 38.38
N LYS C 159 6.37 -41.19 43.35
CA LYS C 159 5.07 -40.60 43.66
C LYS C 159 4.99 -39.13 43.24
N GLU C 160 5.88 -38.73 42.34
CA GLU C 160 5.92 -37.36 41.82
C GLU C 160 5.88 -37.41 40.30
N TYR C 161 5.00 -36.62 39.70
CA TYR C 161 4.77 -36.62 38.26
C TYR C 161 4.81 -35.19 37.75
N ARG C 162 4.85 -35.05 36.42
CA ARG C 162 4.75 -33.74 35.79
C ARG C 162 4.08 -33.91 34.44
N LEU C 163 3.50 -32.82 33.93
CA LEU C 163 2.84 -32.86 32.64
C LEU C 163 3.85 -33.14 31.54
N ILE C 164 3.39 -33.84 30.50
CA ILE C 164 4.28 -34.33 29.45
C ILE C 164 4.91 -33.16 28.69
N ASN C 165 4.16 -32.07 28.51
CA ASN C 165 4.59 -30.95 27.69
C ASN C 165 5.41 -29.92 28.45
N CYS C 166 5.71 -30.17 29.73
CA CYS C 166 6.38 -29.16 30.54
C CYS C 166 7.79 -28.86 30.05
N ASN C 167 8.55 -29.88 29.66
CA ASN C 167 9.93 -29.68 29.24
C ASN C 167 10.04 -29.25 27.77
N THR C 168 8.94 -29.28 27.02
CA THR C 168 8.93 -28.80 25.65
C THR C 168 8.51 -27.34 25.53
N SER C 169 7.31 -27.01 26.00
CA SER C 169 6.82 -25.63 25.98
C SER C 169 5.52 -25.55 26.76
N ALA C 170 5.28 -24.39 27.35
CA ALA C 170 3.97 -24.08 27.89
C ALA C 170 3.01 -23.80 26.74
N CYS C 171 1.73 -24.07 26.97
CA CYS C 171 0.79 -24.11 25.86
C CYS C 171 -0.64 -23.90 26.34
N THR C 172 -1.53 -23.69 25.38
CA THR C 172 -2.81 -23.03 25.61
C THR C 172 -3.93 -24.04 25.90
N GLN C 173 -4.89 -23.58 26.71
CA GLN C 173 -6.15 -24.28 26.93
C GLN C 173 -7.19 -23.75 25.97
N ALA C 174 -7.87 -24.65 25.25
CA ALA C 174 -8.92 -24.23 24.34
C ALA C 174 -10.10 -23.67 25.13
N CYS C 175 -10.68 -22.59 24.63
CA CYS C 175 -11.83 -21.99 25.29
C CYS C 175 -13.03 -22.94 25.22
N PRO C 176 -13.87 -22.98 26.26
CA PRO C 176 -14.90 -24.03 26.32
C PRO C 176 -16.13 -23.77 25.46
N LYS C 177 -16.23 -22.62 24.80
CA LYS C 177 -17.41 -22.25 24.02
C LYS C 177 -17.27 -22.55 22.53
N VAL C 178 -16.04 -22.49 21.99
CA VAL C 178 -15.85 -22.79 20.57
C VAL C 178 -16.06 -24.28 20.34
N SER C 179 -16.86 -24.62 19.33
CA SER C 179 -17.19 -26.00 19.00
C SER C 179 -16.29 -26.51 17.89
N PHE C 180 -15.93 -27.78 17.99
CA PHE C 180 -15.02 -28.43 17.04
C PHE C 180 -15.75 -29.09 15.87
N GLU C 181 -17.08 -28.98 15.81
CA GLU C 181 -17.83 -29.66 14.76
C GLU C 181 -17.48 -29.07 13.39
N PRO C 182 -17.15 -29.87 12.39
CA PRO C 182 -16.90 -29.30 11.06
C PRO C 182 -18.17 -28.72 10.45
N ILE C 183 -17.98 -27.73 9.58
CA ILE C 183 -19.08 -27.11 8.83
C ILE C 183 -18.66 -27.06 7.37
N PRO C 184 -19.55 -27.30 6.40
CA PRO C 184 -19.13 -27.24 5.00
C PRO C 184 -18.70 -25.85 4.59
N ILE C 185 -17.72 -25.77 3.70
CA ILE C 185 -17.23 -24.52 3.14
C ILE C 185 -17.05 -24.70 1.64
N HIS C 186 -17.38 -23.67 0.87
CA HIS C 186 -17.23 -23.67 -0.58
C HIS C 186 -16.14 -22.66 -0.98
N TYR C 187 -15.38 -23.03 -2.00
CA TYR C 187 -14.24 -22.23 -2.47
C TYR C 187 -14.55 -21.64 -3.83
N CYS C 188 -14.68 -20.31 -3.89
CA CYS C 188 -15.01 -19.63 -5.14
C CYS C 188 -13.88 -18.70 -5.55
N ALA C 189 -13.52 -18.78 -6.88
CA ALA C 189 -12.40 -18.18 -7.57
C ALA C 189 -12.65 -16.70 -7.86
N PRO C 190 -11.60 -15.92 -8.16
CA PRO C 190 -11.81 -14.50 -8.48
C PRO C 190 -12.38 -14.30 -9.88
N ALA C 191 -12.59 -13.04 -10.26
CA ALA C 191 -13.03 -12.71 -11.60
C ALA C 191 -11.91 -12.96 -12.59
N GLY C 192 -12.26 -13.46 -13.78
CA GLY C 192 -11.29 -13.78 -14.81
C GLY C 192 -10.80 -15.22 -14.78
N PHE C 193 -11.12 -15.98 -13.74
CA PHE C 193 -10.77 -17.38 -13.62
C PHE C 193 -12.02 -18.24 -13.67
N ALA C 194 -11.83 -19.55 -13.73
CA ALA C 194 -12.95 -20.48 -13.85
C ALA C 194 -12.58 -21.79 -13.16
N ILE C 195 -13.60 -22.45 -12.62
CA ILE C 195 -13.46 -23.74 -11.96
C ILE C 195 -14.09 -24.79 -12.87
N LEU C 196 -13.26 -25.75 -13.30
CA LEU C 196 -13.69 -26.83 -14.18
C LEU C 196 -13.85 -28.10 -13.35
N LYS C 197 -14.99 -28.76 -13.52
CA LYS C 197 -15.36 -29.98 -12.81
C LYS C 197 -15.53 -31.12 -13.80
N CYS C 198 -15.01 -32.29 -13.45
CA CYS C 198 -15.11 -33.48 -14.29
C CYS C 198 -16.28 -34.32 -13.81
N LYS C 199 -17.35 -34.37 -14.61
CA LYS C 199 -18.57 -35.09 -14.28
C LYS C 199 -18.52 -36.55 -14.74
N ASP C 200 -17.36 -37.04 -15.17
CA ASP C 200 -17.25 -38.38 -15.71
C ASP C 200 -17.08 -39.39 -14.57
N LYS C 201 -18.03 -40.31 -14.45
CA LYS C 201 -17.87 -41.41 -13.52
C LYS C 201 -16.73 -42.32 -13.98
N LYS C 202 -16.22 -43.13 -13.05
CA LYS C 202 -15.12 -44.08 -13.22
C LYS C 202 -13.76 -43.38 -13.32
N PHE C 203 -13.72 -42.05 -13.37
CA PHE C 203 -12.46 -41.33 -13.45
C PHE C 203 -11.64 -41.58 -12.18
N ASN C 204 -10.34 -41.82 -12.36
CA ASN C 204 -9.45 -42.23 -11.27
C ASN C 204 -8.45 -41.14 -10.91
N GLY C 205 -8.80 -39.87 -11.15
CA GLY C 205 -8.01 -38.75 -10.69
C GLY C 205 -6.83 -38.36 -11.54
N THR C 206 -6.60 -39.04 -12.67
CA THR C 206 -5.48 -38.71 -13.54
C THR C 206 -5.83 -39.13 -14.97
N GLY C 207 -5.65 -38.20 -15.90
CA GLY C 207 -5.85 -38.48 -17.31
C GLY C 207 -6.83 -37.53 -17.98
N PRO C 208 -7.33 -37.92 -19.16
CA PRO C 208 -8.32 -37.06 -19.85
C PRO C 208 -9.74 -37.33 -19.43
N CYS C 209 -10.45 -36.27 -19.02
CA CYS C 209 -11.87 -36.34 -18.71
C CYS C 209 -12.67 -35.81 -19.89
N PRO C 210 -13.56 -36.60 -20.51
CA PRO C 210 -14.27 -36.10 -21.70
C PRO C 210 -15.50 -35.27 -21.40
N SER C 211 -16.11 -35.47 -20.22
CA SER C 211 -17.30 -34.74 -19.81
C SER C 211 -16.91 -33.70 -18.79
N VAL C 212 -17.14 -32.43 -19.12
CA VAL C 212 -16.63 -31.31 -18.32
C VAL C 212 -17.73 -30.28 -18.12
N SER C 213 -17.66 -29.59 -16.98
CA SER C 213 -18.56 -28.49 -16.68
C SER C 213 -17.77 -27.37 -16.03
N THR C 214 -18.34 -26.17 -16.09
CA THR C 214 -17.81 -24.99 -15.41
C THR C 214 -18.76 -24.63 -14.29
N VAL C 215 -18.21 -24.47 -13.08
CA VAL C 215 -18.98 -24.10 -11.90
C VAL C 215 -18.40 -22.83 -11.33
N GLN C 216 -19.27 -22.03 -10.70
CA GLN C 216 -18.77 -20.86 -9.99
C GLN C 216 -17.99 -21.26 -8.75
N CYS C 217 -18.41 -22.35 -8.08
CA CYS C 217 -17.61 -22.96 -7.04
C CYS C 217 -18.19 -24.29 -6.56
N THR C 218 -17.43 -24.95 -5.70
CA THR C 218 -17.59 -26.37 -5.42
C THR C 218 -18.70 -26.63 -4.41
N HIS C 219 -18.96 -27.90 -4.17
CA HIS C 219 -19.87 -28.33 -3.12
C HIS C 219 -19.22 -28.18 -1.75
N GLY C 220 -20.06 -28.17 -0.72
CA GLY C 220 -19.58 -28.05 0.64
C GLY C 220 -18.68 -29.21 1.04
N ILE C 221 -17.49 -28.88 1.56
CA ILE C 221 -16.51 -29.87 1.98
C ILE C 221 -16.31 -29.69 3.48
N LYS C 222 -16.60 -30.75 4.25
CA LYS C 222 -16.43 -30.70 5.69
C LYS C 222 -14.97 -30.97 6.04
N PRO C 223 -14.29 -30.07 6.77
CA PRO C 223 -12.88 -30.39 7.13
C PRO C 223 -12.79 -31.40 8.26
N VAL C 224 -13.18 -32.64 7.97
CA VAL C 224 -13.11 -33.72 8.94
C VAL C 224 -11.67 -34.18 9.06
N VAL C 225 -11.20 -34.29 10.31
CA VAL C 225 -9.83 -34.70 10.61
C VAL C 225 -9.88 -36.09 11.21
N SER C 226 -9.16 -37.03 10.59
CA SER C 226 -9.06 -38.40 11.09
C SER C 226 -7.89 -39.07 10.40
N THR C 227 -7.49 -40.23 10.93
CA THR C 227 -6.41 -41.02 10.37
C THR C 227 -6.85 -42.47 10.27
N GLN C 228 -6.33 -43.14 9.23
CA GLN C 228 -6.57 -44.57 8.95
C GLN C 228 -7.98 -44.84 8.43
N LEU C 229 -8.85 -43.83 8.42
CA LEU C 229 -10.23 -44.00 7.98
C LEU C 229 -10.78 -42.62 7.63
N LEU C 230 -11.56 -42.55 6.57
CA LEU C 230 -12.21 -41.31 6.14
C LEU C 230 -13.65 -41.32 6.63
N LEU C 231 -14.01 -40.31 7.42
CA LEU C 231 -15.31 -40.25 8.08
C LEU C 231 -16.13 -39.09 7.53
N ASN C 232 -17.44 -39.33 7.38
CA ASN C 232 -18.39 -38.31 6.93
C ASN C 232 -17.97 -37.71 5.59
N GLY C 233 -17.45 -38.57 4.70
CA GLY C 233 -17.01 -38.16 3.39
C GLY C 233 -18.06 -38.41 2.32
N SER C 234 -17.61 -38.30 1.06
CA SER C 234 -18.46 -38.54 -0.10
C SER C 234 -18.23 -39.96 -0.61
N LEU C 235 -19.27 -40.52 -1.23
CA LEU C 235 -19.28 -41.90 -1.68
C LEU C 235 -19.26 -41.97 -3.20
N ALA C 236 -18.51 -42.94 -3.74
CA ALA C 236 -18.52 -43.18 -5.17
C ALA C 236 -19.89 -43.66 -5.61
N GLU C 237 -20.35 -43.16 -6.76
CA GLU C 237 -21.69 -43.43 -7.25
C GLU C 237 -21.76 -44.61 -8.22
N GLU C 238 -20.62 -45.26 -8.51
CA GLU C 238 -20.59 -46.42 -9.39
C GLU C 238 -20.12 -47.68 -8.68
N GLU C 239 -18.95 -47.64 -8.05
CA GLU C 239 -18.38 -48.81 -7.38
C GLU C 239 -17.20 -48.34 -6.55
N VAL C 240 -16.53 -49.30 -5.90
CA VAL C 240 -15.35 -49.00 -5.11
C VAL C 240 -14.23 -48.54 -6.04
N MET C 241 -13.59 -47.41 -5.69
CA MET C 241 -12.56 -46.81 -6.51
C MET C 241 -11.22 -46.86 -5.77
N ILE C 242 -10.16 -47.18 -6.51
CA ILE C 242 -8.80 -47.23 -5.97
C ILE C 242 -7.95 -46.23 -6.74
N ARG C 243 -7.24 -45.37 -6.01
CA ARG C 243 -6.41 -44.33 -6.61
C ARG C 243 -5.03 -44.35 -5.98
N SER C 244 -4.02 -44.01 -6.79
CA SER C 244 -2.65 -43.95 -6.33
C SER C 244 -1.81 -43.26 -7.39
N GLU C 245 -0.83 -42.46 -6.95
CA GLU C 245 0.03 -41.76 -7.90
C GLU C 245 0.81 -42.74 -8.76
N ASN C 246 1.35 -43.79 -8.15
CA ASN C 246 2.08 -44.82 -8.89
C ASN C 246 1.89 -46.12 -8.12
N ILE C 247 0.91 -46.94 -8.56
CA ILE C 247 0.56 -48.14 -7.83
C ILE C 247 1.69 -49.15 -7.80
N THR C 248 2.57 -49.13 -8.82
CA THR C 248 3.72 -50.03 -8.80
C THR C 248 4.66 -49.72 -7.65
N ASN C 249 4.84 -48.43 -7.34
CA ASN C 249 5.71 -48.04 -6.23
C ASN C 249 4.98 -48.27 -4.91
N ASN C 250 5.68 -48.91 -3.97
CA ASN C 250 5.11 -49.21 -2.66
C ASN C 250 5.16 -48.04 -1.68
N ALA C 251 5.93 -46.98 -1.99
CA ALA C 251 6.09 -45.85 -1.10
C ALA C 251 4.94 -44.85 -1.20
N LYS C 252 4.01 -45.03 -2.14
CA LYS C 252 2.88 -44.13 -2.33
C LYS C 252 1.63 -44.77 -1.75
N ASN C 253 0.89 -43.98 -0.97
CA ASN C 253 -0.31 -44.50 -0.33
C ASN C 253 -1.41 -44.72 -1.36
N ILE C 254 -2.36 -45.60 -1.01
CA ILE C 254 -3.49 -45.97 -1.85
C ILE C 254 -4.75 -45.43 -1.20
N LEU C 255 -5.54 -44.68 -1.96
CA LEU C 255 -6.80 -44.14 -1.49
C LEU C 255 -7.93 -45.00 -2.02
N VAL C 256 -8.73 -45.57 -1.12
CA VAL C 256 -9.87 -46.41 -1.46
C VAL C 256 -11.14 -45.65 -1.09
N GLN C 257 -12.05 -45.53 -2.05
CA GLN C 257 -13.33 -44.86 -1.86
C GLN C 257 -14.45 -45.89 -2.03
N PHE C 258 -15.31 -45.98 -1.03
CA PHE C 258 -16.41 -46.92 -1.04
C PHE C 258 -17.58 -46.38 -1.87
N ASN C 259 -18.54 -47.26 -2.15
CA ASN C 259 -19.79 -46.90 -2.78
C ASN C 259 -20.96 -46.88 -1.81
N THR C 260 -20.82 -47.51 -0.64
CA THR C 260 -21.80 -47.43 0.43
C THR C 260 -21.06 -47.21 1.74
N PRO C 261 -21.68 -46.56 2.71
CA PRO C 261 -21.00 -46.30 3.98
C PRO C 261 -21.11 -47.46 4.95
N VAL C 262 -20.24 -47.44 5.96
CA VAL C 262 -20.26 -48.42 7.04
C VAL C 262 -20.44 -47.67 8.35
N GLN C 263 -21.50 -47.99 9.08
CA GLN C 263 -21.80 -47.28 10.31
C GLN C 263 -20.86 -47.69 11.43
N ILE C 264 -20.37 -46.70 12.18
CA ILE C 264 -19.51 -46.93 13.34
C ILE C 264 -20.06 -46.11 14.50
N ASN C 265 -20.17 -46.75 15.67
CA ASN C 265 -20.74 -46.12 16.86
C ASN C 265 -19.69 -46.07 17.96
N CYS C 266 -19.21 -44.88 18.29
CA CYS C 266 -18.20 -44.69 19.32
C CYS C 266 -18.82 -44.05 20.55
N THR C 267 -18.24 -44.34 21.72
CA THR C 267 -18.81 -43.86 22.98
C THR C 267 -17.75 -43.83 24.07
N ARG C 268 -17.86 -42.79 24.92
CA ARG C 268 -17.20 -42.76 26.23
C ARG C 268 -18.29 -42.81 27.29
N PRO C 269 -18.39 -43.88 28.12
CA PRO C 269 -19.54 -44.00 29.03
C PRO C 269 -19.29 -43.45 30.43
N ASN C 270 -18.10 -42.93 30.69
CA ASN C 270 -17.80 -42.39 32.01
C ASN C 270 -18.57 -41.10 32.25
N ASN C 271 -19.21 -41.01 33.41
CA ASN C 271 -19.98 -39.82 33.79
C ASN C 271 -19.03 -38.84 34.49
N ASN C 272 -18.31 -38.08 33.66
CA ASN C 272 -17.30 -37.17 34.18
C ASN C 272 -17.96 -35.96 34.83
N THR C 273 -17.17 -35.26 35.65
CA THR C 273 -17.59 -34.03 36.31
C THR C 273 -16.53 -32.96 36.11
N ARG C 274 -16.97 -31.73 35.89
CA ARG C 274 -16.09 -30.60 35.62
C ARG C 274 -16.19 -29.60 36.76
N LYS C 275 -15.04 -29.08 37.18
CA LYS C 275 -14.98 -28.03 38.19
C LYS C 275 -14.02 -26.94 37.72
N SER C 276 -14.27 -25.72 38.20
CA SER C 276 -13.50 -24.54 37.79
C SER C 276 -12.64 -24.08 38.95
N ILE C 277 -11.36 -23.80 38.65
CA ILE C 277 -10.41 -23.28 39.63
C ILE C 277 -9.89 -21.95 39.12
N ARG C 278 -10.02 -20.91 39.94
CA ARG C 278 -9.57 -19.57 39.57
C ARG C 278 -8.08 -19.47 39.83
N ILE C 279 -7.29 -19.30 38.76
CA ILE C 279 -5.84 -19.28 38.84
C ILE C 279 -5.28 -17.87 38.65
N GLY C 280 -6.13 -16.85 38.66
CA GLY C 280 -5.69 -15.48 38.47
C GLY C 280 -6.85 -14.54 38.25
N PRO C 281 -6.55 -13.28 37.92
CA PRO C 281 -7.64 -12.33 37.64
C PRO C 281 -8.35 -12.67 36.34
N GLY C 282 -9.58 -13.15 36.45
CA GLY C 282 -10.36 -13.53 35.28
C GLY C 282 -9.73 -14.66 34.48
N GLN C 283 -9.18 -15.66 35.16
CA GLN C 283 -8.56 -16.81 34.51
C GLN C 283 -8.95 -18.07 35.26
N ALA C 284 -9.55 -19.02 34.54
CA ALA C 284 -10.07 -20.25 35.13
C ALA C 284 -9.47 -21.46 34.43
N PHE C 285 -9.30 -22.53 35.20
CA PHE C 285 -8.82 -23.81 34.71
C PHE C 285 -9.87 -24.86 35.03
N TYR C 286 -10.23 -25.67 34.03
CA TYR C 286 -11.30 -26.64 34.16
C TYR C 286 -10.69 -28.02 34.42
N ALA C 287 -10.92 -28.55 35.62
CA ALA C 287 -10.39 -29.83 36.05
C ALA C 287 -11.50 -30.86 36.16
N THR C 288 -11.09 -32.13 36.13
CA THR C 288 -12.01 -33.26 36.26
C THR C 288 -12.21 -33.53 37.74
N GLY C 289 -13.40 -33.19 38.26
CA GLY C 289 -13.69 -33.35 39.66
C GLY C 289 -13.66 -34.80 40.12
N ASP C 290 -14.62 -35.59 39.64
CA ASP C 290 -14.70 -37.01 40.00
C ASP C 290 -15.63 -37.70 39.02
N ILE C 291 -15.56 -39.03 39.01
CA ILE C 291 -16.39 -39.86 38.15
C ILE C 291 -17.51 -40.45 38.99
N ILE C 292 -18.75 -40.32 38.50
CA ILE C 292 -19.93 -40.80 39.20
C ILE C 292 -20.26 -42.18 38.66
N GLY C 293 -20.39 -43.15 39.57
CA GLY C 293 -20.74 -44.51 39.20
C GLY C 293 -19.51 -45.35 38.93
N ASP C 294 -19.59 -46.18 37.89
CA ASP C 294 -18.52 -47.08 37.51
C ASP C 294 -17.60 -46.42 36.48
N ILE C 295 -16.42 -47.01 36.31
CA ILE C 295 -15.42 -46.54 35.37
C ILE C 295 -15.22 -47.64 34.33
N ARG C 296 -15.36 -47.28 33.06
CA ARG C 296 -15.27 -48.24 31.96
C ARG C 296 -14.57 -47.59 30.78
N GLN C 297 -14.08 -48.44 29.89
CA GLN C 297 -13.32 -48.00 28.73
C GLN C 297 -14.23 -47.49 27.63
N ALA C 298 -13.84 -46.38 27.02
CA ALA C 298 -14.49 -45.91 25.80
C ALA C 298 -14.18 -46.87 24.66
N HIS C 299 -15.14 -47.04 23.75
CA HIS C 299 -14.98 -48.05 22.72
C HIS C 299 -15.87 -47.70 21.53
N CYS C 300 -15.59 -48.36 20.41
CA CYS C 300 -16.35 -48.20 19.18
C CYS C 300 -16.85 -49.56 18.71
N ASN C 301 -17.98 -49.55 18.01
CA ASN C 301 -18.62 -50.74 17.47
C ASN C 301 -18.75 -50.59 15.96
N VAL C 302 -18.44 -51.66 15.24
CA VAL C 302 -18.56 -51.71 13.78
C VAL C 302 -19.25 -53.01 13.40
N SER C 303 -20.20 -52.94 12.46
CA SER C 303 -20.89 -54.14 12.01
C SER C 303 -19.91 -55.10 11.35
N LYS C 304 -20.17 -56.40 11.54
CA LYS C 304 -19.30 -57.46 11.06
C LYS C 304 -19.58 -57.86 9.61
N ALA C 305 -20.84 -58.16 9.28
CA ALA C 305 -21.17 -58.58 7.92
C ALA C 305 -20.90 -57.46 6.92
N THR C 306 -21.26 -56.22 7.29
CA THR C 306 -21.03 -55.09 6.38
C THR C 306 -19.55 -54.91 6.10
N TRP C 307 -18.71 -55.02 7.15
CA TRP C 307 -17.27 -54.92 6.95
C TRP C 307 -16.76 -56.03 6.06
N ASN C 308 -17.28 -57.25 6.23
CA ASN C 308 -16.85 -58.36 5.38
C ASN C 308 -17.20 -58.11 3.93
N GLU C 309 -18.42 -57.62 3.66
CA GLU C 309 -18.81 -57.34 2.29
C GLU C 309 -17.96 -56.22 1.69
N THR C 310 -17.72 -55.17 2.48
CA THR C 310 -16.91 -54.05 1.98
C THR C 310 -15.49 -54.51 1.67
N LEU C 311 -14.90 -55.32 2.54
CA LEU C 311 -13.56 -55.83 2.29
C LEU C 311 -13.53 -56.77 1.10
N GLY C 312 -14.59 -57.54 0.90
CA GLY C 312 -14.67 -58.37 -0.30
C GLY C 312 -14.66 -57.53 -1.56
N LYS C 313 -15.45 -56.46 -1.57
CA LYS C 313 -15.45 -55.55 -2.72
C LYS C 313 -14.08 -54.92 -2.92
N VAL C 314 -13.43 -54.51 -1.83
CA VAL C 314 -12.12 -53.87 -1.93
C VAL C 314 -11.09 -54.84 -2.49
N VAL C 315 -11.12 -56.09 -2.02
CA VAL C 315 -10.18 -57.09 -2.53
C VAL C 315 -10.47 -57.39 -4.01
N LYS C 316 -11.74 -57.45 -4.38
CA LYS C 316 -12.08 -57.69 -5.78
C LYS C 316 -11.54 -56.57 -6.67
N GLN C 317 -11.67 -55.32 -6.22
CA GLN C 317 -11.14 -54.21 -7.02
C GLN C 317 -9.62 -54.22 -7.04
N LEU C 318 -8.98 -54.54 -5.91
CA LEU C 318 -7.52 -54.60 -5.87
C LEU C 318 -6.98 -55.72 -6.75
N ARG C 319 -7.77 -56.77 -6.96
CA ARG C 319 -7.35 -57.88 -7.82
C ARG C 319 -7.09 -57.43 -9.25
N LYS C 320 -7.67 -56.32 -9.68
CA LYS C 320 -7.50 -55.88 -11.06
C LYS C 320 -6.05 -55.52 -11.35
N HIS C 321 -5.39 -54.81 -10.43
CA HIS C 321 -4.07 -54.27 -10.68
C HIS C 321 -2.93 -55.23 -10.31
N PHE C 322 -3.19 -56.24 -9.48
CA PHE C 322 -2.14 -57.08 -8.92
C PHE C 322 -2.29 -58.54 -9.33
N GLY C 323 -2.93 -58.81 -10.47
CA GLY C 323 -3.08 -60.17 -10.95
C GLY C 323 -4.34 -60.83 -10.42
N ASN C 324 -4.84 -61.79 -11.19
CA ASN C 324 -6.13 -62.42 -10.91
C ASN C 324 -6.03 -63.66 -10.03
N ASN C 325 -4.82 -64.05 -9.61
CA ASN C 325 -4.63 -65.21 -8.74
C ASN C 325 -3.80 -64.88 -7.50
N THR C 326 -3.63 -63.60 -7.18
CA THR C 326 -2.82 -63.22 -6.04
C THR C 326 -3.63 -63.37 -4.74
N ILE C 327 -2.89 -63.55 -3.64
CA ILE C 327 -3.47 -63.63 -2.30
C ILE C 327 -3.33 -62.24 -1.67
N ILE C 328 -4.43 -61.74 -1.12
CA ILE C 328 -4.50 -60.38 -0.58
C ILE C 328 -4.66 -60.48 0.93
N ARG C 329 -3.72 -59.89 1.67
CA ARG C 329 -3.68 -59.98 3.13
C ARG C 329 -3.83 -58.59 3.72
N PHE C 330 -4.62 -58.50 4.80
CA PHE C 330 -4.76 -57.28 5.59
C PHE C 330 -4.18 -57.54 6.98
N ALA C 331 -3.23 -56.70 7.38
CA ALA C 331 -2.49 -56.90 8.62
C ALA C 331 -2.51 -55.63 9.47
N ASN C 332 -1.77 -55.65 10.58
CA ASN C 332 -1.79 -54.55 11.54
C ASN C 332 -0.81 -53.45 11.12
N SER C 333 -0.97 -52.28 11.74
CA SER C 333 -0.08 -51.17 11.48
C SER C 333 1.34 -51.51 11.93
N SER C 334 2.33 -51.01 11.17
CA SER C 334 3.72 -51.34 11.46
C SER C 334 4.15 -50.80 12.81
N GLY C 335 3.96 -49.50 13.02
CA GLY C 335 4.35 -48.89 14.28
C GLY C 335 4.64 -47.42 14.11
N GLY C 336 5.08 -46.80 15.20
CA GLY C 336 5.42 -45.40 15.22
C GLY C 336 4.72 -44.65 16.34
N ASP C 337 4.40 -43.38 16.11
CA ASP C 337 3.71 -42.59 17.11
C ASP C 337 2.26 -43.06 17.26
N LEU C 338 1.66 -42.72 18.39
CA LEU C 338 0.28 -43.12 18.65
C LEU C 338 -0.69 -42.50 17.65
N GLU C 339 -0.35 -41.35 17.07
CA GLU C 339 -1.24 -40.71 16.11
C GLU C 339 -1.28 -41.46 14.78
N VAL C 340 -0.12 -41.93 14.31
CA VAL C 340 -0.04 -42.63 13.02
C VAL C 340 -0.27 -44.13 13.15
N THR C 341 -0.19 -44.69 14.35
CA THR C 341 -0.41 -46.11 14.58
C THR C 341 -1.86 -46.43 14.91
N THR C 342 -2.67 -45.43 15.27
CA THR C 342 -4.04 -45.65 15.71
C THR C 342 -4.97 -44.68 14.99
N HIS C 343 -6.19 -45.15 14.74
CA HIS C 343 -7.25 -44.29 14.20
C HIS C 343 -7.58 -43.22 15.23
N SER C 344 -7.19 -41.98 14.94
CA SER C 344 -7.40 -40.85 15.84
C SER C 344 -8.50 -39.95 15.29
N PHE C 345 -9.39 -39.52 16.16
CA PHE C 345 -10.50 -38.65 15.76
C PHE C 345 -10.96 -37.87 16.99
N ASN C 346 -12.02 -37.08 16.82
CA ASN C 346 -12.58 -36.25 17.88
C ASN C 346 -14.08 -36.47 17.87
N CYS C 347 -14.62 -36.93 18.99
CA CYS C 347 -16.05 -37.22 19.13
C CYS C 347 -16.61 -36.31 20.23
N GLY C 348 -17.28 -35.25 19.82
CA GLY C 348 -17.93 -34.34 20.75
C GLY C 348 -16.98 -33.64 21.69
N GLY C 349 -15.83 -33.18 21.20
CA GLY C 349 -14.87 -32.44 21.99
C GLY C 349 -13.80 -33.28 22.64
N GLU C 350 -13.99 -34.60 22.72
CA GLU C 350 -13.01 -35.50 23.32
C GLU C 350 -12.24 -36.22 22.23
N PHE C 351 -10.92 -36.28 22.40
CA PHE C 351 -10.01 -36.80 21.39
C PHE C 351 -9.78 -38.29 21.65
N PHE C 352 -10.26 -39.11 20.72
CA PHE C 352 -10.18 -40.57 20.79
C PHE C 352 -9.01 -41.05 19.94
N TYR C 353 -8.27 -42.02 20.47
CA TYR C 353 -7.27 -42.77 19.72
C TYR C 353 -7.60 -44.24 19.89
N CYS C 354 -7.83 -44.94 18.77
CA CYS C 354 -8.35 -46.30 18.80
C CYS C 354 -7.57 -47.26 17.92
N ASN C 355 -7.63 -48.52 18.34
CA ASN C 355 -6.76 -49.59 17.86
C ASN C 355 -7.55 -50.42 16.85
N THR C 356 -7.43 -50.04 15.57
CA THR C 356 -8.14 -50.73 14.49
C THR C 356 -7.33 -51.96 14.11
N SER C 357 -7.32 -52.95 15.00
CA SER C 357 -6.62 -54.20 14.79
C SER C 357 -7.54 -55.37 14.46
N GLY C 358 -8.80 -55.33 14.90
CA GLY C 358 -9.76 -56.34 14.52
C GLY C 358 -10.33 -56.19 13.13
N LEU C 359 -10.08 -55.05 12.48
CA LEU C 359 -10.58 -54.82 11.14
C LEU C 359 -9.58 -55.31 10.09
N PHE C 360 -8.35 -54.80 10.14
CA PHE C 360 -7.33 -55.13 9.16
C PHE C 360 -6.54 -56.36 9.62
N ASN C 361 -7.25 -57.48 9.69
CA ASN C 361 -6.63 -58.76 10.08
C ASN C 361 -7.40 -59.87 9.35
N SER C 362 -6.90 -60.24 8.18
CA SER C 362 -7.58 -61.26 7.37
C SER C 362 -6.70 -61.64 6.18
N THR C 363 -7.07 -62.72 5.52
CA THR C 363 -6.42 -63.18 4.30
C THR C 363 -7.49 -63.62 3.32
N TRP C 364 -7.27 -63.30 2.04
CA TRP C 364 -8.20 -63.63 0.97
C TRP C 364 -7.45 -64.35 -0.14
N ILE C 365 -8.00 -65.47 -0.59
CA ILE C 365 -7.38 -66.33 -1.60
C ILE C 365 -8.31 -66.43 -2.79
N SER C 366 -7.74 -66.43 -3.98
CA SER C 366 -8.54 -66.51 -5.20
C SER C 366 -9.27 -67.86 -5.27
N ASN C 367 -10.50 -67.80 -5.75
CA ASN C 367 -11.32 -69.01 -5.88
C ASN C 367 -12.31 -68.87 -7.04
N SER C 378 -24.33 -62.36 11.85
CA SER C 378 -25.74 -62.32 12.22
C SER C 378 -26.10 -60.96 12.82
N ASN C 379 -25.75 -60.77 14.09
CA ASN C 379 -25.99 -59.50 14.77
C ASN C 379 -24.81 -59.02 15.60
N ASP C 380 -23.80 -59.86 15.87
CA ASP C 380 -22.64 -59.43 16.62
C ASP C 380 -21.88 -58.35 15.84
N SER C 381 -20.95 -57.71 16.53
CA SER C 381 -20.18 -56.62 15.94
C SER C 381 -18.77 -56.63 16.51
N ILE C 382 -17.86 -56.03 15.75
CA ILE C 382 -16.47 -55.88 16.20
C ILE C 382 -16.38 -54.68 17.13
N THR C 383 -15.82 -54.91 18.32
CA THR C 383 -15.69 -53.90 19.35
C THR C 383 -14.23 -53.50 19.46
N LEU C 384 -13.92 -52.26 19.11
CA LEU C 384 -12.58 -51.71 19.28
C LEU C 384 -12.51 -50.98 20.61
N PRO C 385 -11.77 -51.48 21.61
CA PRO C 385 -11.59 -50.70 22.84
C PRO C 385 -10.47 -49.68 22.66
N CYS C 386 -10.64 -48.50 23.23
CA CYS C 386 -9.70 -47.44 22.90
C CYS C 386 -9.74 -46.30 23.91
N ARG C 387 -8.82 -45.35 23.72
CA ARG C 387 -8.41 -44.41 24.77
C ARG C 387 -8.76 -42.98 24.40
N ILE C 388 -8.74 -42.12 25.41
CA ILE C 388 -8.98 -40.70 25.27
C ILE C 388 -7.69 -39.97 25.64
N LYS C 389 -7.55 -38.75 25.10
CA LYS C 389 -6.41 -37.90 25.42
C LYS C 389 -6.87 -36.46 25.60
N GLN C 390 -6.05 -35.67 26.29
CA GLN C 390 -6.35 -34.28 26.60
C GLN C 390 -5.32 -33.29 26.06
N ILE C 391 -4.03 -33.61 26.08
CA ILE C 391 -2.97 -32.76 25.54
C ILE C 391 -2.79 -33.16 24.08
N ILE C 392 -3.06 -32.23 23.17
CA ILE C 392 -3.16 -32.51 21.75
C ILE C 392 -2.17 -31.66 20.98
N ASN C 393 -1.39 -32.30 20.11
CA ASN C 393 -0.60 -31.64 19.08
C ASN C 393 -1.30 -31.99 17.76
N MET C 394 -2.24 -31.15 17.34
CA MET C 394 -3.14 -31.46 16.24
C MET C 394 -2.37 -31.74 14.95
N TRP C 395 -1.67 -30.74 14.44
CA TRP C 395 -0.88 -30.91 13.23
C TRP C 395 0.52 -31.38 13.58
N GLN C 396 1.26 -31.83 12.56
CA GLN C 396 2.59 -32.38 12.78
C GLN C 396 3.58 -31.27 13.10
N ARG C 397 3.45 -30.71 14.29
CA ARG C 397 4.31 -29.62 14.76
C ARG C 397 4.73 -29.92 16.19
N ILE C 398 5.85 -29.31 16.58
CA ILE C 398 6.43 -29.48 17.91
C ILE C 398 6.57 -28.12 18.56
N GLY C 399 6.06 -27.99 19.78
CA GLY C 399 6.13 -26.76 20.55
C GLY C 399 4.80 -26.12 20.88
N GLN C 400 3.67 -26.68 20.45
CA GLN C 400 2.36 -26.12 20.75
C GLN C 400 1.38 -27.25 21.01
N CYS C 401 0.65 -27.17 22.12
CA CYS C 401 -0.36 -28.14 22.51
C CYS C 401 -1.75 -27.58 22.19
N MET C 402 -2.77 -28.30 22.65
CA MET C 402 -4.09 -27.72 22.84
C MET C 402 -4.78 -28.55 23.93
N TYR C 403 -4.80 -28.02 25.15
CA TYR C 403 -5.42 -28.73 26.26
C TYR C 403 -6.94 -28.68 26.10
N ALA C 404 -7.56 -29.85 25.97
CA ALA C 404 -9.00 -29.94 25.78
C ALA C 404 -9.68 -29.97 27.14
N PRO C 405 -10.55 -29.02 27.49
CA PRO C 405 -11.24 -29.11 28.77
C PRO C 405 -12.14 -30.33 28.80
N PRO C 406 -12.36 -30.91 29.98
CA PRO C 406 -13.19 -32.12 30.06
C PRO C 406 -14.64 -31.84 29.71
N ILE C 407 -15.30 -32.86 29.19
CA ILE C 407 -16.72 -32.80 28.85
C ILE C 407 -17.50 -33.46 29.97
N GLN C 408 -18.70 -32.94 30.22
CA GLN C 408 -19.56 -33.40 31.31
C GLN C 408 -20.53 -34.45 30.79
N GLY C 409 -20.52 -35.62 31.43
CA GLY C 409 -21.49 -36.66 31.14
C GLY C 409 -21.03 -37.63 30.06
N VAL C 410 -21.84 -38.68 29.90
CA VAL C 410 -21.59 -39.69 28.88
C VAL C 410 -21.67 -39.05 27.50
N ILE C 411 -20.85 -39.56 26.57
CA ILE C 411 -20.87 -39.05 25.20
C ILE C 411 -20.90 -40.22 24.22
N ARG C 412 -21.66 -40.05 23.15
CA ARG C 412 -21.80 -41.06 22.12
C ARG C 412 -21.92 -40.37 20.76
N CYS C 413 -21.40 -41.02 19.73
CA CYS C 413 -21.48 -40.49 18.38
C CYS C 413 -21.56 -41.65 17.39
N VAL C 414 -22.13 -41.37 16.22
CA VAL C 414 -22.27 -42.32 15.13
C VAL C 414 -21.79 -41.66 13.86
N SER C 415 -21.04 -42.41 13.04
CA SER C 415 -20.41 -41.86 11.86
C SER C 415 -20.42 -42.88 10.73
N ASN C 416 -20.17 -42.38 9.52
CA ASN C 416 -20.05 -43.20 8.32
C ASN C 416 -18.58 -43.36 7.97
N ILE C 417 -18.19 -44.59 7.65
CA ILE C 417 -16.89 -44.87 7.04
C ILE C 417 -17.12 -44.98 5.53
N THR C 418 -16.38 -44.18 4.76
CA THR C 418 -16.58 -44.08 3.32
C THR C 418 -15.25 -44.12 2.57
N GLY C 419 -14.20 -44.63 3.19
CA GLY C 419 -12.92 -44.73 2.51
C GLY C 419 -11.82 -45.17 3.45
N LEU C 420 -10.70 -45.53 2.84
CA LEU C 420 -9.52 -46.02 3.55
C LEU C 420 -8.26 -45.45 2.91
N ILE C 421 -7.21 -45.38 3.72
CA ILE C 421 -5.86 -45.06 3.27
C ILE C 421 -5.00 -46.26 3.60
N LEU C 422 -4.51 -46.94 2.56
CA LEU C 422 -3.73 -48.16 2.70
C LEU C 422 -2.30 -47.94 2.21
N THR C 423 -1.43 -48.87 2.57
CA THR C 423 -0.05 -48.86 2.11
C THR C 423 0.41 -50.31 1.92
N ARG C 424 1.11 -50.55 0.82
CA ARG C 424 1.58 -51.89 0.50
C ARG C 424 2.93 -52.14 1.17
N ASP C 425 3.02 -53.24 1.92
CA ASP C 425 4.25 -53.60 2.62
C ASP C 425 5.08 -54.53 1.75
N GLY C 426 6.36 -54.23 1.63
CA GLY C 426 7.25 -55.04 0.81
C GLY C 426 6.91 -54.95 -0.66
N GLY C 427 6.35 -56.02 -1.22
CA GLY C 427 5.95 -56.03 -2.61
C GLY C 427 6.99 -56.56 -3.57
N SER C 428 8.03 -57.22 -3.07
CA SER C 428 9.06 -57.76 -3.95
C SER C 428 8.51 -58.92 -4.77
N THR C 429 9.19 -59.20 -5.88
CA THR C 429 8.77 -60.28 -6.78
C THR C 429 9.03 -61.67 -6.22
N ASN C 430 9.73 -61.78 -5.08
CA ASN C 430 10.04 -63.09 -4.53
C ASN C 430 8.78 -63.86 -4.15
N SER C 431 7.82 -63.18 -3.53
CA SER C 431 6.59 -63.79 -3.06
C SER C 431 5.43 -63.44 -3.98
N THR C 432 4.37 -64.26 -3.90
CA THR C 432 3.15 -64.06 -4.66
C THR C 432 1.99 -63.59 -3.80
N THR C 433 2.27 -62.99 -2.65
CA THR C 433 1.27 -62.49 -1.73
C THR C 433 1.52 -61.02 -1.43
N GLU C 434 0.46 -60.23 -1.44
CA GLU C 434 0.52 -58.80 -1.17
C GLU C 434 -0.20 -58.52 0.14
N THR C 435 0.50 -57.85 1.06
CA THR C 435 -0.03 -57.48 2.36
C THR C 435 -0.16 -55.97 2.45
N PHE C 436 -1.36 -55.49 2.77
CA PHE C 436 -1.66 -54.08 2.91
C PHE C 436 -1.90 -53.75 4.36
N ARG C 437 -1.45 -52.56 4.78
CA ARG C 437 -1.59 -52.11 6.15
C ARG C 437 -2.17 -50.70 6.17
N PRO C 438 -2.88 -50.31 7.23
CA PRO C 438 -3.44 -48.96 7.27
C PRO C 438 -2.35 -47.90 7.38
N GLY C 439 -2.64 -46.72 6.85
CA GLY C 439 -1.72 -45.60 6.90
C GLY C 439 -2.38 -44.31 7.32
N GLY C 440 -1.71 -43.19 7.11
CA GLY C 440 -2.25 -41.90 7.47
C GLY C 440 -1.12 -40.94 7.83
N GLY C 441 -1.40 -40.08 8.81
CA GLY C 441 -0.44 -39.10 9.26
C GLY C 441 -0.56 -37.77 8.56
N ASP C 442 -0.31 -37.74 7.26
CA ASP C 442 -0.42 -36.50 6.49
C ASP C 442 -1.89 -36.17 6.26
N MET C 443 -2.28 -34.95 6.59
CA MET C 443 -3.66 -34.54 6.48
C MET C 443 -4.06 -34.10 5.08
N ARG C 444 -3.08 -33.83 4.20
CA ARG C 444 -3.42 -33.42 2.84
C ARG C 444 -4.25 -34.48 2.13
N ASP C 445 -3.95 -35.76 2.39
CA ASP C 445 -4.72 -36.84 1.80
C ASP C 445 -6.19 -36.76 2.17
N ASN C 446 -6.53 -36.23 3.35
CA ASN C 446 -7.93 -36.05 3.68
C ASN C 446 -8.59 -35.03 2.78
N TRP C 447 -7.87 -33.95 2.44
CA TRP C 447 -8.42 -32.96 1.51
C TRP C 447 -8.37 -33.44 0.07
N ARG C 448 -7.39 -34.29 -0.26
CA ARG C 448 -7.23 -34.74 -1.64
C ARG C 448 -8.42 -35.55 -2.12
N SER C 449 -9.00 -36.37 -1.25
CA SER C 449 -10.11 -37.24 -1.64
C SER C 449 -11.36 -36.46 -2.04
N GLU C 450 -11.45 -35.18 -1.71
CA GLU C 450 -12.63 -34.36 -2.03
C GLU C 450 -12.42 -33.44 -3.22
N LEU C 451 -11.21 -32.93 -3.42
CA LEU C 451 -10.91 -31.99 -4.50
C LEU C 451 -10.26 -32.67 -5.70
N TYR C 452 -10.55 -33.96 -5.91
CA TYR C 452 -9.92 -34.70 -7.00
C TYR C 452 -10.50 -34.35 -8.37
N LYS C 453 -11.74 -33.88 -8.43
CA LYS C 453 -12.43 -33.65 -9.69
C LYS C 453 -12.53 -32.17 -10.07
N TYR C 454 -11.79 -31.30 -9.39
CA TYR C 454 -11.84 -29.87 -9.63
C TYR C 454 -10.48 -29.36 -10.11
N LYS C 455 -10.51 -28.32 -10.95
CA LYS C 455 -9.28 -27.63 -11.33
C LYS C 455 -9.60 -26.18 -11.64
N VAL C 456 -8.56 -25.35 -11.65
CA VAL C 456 -8.67 -23.90 -11.83
C VAL C 456 -7.97 -23.54 -13.13
N VAL C 457 -8.60 -22.66 -13.91
CA VAL C 457 -8.02 -22.15 -15.15
C VAL C 457 -8.27 -20.64 -15.21
N LYS C 458 -7.48 -19.98 -16.07
CA LYS C 458 -7.59 -18.54 -16.30
C LYS C 458 -7.90 -18.29 -17.77
N ILE C 459 -8.81 -17.34 -18.01
CA ILE C 459 -9.32 -17.09 -19.36
C ILE C 459 -8.36 -16.19 -20.12
N GLU C 460 -8.27 -16.40 -21.43
CA GLU C 460 -7.47 -15.57 -22.34
C GLU C 460 -8.40 -15.04 -23.43
N PRO C 461 -8.90 -13.79 -23.30
CA PRO C 461 -9.95 -13.35 -24.24
C PRO C 461 -9.43 -12.89 -25.59
N LEU C 462 -8.23 -12.34 -25.64
CA LEU C 462 -7.70 -11.83 -26.89
C LEU C 462 -7.44 -12.95 -27.89
N GLY C 463 -7.78 -12.69 -29.15
CA GLY C 463 -7.54 -13.66 -30.21
C GLY C 463 -7.35 -12.97 -31.54
N VAL C 464 -6.64 -13.65 -32.44
CA VAL C 464 -6.35 -13.14 -33.78
C VAL C 464 -6.73 -14.22 -34.79
N ALA C 465 -7.47 -13.84 -35.82
CA ALA C 465 -7.92 -14.78 -36.84
C ALA C 465 -7.86 -14.12 -38.21
N PRO C 466 -7.81 -14.91 -39.28
CA PRO C 466 -7.78 -14.31 -40.62
C PRO C 466 -9.18 -14.08 -41.17
N THR C 467 -9.35 -12.93 -41.82
CA THR C 467 -10.64 -12.57 -42.39
C THR C 467 -10.42 -11.68 -43.60
N ARG C 468 -11.41 -11.66 -44.49
CA ARG C 468 -11.29 -10.90 -45.73
C ARG C 468 -11.43 -9.40 -45.52
N CYS C 469 -12.11 -8.98 -44.45
CA CYS C 469 -12.32 -7.56 -44.21
C CYS C 469 -11.00 -6.86 -43.93
N LYS C 470 -10.88 -5.63 -44.43
CA LYS C 470 -9.69 -4.81 -44.25
C LYS C 470 -10.10 -3.43 -43.74
N ARG C 471 -9.19 -2.79 -43.03
CA ARG C 471 -9.43 -1.46 -42.49
C ARG C 471 -9.31 -0.41 -43.57
N ALA D 1 -46.58 -19.34 -28.53
CA ALA D 1 -45.85 -18.20 -29.12
C ALA D 1 -45.81 -17.01 -28.16
N VAL D 2 -46.80 -16.93 -27.26
CA VAL D 2 -46.91 -15.85 -26.30
C VAL D 2 -46.99 -16.45 -24.90
N GLY D 3 -46.26 -15.86 -23.96
CA GLY D 3 -46.26 -16.31 -22.58
C GLY D 3 -45.18 -17.31 -22.24
N ILE D 4 -44.36 -17.73 -23.19
CA ILE D 4 -43.29 -18.70 -22.96
C ILE D 4 -41.98 -17.96 -22.78
N GLY D 5 -41.24 -18.30 -21.73
CA GLY D 5 -39.96 -17.69 -21.47
C GLY D 5 -38.82 -18.45 -22.12
N ALA D 6 -37.68 -17.77 -22.28
CA ALA D 6 -36.50 -18.33 -22.91
C ALA D 6 -35.28 -18.03 -22.05
N VAL D 7 -34.38 -19.01 -21.96
CA VAL D 7 -33.12 -18.89 -21.25
C VAL D 7 -32.01 -19.34 -22.19
N PHE D 8 -30.94 -18.55 -22.26
CA PHE D 8 -29.84 -18.76 -23.20
C PHE D 8 -28.61 -19.29 -22.46
N LEU D 9 -27.57 -19.58 -23.23
CA LEU D 9 -26.37 -20.21 -22.68
C LEU D 9 -25.65 -19.25 -21.73
N GLY D 10 -24.73 -19.81 -20.95
CA GLY D 10 -24.05 -19.12 -19.88
C GLY D 10 -22.68 -18.61 -20.28
N PHE D 11 -21.76 -18.64 -19.31
CA PHE D 11 -20.44 -18.03 -19.44
C PHE D 11 -19.61 -18.66 -20.57
N LEU D 12 -19.27 -19.93 -20.42
CA LEU D 12 -18.36 -20.63 -21.33
C LEU D 12 -19.06 -21.73 -22.12
N GLY D 13 -20.35 -21.57 -22.39
CA GLY D 13 -21.09 -22.61 -23.09
C GLY D 13 -20.57 -22.85 -24.50
N ALA D 14 -20.10 -21.80 -25.17
CA ALA D 14 -19.65 -21.89 -26.54
C ALA D 14 -18.19 -22.32 -26.67
N ALA D 15 -17.61 -22.92 -25.63
CA ALA D 15 -16.22 -23.36 -25.71
C ALA D 15 -16.05 -24.46 -26.76
N GLY D 16 -17.02 -25.35 -26.89
CA GLY D 16 -16.95 -26.45 -27.84
C GLY D 16 -17.52 -26.13 -29.20
N SER D 17 -18.20 -24.99 -29.33
CA SER D 17 -18.81 -24.61 -30.59
C SER D 17 -17.74 -24.16 -31.59
N THR D 18 -18.14 -24.07 -32.85
CA THR D 18 -17.22 -23.64 -33.90
C THR D 18 -16.86 -22.17 -33.72
N MET D 19 -15.81 -21.75 -34.43
CA MET D 19 -15.35 -20.37 -34.33
C MET D 19 -16.43 -19.39 -34.79
N GLY D 20 -17.09 -19.69 -35.90
CA GLY D 20 -18.14 -18.81 -36.39
C GLY D 20 -19.30 -18.71 -35.42
N ALA D 21 -19.73 -19.85 -34.86
CA ALA D 21 -20.81 -19.83 -33.88
C ALA D 21 -20.37 -19.19 -32.56
N ALA D 22 -19.12 -19.40 -32.15
CA ALA D 22 -18.64 -18.85 -30.89
C ALA D 22 -18.41 -17.34 -30.97
N SER D 23 -18.12 -16.81 -32.16
CA SER D 23 -17.88 -15.38 -32.32
C SER D 23 -19.14 -14.53 -32.16
N MET D 24 -20.32 -15.14 -32.10
CA MET D 24 -21.57 -14.41 -31.97
C MET D 24 -21.95 -14.14 -30.52
N THR D 25 -21.13 -14.57 -29.56
CA THR D 25 -21.43 -14.41 -28.14
C THR D 25 -20.17 -13.95 -27.39
N LEU D 26 -19.47 -12.96 -27.95
CA LEU D 26 -18.29 -12.45 -27.28
C LEU D 26 -18.64 -11.58 -26.08
N THR D 27 -19.82 -10.94 -26.11
CA THR D 27 -20.19 -10.02 -25.03
C THR D 27 -20.33 -10.76 -23.71
N VAL D 28 -20.95 -11.95 -23.71
CA VAL D 28 -21.19 -12.66 -22.46
C VAL D 28 -19.87 -12.98 -21.77
N GLN D 29 -18.85 -13.35 -22.53
CA GLN D 29 -17.55 -13.65 -21.97
C GLN D 29 -16.79 -12.39 -21.61
N ALA D 30 -16.96 -11.31 -22.40
CA ALA D 30 -16.27 -10.07 -22.09
C ALA D 30 -16.77 -9.45 -20.78
N ARG D 31 -18.06 -9.64 -20.46
CA ARG D 31 -18.63 -8.99 -19.28
C ARG D 31 -17.97 -9.44 -17.98
N ASN D 32 -17.62 -10.72 -17.86
CA ASN D 32 -17.14 -11.26 -16.59
C ASN D 32 -15.65 -11.04 -16.34
N LEU D 33 -14.92 -10.46 -17.30
CA LEU D 33 -13.50 -10.19 -17.05
C LEU D 33 -13.28 -9.16 -15.96
N LEU D 34 -14.30 -8.37 -15.61
CA LEU D 34 -14.19 -7.35 -14.56
C LEU D 34 -14.81 -7.80 -13.25
N SER D 35 -16.06 -8.26 -13.28
CA SER D 35 -16.74 -8.73 -12.08
C SER D 35 -17.97 -9.55 -12.44
N THR D 58 -6.73 -10.41 8.92
CA THR D 58 -6.27 -9.22 8.20
C THR D 58 -5.49 -9.61 6.96
N VAL D 59 -4.69 -10.67 7.07
CA VAL D 59 -3.86 -11.11 5.95
C VAL D 59 -4.73 -11.57 4.79
N TRP D 60 -5.87 -12.21 5.09
CA TRP D 60 -6.79 -12.62 4.04
C TRP D 60 -7.32 -11.41 3.29
N GLY D 61 -7.56 -10.31 3.99
CA GLY D 61 -7.91 -9.07 3.31
C GLY D 61 -6.82 -8.63 2.35
N ILE D 62 -5.56 -8.77 2.76
CA ILE D 62 -4.45 -8.41 1.88
C ILE D 62 -4.47 -9.27 0.63
N LYS D 63 -4.68 -10.58 0.80
CA LYS D 63 -4.70 -11.48 -0.36
C LYS D 63 -5.85 -11.15 -1.29
N GLN D 64 -7.05 -10.91 -0.74
CA GLN D 64 -8.20 -10.59 -1.58
C GLN D 64 -7.99 -9.27 -2.33
N LEU D 65 -7.45 -8.27 -1.64
CA LEU D 65 -7.20 -6.98 -2.29
C LEU D 65 -6.15 -7.12 -3.38
N GLN D 66 -5.12 -7.94 -3.13
CA GLN D 66 -4.12 -8.19 -4.17
C GLN D 66 -4.73 -8.86 -5.38
N ALA D 67 -5.62 -9.84 -5.15
CA ALA D 67 -6.27 -10.50 -6.28
C ALA D 67 -7.12 -9.52 -7.08
N ARG D 68 -7.88 -8.65 -6.39
CA ARG D 68 -8.69 -7.67 -7.09
C ARG D 68 -7.82 -6.71 -7.89
N VAL D 69 -6.72 -6.24 -7.30
CA VAL D 69 -5.82 -5.33 -8.00
C VAL D 69 -5.21 -6.01 -9.22
N LEU D 70 -4.86 -7.29 -9.09
CA LEU D 70 -4.32 -8.03 -10.22
C LEU D 70 -5.33 -8.15 -11.34
N ALA D 71 -6.58 -8.43 -11.00
CA ALA D 71 -7.62 -8.51 -12.03
C ALA D 71 -7.79 -7.17 -12.73
N VAL D 72 -7.82 -6.08 -11.97
CA VAL D 72 -7.96 -4.75 -12.57
C VAL D 72 -6.77 -4.45 -13.47
N GLU D 73 -5.56 -4.79 -13.02
CA GLU D 73 -4.37 -4.55 -13.83
C GLU D 73 -4.41 -5.35 -15.13
N ARG D 74 -4.84 -6.61 -15.07
CA ARG D 74 -4.95 -7.41 -16.28
C ARG D 74 -5.96 -6.82 -17.25
N TYR D 75 -7.11 -6.37 -16.74
CA TYR D 75 -8.10 -5.75 -17.61
C TYR D 75 -7.54 -4.50 -18.26
N LEU D 76 -6.86 -3.66 -17.48
CA LEU D 76 -6.29 -2.43 -18.03
C LEU D 76 -5.22 -2.73 -19.06
N ARG D 77 -4.39 -3.75 -18.82
CA ARG D 77 -3.36 -4.12 -19.79
C ARG D 77 -3.99 -4.59 -21.10
N ASP D 78 -5.04 -5.41 -21.01
CA ASP D 78 -5.72 -5.86 -22.22
C ASP D 78 -6.33 -4.69 -22.97
N GLN D 79 -6.94 -3.76 -22.25
CA GLN D 79 -7.55 -2.60 -22.89
C GLN D 79 -6.48 -1.74 -23.57
N GLN D 80 -5.34 -1.55 -22.92
CA GLN D 80 -4.26 -0.78 -23.53
C GLN D 80 -3.73 -1.46 -24.78
N LEU D 81 -3.58 -2.79 -24.73
CA LEU D 81 -3.12 -3.52 -25.90
C LEU D 81 -4.10 -3.37 -27.06
N LEU D 82 -5.40 -3.46 -26.77
CA LEU D 82 -6.39 -3.24 -27.82
C LEU D 82 -6.32 -1.82 -28.37
N GLY D 83 -6.18 -0.83 -27.48
CA GLY D 83 -6.19 0.55 -27.92
C GLY D 83 -4.99 0.92 -28.77
N ILE D 84 -3.82 0.36 -28.44
CA ILE D 84 -2.60 0.70 -29.17
C ILE D 84 -2.71 0.28 -30.63
N TRP D 85 -3.49 -0.76 -30.92
CA TRP D 85 -3.66 -1.23 -32.30
C TRP D 85 -4.74 -0.47 -33.06
N GLY D 86 -5.42 0.49 -32.43
CA GLY D 86 -6.48 1.22 -33.08
C GLY D 86 -7.85 0.58 -33.02
N CYS D 87 -7.98 -0.54 -32.32
CA CYS D 87 -9.26 -1.24 -32.17
C CYS D 87 -9.93 -0.92 -30.84
N SER D 88 -9.78 0.30 -30.34
CA SER D 88 -10.35 0.67 -29.06
C SER D 88 -11.87 0.67 -29.11
N GLY D 89 -12.49 0.13 -28.07
CA GLY D 89 -13.93 0.15 -27.96
C GLY D 89 -14.66 -0.74 -28.92
N LYS D 90 -14.01 -1.78 -29.44
CA LYS D 90 -14.61 -2.69 -30.40
C LYS D 90 -14.31 -4.13 -30.00
N LEU D 91 -15.29 -5.01 -30.19
CA LEU D 91 -15.09 -6.44 -29.98
C LEU D 91 -14.58 -7.13 -31.24
N ILE D 92 -14.95 -6.64 -32.41
CA ILE D 92 -14.43 -7.13 -33.70
C ILE D 92 -13.89 -5.92 -34.46
N CYS D 93 -12.65 -6.01 -34.90
CA CYS D 93 -11.97 -4.89 -35.55
C CYS D 93 -11.04 -5.40 -36.63
N CYS D 94 -11.34 -5.06 -37.88
CA CYS D 94 -10.46 -5.40 -38.99
C CYS D 94 -9.23 -4.51 -38.99
N THR D 95 -8.14 -5.01 -39.54
CA THR D 95 -6.86 -4.31 -39.60
C THR D 95 -6.34 -4.33 -41.03
N ASN D 96 -5.16 -3.74 -41.22
CA ASN D 96 -4.54 -3.60 -42.53
C ASN D 96 -3.35 -4.54 -42.74
N VAL D 97 -2.98 -5.34 -41.76
CA VAL D 97 -1.81 -6.21 -41.87
C VAL D 97 -2.18 -7.43 -42.70
N PRO D 98 -1.46 -7.74 -43.79
CA PRO D 98 -1.80 -8.95 -44.54
C PRO D 98 -1.48 -10.22 -43.78
N TRP D 99 -2.21 -11.29 -44.11
CA TRP D 99 -2.03 -12.58 -43.47
C TRP D 99 -0.93 -13.35 -44.20
N ASN D 100 0.21 -13.53 -43.53
CA ASN D 100 1.29 -14.32 -44.11
C ASN D 100 0.88 -15.78 -44.21
N SER D 101 1.22 -16.42 -45.33
CA SER D 101 0.90 -17.82 -45.54
C SER D 101 1.76 -18.74 -44.68
N SER D 102 2.88 -18.26 -44.16
CA SER D 102 3.71 -19.09 -43.29
C SER D 102 3.01 -19.41 -41.99
N TRP D 103 2.25 -18.45 -41.44
CA TRP D 103 1.57 -18.66 -40.17
C TRP D 103 0.56 -19.80 -40.26
N SER D 104 -0.22 -19.84 -41.34
CA SER D 104 -1.21 -20.88 -41.52
C SER D 104 -1.42 -21.10 -43.02
N ASN D 105 -1.89 -22.31 -43.36
CA ASN D 105 -2.11 -22.71 -44.73
C ASN D 105 -3.52 -23.23 -45.00
N ARG D 106 -4.43 -23.14 -44.03
CA ARG D 106 -5.78 -23.63 -44.20
C ARG D 106 -6.68 -22.55 -44.78
N ASN D 107 -7.74 -22.99 -45.45
CA ASN D 107 -8.70 -22.07 -46.06
C ASN D 107 -9.80 -21.72 -45.06
N LEU D 108 -10.63 -20.75 -45.44
CA LEU D 108 -11.69 -20.29 -44.57
C LEU D 108 -12.73 -21.36 -44.30
N SER D 109 -12.91 -22.30 -45.22
CA SER D 109 -13.90 -23.36 -45.02
C SER D 109 -13.53 -24.25 -43.83
N GLU D 110 -12.24 -24.51 -43.65
CA GLU D 110 -11.77 -25.42 -42.62
C GLU D 110 -11.44 -24.73 -41.30
N ILE D 111 -11.69 -23.42 -41.19
CA ILE D 111 -11.38 -22.63 -39.99
C ILE D 111 -12.64 -22.18 -39.28
N TRP D 112 -13.53 -21.48 -39.99
CA TRP D 112 -14.69 -20.85 -39.37
C TRP D 112 -15.91 -21.75 -39.31
N ASP D 113 -15.81 -22.99 -39.81
CA ASP D 113 -16.92 -23.94 -39.73
C ASP D 113 -16.46 -25.35 -39.39
N ASN D 114 -15.18 -25.55 -39.08
CA ASN D 114 -14.64 -26.87 -38.76
C ASN D 114 -13.83 -26.90 -37.48
N MET D 115 -13.21 -25.78 -37.08
CA MET D 115 -12.32 -25.72 -35.93
C MET D 115 -12.99 -24.97 -34.78
N THR D 116 -12.34 -25.02 -33.62
CA THR D 116 -12.74 -24.27 -32.45
C THR D 116 -11.59 -23.36 -32.03
N TRP D 117 -11.91 -22.43 -31.12
CA TRP D 117 -10.93 -21.41 -30.74
C TRP D 117 -9.73 -22.02 -30.02
N LEU D 118 -9.96 -23.02 -29.17
CA LEU D 118 -8.86 -23.63 -28.42
C LEU D 118 -7.86 -24.27 -29.36
N GLN D 119 -8.36 -25.03 -30.34
CA GLN D 119 -7.48 -25.66 -31.31
C GLN D 119 -6.73 -24.62 -32.14
N TRP D 120 -7.42 -23.53 -32.50
CA TRP D 120 -6.76 -22.47 -33.26
C TRP D 120 -5.62 -21.84 -32.46
N ASP D 121 -5.86 -21.58 -31.17
CA ASP D 121 -4.80 -21.02 -30.33
C ASP D 121 -3.64 -22.01 -30.22
N LYS D 122 -3.95 -23.30 -30.04
CA LYS D 122 -2.89 -24.30 -29.95
C LYS D 122 -2.08 -24.35 -31.23
N GLU D 123 -2.72 -24.12 -32.38
CA GLU D 123 -2.02 -24.19 -33.65
C GLU D 123 -1.18 -22.94 -33.89
N ILE D 124 -1.66 -21.78 -33.44
CA ILE D 124 -1.08 -20.49 -33.83
C ILE D 124 -0.18 -19.89 -32.75
N SER D 125 -0.20 -20.42 -31.53
CA SER D 125 0.46 -19.78 -30.38
C SER D 125 1.94 -19.48 -30.61
N ASN D 126 2.58 -20.08 -31.60
CA ASN D 126 4.01 -19.84 -31.85
C ASN D 126 4.27 -18.59 -32.68
N TYR D 127 3.23 -17.91 -33.17
CA TYR D 127 3.40 -16.74 -34.04
C TYR D 127 2.57 -15.56 -33.54
N THR D 128 2.66 -15.25 -32.24
CA THR D 128 1.84 -14.23 -31.62
C THR D 128 2.50 -12.86 -31.54
N GLN D 129 3.75 -12.80 -31.07
CA GLN D 129 4.38 -11.50 -30.81
C GLN D 129 4.62 -10.72 -32.10
N ILE D 130 5.04 -11.41 -33.16
CA ILE D 130 5.36 -10.72 -34.42
C ILE D 130 4.12 -10.05 -34.99
N ILE D 131 2.96 -10.70 -34.86
CA ILE D 131 1.72 -10.10 -35.35
C ILE D 131 1.40 -8.85 -34.54
N TYR D 132 1.63 -8.90 -33.23
CA TYR D 132 1.40 -7.72 -32.39
C TYR D 132 2.29 -6.57 -32.81
N GLY D 133 3.58 -6.85 -33.06
CA GLY D 133 4.48 -5.79 -33.51
C GLY D 133 4.07 -5.21 -34.85
N LEU D 134 3.66 -6.08 -35.78
CA LEU D 134 3.19 -5.62 -37.08
C LEU D 134 1.97 -4.72 -36.93
N LEU D 135 1.03 -5.11 -36.05
CA LEU D 135 -0.15 -4.27 -35.82
C LEU D 135 0.25 -2.93 -35.25
N GLU D 136 1.19 -2.92 -34.29
CA GLU D 136 1.63 -1.66 -33.69
C GLU D 136 2.23 -0.73 -34.74
N GLU D 137 3.15 -1.26 -35.56
CA GLU D 137 3.80 -0.41 -36.56
C GLU D 137 2.80 0.06 -37.60
N SER D 138 1.86 -0.80 -38.00
CA SER D 138 0.85 -0.40 -38.97
C SER D 138 -0.02 0.72 -38.43
N GLN D 139 -0.44 0.61 -37.17
CA GLN D 139 -1.28 1.65 -36.58
C GLN D 139 -0.51 2.97 -36.46
N ASN D 140 0.77 2.89 -36.07
CA ASN D 140 1.57 4.12 -35.98
C ASN D 140 1.72 4.77 -37.35
N GLN D 141 1.98 3.97 -38.39
CA GLN D 141 2.09 4.52 -39.73
C GLN D 141 0.78 5.14 -40.18
N GLN D 142 -0.34 4.50 -39.88
CA GLN D 142 -1.64 5.05 -40.25
C GLN D 142 -1.89 6.38 -39.54
N GLU D 143 -1.53 6.46 -38.26
CA GLU D 143 -1.70 7.70 -37.51
C GLU D 143 -0.86 8.82 -38.13
N LYS D 144 0.40 8.51 -38.46
CA LYS D 144 1.26 9.52 -39.07
C LYS D 144 0.71 9.97 -40.43
N ASN D 145 0.22 9.02 -41.23
CA ASN D 145 -0.33 9.37 -42.53
C ASN D 145 -1.58 10.25 -42.38
N GLU D 146 -2.43 9.94 -41.40
CA GLU D 146 -3.61 10.76 -41.17
C GLU D 146 -3.21 12.17 -40.73
N GLN D 147 -2.21 12.27 -39.85
CA GLN D 147 -1.75 13.59 -39.42
C GLN D 147 -1.20 14.39 -40.61
N ASP D 148 -0.44 13.73 -41.49
CA ASP D 148 0.05 14.42 -42.68
C ASP D 148 -1.09 14.85 -43.58
N LEU D 149 -2.11 14.01 -43.73
CA LEU D 149 -3.25 14.34 -44.59
C LEU D 149 -4.00 15.55 -44.06
N LEU D 150 -4.24 15.60 -42.75
CA LEU D 150 -5.00 16.69 -42.18
C LEU D 150 -4.24 18.02 -42.22
N ALA D 151 -2.93 17.99 -42.45
CA ALA D 151 -2.15 19.22 -42.50
C ALA D 151 -2.51 20.09 -43.70
N LEU D 152 -3.09 19.52 -44.76
CA LEU D 152 -3.45 20.29 -45.94
C LEU D 152 -4.73 21.08 -45.69
N ALA E 1 -1.36 34.89 -39.11
CA ALA E 1 -0.37 34.43 -40.10
C ALA E 1 0.22 33.10 -39.68
N GLU E 2 0.42 32.91 -38.38
CA GLU E 2 0.97 31.66 -37.88
C GLU E 2 0.05 30.48 -38.18
N ASN E 3 -1.25 30.67 -37.99
CA ASN E 3 -2.29 29.66 -38.18
C ASN E 3 -1.90 28.29 -37.64
N LEU E 4 -1.23 28.28 -36.49
CA LEU E 4 -0.85 27.05 -35.81
C LEU E 4 -1.94 26.66 -34.81
N TRP E 5 -2.00 25.36 -34.51
CA TRP E 5 -3.07 24.80 -33.69
C TRP E 5 -2.49 23.88 -32.62
N VAL E 6 -3.20 23.79 -31.50
CA VAL E 6 -2.75 22.95 -30.39
C VAL E 6 -2.87 21.47 -30.78
N THR E 7 -1.88 20.68 -30.39
CA THR E 7 -1.85 19.26 -30.67
C THR E 7 -1.31 18.51 -29.47
N VAL E 8 -1.94 17.39 -29.15
CA VAL E 8 -1.69 16.64 -27.92
C VAL E 8 -0.86 15.41 -28.26
N TYR E 9 0.18 15.18 -27.46
CA TYR E 9 1.03 14.00 -27.57
C TYR E 9 1.04 13.27 -26.24
N TYR E 10 0.94 11.94 -26.30
CA TYR E 10 0.96 11.08 -25.13
C TYR E 10 2.20 10.18 -25.21
N GLY E 11 2.99 10.19 -24.14
CA GLY E 11 4.22 9.41 -24.12
C GLY E 11 5.46 10.27 -24.31
N VAL E 12 5.36 11.55 -23.95
CA VAL E 12 6.48 12.47 -24.14
C VAL E 12 7.57 12.15 -23.13
N PRO E 13 8.86 12.11 -23.51
CA PRO E 13 9.92 11.79 -22.52
C PRO E 13 10.37 12.98 -21.69
N VAL E 14 9.59 13.27 -20.64
CA VAL E 14 9.93 14.30 -19.65
C VAL E 14 9.69 13.73 -18.27
N TRP E 15 10.31 14.37 -17.28
CA TRP E 15 10.22 13.86 -15.91
C TRP E 15 10.34 15.03 -14.93
N LYS E 16 9.93 14.76 -13.69
CA LYS E 16 10.00 15.74 -12.61
C LYS E 16 10.47 15.03 -11.34
N ASP E 17 11.06 15.82 -10.44
CA ASP E 17 11.49 15.29 -9.15
C ASP E 17 10.30 14.84 -8.33
N ALA E 18 10.44 13.71 -7.64
CA ALA E 18 9.34 13.14 -6.89
C ALA E 18 9.90 12.19 -5.84
N GLU E 19 9.05 11.83 -4.88
CA GLU E 19 9.36 10.87 -3.84
C GLU E 19 8.35 9.73 -3.87
N THR E 20 8.84 8.50 -3.71
CA THR E 20 7.99 7.32 -3.77
C THR E 20 8.60 6.25 -2.88
N THR E 21 7.96 5.09 -2.84
CA THR E 21 8.38 3.96 -2.02
C THR E 21 8.95 2.88 -2.93
N LEU E 22 10.24 2.59 -2.79
CA LEU E 22 10.88 1.52 -3.53
C LEU E 22 10.67 0.18 -2.82
N PHE E 23 11.09 -0.90 -3.48
CA PHE E 23 10.88 -2.25 -2.98
C PHE E 23 12.12 -3.09 -3.24
N CYS E 24 12.05 -4.34 -2.81
CA CYS E 24 13.20 -5.25 -2.79
C CYS E 24 13.56 -5.76 -4.19
N ALA E 25 14.83 -6.15 -4.32
CA ALA E 25 15.26 -7.08 -5.35
C ALA E 25 16.59 -7.66 -4.91
N SER E 26 16.63 -8.98 -4.69
CA SER E 26 17.81 -9.66 -4.21
C SER E 26 18.02 -10.95 -5.01
N ASP E 27 19.27 -11.39 -5.08
CA ASP E 27 19.61 -12.61 -5.81
C ASP E 27 18.95 -13.82 -5.17
N HIS E 36 18.91 -18.25 7.12
CA HIS E 36 18.32 -17.25 8.01
C HIS E 36 19.29 -16.10 8.24
N ASN E 37 18.80 -14.87 8.05
CA ASN E 37 19.59 -13.68 8.28
C ASN E 37 18.69 -12.59 8.84
N VAL E 38 19.32 -11.61 9.50
CA VAL E 38 18.55 -10.52 10.08
C VAL E 38 17.90 -9.68 8.99
N TRP E 39 18.58 -9.52 7.85
CA TRP E 39 18.04 -8.76 6.72
C TRP E 39 17.28 -9.73 5.83
N ALA E 40 15.99 -9.88 6.14
CA ALA E 40 15.16 -10.91 5.53
C ALA E 40 15.03 -10.72 4.02
N THR E 41 15.58 -11.67 3.26
CA THR E 41 15.42 -11.70 1.82
C THR E 41 14.26 -12.57 1.37
N HIS E 42 13.56 -13.23 2.31
CA HIS E 42 12.42 -14.07 1.94
C HIS E 42 11.30 -13.24 1.33
N ALA E 43 11.02 -12.06 1.90
CA ALA E 43 9.99 -11.17 1.41
C ALA E 43 10.49 -10.22 0.33
N CYS E 44 11.56 -10.58 -0.36
CA CYS E 44 12.19 -9.72 -1.35
C CYS E 44 12.09 -10.37 -2.73
N VAL E 45 11.71 -9.58 -3.72
CA VAL E 45 11.49 -10.02 -5.09
C VAL E 45 12.82 -10.55 -5.63
N PRO E 46 12.85 -11.55 -6.53
CA PRO E 46 14.14 -11.99 -7.06
C PRO E 46 14.61 -11.12 -8.23
N THR E 47 15.88 -10.73 -8.16
CA THR E 47 16.44 -9.81 -9.14
C THR E 47 16.58 -10.47 -10.50
N ASP E 48 16.41 -9.67 -11.54
CA ASP E 48 16.59 -10.16 -12.90
C ASP E 48 18.08 -10.42 -13.16
N PRO E 49 18.45 -11.55 -13.78
CA PRO E 49 19.87 -11.80 -14.02
C PRO E 49 20.50 -10.86 -15.03
N ASN E 50 19.70 -10.14 -15.83
CA ASN E 50 20.19 -9.31 -16.93
C ASN E 50 19.63 -7.91 -16.77
N PRO E 51 20.20 -7.10 -15.86
CA PRO E 51 19.73 -5.72 -15.73
C PRO E 51 20.03 -4.91 -16.98
N GLN E 52 19.17 -3.91 -17.23
CA GLN E 52 19.26 -3.06 -18.41
C GLN E 52 19.50 -1.63 -17.98
N GLU E 53 20.46 -0.98 -18.64
CA GLU E 53 20.81 0.42 -18.38
C GLU E 53 20.79 1.18 -19.70
N ILE E 54 20.14 2.34 -19.71
CA ILE E 54 19.96 3.15 -20.92
C ILE E 54 20.71 4.46 -20.72
N HIS E 55 21.75 4.68 -21.52
CA HIS E 55 22.55 5.89 -21.42
C HIS E 55 21.81 7.06 -22.06
N LEU E 56 21.45 8.07 -21.27
CA LEU E 56 20.74 9.23 -21.76
C LEU E 56 21.75 10.23 -22.30
N GLU E 57 21.88 10.31 -23.62
CA GLU E 57 22.80 11.23 -24.25
C GLU E 57 22.19 12.63 -24.30
N ASN E 58 23.05 13.65 -24.19
CA ASN E 58 22.66 15.06 -24.23
C ASN E 58 21.77 15.46 -23.06
N VAL E 59 21.77 14.69 -21.98
CA VAL E 59 20.96 14.98 -20.80
C VAL E 59 21.89 15.37 -19.66
N THR E 60 21.70 16.58 -19.14
CA THR E 60 22.42 17.07 -17.97
C THR E 60 21.43 17.23 -16.83
N GLU E 61 21.68 16.54 -15.72
CA GLU E 61 20.77 16.51 -14.59
C GLU E 61 21.38 17.26 -13.42
N GLU E 62 20.57 17.48 -12.38
CA GLU E 62 21.01 18.12 -11.14
C GLU E 62 20.93 17.09 -10.02
N PHE E 63 21.99 17.01 -9.22
CA PHE E 63 22.09 16.03 -8.14
C PHE E 63 22.48 16.71 -6.84
N ASN E 64 22.03 16.12 -5.74
CA ASN E 64 22.34 16.65 -4.40
C ASN E 64 22.24 15.47 -3.43
N MET E 65 23.40 14.98 -2.98
CA MET E 65 23.43 13.83 -2.09
C MET E 65 22.82 14.12 -0.71
N TRP E 66 22.88 15.38 -0.26
CA TRP E 66 22.49 15.73 1.09
C TRP E 66 20.98 15.93 1.24
N LYS E 67 20.21 15.82 0.16
CA LYS E 67 18.76 15.95 0.21
C LYS E 67 18.05 14.70 -0.33
N ASN E 68 18.77 13.60 -0.48
CA ASN E 68 18.19 12.38 -1.01
C ASN E 68 17.19 11.78 -0.02
N ASN E 69 16.05 11.35 -0.54
CA ASN E 69 15.04 10.67 0.27
C ASN E 69 15.27 9.16 0.38
N MET E 70 16.11 8.59 -0.48
CA MET E 70 16.35 7.15 -0.43
C MET E 70 17.07 6.75 0.85
N VAL E 71 17.90 7.64 1.40
CA VAL E 71 18.63 7.33 2.62
C VAL E 71 17.67 7.12 3.79
N GLU E 72 16.68 8.00 3.91
CA GLU E 72 15.71 7.87 5.00
C GLU E 72 14.91 6.57 4.86
N GLN E 73 14.50 6.24 3.64
CA GLN E 73 13.76 5.00 3.42
C GLN E 73 14.61 3.80 3.77
N MET E 74 15.88 3.79 3.36
CA MET E 74 16.76 2.68 3.68
C MET E 74 16.95 2.54 5.18
N HIS E 75 17.13 3.66 5.89
CA HIS E 75 17.28 3.62 7.33
C HIS E 75 16.03 3.04 7.99
N THR E 76 14.84 3.49 7.55
CA THR E 76 13.61 3.00 8.13
C THR E 76 13.42 1.51 7.87
N ASP E 77 13.71 1.06 6.65
CA ASP E 77 13.57 -0.37 6.34
C ASP E 77 14.55 -1.21 7.15
N ILE E 78 15.79 -0.73 7.30
CA ILE E 78 16.78 -1.47 8.07
C ILE E 78 16.33 -1.61 9.52
N ILE E 79 15.85 -0.50 10.11
CA ILE E 79 15.40 -0.55 11.49
C ILE E 79 14.21 -1.47 11.63
N SER E 80 13.26 -1.41 10.69
CA SER E 80 12.08 -2.25 10.75
C SER E 80 12.45 -3.73 10.64
N LEU E 81 13.37 -4.06 9.74
CA LEU E 81 13.81 -5.45 9.61
C LEU E 81 14.51 -5.93 10.88
N TRP E 82 15.35 -5.08 11.47
CA TRP E 82 16.02 -5.44 12.72
C TRP E 82 15.00 -5.71 13.82
N ASP E 83 13.99 -4.84 13.93
CA ASP E 83 12.96 -5.04 14.95
C ASP E 83 12.16 -6.32 14.69
N GLN E 84 11.86 -6.59 13.42
CA GLN E 84 11.09 -7.78 13.08
C GLN E 84 11.87 -9.05 13.41
N SER E 85 13.19 -9.05 13.19
CA SER E 85 13.97 -10.28 13.36
C SER E 85 13.94 -10.75 14.81
N LEU E 86 13.97 -9.82 15.76
CA LEU E 86 14.10 -10.19 17.16
C LEU E 86 12.78 -10.57 17.82
N LYS E 87 11.65 -10.44 17.12
CA LYS E 87 10.36 -10.68 17.77
C LYS E 87 10.19 -12.11 18.27
N PRO E 88 10.47 -13.18 17.48
CA PRO E 88 10.31 -14.55 17.97
C PRO E 88 11.56 -15.10 18.64
N CYS E 89 11.95 -14.49 19.77
CA CYS E 89 13.13 -14.91 20.51
C CYS E 89 12.88 -14.73 22.00
N VAL E 90 13.71 -15.38 22.81
CA VAL E 90 13.51 -15.41 24.24
C VAL E 90 13.74 -14.03 24.84
N LYS E 91 12.95 -13.69 25.86
CA LYS E 91 13.10 -12.46 26.62
C LYS E 91 13.72 -12.80 27.97
N LEU E 92 14.80 -12.11 28.31
CA LEU E 92 15.56 -12.40 29.53
C LEU E 92 15.07 -11.51 30.67
N THR E 93 13.85 -11.81 31.12
CA THR E 93 13.27 -11.15 32.28
C THR E 93 13.80 -11.73 33.59
N PRO E 94 13.88 -13.06 33.76
CA PRO E 94 14.35 -13.59 35.05
C PRO E 94 15.81 -13.29 35.36
N LEU E 95 16.59 -12.77 34.42
CA LEU E 95 18.01 -12.56 34.61
C LEU E 95 18.33 -11.40 35.54
N CYS E 96 17.35 -10.58 35.91
CA CYS E 96 17.57 -9.45 36.82
C CYS E 96 17.51 -9.98 38.25
N VAL E 97 18.66 -10.45 38.74
CA VAL E 97 18.80 -10.99 40.08
C VAL E 97 20.10 -10.46 40.68
N THR E 98 20.30 -10.73 41.96
CA THR E 98 21.50 -10.30 42.67
C THR E 98 22.62 -11.31 42.41
N LEU E 99 23.62 -10.88 41.65
CA LEU E 99 24.75 -11.73 41.31
C LEU E 99 25.87 -11.56 42.33
N GLN E 100 26.51 -12.69 42.68
CA GLN E 100 27.68 -12.69 43.56
C GLN E 100 28.89 -12.99 42.69
N CYS E 101 29.78 -11.99 42.56
CA CYS E 101 30.85 -12.03 41.58
C CYS E 101 32.21 -12.00 42.24
N THR E 102 33.17 -12.67 41.60
CA THR E 102 34.58 -12.66 42.00
C THR E 102 35.43 -12.39 40.78
N ASN E 103 36.71 -12.13 41.01
CA ASN E 103 37.64 -11.86 39.93
C ASN E 103 38.15 -13.16 39.32
N VAL E 104 38.52 -13.07 38.04
CA VAL E 104 39.10 -14.18 37.30
C VAL E 104 40.59 -13.89 37.15
N THR E 105 41.42 -14.75 37.75
CA THR E 105 42.87 -14.57 37.77
C THR E 105 43.57 -15.89 37.46
N ASN E 106 43.08 -16.61 36.45
CA ASN E 106 43.65 -17.88 36.02
C ASN E 106 44.24 -17.69 34.62
N ASN E 107 45.56 -17.54 34.55
CA ASN E 107 46.28 -17.38 33.29
C ASN E 107 45.77 -16.17 32.52
N ILE E 108 45.96 -15.00 33.12
CA ILE E 108 45.55 -13.72 32.54
C ILE E 108 46.77 -12.83 32.39
N THR E 109 46.83 -12.10 31.28
CA THR E 109 47.92 -11.17 31.04
C THR E 109 47.70 -9.90 31.86
N ASP E 110 48.67 -8.99 31.80
CA ASP E 110 48.59 -7.76 32.57
C ASP E 110 47.49 -6.84 32.08
N ASP E 111 47.18 -6.86 30.78
CA ASP E 111 46.17 -5.97 30.21
C ASP E 111 44.74 -6.50 30.34
N MET E 112 44.56 -7.74 30.78
CA MET E 112 43.25 -8.36 30.92
C MET E 112 42.93 -8.60 32.40
N ARG E 113 43.41 -7.70 33.27
CA ARG E 113 43.18 -7.81 34.70
C ARG E 113 41.90 -7.07 35.06
N GLY E 114 40.94 -7.78 35.65
CA GLY E 114 39.68 -7.18 36.04
C GLY E 114 38.66 -7.04 34.93
N GLU E 115 38.96 -7.53 33.73
CA GLU E 115 38.05 -7.42 32.59
C GLU E 115 36.97 -8.49 32.59
N LEU E 116 37.12 -9.54 33.40
CA LEU E 116 36.15 -10.65 33.45
C LEU E 116 35.76 -10.90 34.90
N LYS E 117 34.47 -11.17 35.10
CA LYS E 117 33.90 -11.43 36.42
C LYS E 117 33.22 -12.79 36.41
N ASN E 118 33.57 -13.62 37.39
CA ASN E 118 32.96 -14.94 37.57
C ASN E 118 31.80 -14.77 38.54
N CYS E 119 30.57 -14.83 38.03
CA CYS E 119 29.37 -14.48 38.79
C CYS E 119 28.46 -15.68 38.95
N SER E 120 28.08 -15.98 40.18
CA SER E 120 27.12 -17.02 40.51
C SER E 120 25.83 -16.39 40.98
N PHE E 121 24.71 -17.08 40.70
CA PHE E 121 23.39 -16.56 41.05
C PHE E 121 22.41 -17.72 41.08
N ASN E 122 21.18 -17.40 41.49
CA ASN E 122 20.05 -18.32 41.45
C ASN E 122 19.22 -18.03 40.21
N MET E 123 18.67 -19.09 39.63
CA MET E 123 17.85 -18.99 38.43
C MET E 123 16.66 -19.93 38.53
N THR E 124 15.59 -19.58 37.83
CA THR E 124 14.41 -20.42 37.77
C THR E 124 14.69 -21.66 36.92
N THR E 125 13.68 -22.51 36.77
CA THR E 125 13.80 -23.73 35.99
C THR E 125 12.47 -23.98 35.28
N GLU E 126 12.36 -25.17 34.67
CA GLU E 126 11.16 -25.51 33.92
C GLU E 126 9.94 -25.55 34.83
N LEU E 127 10.08 -26.16 36.01
CA LEU E 127 8.97 -26.22 36.95
C LEU E 127 8.79 -24.90 37.67
N ARG E 128 7.56 -24.62 38.07
CA ARG E 128 7.21 -23.39 38.78
C ARG E 128 7.33 -23.54 40.31
N ASP E 129 8.08 -24.53 40.77
CA ASP E 129 8.23 -24.78 42.21
C ASP E 129 9.71 -24.78 42.59
N LYS E 130 10.56 -25.34 41.72
CA LYS E 130 11.96 -25.55 42.03
C LYS E 130 12.80 -24.37 41.55
N LYS E 131 14.04 -24.32 42.06
CA LYS E 131 15.02 -23.32 41.66
C LYS E 131 16.36 -24.04 41.44
N GLN E 132 17.30 -23.32 40.82
CA GLN E 132 18.63 -23.85 40.57
C GLN E 132 19.67 -22.77 40.84
N LYS E 133 20.91 -23.21 41.05
CA LYS E 133 22.05 -22.32 41.21
C LYS E 133 22.98 -22.49 40.02
N VAL E 134 23.35 -21.38 39.39
CA VAL E 134 24.17 -21.40 38.18
C VAL E 134 25.25 -20.33 38.30
N TYR E 135 26.19 -20.36 37.36
CA TYR E 135 27.28 -19.40 37.32
C TYR E 135 27.66 -19.15 35.86
N SER E 136 28.33 -18.02 35.63
CA SER E 136 28.72 -17.61 34.29
C SER E 136 29.88 -16.64 34.40
N LEU E 137 30.40 -16.25 33.24
CA LEU E 137 31.46 -15.25 33.12
C LEU E 137 30.89 -14.05 32.38
N PHE E 138 30.99 -12.87 33.01
CA PHE E 138 30.51 -11.63 32.44
C PHE E 138 31.66 -10.67 32.23
N TYR E 139 31.43 -9.67 31.37
CA TYR E 139 32.42 -8.65 31.11
C TYR E 139 32.25 -7.49 32.08
N ARG E 140 33.35 -6.77 32.33
CA ARG E 140 33.32 -5.66 33.28
C ARG E 140 32.40 -4.54 32.82
N LEU E 141 32.10 -4.45 31.52
CA LEU E 141 31.24 -3.42 30.97
C LEU E 141 29.77 -3.77 31.07
N ASP E 142 29.41 -4.96 31.55
CA ASP E 142 28.03 -5.42 31.60
C ASP E 142 27.47 -5.52 33.01
N VAL E 143 28.29 -5.40 34.05
CA VAL E 143 27.87 -5.55 35.43
C VAL E 143 28.25 -4.30 36.20
N VAL E 144 27.32 -3.79 36.99
CA VAL E 144 27.51 -2.59 37.81
C VAL E 144 27.30 -2.98 39.27
N GLN E 145 28.16 -2.46 40.14
CA GLN E 145 28.07 -2.79 41.56
C GLN E 145 26.79 -2.22 42.17
N ILE E 146 26.23 -2.98 43.10
CA ILE E 146 24.99 -2.61 43.77
C ILE E 146 25.30 -1.88 45.07
N LYS E 159 30.56 -6.92 46.79
CA LYS E 159 30.64 -8.23 46.14
C LYS E 159 29.35 -8.60 45.40
N GLU E 160 28.35 -7.73 45.46
CA GLU E 160 27.06 -7.95 44.81
C GLU E 160 26.93 -6.99 43.63
N TYR E 161 26.75 -7.55 42.45
CA TYR E 161 26.62 -6.79 41.20
C TYR E 161 25.24 -7.02 40.61
N ARG E 162 24.93 -6.27 39.54
CA ARG E 162 23.70 -6.47 38.80
C ARG E 162 23.94 -6.06 37.35
N LEU E 163 23.11 -6.59 36.45
CA LEU E 163 23.23 -6.23 35.05
C LEU E 163 22.94 -4.75 34.85
N ILE E 164 23.66 -4.15 33.90
CA ILE E 164 23.62 -2.71 33.71
C ILE E 164 22.22 -2.24 33.30
N ASN E 165 21.48 -3.07 32.58
CA ASN E 165 20.21 -2.66 32.00
C ASN E 165 19.01 -2.94 32.91
N CYS E 166 19.23 -3.45 34.13
CA CYS E 166 18.10 -3.87 34.95
C CYS E 166 17.20 -2.71 35.34
N ASN E 167 17.76 -1.50 35.48
CA ASN E 167 16.99 -0.33 35.89
C ASN E 167 16.43 0.46 34.71
N THR E 168 16.62 -0.03 33.48
CA THR E 168 16.11 0.63 32.28
C THR E 168 15.05 -0.19 31.57
N SER E 169 15.34 -1.44 31.23
CA SER E 169 14.41 -2.32 30.53
C SER E 169 14.95 -3.74 30.61
N ALA E 170 14.29 -4.66 29.92
CA ALA E 170 14.70 -6.06 29.85
C ALA E 170 15.12 -6.37 28.42
N CYS E 171 16.28 -7.01 28.28
CA CYS E 171 16.85 -7.32 26.98
C CYS E 171 16.30 -8.65 26.45
N THR E 172 16.23 -8.75 25.13
CA THR E 172 15.80 -9.96 24.45
C THR E 172 17.01 -10.66 23.85
N GLN E 173 17.20 -11.93 24.20
CA GLN E 173 18.33 -12.68 23.69
C GLN E 173 18.17 -12.91 22.19
N ALA E 174 19.23 -12.60 21.44
CA ALA E 174 19.22 -12.88 20.01
C ALA E 174 19.21 -14.37 19.78
N CYS E 175 18.35 -14.82 18.86
CA CYS E 175 18.26 -16.25 18.59
C CYS E 175 19.58 -16.74 17.98
N PRO E 176 20.09 -17.90 18.40
CA PRO E 176 21.44 -18.30 17.99
C PRO E 176 21.55 -18.83 16.57
N LYS E 177 20.47 -18.85 15.79
CA LYS E 177 20.51 -19.33 14.41
C LYS E 177 20.66 -18.20 13.39
N VAL E 178 20.02 -17.05 13.64
CA VAL E 178 20.08 -15.96 12.67
C VAL E 178 21.50 -15.39 12.63
N SER E 179 21.99 -15.15 11.42
CA SER E 179 23.33 -14.65 11.20
C SER E 179 23.30 -13.15 10.94
N PHE E 180 24.33 -12.45 11.42
CA PHE E 180 24.44 -11.00 11.30
C PHE E 180 25.19 -10.56 10.05
N GLU E 181 25.57 -11.49 9.19
CA GLU E 181 26.35 -11.14 8.00
C GLU E 181 25.51 -10.26 7.08
N PRO E 182 26.01 -9.10 6.63
CA PRO E 182 25.25 -8.31 5.66
C PRO E 182 25.09 -9.05 4.34
N ILE E 183 23.98 -8.78 3.66
CA ILE E 183 23.68 -9.37 2.36
C ILE E 183 23.34 -8.23 1.40
N PRO E 184 23.78 -8.28 0.13
CA PRO E 184 23.41 -7.19 -0.78
C PRO E 184 21.91 -7.13 -1.03
N ILE E 185 21.40 -5.91 -1.18
CA ILE E 185 20.00 -5.66 -1.49
C ILE E 185 19.93 -4.57 -2.55
N HIS E 186 18.99 -4.71 -3.48
CA HIS E 186 18.77 -3.72 -4.53
C HIS E 186 17.40 -3.08 -4.33
N TYR E 187 17.34 -1.77 -4.54
CA TYR E 187 16.14 -0.97 -4.29
C TYR E 187 15.53 -0.53 -5.60
N CYS E 188 14.40 -1.13 -5.98
CA CYS E 188 13.79 -0.88 -7.28
C CYS E 188 12.45 -0.17 -7.14
N ALA E 189 12.22 0.83 -8.06
CA ALA E 189 11.13 1.78 -8.06
C ALA E 189 9.87 1.17 -8.68
N PRO E 190 8.68 1.79 -8.46
CA PRO E 190 7.46 1.24 -9.07
C PRO E 190 7.29 1.65 -10.52
N ALA E 191 6.19 1.25 -11.14
CA ALA E 191 5.87 1.67 -12.50
C ALA E 191 5.50 3.14 -12.53
N GLY E 192 5.84 3.80 -13.63
CA GLY E 192 5.62 5.23 -13.77
C GLY E 192 6.72 6.11 -13.22
N PHE E 193 7.71 5.52 -12.55
CA PHE E 193 8.86 6.23 -12.03
C PHE E 193 10.13 5.66 -12.65
N ALA E 194 11.24 6.34 -12.42
CA ALA E 194 12.53 5.94 -12.98
C ALA E 194 13.64 6.34 -12.04
N ILE E 195 14.77 5.63 -12.15
CA ILE E 195 15.96 5.87 -11.35
C ILE E 195 17.07 6.32 -12.29
N LEU E 196 17.61 7.51 -12.02
CA LEU E 196 18.70 8.09 -12.79
C LEU E 196 20.00 7.96 -12.01
N LYS E 197 21.05 7.57 -12.73
CA LYS E 197 22.37 7.33 -12.17
C LYS E 197 23.38 8.21 -12.90
N CYS E 198 24.30 8.79 -12.14
CA CYS E 198 25.32 9.68 -12.67
C CYS E 198 26.62 8.90 -12.86
N LYS E 199 27.07 8.78 -14.10
CA LYS E 199 28.28 8.04 -14.44
C LYS E 199 29.52 8.93 -14.49
N ASP E 200 29.39 10.22 -14.18
CA ASP E 200 30.51 11.14 -14.29
C ASP E 200 31.45 10.96 -13.10
N LYS E 201 32.72 10.67 -13.40
CA LYS E 201 33.73 10.58 -12.36
C LYS E 201 34.08 11.98 -11.86
N LYS E 202 34.68 12.02 -10.66
CA LYS E 202 35.01 13.27 -9.97
C LYS E 202 33.78 14.08 -9.59
N PHE E 203 32.61 13.43 -9.52
CA PHE E 203 31.38 14.11 -9.10
C PHE E 203 31.34 14.12 -7.57
N ASN E 204 31.25 15.33 -7.00
CA ASN E 204 31.40 15.51 -5.56
C ASN E 204 30.06 15.60 -4.83
N GLY E 205 29.02 14.97 -5.38
CA GLY E 205 27.77 14.80 -4.67
C GLY E 205 26.78 15.94 -4.79
N THR E 206 27.15 17.04 -5.44
CA THR E 206 26.27 18.19 -5.58
C THR E 206 26.57 18.91 -6.87
N GLY E 207 25.51 19.30 -7.59
CA GLY E 207 25.66 20.14 -8.77
C GLY E 207 25.16 19.46 -10.04
N PRO E 208 25.57 19.98 -11.19
CA PRO E 208 25.14 19.39 -12.47
C PRO E 208 25.99 18.19 -12.86
N CYS E 209 25.32 17.07 -13.13
CA CYS E 209 25.96 15.89 -13.68
C CYS E 209 25.69 15.84 -15.18
N PRO E 210 26.71 15.83 -16.04
CA PRO E 210 26.45 15.83 -17.49
C PRO E 210 26.32 14.46 -18.13
N SER E 211 26.74 13.39 -17.46
CA SER E 211 26.67 12.02 -17.98
C SER E 211 25.66 11.25 -17.15
N VAL E 212 24.53 10.88 -17.77
CA VAL E 212 23.39 10.33 -17.05
C VAL E 212 22.94 9.04 -17.72
N SER E 213 22.46 8.11 -16.91
CA SER E 213 21.84 6.89 -17.40
C SER E 213 20.58 6.62 -16.59
N THR E 214 19.68 5.84 -17.16
CA THR E 214 18.50 5.34 -16.46
C THR E 214 18.70 3.85 -16.20
N VAL E 215 18.52 3.44 -14.94
CA VAL E 215 18.65 2.06 -14.54
C VAL E 215 17.33 1.61 -13.95
N GLN E 216 17.00 0.34 -14.16
CA GLN E 216 15.81 -0.19 -13.52
C GLN E 216 15.93 -0.10 -12.00
N CYS E 217 17.10 -0.47 -11.46
CA CYS E 217 17.38 -0.24 -10.04
C CYS E 217 18.84 -0.49 -9.74
N THR E 218 19.20 -0.28 -8.47
CA THR E 218 20.57 -0.03 -8.06
C THR E 218 21.36 -1.33 -7.91
N HIS E 219 22.66 -1.17 -7.67
CA HIS E 219 23.57 -2.27 -7.40
C HIS E 219 23.41 -2.74 -5.95
N GLY E 220 24.00 -3.90 -5.66
CA GLY E 220 23.95 -4.45 -4.32
C GLY E 220 24.63 -3.56 -3.29
N ILE E 221 23.88 -3.16 -2.27
CA ILE E 221 24.39 -2.32 -1.18
C ILE E 221 24.35 -3.16 0.09
N LYS E 222 25.52 -3.40 0.67
CA LYS E 222 25.60 -4.18 1.90
C LYS E 222 25.30 -3.30 3.10
N PRO E 223 24.31 -3.65 3.95
CA PRO E 223 24.06 -2.76 5.12
C PRO E 223 25.07 -2.99 6.24
N VAL E 224 26.29 -2.53 6.00
CA VAL E 224 27.37 -2.67 6.99
C VAL E 224 27.23 -1.57 8.02
N VAL E 225 27.42 -1.93 9.29
CA VAL E 225 27.31 -1.02 10.41
C VAL E 225 28.69 -0.86 11.04
N SER E 226 29.15 0.39 11.13
CA SER E 226 30.44 0.69 11.74
C SER E 226 30.50 2.18 12.02
N THR E 227 31.49 2.57 12.82
CA THR E 227 31.73 3.97 13.15
C THR E 227 33.21 4.27 13.00
N GLN E 228 33.50 5.51 12.57
CA GLN E 228 34.84 6.05 12.41
C GLN E 228 35.58 5.47 11.19
N LEU E 229 35.00 4.47 10.54
CA LEU E 229 35.63 3.81 9.39
C LEU E 229 34.54 3.09 8.61
N LEU E 230 34.61 3.17 7.28
CA LEU E 230 33.68 2.51 6.39
C LEU E 230 34.31 1.20 5.92
N LEU E 231 33.66 0.08 6.19
CA LEU E 231 34.18 -1.25 5.92
C LEU E 231 33.37 -1.94 4.84
N ASN E 232 34.08 -2.67 3.97
CA ASN E 232 33.47 -3.46 2.90
C ASN E 232 32.57 -2.58 2.02
N GLY E 233 33.05 -1.39 1.70
CA GLY E 233 32.35 -0.43 0.87
C GLY E 233 32.80 -0.45 -0.56
N SER E 234 32.61 0.69 -1.24
CA SER E 234 33.00 0.87 -2.64
C SER E 234 34.08 1.93 -2.73
N LEU E 235 34.92 1.81 -3.75
CA LEU E 235 36.10 2.64 -3.93
C LEU E 235 35.91 3.57 -5.13
N ALA E 236 36.59 4.71 -5.07
CA ALA E 236 36.59 5.64 -6.19
C ALA E 236 37.45 5.08 -7.33
N GLU E 237 37.14 5.55 -8.54
CA GLU E 237 37.79 5.05 -9.75
C GLU E 237 38.99 5.88 -10.19
N GLU E 238 39.12 7.11 -9.72
CA GLU E 238 40.17 8.03 -10.16
C GLU E 238 41.11 8.44 -9.04
N GLU E 239 40.58 8.88 -7.90
CA GLU E 239 41.42 9.33 -6.80
C GLU E 239 40.55 9.47 -5.56
N VAL E 240 41.20 9.82 -4.44
CA VAL E 240 40.48 10.01 -3.19
C VAL E 240 39.51 11.16 -3.33
N MET E 241 38.28 10.98 -2.85
CA MET E 241 37.22 11.96 -2.99
C MET E 241 36.82 12.47 -1.60
N ILE E 242 36.66 13.79 -1.49
CA ILE E 242 36.24 14.44 -0.25
C ILE E 242 34.91 15.13 -0.50
N ARG E 243 33.94 14.90 0.37
CA ARG E 243 32.60 15.46 0.23
C ARG E 243 32.15 16.06 1.54
N SER E 244 31.40 17.15 1.46
CA SER E 244 30.86 17.83 2.63
C SER E 244 29.74 18.75 2.18
N GLU E 245 28.70 18.86 3.00
CA GLU E 245 27.58 19.73 2.67
C GLU E 245 28.03 21.19 2.58
N ASN E 246 28.85 21.63 3.54
CA ASN E 246 29.37 23.00 3.55
C ASN E 246 30.75 22.92 4.21
N ILE E 247 31.79 22.82 3.37
CA ILE E 247 33.14 22.58 3.85
C ILE E 247 33.69 23.73 4.68
N THR E 248 33.13 24.93 4.55
CA THR E 248 33.56 26.06 5.36
C THR E 248 32.95 26.02 6.75
N ASN E 249 31.94 25.18 6.98
CA ASN E 249 31.29 25.05 8.27
C ASN E 249 31.88 23.87 9.03
N ASN E 250 32.23 24.09 10.29
CA ASN E 250 32.86 23.07 11.12
C ASN E 250 31.86 22.17 11.81
N ALA E 251 30.55 22.42 11.66
CA ALA E 251 29.52 21.59 12.25
C ALA E 251 29.06 20.45 11.35
N LYS E 252 29.65 20.31 10.17
CA LYS E 252 29.28 19.28 9.21
C LYS E 252 30.41 18.28 9.05
N ASN E 253 30.07 16.99 9.05
CA ASN E 253 31.07 15.95 8.89
C ASN E 253 31.59 15.91 7.45
N ILE E 254 32.79 15.36 7.30
CA ILE E 254 33.45 15.23 6.00
C ILE E 254 33.54 13.75 5.67
N LEU E 255 33.08 13.38 4.47
CA LEU E 255 33.11 12.00 4.00
C LEU E 255 34.29 11.84 3.05
N VAL E 256 35.17 10.88 3.34
CA VAL E 256 36.35 10.60 2.53
C VAL E 256 36.19 9.21 1.93
N GLN E 257 36.34 9.12 0.61
CA GLN E 257 36.28 7.86 -0.12
C GLN E 257 37.67 7.59 -0.70
N PHE E 258 38.21 6.42 -0.38
CA PHE E 258 39.55 6.06 -0.79
C PHE E 258 39.58 5.61 -2.25
N ASN E 259 40.79 5.57 -2.82
CA ASN E 259 41.01 5.03 -4.15
C ASN E 259 41.31 3.53 -4.09
N THR E 260 42.11 3.10 -3.13
CA THR E 260 42.46 1.69 -2.92
C THR E 260 42.15 1.32 -1.48
N PRO E 261 41.73 0.08 -1.22
CA PRO E 261 41.35 -0.29 0.15
C PRO E 261 42.58 -0.59 1.00
N VAL E 262 42.37 -0.54 2.32
CA VAL E 262 43.41 -0.85 3.29
C VAL E 262 42.96 -2.08 4.08
N GLN E 263 43.76 -3.14 4.04
CA GLN E 263 43.39 -4.38 4.70
C GLN E 263 43.58 -4.26 6.21
N ILE E 264 42.57 -4.68 6.97
CA ILE E 264 42.63 -4.74 8.43
C ILE E 264 42.26 -6.16 8.84
N ASN E 265 43.15 -6.82 9.59
CA ASN E 265 42.93 -8.18 10.06
C ASN E 265 42.75 -8.14 11.56
N CYS E 266 41.69 -8.76 12.09
CA CYS E 266 41.58 -8.72 13.53
C CYS E 266 40.68 -9.79 14.13
N THR E 267 40.88 -10.00 15.43
CA THR E 267 40.48 -11.26 16.05
C THR E 267 40.23 -11.11 17.54
N ARG E 268 39.40 -12.04 18.04
CA ARG E 268 39.31 -12.39 19.45
C ARG E 268 39.90 -13.78 19.61
N PRO E 269 41.02 -13.95 20.33
CA PRO E 269 41.70 -15.25 20.36
C PRO E 269 41.30 -16.19 21.50
N ASN E 270 40.48 -15.74 22.45
CA ASN E 270 40.11 -16.60 23.56
C ASN E 270 39.27 -17.77 23.08
N ASN E 271 39.55 -18.96 23.62
CA ASN E 271 38.80 -20.18 23.28
C ASN E 271 37.60 -20.26 24.21
N ASN E 272 36.49 -19.67 23.77
CA ASN E 272 35.30 -19.60 24.60
C ASN E 272 34.54 -20.92 24.59
N THR E 273 33.69 -21.10 25.60
CA THR E 273 32.82 -22.26 25.72
C THR E 273 31.41 -21.79 26.06
N ARG E 274 30.42 -22.48 25.52
CA ARG E 274 29.02 -22.13 25.67
C ARG E 274 28.27 -23.26 26.37
N LYS E 275 27.39 -22.91 27.30
CA LYS E 275 26.53 -23.87 27.96
C LYS E 275 25.12 -23.32 28.03
N SER E 276 24.14 -24.22 27.95
CA SER E 276 22.73 -23.87 27.92
C SER E 276 22.10 -24.17 29.27
N ILE E 277 21.33 -23.21 29.78
CA ILE E 277 20.61 -23.34 31.05
C ILE E 277 19.12 -23.19 30.74
N ARG E 278 18.33 -24.19 31.13
CA ARG E 278 16.91 -24.20 30.87
C ARG E 278 16.21 -23.38 31.95
N ILE E 279 15.71 -22.20 31.59
CA ILE E 279 15.11 -21.27 32.54
C ILE E 279 13.59 -21.33 32.53
N GLY E 280 13.00 -22.24 31.77
CA GLY E 280 11.57 -22.36 31.69
C GLY E 280 11.15 -23.40 30.67
N PRO E 281 9.83 -23.51 30.44
CA PRO E 281 9.36 -24.45 29.41
C PRO E 281 9.77 -24.01 28.01
N GLY E 282 10.71 -24.73 27.40
CA GLY E 282 11.19 -24.39 26.08
C GLY E 282 11.86 -23.03 26.03
N GLN E 283 12.66 -22.70 27.03
CA GLN E 283 13.37 -21.42 27.09
C GLN E 283 14.75 -21.66 27.65
N ALA E 284 15.78 -21.31 26.87
CA ALA E 284 17.17 -21.56 27.21
C ALA E 284 17.96 -20.26 27.19
N PHE E 285 18.94 -20.19 28.09
CA PHE E 285 19.86 -19.07 28.19
C PHE E 285 21.28 -19.60 27.99
N TYR E 286 22.02 -18.98 27.07
CA TYR E 286 23.35 -19.43 26.70
C TYR E 286 24.37 -18.57 27.45
N ALA E 287 25.25 -19.23 28.21
CA ALA E 287 26.22 -18.57 29.06
C ALA E 287 27.63 -19.06 28.75
N THR E 288 28.61 -18.25 29.11
CA THR E 288 30.01 -18.58 28.90
C THR E 288 30.46 -19.50 30.03
N GLY E 289 30.65 -20.78 29.70
CA GLY E 289 31.05 -21.76 30.70
C GLY E 289 32.43 -21.51 31.28
N ASP E 290 33.46 -21.65 30.44
CA ASP E 290 34.83 -21.46 30.88
C ASP E 290 35.70 -21.15 29.67
N ILE E 291 36.90 -20.66 29.95
CA ILE E 291 37.89 -20.34 28.93
C ILE E 291 39.02 -21.36 29.03
N ILE E 292 39.35 -21.96 27.89
CA ILE E 292 40.37 -23.01 27.82
C ILE E 292 41.68 -22.36 27.39
N GLY E 293 42.73 -22.56 28.18
CA GLY E 293 44.04 -22.02 27.87
C GLY E 293 44.26 -20.63 28.40
N ASP E 294 45.10 -19.86 27.72
CA ASP E 294 45.43 -18.51 28.16
C ASP E 294 44.30 -17.55 27.83
N ILE E 295 44.32 -16.40 28.50
CA ILE E 295 43.35 -15.32 28.30
C ILE E 295 44.12 -14.12 27.77
N ARG E 296 43.71 -13.62 26.61
CA ARG E 296 44.39 -12.52 25.94
C ARG E 296 43.37 -11.56 25.36
N GLN E 297 43.80 -10.33 25.15
CA GLN E 297 42.92 -9.29 24.65
C GLN E 297 42.67 -9.45 23.15
N ALA E 298 41.42 -9.25 22.75
CA ALA E 298 41.10 -9.15 21.33
C ALA E 298 41.70 -7.87 20.77
N HIS E 299 42.15 -7.94 19.52
CA HIS E 299 42.91 -6.81 18.98
C HIS E 299 42.83 -6.83 17.46
N CYS E 300 43.17 -5.67 16.87
CA CYS E 300 43.18 -5.51 15.42
C CYS E 300 44.51 -4.96 14.90
N ASN E 301 44.83 -5.35 13.66
CA ASN E 301 46.10 -5.03 13.02
C ASN E 301 45.82 -4.35 11.69
N VAL E 302 46.54 -3.25 11.44
CA VAL E 302 46.49 -2.57 10.15
C VAL E 302 47.92 -2.26 9.71
N SER E 303 48.18 -2.38 8.41
CA SER E 303 49.51 -2.14 7.89
C SER E 303 49.90 -0.67 8.08
N LYS E 304 51.20 -0.44 8.24
CA LYS E 304 51.74 0.88 8.53
C LYS E 304 52.05 1.69 7.28
N ALA E 305 52.81 1.11 6.34
CA ALA E 305 53.17 1.85 5.13
C ALA E 305 51.94 2.19 4.31
N THR E 306 51.00 1.24 4.18
CA THR E 306 49.78 1.50 3.43
C THR E 306 48.97 2.62 4.07
N TRP E 307 48.87 2.61 5.40
CA TRP E 307 48.13 3.67 6.09
C TRP E 307 48.82 5.02 5.91
N ASN E 308 50.16 5.04 5.97
CA ASN E 308 50.88 6.29 5.76
C ASN E 308 50.65 6.82 4.35
N GLU E 309 50.69 5.94 3.34
CA GLU E 309 50.44 6.38 1.97
C GLU E 309 49.01 6.89 1.81
N THR E 310 48.05 6.21 2.41
CA THR E 310 46.66 6.66 2.33
C THR E 310 46.49 8.02 2.99
N LEU E 311 47.11 8.23 4.15
CA LEU E 311 47.03 9.53 4.80
C LEU E 311 47.73 10.60 3.98
N GLY E 312 48.82 10.26 3.30
CA GLY E 312 49.46 11.22 2.41
C GLY E 312 48.53 11.64 1.29
N LYS E 313 47.85 10.68 0.67
CA LYS E 313 46.88 11.01 -0.38
C LYS E 313 45.76 11.87 0.19
N VAL E 314 45.28 11.53 1.38
CA VAL E 314 44.15 12.26 1.97
C VAL E 314 44.54 13.69 2.27
N VAL E 315 45.73 13.92 2.84
CA VAL E 315 46.15 15.28 3.14
C VAL E 315 46.43 16.05 1.85
N LYS E 316 46.97 15.37 0.83
CA LYS E 316 47.18 16.03 -0.45
C LYS E 316 45.86 16.52 -1.03
N GLN E 317 44.82 15.70 -0.95
CA GLN E 317 43.50 16.15 -1.43
C GLN E 317 42.90 17.22 -0.53
N LEU E 318 43.12 17.13 0.78
CA LEU E 318 42.58 18.11 1.71
C LEU E 318 43.20 19.49 1.51
N ARG E 319 44.47 19.54 1.08
CA ARG E 319 45.12 20.82 0.86
C ARG E 319 44.43 21.65 -0.21
N LYS E 320 43.63 21.03 -1.08
CA LYS E 320 42.95 21.79 -2.13
C LYS E 320 41.98 22.80 -1.55
N HIS E 321 41.23 22.41 -0.51
CA HIS E 321 40.18 23.27 0.04
C HIS E 321 40.65 24.18 1.17
N PHE E 322 41.82 23.90 1.77
CA PHE E 322 42.30 24.63 2.94
C PHE E 322 43.67 25.25 2.71
N GLY E 323 43.96 25.65 1.48
CA GLY E 323 45.20 26.32 1.16
C GLY E 323 46.33 25.34 0.90
N ASN E 324 47.36 25.86 0.22
CA ASN E 324 48.51 25.06 -0.20
C ASN E 324 49.67 25.12 0.78
N ASN E 325 49.52 25.86 1.89
CA ASN E 325 50.58 26.00 2.87
C ASN E 325 50.13 25.66 4.30
N THR E 326 48.88 25.22 4.47
CA THR E 326 48.38 24.91 5.80
C THR E 326 48.98 23.62 6.32
N ILE E 327 49.14 23.54 7.65
CA ILE E 327 49.61 22.35 8.33
C ILE E 327 48.39 21.55 8.76
N ILE E 328 48.39 20.26 8.45
CA ILE E 328 47.23 19.40 8.64
C ILE E 328 47.54 18.41 9.75
N ARG E 329 46.71 18.42 10.80
CA ARG E 329 46.92 17.59 11.99
C ARG E 329 45.83 16.55 12.12
N PHE E 330 46.22 15.32 12.47
CA PHE E 330 45.30 14.25 12.80
C PHE E 330 45.49 13.90 14.27
N ALA E 331 44.40 13.97 15.03
CA ALA E 331 44.43 13.82 16.49
C ALA E 331 43.38 12.82 16.93
N ASN E 332 43.24 12.67 18.25
CA ASN E 332 42.34 11.69 18.83
C ASN E 332 40.91 12.21 18.84
N SER E 333 39.97 11.31 19.12
CA SER E 333 38.57 11.68 19.20
C SER E 333 38.32 12.58 20.41
N SER E 334 37.24 13.36 20.32
CA SER E 334 36.94 14.33 21.38
C SER E 334 36.49 13.62 22.65
N GLY E 335 35.41 12.85 22.57
CA GLY E 335 34.91 12.14 23.73
C GLY E 335 33.42 11.88 23.60
N GLY E 336 32.90 11.21 24.63
CA GLY E 336 31.49 10.87 24.67
C GLY E 336 31.25 9.43 25.09
N ASP E 337 30.21 8.81 24.52
CA ASP E 337 29.91 7.43 24.82
C ASP E 337 30.97 6.51 24.19
N LEU E 338 30.94 5.25 24.60
CA LEU E 338 31.92 4.30 24.08
C LEU E 338 31.72 4.01 22.60
N GLU E 339 30.47 4.05 22.12
CA GLU E 339 30.20 3.77 20.71
C GLU E 339 30.68 4.89 19.80
N VAL E 340 30.44 6.15 20.18
CA VAL E 340 30.83 7.28 19.35
C VAL E 340 32.30 7.65 19.50
N THR E 341 33.00 7.11 20.51
CA THR E 341 34.40 7.42 20.77
C THR E 341 35.35 6.34 20.28
N THR E 342 34.85 5.17 19.91
CA THR E 342 35.68 4.05 19.48
C THR E 342 35.11 3.46 18.19
N HIS E 343 35.99 2.82 17.42
CA HIS E 343 35.57 2.14 16.19
C HIS E 343 34.78 0.90 16.59
N SER E 344 33.46 0.98 16.49
CA SER E 344 32.57 -0.09 16.89
C SER E 344 32.11 -0.86 15.66
N PHE E 345 32.17 -2.19 15.74
CA PHE E 345 31.71 -3.03 14.65
C PHE E 345 31.37 -4.41 15.19
N ASN E 346 31.01 -5.32 14.30
CA ASN E 346 30.57 -6.67 14.66
C ASN E 346 31.32 -7.64 13.75
N CYS E 347 32.09 -8.54 14.35
CA CYS E 347 32.85 -9.55 13.64
C CYS E 347 32.49 -10.93 14.20
N GLY E 348 32.07 -11.83 13.31
CA GLY E 348 31.74 -13.19 13.71
C GLY E 348 30.68 -13.27 14.79
N GLY E 349 29.76 -12.31 14.83
CA GLY E 349 28.73 -12.26 15.84
C GLY E 349 29.13 -11.63 17.16
N GLU E 350 30.38 -11.21 17.30
CA GLU E 350 30.87 -10.56 18.51
C GLU E 350 31.06 -9.07 18.27
N PHE E 351 30.65 -8.26 19.23
CA PHE E 351 30.62 -6.81 19.09
C PHE E 351 31.91 -6.21 19.64
N PHE E 352 32.75 -5.71 18.73
CA PHE E 352 34.05 -5.14 19.05
C PHE E 352 33.96 -3.62 19.13
N TYR E 353 34.74 -3.05 20.05
CA TYR E 353 34.94 -1.60 20.15
C TYR E 353 36.45 -1.39 20.25
N CYS E 354 37.06 -0.84 19.20
CA CYS E 354 38.50 -0.70 19.12
C CYS E 354 38.91 0.76 19.33
N ASN E 355 40.06 0.93 19.98
CA ASN E 355 40.61 2.23 20.33
C ASN E 355 41.52 2.68 19.19
N THR E 356 40.96 3.42 18.24
CA THR E 356 41.70 3.91 17.09
C THR E 356 42.41 5.21 17.45
N SER E 357 43.46 5.06 18.27
CA SER E 357 44.28 6.18 18.70
C SER E 357 45.62 6.27 18.00
N GLY E 358 46.19 5.15 17.57
CA GLY E 358 47.46 5.16 16.87
C GLY E 358 47.37 5.53 15.40
N LEU E 359 46.16 5.61 14.85
CA LEU E 359 46.00 5.92 13.43
C LEU E 359 45.98 7.43 13.20
N PHE E 360 45.03 8.12 13.83
CA PHE E 360 44.86 9.57 13.65
C PHE E 360 45.70 10.29 14.69
N ASN E 361 47.02 10.17 14.53
CA ASN E 361 47.96 10.83 15.45
C ASN E 361 49.20 11.18 14.63
N SER E 362 49.23 12.40 14.10
CA SER E 362 50.33 12.84 13.26
C SER E 362 50.11 14.30 12.86
N THR E 363 51.16 14.90 12.29
CA THR E 363 51.10 16.25 11.75
C THR E 363 51.83 16.26 10.42
N TRP E 364 51.27 16.94 9.43
CA TRP E 364 51.84 17.07 8.10
C TRP E 364 52.05 18.55 7.80
N ILE E 365 53.27 18.87 7.37
CA ILE E 365 53.69 20.25 7.09
C ILE E 365 53.99 20.38 5.61
N SER E 366 53.56 21.50 5.03
CA SER E 366 53.76 21.72 3.60
C SER E 366 55.25 21.75 3.27
N ASN E 367 55.60 21.16 2.14
CA ASN E 367 56.99 21.11 1.69
C ASN E 367 57.07 20.95 0.17
N SER E 378 58.27 -1.30 6.88
CA SER E 378 58.62 -2.51 6.16
C SER E 378 57.48 -3.53 6.22
N ASN E 379 57.34 -4.18 7.37
CA ASN E 379 56.29 -5.17 7.59
C ASN E 379 55.57 -5.02 8.92
N ASP E 380 56.08 -4.21 9.85
CA ASP E 380 55.40 -4.01 11.12
C ASP E 380 54.06 -3.32 10.90
N SER E 381 53.11 -3.62 11.79
CA SER E 381 51.74 -3.14 11.67
C SER E 381 51.31 -2.49 12.98
N ILE E 382 50.39 -1.55 12.86
CA ILE E 382 49.84 -0.86 14.03
C ILE E 382 48.76 -1.74 14.64
N THR E 383 48.82 -1.89 15.97
CA THR E 383 47.90 -2.72 16.74
C THR E 383 46.95 -1.82 17.52
N LEU E 384 45.65 -2.07 17.37
CA LEU E 384 44.59 -1.37 18.08
C LEU E 384 43.95 -2.34 19.07
N PRO E 385 44.05 -2.13 20.38
CA PRO E 385 43.36 -3.04 21.32
C PRO E 385 41.87 -2.76 21.33
N CYS E 386 41.07 -3.83 21.44
CA CYS E 386 39.62 -3.75 21.37
C CYS E 386 38.99 -4.44 22.58
N ARG E 387 37.77 -4.01 22.88
CA ARG E 387 36.97 -4.57 23.97
C ARG E 387 35.68 -5.16 23.40
N ILE E 388 35.30 -6.32 23.91
CA ILE E 388 34.11 -7.03 23.45
C ILE E 388 32.95 -6.62 24.35
N LYS E 389 31.75 -6.58 23.77
CA LYS E 389 30.54 -6.28 24.54
C LYS E 389 29.44 -7.24 24.15
N GLN E 390 28.47 -7.41 25.06
CA GLN E 390 27.36 -8.34 24.90
C GLN E 390 25.99 -7.69 24.94
N ILE E 391 25.78 -6.67 25.78
CA ILE E 391 24.52 -5.94 25.84
C ILE E 391 24.65 -4.76 24.88
N ILE E 392 23.81 -4.74 23.85
CA ILE E 392 23.96 -3.83 22.73
C ILE E 392 22.71 -2.97 22.59
N ASN E 393 22.91 -1.67 22.45
CA ASN E 393 21.89 -0.74 21.96
C ASN E 393 22.33 -0.34 20.56
N MET E 394 21.89 -1.14 19.57
CA MET E 394 22.45 -1.02 18.22
C MET E 394 22.19 0.37 17.63
N TRP E 395 20.94 0.81 17.66
CA TRP E 395 20.57 2.14 17.19
C TRP E 395 20.51 3.11 18.37
N GLN E 396 20.50 4.39 18.05
CA GLN E 396 20.51 5.43 19.08
C GLN E 396 19.15 5.52 19.75
N ARG E 397 18.79 4.50 20.52
CA ARG E 397 17.52 4.42 21.23
C ARG E 397 17.78 4.05 22.68
N ILE E 398 16.85 4.43 23.54
CA ILE E 398 16.92 4.16 24.98
C ILE E 398 15.68 3.38 25.38
N GLY E 399 15.87 2.29 26.11
CA GLY E 399 14.80 1.43 26.52
C GLY E 399 14.63 0.16 25.70
N GLN E 400 15.55 -0.11 24.77
CA GLN E 400 15.50 -1.31 23.94
C GLN E 400 16.91 -1.83 23.77
N CYS E 401 17.23 -2.93 24.43
CA CYS E 401 18.55 -3.54 24.41
C CYS E 401 18.46 -4.95 23.83
N MET E 402 19.62 -5.55 23.59
CA MET E 402 19.71 -6.90 23.04
C MET E 402 20.93 -7.60 23.64
N TYR E 403 20.80 -8.91 23.81
CA TYR E 403 21.87 -9.74 24.37
C TYR E 403 22.41 -10.65 23.29
N ALA E 404 23.73 -10.59 23.08
CA ALA E 404 24.40 -11.41 22.07
C ALA E 404 24.89 -12.70 22.71
N PRO E 405 24.44 -13.88 22.31
CA PRO E 405 24.97 -15.10 22.91
C PRO E 405 26.43 -15.26 22.58
N PRO E 406 27.20 -15.92 23.45
CA PRO E 406 28.64 -16.07 23.19
C PRO E 406 28.91 -17.01 22.02
N ILE E 407 30.06 -16.81 21.39
CA ILE E 407 30.50 -17.62 20.28
C ILE E 407 31.57 -18.59 20.79
N GLN E 408 31.58 -19.79 20.20
CA GLN E 408 32.49 -20.86 20.58
C GLN E 408 33.75 -20.79 19.74
N GLY E 409 34.91 -20.83 20.40
CA GLY E 409 36.18 -20.83 19.71
C GLY E 409 36.71 -19.44 19.42
N VAL E 410 37.92 -19.42 18.85
CA VAL E 410 38.57 -18.17 18.47
C VAL E 410 37.97 -17.68 17.17
N ILE E 411 37.94 -16.35 16.99
CA ILE E 411 37.31 -15.75 15.82
C ILE E 411 38.28 -14.72 15.22
N ARG E 412 38.34 -14.69 13.89
CA ARG E 412 39.15 -13.73 13.17
C ARG E 412 38.40 -13.31 11.90
N CYS E 413 38.73 -12.12 11.41
CA CYS E 413 38.10 -11.62 10.19
C CYS E 413 38.97 -10.52 9.60
N VAL E 414 38.97 -10.45 8.26
CA VAL E 414 39.73 -9.46 7.51
C VAL E 414 38.74 -8.61 6.72
N SER E 415 39.00 -7.30 6.68
CA SER E 415 38.08 -6.35 6.05
C SER E 415 38.87 -5.28 5.31
N ASN E 416 38.16 -4.56 4.44
CA ASN E 416 38.71 -3.46 3.67
C ASN E 416 38.23 -2.14 4.25
N ILE E 417 39.17 -1.26 4.59
CA ILE E 417 38.84 0.13 4.90
C ILE E 417 38.85 0.91 3.59
N THR E 418 37.74 1.63 3.34
CA THR E 418 37.54 2.30 2.06
C THR E 418 36.98 3.71 2.24
N GLY E 419 37.17 4.31 3.40
CA GLY E 419 36.72 5.67 3.63
C GLY E 419 36.75 6.04 5.10
N LEU E 420 36.52 7.33 5.33
CA LEU E 420 36.57 7.88 6.69
C LEU E 420 35.45 8.90 6.86
N ILE E 421 35.06 9.11 8.11
CA ILE E 421 34.11 10.15 8.50
C ILE E 421 34.88 11.09 9.44
N LEU E 422 35.42 12.17 8.89
CA LEU E 422 36.24 13.11 9.64
C LEU E 422 35.40 14.29 10.11
N THR E 423 35.96 15.03 11.07
CA THR E 423 35.32 16.24 11.59
C THR E 423 36.41 17.26 11.89
N ARG E 424 36.18 18.49 11.46
CA ARG E 424 37.16 19.55 11.66
C ARG E 424 37.01 20.15 13.06
N ASP E 425 38.12 20.26 13.78
CA ASP E 425 38.11 20.78 15.14
C ASP E 425 38.34 22.29 15.10
N GLY E 426 37.47 23.03 15.77
CA GLY E 426 37.57 24.47 15.81
C GLY E 426 37.45 25.12 14.45
N GLY E 427 38.54 25.70 13.98
CA GLY E 427 38.58 26.32 12.66
C GLY E 427 38.57 27.84 12.71
N SER E 428 39.11 28.41 13.79
CA SER E 428 39.18 29.85 13.92
C SER E 428 40.33 30.41 13.07
N THR E 429 40.23 31.70 12.77
CA THR E 429 41.26 32.38 11.97
C THR E 429 42.51 32.70 12.76
N ASN E 430 42.50 32.49 14.08
CA ASN E 430 43.66 32.83 14.90
C ASN E 430 44.89 32.02 14.49
N SER E 431 44.71 30.73 14.25
CA SER E 431 45.79 29.81 13.92
C SER E 431 45.67 29.33 12.49
N THR E 432 46.84 29.05 11.88
CA THR E 432 46.91 28.57 10.51
C THR E 432 47.12 27.06 10.45
N THR E 433 46.51 26.32 11.38
CA THR E 433 46.58 24.87 11.41
C THR E 433 45.18 24.29 11.51
N GLU E 434 44.99 23.12 10.89
CA GLU E 434 43.71 22.43 10.87
C GLU E 434 43.88 21.07 11.53
N THR E 435 43.00 20.77 12.49
CA THR E 435 43.01 19.49 13.21
C THR E 435 41.73 18.74 12.86
N PHE E 436 41.89 17.51 12.38
CA PHE E 436 40.78 16.65 12.01
C PHE E 436 40.72 15.47 12.96
N ARG E 437 39.52 15.11 13.40
CA ARG E 437 39.30 14.02 14.34
C ARG E 437 38.27 13.04 13.79
N PRO E 438 38.30 11.78 14.23
CA PRO E 438 37.26 10.84 13.76
C PRO E 438 35.89 11.24 14.26
N GLY E 439 34.87 10.90 13.46
CA GLY E 439 33.48 11.16 13.76
C GLY E 439 32.66 9.88 13.69
N GLY E 440 31.35 10.06 13.52
CA GLY E 440 30.44 8.94 13.41
C GLY E 440 29.16 9.13 14.19
N GLY E 441 28.66 8.05 14.78
CA GLY E 441 27.43 8.10 15.55
C GLY E 441 26.20 7.87 14.70
N ASP E 442 25.84 8.86 13.88
CA ASP E 442 24.69 8.72 13.00
C ASP E 442 24.99 7.72 11.89
N MET E 443 24.04 6.81 11.64
CA MET E 443 24.20 5.77 10.64
C MET E 443 23.71 6.18 9.25
N ARG E 444 23.07 7.35 9.12
CA ARG E 444 22.63 7.79 7.81
C ARG E 444 23.81 8.09 6.89
N ASP E 445 24.93 8.53 7.46
CA ASP E 445 26.13 8.77 6.66
C ASP E 445 26.67 7.49 6.03
N ASN E 446 26.50 6.35 6.70
CA ASN E 446 26.94 5.08 6.12
C ASN E 446 26.18 4.77 4.84
N TRP E 447 24.86 5.00 4.84
CA TRP E 447 24.07 4.77 3.64
C TRP E 447 24.33 5.84 2.59
N ARG E 448 24.58 7.08 3.04
CA ARG E 448 24.76 8.18 2.09
C ARG E 448 25.99 7.98 1.22
N SER E 449 26.99 7.25 1.70
CA SER E 449 28.21 7.03 0.93
C SER E 449 27.98 6.10 -0.27
N GLU E 450 26.84 5.40 -0.32
CA GLU E 450 26.55 4.46 -1.41
C GLU E 450 25.48 4.97 -2.37
N LEU E 451 24.48 5.70 -1.88
CA LEU E 451 23.38 6.19 -2.71
C LEU E 451 23.59 7.64 -3.15
N TYR E 452 24.85 8.07 -3.28
CA TYR E 452 25.14 9.44 -3.64
C TYR E 452 24.92 9.74 -5.12
N LYS E 453 24.92 8.72 -5.98
CA LYS E 453 24.83 8.91 -7.42
C LYS E 453 23.47 8.53 -8.00
N TYR E 454 22.49 8.23 -7.15
CA TYR E 454 21.17 7.79 -7.59
C TYR E 454 20.12 8.83 -7.23
N LYS E 455 19.13 8.97 -8.11
CA LYS E 455 17.97 9.82 -7.82
C LYS E 455 16.74 9.22 -8.48
N VAL E 456 15.57 9.64 -8.01
CA VAL E 456 14.29 9.11 -8.44
C VAL E 456 13.48 10.23 -9.08
N VAL E 457 12.85 9.94 -10.22
CA VAL E 457 12.01 10.89 -10.93
C VAL E 457 10.73 10.21 -11.36
N LYS E 458 9.72 11.02 -11.68
CA LYS E 458 8.42 10.55 -12.15
C LYS E 458 8.15 11.12 -13.53
N ILE E 459 7.54 10.30 -14.39
CA ILE E 459 7.35 10.64 -15.80
C ILE E 459 6.02 11.36 -15.97
N GLU E 460 5.98 12.30 -16.91
CA GLU E 460 4.78 13.04 -17.27
C GLU E 460 4.55 12.91 -18.77
N PRO E 461 3.77 11.94 -19.24
CA PRO E 461 3.73 11.65 -20.68
C PRO E 461 2.86 12.58 -21.52
N LEU E 462 2.10 13.50 -20.93
CA LEU E 462 1.20 14.37 -21.67
C LEU E 462 1.92 15.65 -22.07
N GLY E 463 1.71 16.07 -23.31
CA GLY E 463 2.29 17.31 -23.79
C GLY E 463 1.45 17.95 -24.86
N VAL E 464 1.62 19.25 -25.04
CA VAL E 464 0.90 20.03 -26.04
C VAL E 464 1.91 20.84 -26.83
N ALA E 465 1.73 20.89 -28.15
CA ALA E 465 2.65 21.54 -29.06
C ALA E 465 1.88 22.25 -30.15
N PRO E 466 2.53 23.18 -30.88
CA PRO E 466 1.88 23.79 -32.05
C PRO E 466 2.14 22.95 -33.30
N THR E 467 1.11 22.81 -34.13
CA THR E 467 1.17 21.92 -35.29
C THR E 467 0.06 22.33 -36.26
N ARG E 468 0.21 21.91 -37.52
CA ARG E 468 -0.50 22.48 -38.65
C ARG E 468 -1.74 21.69 -39.10
N CYS E 469 -2.35 20.86 -38.24
CA CYS E 469 -3.58 20.20 -38.62
C CYS E 469 -4.77 21.15 -38.48
N LYS E 470 -5.97 20.58 -38.59
CA LYS E 470 -7.19 21.18 -38.09
C LYS E 470 -8.26 20.10 -37.99
N ARG E 471 -8.80 19.89 -36.81
CA ARG E 471 -9.82 18.86 -36.59
C ARG E 471 -11.05 19.16 -37.42
N ALA F 1 23.24 -8.39 -44.82
CA ALA F 1 21.84 -8.14 -45.15
C ALA F 1 20.95 -9.25 -44.60
N VAL F 2 21.49 -10.46 -44.53
CA VAL F 2 20.78 -11.62 -44.01
C VAL F 2 21.64 -12.21 -42.89
N GLY F 3 21.02 -12.70 -41.83
CA GLY F 3 21.73 -13.27 -40.72
C GLY F 3 22.26 -12.27 -39.71
N ILE F 4 21.82 -11.02 -39.76
CA ILE F 4 22.25 -9.98 -38.83
C ILE F 4 21.05 -9.56 -37.99
N GLY F 5 21.23 -9.54 -36.68
CA GLY F 5 20.19 -9.09 -35.78
C GLY F 5 20.17 -7.58 -35.65
N ALA F 6 19.11 -7.07 -35.01
CA ALA F 6 18.93 -5.64 -34.79
C ALA F 6 18.24 -5.40 -33.47
N VAL F 7 18.75 -4.43 -32.72
CA VAL F 7 18.12 -3.96 -31.48
C VAL F 7 18.00 -2.45 -31.56
N PHE F 8 17.00 -1.91 -30.85
CA PHE F 8 16.63 -0.52 -30.96
C PHE F 8 16.64 0.14 -29.58
N LEU F 9 16.76 1.47 -29.59
CA LEU F 9 16.68 2.23 -28.35
C LEU F 9 15.30 2.04 -27.72
N GLY F 10 15.30 1.84 -26.40
CA GLY F 10 14.09 1.51 -25.67
C GLY F 10 13.50 2.68 -24.91
N PHE F 11 13.83 2.76 -23.63
CA PHE F 11 13.25 3.74 -22.71
C PHE F 11 13.87 5.11 -22.95
N LEU F 12 13.82 5.99 -21.95
CA LEU F 12 13.91 7.45 -22.12
C LEU F 12 15.21 7.95 -22.76
N GLY F 13 16.12 7.06 -23.16
CA GLY F 13 17.28 7.44 -23.95
C GLY F 13 17.04 8.39 -25.12
N ALA F 14 15.81 8.44 -25.63
CA ALA F 14 15.44 9.36 -26.70
C ALA F 14 15.03 10.74 -26.19
N ALA F 15 15.42 11.10 -24.97
CA ALA F 15 15.07 12.39 -24.39
C ALA F 15 15.97 13.52 -24.85
N GLY F 16 17.21 13.22 -25.26
CA GLY F 16 18.10 14.24 -25.77
C GLY F 16 17.85 14.58 -27.22
N SER F 17 17.12 13.71 -27.92
CA SER F 17 16.79 13.97 -29.32
C SER F 17 15.78 15.10 -29.44
N THR F 18 15.75 15.71 -30.61
CA THR F 18 14.84 16.83 -30.84
C THR F 18 13.39 16.38 -30.74
N MET F 19 12.47 17.35 -30.73
CA MET F 19 11.06 17.05 -30.60
C MET F 19 10.56 16.22 -31.78
N GLY F 20 11.00 16.55 -33.00
CA GLY F 20 10.58 15.79 -34.15
C GLY F 20 10.99 14.33 -34.08
N ALA F 21 12.23 14.08 -33.66
CA ALA F 21 12.69 12.71 -33.50
C ALA F 21 12.14 12.05 -32.24
N ALA F 22 11.90 12.84 -31.19
CA ALA F 22 11.41 12.27 -29.93
C ALA F 22 9.93 11.88 -30.02
N SER F 23 9.16 12.55 -30.87
CA SER F 23 7.74 12.24 -31.05
C SER F 23 7.51 11.07 -32.00
N MET F 24 8.55 10.33 -32.37
CA MET F 24 8.46 9.23 -33.32
C MET F 24 8.46 7.87 -32.62
N THR F 25 8.69 7.82 -31.32
CA THR F 25 8.75 6.57 -30.56
C THR F 25 7.95 6.71 -29.27
N LEU F 26 6.71 7.20 -29.39
CA LEU F 26 5.89 7.43 -28.20
C LEU F 26 5.50 6.12 -27.52
N THR F 27 5.40 5.03 -28.28
CA THR F 27 4.87 3.78 -27.72
C THR F 27 5.79 3.21 -26.64
N VAL F 28 7.12 3.37 -26.80
CA VAL F 28 8.04 2.78 -25.84
C VAL F 28 7.88 3.41 -24.47
N GLN F 29 7.61 4.72 -24.43
CA GLN F 29 7.33 5.37 -23.16
C GLN F 29 5.91 5.08 -22.68
N ALA F 30 4.95 5.02 -23.61
CA ALA F 30 3.56 4.83 -23.22
C ALA F 30 3.34 3.47 -22.57
N ARG F 31 3.97 2.42 -23.11
CA ARG F 31 3.73 1.07 -22.61
C ARG F 31 4.25 0.85 -21.20
N ASN F 32 5.18 1.68 -20.72
CA ASN F 32 5.81 1.50 -19.42
C ASN F 32 5.10 2.23 -18.29
N LEU F 33 4.01 2.94 -18.57
CA LEU F 33 3.28 3.64 -17.52
C LEU F 33 2.42 2.72 -16.67
N LEU F 34 2.11 1.51 -17.15
CA LEU F 34 1.28 0.56 -16.43
C LEU F 34 2.08 -0.54 -15.74
N SER F 35 3.07 -1.11 -16.42
CA SER F 35 3.90 -2.16 -15.84
C SER F 35 5.03 -2.54 -16.77
N THR F 58 3.77 -7.19 6.97
CA THR F 58 2.43 -6.88 6.52
C THR F 58 2.33 -5.44 6.04
N VAL F 59 2.96 -4.53 6.79
CA VAL F 59 2.91 -3.11 6.46
C VAL F 59 3.55 -2.85 5.11
N TRP F 60 4.60 -3.60 4.78
CA TRP F 60 5.23 -3.46 3.46
C TRP F 60 4.25 -3.82 2.36
N GLY F 61 3.42 -4.84 2.60
CA GLY F 61 2.36 -5.14 1.65
C GLY F 61 1.39 -3.99 1.48
N ILE F 62 1.08 -3.30 2.58
CA ILE F 62 0.19 -2.14 2.50
C ILE F 62 0.83 -1.06 1.64
N LYS F 63 2.12 -0.79 1.84
CA LYS F 63 2.81 0.23 1.06
C LYS F 63 2.84 -0.13 -0.42
N GLN F 64 3.15 -1.40 -0.74
CA GLN F 64 3.20 -1.83 -2.13
C GLN F 64 1.82 -1.72 -2.78
N LEU F 65 0.78 -2.13 -2.07
CA LEU F 65 -0.57 -2.03 -2.63
C LEU F 65 -0.97 -0.59 -2.83
N GLN F 66 -0.59 0.29 -1.89
CA GLN F 66 -0.88 1.72 -2.06
C GLN F 66 -0.17 2.27 -3.30
N ALA F 67 1.08 1.88 -3.52
CA ALA F 67 1.81 2.33 -4.69
C ALA F 67 1.13 1.85 -5.98
N ARG F 68 0.74 0.58 -6.01
CA ARG F 68 0.07 0.05 -7.19
C ARG F 68 -1.25 0.76 -7.45
N VAL F 69 -2.03 1.00 -6.40
CA VAL F 69 -3.31 1.70 -6.56
C VAL F 69 -3.08 3.12 -7.04
N LEU F 70 -2.02 3.77 -6.53
CA LEU F 70 -1.71 5.12 -6.99
C LEU F 70 -1.35 5.13 -8.47
N ALA F 71 -0.56 4.15 -8.91
CA ALA F 71 -0.21 4.07 -10.33
C ALA F 71 -1.45 3.86 -11.19
N VAL F 72 -2.33 2.96 -10.77
CA VAL F 72 -3.56 2.71 -11.53
C VAL F 72 -4.41 3.96 -11.57
N GLU F 73 -4.53 4.67 -10.43
CA GLU F 73 -5.32 5.89 -10.39
C GLU F 73 -4.74 6.96 -11.31
N ARG F 74 -3.42 7.12 -11.31
CA ARG F 74 -2.79 8.11 -12.19
C ARG F 74 -3.06 7.78 -13.65
N TYR F 75 -2.93 6.50 -14.02
CA TYR F 75 -3.22 6.10 -15.40
C TYR F 75 -4.66 6.41 -15.75
N LEU F 76 -5.60 6.11 -14.85
CA LEU F 76 -7.00 6.38 -15.12
C LEU F 76 -7.26 7.87 -15.26
N ARG F 77 -6.63 8.69 -14.42
CA ARG F 77 -6.81 10.14 -14.53
C ARG F 77 -6.30 10.65 -15.87
N ASP F 78 -5.12 10.17 -16.30
CA ASP F 78 -4.58 10.59 -17.58
C ASP F 78 -5.50 10.17 -18.73
N GLN F 79 -6.02 8.94 -18.67
CA GLN F 79 -6.91 8.47 -19.73
C GLN F 79 -8.20 9.28 -19.76
N GLN F 80 -8.76 9.60 -18.59
CA GLN F 80 -9.98 10.41 -18.54
C GLN F 80 -9.72 11.80 -19.09
N LEU F 81 -8.57 12.40 -18.75
CA LEU F 81 -8.26 13.72 -19.28
C LEU F 81 -8.12 13.68 -20.80
N LEU F 82 -7.49 12.63 -21.33
CA LEU F 82 -7.40 12.49 -22.78
C LEU F 82 -8.78 12.33 -23.40
N GLY F 83 -9.63 11.52 -22.78
CA GLY F 83 -10.96 11.27 -23.35
C GLY F 83 -11.85 12.49 -23.33
N ILE F 84 -11.73 13.32 -22.30
CA ILE F 84 -12.61 14.49 -22.18
C ILE F 84 -12.38 15.45 -23.36
N TRP F 85 -11.16 15.51 -23.88
CA TRP F 85 -10.86 16.38 -25.00
C TRP F 85 -11.25 15.78 -26.36
N GLY F 86 -11.66 14.52 -26.40
CA GLY F 86 -12.00 13.87 -27.64
C GLY F 86 -10.87 13.12 -28.31
N CYS F 87 -9.71 12.99 -27.66
CA CYS F 87 -8.58 12.24 -28.19
C CYS F 87 -8.47 10.84 -27.59
N SER F 88 -9.61 10.22 -27.31
CA SER F 88 -9.61 8.90 -26.69
C SER F 88 -9.02 7.87 -27.64
N GLY F 89 -8.21 6.96 -27.09
CA GLY F 89 -7.60 5.91 -27.88
C GLY F 89 -6.68 6.41 -28.98
N LYS F 90 -5.91 7.45 -28.70
CA LYS F 90 -4.98 8.01 -29.67
C LYS F 90 -3.70 8.44 -28.96
N LEU F 91 -2.60 8.40 -29.71
CA LEU F 91 -1.30 8.87 -29.24
C LEU F 91 -0.96 10.26 -29.77
N ILE F 92 -1.28 10.53 -31.03
CA ILE F 92 -1.17 11.85 -31.63
C ILE F 92 -2.58 12.26 -32.07
N CYS F 93 -3.06 13.37 -31.53
CA CYS F 93 -4.42 13.85 -31.81
C CYS F 93 -4.38 15.37 -31.86
N CYS F 94 -4.32 15.93 -33.07
CA CYS F 94 -4.29 17.37 -33.23
C CYS F 94 -5.71 17.93 -33.29
N THR F 95 -5.89 19.09 -32.66
CA THR F 95 -7.21 19.62 -32.29
C THR F 95 -7.52 20.91 -33.06
N ASN F 96 -8.63 21.54 -32.69
CA ASN F 96 -9.15 22.73 -33.36
C ASN F 96 -8.76 24.04 -32.69
N VAL F 97 -8.20 23.99 -31.48
CA VAL F 97 -7.93 25.24 -30.75
C VAL F 97 -6.78 25.98 -31.45
N PRO F 98 -6.94 27.26 -31.80
CA PRO F 98 -5.81 27.98 -32.40
C PRO F 98 -4.71 28.26 -31.39
N TRP F 99 -3.50 28.46 -31.90
CA TRP F 99 -2.33 28.70 -31.07
C TRP F 99 -2.17 30.21 -30.85
N ASN F 100 -2.41 30.66 -29.63
CA ASN F 100 -2.19 32.05 -29.29
C ASN F 100 -0.70 32.38 -29.32
N SER F 101 -0.36 33.53 -29.89
CA SER F 101 1.03 33.94 -30.01
C SER F 101 1.63 34.39 -28.68
N SER F 102 0.80 34.71 -27.69
CA SER F 102 1.31 35.12 -26.39
C SER F 102 1.97 34.00 -25.62
N TRP F 103 1.64 32.74 -25.94
CA TRP F 103 2.24 31.59 -25.27
C TRP F 103 3.67 31.34 -25.75
N SER F 104 3.90 31.43 -27.05
CA SER F 104 5.23 31.24 -27.63
C SER F 104 5.27 31.78 -29.04
N ASN F 105 6.31 32.55 -29.37
CA ASN F 105 6.43 33.21 -30.67
C ASN F 105 7.48 32.55 -31.56
N ARG F 106 7.97 31.37 -31.18
CA ARG F 106 8.95 30.67 -31.99
C ARG F 106 8.26 29.94 -33.14
N ASN F 107 8.87 30.00 -34.32
CA ASN F 107 8.33 29.31 -35.49
C ASN F 107 8.66 27.82 -35.42
N LEU F 108 8.01 27.05 -36.29
CA LEU F 108 8.17 25.61 -36.30
C LEU F 108 9.61 25.19 -36.61
N SER F 109 10.37 26.04 -37.30
CA SER F 109 11.76 25.70 -37.62
C SER F 109 12.59 25.56 -36.35
N GLU F 110 12.35 26.43 -35.36
CA GLU F 110 13.12 26.47 -34.14
C GLU F 110 12.49 25.66 -33.01
N ILE F 111 11.40 24.94 -33.27
CA ILE F 111 10.71 24.14 -32.26
C ILE F 111 10.95 22.64 -32.49
N TRP F 112 10.66 22.15 -33.68
CA TRP F 112 10.71 20.72 -33.98
C TRP F 112 12.07 20.26 -34.49
N ASP F 113 13.05 21.15 -34.58
CA ASP F 113 14.38 20.78 -35.05
C ASP F 113 15.51 21.40 -34.24
N ASN F 114 15.23 22.26 -33.26
CA ASN F 114 16.26 22.90 -32.46
C ASN F 114 15.85 22.98 -30.99
N MET F 115 15.06 22.01 -30.52
CA MET F 115 14.61 22.00 -29.13
C MET F 115 14.27 20.57 -28.75
N THR F 116 14.23 20.33 -27.44
CA THR F 116 13.85 19.04 -26.87
C THR F 116 12.58 19.21 -26.05
N TRP F 117 11.97 18.07 -25.70
CA TRP F 117 10.70 18.11 -24.98
C TRP F 117 10.86 18.71 -23.59
N LEU F 118 11.97 18.42 -22.89
CA LEU F 118 12.18 18.98 -21.56
C LEU F 118 12.24 20.50 -21.59
N GLN F 119 13.00 21.06 -22.55
CA GLN F 119 13.11 22.51 -22.66
C GLN F 119 11.75 23.13 -22.99
N TRP F 120 11.00 22.51 -23.91
CA TRP F 120 9.69 23.02 -24.26
C TRP F 120 8.74 22.99 -23.06
N ASP F 121 8.78 21.91 -22.29
CA ASP F 121 7.94 21.83 -21.10
C ASP F 121 8.32 22.90 -20.10
N LYS F 122 9.63 23.14 -19.93
CA LYS F 122 10.07 24.21 -19.05
C LYS F 122 9.59 25.57 -19.54
N GLU F 123 9.53 25.75 -20.86
CA GLU F 123 9.19 27.06 -21.42
C GLU F 123 7.72 27.37 -21.27
N ILE F 124 6.84 26.38 -21.43
CA ILE F 124 5.40 26.58 -21.44
C ILE F 124 4.78 25.99 -20.18
N SER F 125 5.53 25.99 -19.08
CA SER F 125 5.02 25.42 -17.84
C SER F 125 3.95 26.30 -17.20
N ASN F 126 3.88 27.58 -17.55
CA ASN F 126 2.97 28.53 -16.90
C ASN F 126 1.77 28.90 -17.76
N TYR F 127 1.55 28.20 -18.87
CA TYR F 127 0.39 28.42 -19.73
C TYR F 127 -0.24 27.09 -20.12
N THR F 128 -0.46 26.21 -19.15
CA THR F 128 -0.96 24.86 -19.39
C THR F 128 -2.44 24.71 -19.06
N GLN F 129 -2.89 25.23 -17.91
CA GLN F 129 -4.27 25.02 -17.48
C GLN F 129 -5.26 25.68 -18.44
N ILE F 130 -4.94 26.89 -18.91
CA ILE F 130 -5.86 27.61 -19.80
C ILE F 130 -6.04 26.83 -21.10
N ILE F 131 -4.97 26.20 -21.60
CA ILE F 131 -5.09 25.40 -22.81
C ILE F 131 -6.01 24.21 -22.57
N TYR F 132 -5.90 23.58 -21.40
CA TYR F 132 -6.77 22.45 -21.07
C TYR F 132 -8.23 22.90 -21.02
N GLY F 133 -8.50 24.04 -20.38
CA GLY F 133 -9.86 24.54 -20.34
C GLY F 133 -10.41 24.87 -21.72
N LEU F 134 -9.58 25.48 -22.56
CA LEU F 134 -10.01 25.78 -23.92
C LEU F 134 -10.30 24.51 -24.69
N LEU F 135 -9.47 23.47 -24.52
CA LEU F 135 -9.72 22.20 -25.20
C LEU F 135 -11.04 21.60 -24.72
N GLU F 136 -11.30 21.63 -23.41
CA GLU F 136 -12.55 21.09 -22.89
C GLU F 136 -13.75 21.82 -23.47
N GLU F 137 -13.71 23.16 -23.47
CA GLU F 137 -14.84 23.93 -23.98
C GLU F 137 -15.02 23.70 -25.47
N SER F 138 -13.92 23.60 -26.22
CA SER F 138 -14.02 23.35 -27.65
C SER F 138 -14.63 21.98 -27.93
N GLN F 139 -14.23 20.97 -27.17
CA GLN F 139 -14.81 19.64 -27.38
C GLN F 139 -16.29 19.63 -27.03
N ASN F 140 -16.67 20.31 -25.96
CA ASN F 140 -18.09 20.38 -25.60
C ASN F 140 -18.89 21.08 -26.71
N GLN F 141 -18.36 22.18 -27.23
CA GLN F 141 -19.05 22.89 -28.31
C GLN F 141 -19.16 22.02 -29.55
N GLN F 142 -18.10 21.29 -29.89
CA GLN F 142 -18.14 20.41 -31.05
C GLN F 142 -19.17 19.30 -30.86
N GLU F 143 -19.25 18.73 -29.65
CA GLU F 143 -20.25 17.69 -29.40
C GLU F 143 -21.67 18.25 -29.54
N LYS F 144 -21.91 19.44 -28.99
CA LYS F 144 -23.23 20.04 -29.11
C LYS F 144 -23.57 20.34 -30.56
N ASN F 145 -22.61 20.85 -31.33
CA ASN F 145 -22.86 21.14 -32.73
C ASN F 145 -23.14 19.86 -33.52
N GLU F 146 -22.41 18.78 -33.22
CA GLU F 146 -22.66 17.51 -33.88
C GLU F 146 -24.06 16.99 -33.55
N GLN F 147 -24.47 17.10 -32.28
CA GLN F 147 -25.81 16.68 -31.90
C GLN F 147 -26.87 17.50 -32.63
N ASP F 148 -26.65 18.81 -32.75
CA ASP F 148 -27.59 19.66 -33.47
C ASP F 148 -27.66 19.26 -34.94
N LEU F 149 -26.50 18.97 -35.55
CA LEU F 149 -26.49 18.57 -36.96
C LEU F 149 -27.23 17.27 -37.17
N LEU F 150 -27.03 16.29 -36.27
CA LEU F 150 -27.65 14.98 -36.43
C LEU F 150 -29.17 15.02 -36.25
N ALA F 151 -29.71 16.10 -35.67
CA ALA F 151 -31.16 16.18 -35.47
C ALA F 151 -31.91 16.36 -36.78
N LEU F 152 -31.26 16.86 -37.82
CA LEU F 152 -31.92 17.07 -39.11
C LEU F 152 -32.15 15.74 -39.82
N GLN G 1 -16.56 34.26 5.26
CA GLN G 1 -16.36 35.58 4.61
C GLN G 1 -14.91 35.75 4.15
N VAL G 2 -14.69 36.62 3.17
CA VAL G 2 -13.37 36.89 2.62
C VAL G 2 -12.83 38.16 3.25
N GLN G 3 -11.57 38.11 3.70
CA GLN G 3 -10.92 39.25 4.34
C GLN G 3 -9.53 39.42 3.75
N LEU G 4 -9.05 40.67 3.75
CA LEU G 4 -7.72 41.02 3.27
C LEU G 4 -7.03 41.90 4.31
N GLN G 5 -5.76 41.62 4.54
CA GLN G 5 -4.95 42.38 5.51
C GLN G 5 -3.60 42.70 4.89
N GLU G 6 -3.19 43.96 4.99
CA GLU G 6 -1.93 44.42 4.44
C GLU G 6 -0.85 44.45 5.51
N SER G 7 0.40 44.38 5.06
CA SER G 7 1.55 44.39 5.97
C SER G 7 2.76 44.92 5.22
N GLY G 8 3.72 45.42 5.99
CA GLY G 8 4.95 45.96 5.44
C GLY G 8 5.46 47.12 6.27
N PRO G 9 6.66 47.61 5.94
CA PRO G 9 7.22 48.75 6.69
C PRO G 9 6.43 50.02 6.39
N GLY G 10 6.07 50.75 7.45
CA GLY G 10 5.30 51.97 7.28
C GLY G 10 6.12 53.15 6.80
N LEU G 11 7.41 53.20 7.14
CA LEU G 11 8.30 54.30 6.78
C LEU G 11 9.36 53.79 5.83
N VAL G 12 9.55 54.49 4.71
CA VAL G 12 10.54 54.15 3.70
C VAL G 12 11.29 55.42 3.31
N LYS G 13 12.54 55.23 2.82
CA LYS G 13 13.39 56.36 2.46
C LYS G 13 13.22 56.70 0.97
N PRO G 14 13.53 57.93 0.55
CA PRO G 14 13.45 58.25 -0.88
C PRO G 14 14.44 57.44 -1.68
N SER G 15 14.05 57.11 -2.91
CA SER G 15 14.82 56.33 -3.88
C SER G 15 14.94 54.86 -3.50
N GLU G 16 14.37 54.42 -2.37
CA GLU G 16 14.41 53.04 -1.97
C GLU G 16 13.17 52.31 -2.50
N THR G 17 13.09 51.02 -2.22
CA THR G 17 12.01 50.17 -2.72
C THR G 17 11.00 49.93 -1.60
N LEU G 18 9.74 50.26 -1.88
CA LEU G 18 8.65 50.01 -0.94
C LEU G 18 7.99 48.68 -1.25
N SER G 19 8.01 47.77 -0.28
CA SER G 19 7.42 46.44 -0.43
C SER G 19 6.24 46.31 0.50
N LEU G 20 5.08 45.96 -0.05
CA LEU G 20 3.88 45.69 0.72
C LEU G 20 3.37 44.30 0.38
N THR G 21 2.73 43.63 1.34
CA THR G 21 2.20 42.29 1.15
C THR G 21 0.77 42.22 1.67
N CYS G 22 -0.15 41.80 0.81
CA CYS G 22 -1.54 41.63 1.17
C CYS G 22 -1.83 40.13 1.28
N ALA G 23 -2.35 39.73 2.45
CA ALA G 23 -2.71 38.35 2.73
C ALA G 23 -4.23 38.25 2.78
N VAL G 24 -4.77 37.22 2.12
CA VAL G 24 -6.21 37.02 2.03
C VAL G 24 -6.59 35.77 2.80
N SER G 25 -7.80 35.79 3.35
CA SER G 25 -8.39 34.65 4.03
C SER G 25 -9.82 34.48 3.53
N GLY G 26 -10.27 33.23 3.50
CA GLY G 26 -11.60 32.90 3.02
C GLY G 26 -11.70 32.54 1.55
N VAL G 27 -10.61 32.66 0.79
CA VAL G 27 -10.61 32.29 -0.62
C VAL G 27 -9.16 32.15 -1.06
N SER G 28 -8.93 31.22 -1.98
CA SER G 28 -7.59 31.01 -2.52
C SER G 28 -7.25 32.06 -3.57
N ILE G 29 -5.95 32.28 -3.78
CA ILE G 29 -5.46 33.24 -4.75
C ILE G 29 -5.09 32.59 -6.09
N SER G 30 -5.25 31.28 -6.21
CA SER G 30 -4.92 30.57 -7.44
C SER G 30 -6.07 30.52 -8.44
N GLY G 31 -7.26 31.01 -8.07
CA GLY G 31 -8.41 30.99 -8.95
C GLY G 31 -8.40 32.15 -9.92
N ASN G 32 -9.51 32.28 -10.66
CA ASN G 32 -9.68 33.34 -11.65
C ASN G 32 -10.08 34.63 -10.93
N TYR G 33 -9.08 35.28 -10.35
CA TYR G 33 -9.25 36.55 -9.65
C TYR G 33 -8.14 37.50 -10.05
N TYR G 34 -8.49 38.78 -10.10
CA TYR G 34 -7.53 39.86 -10.35
C TYR G 34 -7.35 40.65 -9.07
N TRP G 35 -6.14 40.61 -8.51
CA TRP G 35 -5.82 41.29 -7.27
C TRP G 35 -5.23 42.66 -7.61
N ASN G 36 -5.88 43.72 -7.13
CA ASN G 36 -5.57 45.10 -7.48
C ASN G 36 -4.99 45.84 -6.30
N TRP G 37 -4.10 46.79 -6.58
CA TRP G 37 -3.51 47.67 -5.58
C TRP G 37 -3.95 49.10 -5.86
N ILE G 38 -4.51 49.76 -4.84
CA ILE G 38 -5.01 51.12 -4.95
C ILE G 38 -4.38 51.93 -3.82
N ARG G 39 -4.24 53.23 -4.04
CA ARG G 39 -3.72 54.13 -3.02
C ARG G 39 -4.53 55.41 -2.99
N GLN G 40 -4.67 55.99 -1.80
CA GLN G 40 -5.32 57.27 -1.60
C GLN G 40 -4.36 58.22 -0.88
N SER G 41 -4.18 59.40 -1.44
CA SER G 41 -3.33 60.45 -0.89
C SER G 41 -4.11 61.74 -0.82
N PRO G 42 -3.68 62.69 0.01
CA PRO G 42 -4.38 63.99 0.05
C PRO G 42 -4.37 64.67 -1.31
N GLY G 43 -5.50 65.28 -1.65
CA GLY G 43 -5.64 65.97 -2.93
C GLY G 43 -5.88 65.07 -4.12
N LYS G 44 -5.01 64.09 -4.35
CA LYS G 44 -5.14 63.22 -5.51
C LYS G 44 -6.35 62.29 -5.40
N GLY G 45 -6.66 61.82 -4.20
CA GLY G 45 -7.75 60.88 -4.03
C GLY G 45 -7.34 59.46 -4.41
N LEU G 46 -8.35 58.66 -4.74
CA LEU G 46 -8.11 57.27 -5.12
C LEU G 46 -7.30 57.21 -6.41
N GLU G 47 -6.27 56.36 -6.41
CA GLU G 47 -5.44 56.14 -7.58
C GLU G 47 -5.09 54.67 -7.69
N TRP G 48 -5.15 54.14 -8.91
CA TRP G 48 -4.94 52.72 -9.18
C TRP G 48 -3.49 52.47 -9.59
N ILE G 49 -2.86 51.51 -8.93
CA ILE G 49 -1.45 51.18 -9.19
C ILE G 49 -1.39 50.14 -10.29
N GLY G 50 -2.01 48.99 -10.05
CA GLY G 50 -1.96 47.90 -11.01
C GLY G 50 -2.72 46.70 -10.48
N ASN G 51 -2.63 45.61 -11.23
CA ASN G 51 -3.25 44.37 -10.80
C ASN G 51 -2.47 43.17 -11.34
N ILE G 52 -2.71 42.02 -10.71
CA ILE G 52 -2.07 40.76 -11.06
C ILE G 52 -3.14 39.68 -11.13
N HIS G 53 -3.01 38.79 -12.12
CA HIS G 53 -3.91 37.65 -12.30
C HIS G 53 -3.31 36.45 -11.57
N GLY G 54 -4.07 35.91 -10.62
CA GLY G 54 -3.53 34.83 -9.79
C GLY G 54 -3.23 33.56 -10.57
N ASN G 55 -4.16 33.15 -11.43
CA ASN G 55 -4.03 31.85 -12.09
C ASN G 55 -2.85 31.84 -13.07
N THR G 56 -2.73 32.88 -13.89
CA THR G 56 -1.74 32.92 -14.97
C THR G 56 -0.53 33.77 -14.63
N ALA G 57 -0.63 34.66 -13.63
CA ALA G 57 0.42 35.61 -13.28
C ALA G 57 0.60 36.69 -14.33
N ALA G 58 -0.49 37.06 -15.01
CA ALA G 58 -0.49 38.18 -15.93
C ALA G 58 -0.70 39.47 -15.14
N THR G 59 0.19 40.43 -15.35
CA THR G 59 0.21 41.68 -14.58
C THR G 59 -0.02 42.87 -15.51
N VAL G 60 -0.72 43.87 -14.98
CA VAL G 60 -0.93 45.14 -15.68
C VAL G 60 -0.58 46.27 -14.73
N TYR G 61 0.13 47.28 -15.22
CA TYR G 61 0.62 48.39 -14.42
C TYR G 61 0.06 49.70 -14.96
N ASN G 62 -0.05 50.68 -14.07
CA ASN G 62 -0.48 52.01 -14.48
C ASN G 62 0.61 52.65 -15.35
N PRO G 63 0.27 53.18 -16.53
CA PRO G 63 1.32 53.85 -17.33
C PRO G 63 1.95 55.04 -16.62
N SER G 64 1.21 55.70 -15.72
CA SER G 64 1.77 56.87 -15.04
C SER G 64 2.98 56.51 -14.21
N LEU G 65 2.90 55.39 -13.48
CA LEU G 65 4.03 54.96 -12.66
C LEU G 65 5.15 54.34 -13.48
N GLY G 66 4.92 54.01 -14.75
CA GLY G 66 5.97 53.45 -15.57
C GLY G 66 6.34 52.05 -15.13
N SER G 67 7.63 51.75 -15.16
CA SER G 67 8.15 50.44 -14.82
C SER G 67 8.49 50.30 -13.34
N ARG G 68 8.17 51.31 -12.52
CA ARG G 68 8.50 51.27 -11.10
C ARG G 68 7.66 50.25 -10.33
N VAL G 69 6.61 49.70 -10.93
CA VAL G 69 5.66 48.82 -10.25
C VAL G 69 5.97 47.38 -10.63
N THR G 70 6.00 46.50 -9.63
CA THR G 70 6.14 45.07 -9.85
C THR G 70 5.21 44.33 -8.88
N PHE G 71 4.73 43.17 -9.31
CA PHE G 71 3.83 42.36 -8.50
C PHE G 71 4.34 40.92 -8.45
N SER G 72 4.02 40.26 -7.33
CA SER G 72 4.33 38.84 -7.17
C SER G 72 3.21 38.19 -6.37
N ARG G 73 3.09 36.87 -6.48
CA ARG G 73 2.05 36.13 -5.79
C ARG G 73 2.63 34.83 -5.25
N ASP G 74 2.35 34.54 -3.98
CA ASP G 74 2.76 33.32 -3.31
C ASP G 74 1.50 32.51 -3.00
N THR G 75 1.36 31.37 -3.67
CA THR G 75 0.18 30.52 -3.46
C THR G 75 0.28 29.74 -2.16
N SER G 76 1.50 29.33 -1.79
CA SER G 76 1.66 28.55 -0.57
C SER G 76 1.24 29.35 0.67
N LYS G 77 1.63 30.62 0.73
CA LYS G 77 1.24 31.50 1.82
C LYS G 77 -0.09 32.21 1.57
N ASN G 78 -0.63 32.11 0.35
CA ASN G 78 -1.89 32.78 0.01
C ASN G 78 -1.77 34.29 0.16
N GLN G 79 -0.74 34.86 -0.47
CA GLN G 79 -0.44 36.28 -0.37
C GLN G 79 -0.04 36.81 -1.73
N PHE G 80 -0.06 38.13 -1.86
CA PHE G 80 0.49 38.79 -3.04
C PHE G 80 1.14 40.10 -2.64
N SER G 81 2.29 40.39 -3.24
CA SER G 81 3.15 41.48 -2.84
C SER G 81 3.31 42.50 -3.97
N LEU G 82 3.28 43.77 -3.59
CA LEU G 82 3.53 44.90 -4.48
C LEU G 82 4.89 45.51 -4.15
N ARG G 83 5.63 45.87 -5.19
CA ARG G 83 6.97 46.43 -5.07
C ARG G 83 7.02 47.73 -5.88
N LEU G 84 7.41 48.81 -5.24
CA LEU G 84 7.48 50.14 -5.86
C LEU G 84 8.92 50.62 -5.76
N ASP G 85 9.60 50.69 -6.90
CA ASP G 85 10.98 51.16 -6.95
C ASP G 85 11.03 52.67 -7.11
N SER G 86 12.10 53.27 -6.61
CA SER G 86 12.35 54.71 -6.70
C SER G 86 11.17 55.49 -6.12
N VAL G 87 10.92 55.24 -4.83
CA VAL G 87 9.83 55.92 -4.14
C VAL G 87 10.23 57.36 -3.83
N THR G 88 9.28 58.28 -3.97
CA THR G 88 9.49 59.70 -3.75
C THR G 88 8.45 60.23 -2.77
N ALA G 89 8.50 61.54 -2.53
CA ALA G 89 7.58 62.16 -1.57
C ALA G 89 6.13 62.13 -2.06
N ALA G 90 5.90 61.98 -3.36
CA ALA G 90 4.55 61.90 -3.89
C ALA G 90 3.86 60.58 -3.57
N ASP G 91 4.59 59.59 -3.06
CA ASP G 91 4.05 58.25 -2.83
C ASP G 91 3.51 58.07 -1.42
N THR G 92 3.56 59.09 -0.56
CA THR G 92 2.98 58.98 0.77
C THR G 92 1.46 58.86 0.65
N ALA G 93 0.90 57.75 1.14
CA ALA G 93 -0.51 57.46 0.90
C ALA G 93 -0.93 56.28 1.76
N VAL G 94 -2.24 56.03 1.79
CA VAL G 94 -2.80 54.82 2.39
C VAL G 94 -3.07 53.84 1.25
N TYR G 95 -2.48 52.64 1.36
CA TYR G 95 -2.55 51.63 0.32
C TYR G 95 -3.56 50.56 0.72
N PHE G 96 -4.42 50.18 -0.23
CA PHE G 96 -5.39 49.13 -0.06
C PHE G 96 -5.18 48.07 -1.14
N CYS G 97 -5.45 46.81 -0.77
CA CYS G 97 -5.46 45.70 -1.70
C CYS G 97 -6.91 45.23 -1.86
N ALA G 98 -7.37 45.17 -3.11
CA ALA G 98 -8.77 44.95 -3.42
C ALA G 98 -8.91 43.86 -4.47
N THR G 99 -10.15 43.42 -4.67
CA THR G 99 -10.48 42.45 -5.71
C THR G 99 -11.97 42.56 -6.00
N LEU G 100 -12.32 42.55 -7.28
CA LEU G 100 -13.70 42.63 -7.74
C LEU G 100 -13.99 41.45 -8.66
N TYR G 101 -15.08 40.75 -8.39
CA TYR G 101 -15.44 39.62 -9.24
C TYR G 101 -16.92 39.30 -9.10
N GLU G 102 -17.48 38.70 -10.15
CA GLU G 102 -18.88 38.36 -10.22
C GLU G 102 -19.05 36.85 -10.24
N PHE G 103 -19.98 36.37 -9.41
CA PHE G 103 -20.30 34.94 -9.32
C PHE G 103 -21.54 34.68 -10.17
N ARG G 104 -21.40 33.77 -11.13
CA ARG G 104 -22.44 33.49 -12.12
C ARG G 104 -22.46 31.99 -12.39
N VAL G 105 -23.30 31.59 -13.35
CA VAL G 105 -23.39 30.20 -13.77
C VAL G 105 -22.73 30.06 -15.14
N TYR G 106 -22.59 28.81 -15.58
CA TYR G 106 -21.83 28.48 -16.78
C TYR G 106 -22.77 28.52 -17.99
N MET G 107 -22.58 29.50 -18.86
CA MET G 107 -23.52 29.82 -19.94
C MET G 107 -24.94 30.02 -19.39
N GLY G 108 -25.09 31.06 -18.58
CA GLY G 108 -26.39 31.47 -18.10
C GLY G 108 -26.40 32.89 -17.58
N GLU G 109 -27.09 33.12 -16.47
CA GLU G 109 -27.24 34.45 -15.89
C GLU G 109 -26.20 34.67 -14.79
N ARG G 110 -26.30 35.81 -14.11
CA ARG G 110 -25.38 36.19 -13.05
C ARG G 110 -26.10 36.11 -11.71
N ILE G 111 -25.38 35.63 -10.70
CA ILE G 111 -25.94 35.43 -9.36
C ILE G 111 -25.63 36.61 -8.44
N SER G 112 -24.37 37.03 -8.37
CA SER G 112 -23.99 38.05 -7.40
C SER G 112 -22.70 38.73 -7.82
N TYR G 113 -22.39 39.82 -7.13
CA TYR G 113 -21.18 40.61 -7.32
C TYR G 113 -20.46 40.73 -5.99
N HIS G 114 -19.12 40.84 -6.03
CA HIS G 114 -18.32 40.84 -4.82
C HIS G 114 -17.15 41.80 -4.95
N ASP G 115 -17.01 42.69 -3.97
CA ASP G 115 -15.80 43.47 -3.75
C ASP G 115 -15.62 43.65 -2.25
N TYR G 116 -14.36 43.70 -1.80
CA TYR G 116 -14.04 43.64 -0.38
C TYR G 116 -13.32 44.88 0.13
N TRP G 117 -12.28 45.34 -0.57
CA TRP G 117 -11.60 46.60 -0.25
C TRP G 117 -11.06 46.59 1.19
N GLY G 118 -10.05 45.75 1.39
CA GLY G 118 -9.44 45.56 2.69
C GLY G 118 -9.00 46.83 3.39
N GLN G 119 -8.59 46.70 4.66
CA GLN G 119 -8.39 47.86 5.52
C GLN G 119 -7.34 48.81 4.96
N GLY G 120 -6.20 48.28 4.55
CA GLY G 120 -5.12 49.11 4.05
C GLY G 120 -4.19 49.59 5.16
N LEU G 121 -3.09 50.20 4.75
CA LEU G 121 -2.07 50.69 5.67
C LEU G 121 -1.52 52.02 5.19
N LEU G 122 -1.21 52.91 6.13
CA LEU G 122 -0.59 54.19 5.81
C LEU G 122 0.91 54.01 5.65
N VAL G 123 1.46 54.62 4.59
CA VAL G 123 2.89 54.57 4.31
C VAL G 123 3.36 55.98 3.99
N THR G 124 4.45 56.39 4.65
CA THR G 124 5.07 57.70 4.47
C THR G 124 6.47 57.51 3.93
N VAL G 125 6.95 58.49 3.18
CA VAL G 125 8.23 58.43 2.48
C VAL G 125 9.08 59.59 2.98
N SER G 126 10.19 59.25 3.65
CA SER G 126 11.10 60.26 4.16
C SER G 126 12.35 59.56 4.67
N ALA G 127 13.48 60.27 4.61
CA ALA G 127 14.76 59.72 5.06
C ALA G 127 14.92 59.89 6.56
N ASP H 1 -5.70 57.75 -21.17
CA ASP H 1 -6.55 57.26 -20.03
C ASP H 1 -7.89 57.98 -20.01
N ILE H 2 -8.92 57.25 -19.59
CA ILE H 2 -10.27 57.82 -19.51
C ILE H 2 -10.36 58.63 -18.23
N GLN H 3 -10.79 59.88 -18.35
CA GLN H 3 -10.86 60.83 -17.24
C GLN H 3 -12.31 60.99 -16.80
N MET H 4 -12.53 60.96 -15.49
CA MET H 4 -13.85 61.09 -14.90
C MET H 4 -13.99 62.45 -14.22
N THR H 5 -15.18 63.05 -14.37
CA THR H 5 -15.48 64.35 -13.79
C THR H 5 -16.81 64.26 -13.06
N GLN H 6 -16.83 64.67 -11.79
CA GLN H 6 -18.02 64.61 -10.95
C GLN H 6 -18.51 66.01 -10.64
N SER H 7 -19.85 66.14 -10.54
CA SER H 7 -20.48 67.41 -10.21
C SER H 7 -21.71 67.15 -9.34
N PRO H 8 -21.95 67.98 -8.30
CA PRO H 8 -21.15 69.10 -7.80
C PRO H 8 -19.96 68.62 -6.98
N SER H 9 -18.93 69.45 -6.81
CA SER H 9 -17.80 69.05 -5.96
C SER H 9 -18.24 68.86 -4.52
N SER H 10 -19.17 69.69 -4.04
CA SER H 10 -19.73 69.54 -2.70
C SER H 10 -21.16 70.04 -2.71
N LEU H 11 -21.95 69.54 -1.77
CA LEU H 11 -23.34 69.93 -1.66
C LEU H 11 -23.81 69.71 -0.23
N SER H 12 -24.92 70.36 0.11
CA SER H 12 -25.54 70.25 1.43
C SER H 12 -27.02 69.93 1.27
N ALA H 13 -27.51 69.03 2.11
CA ALA H 13 -28.91 68.64 2.08
C ALA H 13 -29.34 68.21 3.47
N SER H 14 -30.64 68.30 3.72
CA SER H 14 -31.22 67.92 5.00
C SER H 14 -31.69 66.46 4.97
N VAL H 15 -32.12 65.97 6.12
CA VAL H 15 -32.61 64.61 6.23
C VAL H 15 -33.91 64.48 5.44
N GLY H 16 -33.97 63.48 4.57
CA GLY H 16 -35.15 63.24 3.75
C GLY H 16 -35.15 63.94 2.41
N ASP H 17 -34.16 64.79 2.14
CA ASP H 17 -34.09 65.50 0.87
C ASP H 17 -33.59 64.58 -0.23
N ARG H 18 -33.78 65.01 -1.48
CA ARG H 18 -33.34 64.28 -2.66
C ARG H 18 -32.04 64.87 -3.16
N VAL H 19 -31.03 64.02 -3.35
CA VAL H 19 -29.70 64.45 -3.76
C VAL H 19 -29.35 63.76 -5.07
N THR H 20 -28.75 64.52 -5.99
CA THR H 20 -28.36 64.00 -7.30
C THR H 20 -26.92 64.41 -7.58
N ILE H 21 -26.12 63.44 -8.05
CA ILE H 21 -24.72 63.67 -8.41
C ILE H 21 -24.50 63.07 -9.79
N SER H 22 -23.73 63.78 -10.62
CA SER H 22 -23.48 63.38 -12.01
C SER H 22 -22.00 63.09 -12.20
N CYS H 23 -21.70 62.01 -12.93
CA CYS H 23 -20.35 61.62 -13.28
C CYS H 23 -20.26 61.45 -14.79
N ARG H 24 -19.28 62.11 -15.40
CA ARG H 24 -19.07 62.10 -16.85
C ARG H 24 -17.72 61.48 -17.17
N ALA H 25 -17.69 60.72 -18.26
CA ALA H 25 -16.48 60.06 -18.75
C ALA H 25 -16.01 60.74 -20.04
N SER H 26 -14.70 60.72 -20.26
CA SER H 26 -14.14 61.33 -21.46
C SER H 26 -14.55 60.61 -22.73
N GLN H 27 -14.92 59.32 -22.63
CA GLN H 27 -15.34 58.55 -23.78
C GLN H 27 -16.32 57.48 -23.32
N ASP H 28 -17.06 56.92 -24.28
CA ASP H 28 -18.07 55.92 -23.96
C ASP H 28 -17.43 54.72 -23.29
N ILE H 29 -18.08 54.25 -22.21
CA ILE H 29 -17.61 53.09 -21.45
C ILE H 29 -18.74 52.08 -21.28
N SER H 30 -19.77 52.18 -22.13
CA SER H 30 -20.95 51.32 -22.05
C SER H 30 -21.56 51.50 -20.66
N SER H 31 -21.71 50.44 -19.85
CA SER H 31 -22.24 50.55 -18.49
C SER H 31 -21.22 50.10 -17.45
N ASP H 32 -19.93 50.13 -17.80
CA ASP H 32 -18.88 49.67 -16.89
C ASP H 32 -18.48 50.81 -15.94
N LEU H 33 -19.38 51.11 -15.02
CA LEU H 33 -19.14 52.12 -14.00
C LEU H 33 -19.74 51.67 -12.68
N ASN H 34 -19.11 52.09 -11.59
CA ASN H 34 -19.54 51.77 -10.24
C ASN H 34 -19.56 53.04 -9.40
N TRP H 35 -20.44 53.05 -8.39
CA TRP H 35 -20.56 54.14 -7.43
C TRP H 35 -20.27 53.60 -6.05
N TYR H 36 -19.32 54.24 -5.36
CA TYR H 36 -18.89 53.83 -4.02
C TYR H 36 -19.08 54.98 -3.03
N GLN H 37 -19.28 54.60 -1.76
CA GLN H 37 -19.37 55.53 -0.65
C GLN H 37 -18.18 55.33 0.26
N GLN H 38 -17.67 56.42 0.82
CA GLN H 38 -16.56 56.38 1.79
C GLN H 38 -16.85 57.37 2.90
N LYS H 39 -16.91 56.86 4.13
CA LYS H 39 -17.02 57.69 5.32
C LYS H 39 -15.63 58.05 5.83
N PRO H 40 -15.51 59.08 6.67
CA PRO H 40 -14.19 59.43 7.21
C PRO H 40 -13.60 58.29 8.01
N GLY H 41 -12.36 57.93 7.69
CA GLY H 41 -11.65 56.90 8.42
C GLY H 41 -12.08 55.48 8.12
N LYS H 42 -12.79 55.25 7.02
CA LYS H 42 -13.26 53.93 6.63
C LYS H 42 -12.97 53.69 5.16
N PRO H 43 -12.83 52.43 4.74
CA PRO H 43 -12.58 52.15 3.32
C PRO H 43 -13.83 52.37 2.49
N PRO H 44 -13.70 52.53 1.17
CA PRO H 44 -14.91 52.71 0.35
C PRO H 44 -15.82 51.49 0.40
N GLN H 45 -17.12 51.75 0.27
CA GLN H 45 -18.14 50.71 0.24
C GLN H 45 -18.94 50.85 -1.05
N LEU H 46 -19.25 49.70 -1.66
CA LEU H 46 -19.96 49.70 -2.94
C LEU H 46 -21.42 50.11 -2.73
N LEU H 47 -21.88 51.09 -3.51
CA LEU H 47 -23.29 51.43 -3.57
C LEU H 47 -23.98 50.83 -4.79
N ILE H 48 -23.46 51.13 -5.98
CA ILE H 48 -24.08 50.71 -7.24
C ILE H 48 -23.01 50.07 -8.11
N TYR H 49 -23.35 48.95 -8.73
CA TYR H 49 -22.46 48.25 -9.65
C TYR H 49 -23.15 48.15 -11.02
N PHE H 50 -22.35 48.32 -12.07
CA PHE H 50 -22.83 48.40 -13.46
C PHE H 50 -23.77 49.60 -13.67
N ALA H 51 -23.74 50.58 -12.77
CA ALA H 51 -24.39 51.88 -12.96
C ALA H 51 -25.91 51.82 -12.85
N SER H 52 -26.49 50.64 -12.64
CA SER H 52 -27.94 50.52 -12.52
C SER H 52 -28.37 49.40 -11.58
N ASN H 53 -27.45 48.72 -10.90
CA ASN H 53 -27.76 47.58 -10.06
C ASN H 53 -27.38 47.88 -8.61
N LEU H 54 -28.34 47.71 -7.70
CA LEU H 54 -28.14 47.99 -6.29
C LEU H 54 -27.48 46.80 -5.60
N GLN H 55 -26.44 47.07 -4.84
CA GLN H 55 -25.73 46.02 -4.12
C GLN H 55 -26.63 45.45 -3.02
N SER H 56 -26.45 44.16 -2.75
CA SER H 56 -27.22 43.50 -1.71
C SER H 56 -26.90 44.12 -0.35
N GLY H 57 -27.95 44.39 0.44
CA GLY H 57 -27.80 44.97 1.75
C GLY H 57 -27.80 46.48 1.78
N VAL H 58 -27.58 47.13 0.65
CA VAL H 58 -27.63 48.59 0.59
C VAL H 58 -29.09 49.04 0.70
N PRO H 59 -29.40 50.16 1.36
CA PRO H 59 -30.80 50.62 1.38
C PRO H 59 -31.32 50.90 -0.02
N SER H 60 -32.62 50.64 -0.21
CA SER H 60 -33.25 50.83 -1.51
C SER H 60 -33.34 52.30 -1.92
N ARG H 61 -33.09 53.23 -1.00
CA ARG H 61 -33.18 54.64 -1.33
C ARG H 61 -32.17 55.03 -2.39
N PHE H 62 -30.94 54.51 -2.30
CA PHE H 62 -29.93 54.80 -3.30
C PHE H 62 -30.32 54.21 -4.65
N SER H 63 -29.94 54.90 -5.72
CA SER H 63 -30.22 54.43 -7.07
C SER H 63 -29.20 55.01 -8.03
N GLY H 64 -29.03 54.33 -9.16
CA GLY H 64 -28.12 54.79 -10.19
C GLY H 64 -28.75 54.62 -11.56
N SER H 65 -28.32 55.47 -12.48
CA SER H 65 -28.87 55.47 -13.84
C SER H 65 -27.86 56.09 -14.79
N GLY H 66 -28.18 56.03 -16.07
CA GLY H 66 -27.37 56.63 -17.12
C GLY H 66 -26.66 55.58 -17.96
N ALA H 67 -25.87 56.08 -18.90
CA ALA H 67 -25.16 55.23 -19.85
C ALA H 67 -24.20 56.11 -20.63
N GLY H 68 -23.49 55.50 -21.57
CA GLY H 68 -22.60 56.22 -22.46
C GLY H 68 -21.53 57.01 -21.74
N THR H 69 -21.63 58.33 -21.80
CA THR H 69 -20.69 59.24 -21.16
C THR H 69 -21.32 60.04 -20.02
N GLU H 70 -22.48 59.63 -19.52
CA GLU H 70 -23.17 60.36 -18.46
C GLU H 70 -23.87 59.38 -17.55
N PHE H 71 -23.57 59.46 -16.26
CA PHE H 71 -24.17 58.60 -15.25
C PHE H 71 -24.58 59.46 -14.06
N THR H 72 -25.60 58.99 -13.33
CA THR H 72 -26.18 59.75 -12.24
C THR H 72 -26.45 58.84 -11.05
N LEU H 73 -26.13 59.34 -9.87
CA LEU H 73 -26.44 58.68 -8.60
C LEU H 73 -27.45 59.55 -7.85
N THR H 74 -28.52 58.92 -7.38
CA THR H 74 -29.62 59.61 -6.73
C THR H 74 -29.89 58.99 -5.36
N ILE H 75 -29.98 59.85 -4.35
CA ILE H 75 -30.43 59.46 -3.02
C ILE H 75 -31.81 60.06 -2.83
N ASN H 76 -32.82 59.20 -2.72
CA ASN H 76 -34.20 59.68 -2.66
C ASN H 76 -34.49 60.34 -1.32
N SER H 77 -34.06 59.72 -0.22
CA SER H 77 -34.33 60.20 1.13
C SER H 77 -33.02 60.13 1.92
N LEU H 78 -32.32 61.26 2.01
CA LEU H 78 -31.05 61.30 2.73
C LEU H 78 -31.28 61.08 4.22
N GLN H 79 -30.39 60.30 4.83
CA GLN H 79 -30.48 59.93 6.23
C GLN H 79 -29.25 60.45 6.98
N ALA H 80 -29.22 60.19 8.29
CA ALA H 80 -28.12 60.67 9.12
C ALA H 80 -26.81 60.00 8.74
N GLU H 81 -26.85 58.71 8.40
CA GLU H 81 -25.64 57.96 8.08
C GLU H 81 -25.22 58.09 6.63
N ASP H 82 -25.95 58.85 5.81
CA ASP H 82 -25.63 58.98 4.39
C ASP H 82 -24.70 60.14 4.08
N PHE H 83 -24.23 60.87 5.09
CA PHE H 83 -23.32 61.99 4.88
C PHE H 83 -21.90 61.44 4.77
N ALA H 84 -21.31 61.53 3.59
CA ALA H 84 -20.03 60.89 3.31
C ALA H 84 -19.56 61.38 1.94
N SER H 85 -18.45 60.82 1.45
CA SER H 85 -17.96 61.09 0.11
C SER H 85 -18.44 59.99 -0.83
N TYR H 86 -18.70 60.37 -2.08
CA TYR H 86 -19.16 59.45 -3.11
C TYR H 86 -18.26 59.56 -4.32
N PHE H 87 -17.90 58.42 -4.89
CA PHE H 87 -16.96 58.33 -6.00
C PHE H 87 -17.52 57.46 -7.10
N CYS H 88 -17.20 57.84 -8.35
CA CYS H 88 -17.55 57.05 -9.53
C CYS H 88 -16.27 56.48 -10.14
N LEU H 89 -16.28 55.17 -10.37
CA LEU H 89 -15.13 54.43 -10.86
C LEU H 89 -15.46 53.79 -12.20
N GLN H 90 -14.50 53.84 -13.12
CA GLN H 90 -14.61 53.19 -14.42
C GLN H 90 -13.60 52.05 -14.50
N TYR H 91 -14.01 50.94 -15.15
CA TYR H 91 -13.12 49.81 -15.37
C TYR H 91 -13.29 49.22 -16.77
N GLN H 92 -13.75 50.03 -17.73
CA GLN H 92 -13.94 49.53 -19.09
C GLN H 92 -12.61 49.17 -19.74
N SER H 93 -11.60 50.03 -19.60
CA SER H 93 -10.29 49.82 -20.18
C SER H 93 -9.22 50.25 -19.20
N TYR H 94 -8.05 49.64 -19.31
CA TYR H 94 -6.95 49.97 -18.42
C TYR H 94 -6.41 51.36 -18.74
N PRO H 95 -5.89 52.09 -17.72
CA PRO H 95 -5.87 51.78 -16.28
C PRO H 95 -7.17 52.17 -15.61
N TRP H 96 -7.53 51.54 -14.49
CA TRP H 96 -8.72 51.97 -13.75
C TRP H 96 -8.48 53.36 -13.19
N THR H 97 -9.46 54.25 -13.38
CA THR H 97 -9.38 55.64 -12.97
C THR H 97 -10.53 55.97 -12.04
N PHE H 98 -10.20 56.64 -10.93
CA PHE H 98 -11.17 57.09 -9.95
C PHE H 98 -11.40 58.60 -10.12
N GLY H 99 -12.54 59.06 -9.61
CA GLY H 99 -12.89 60.45 -9.66
C GLY H 99 -12.43 61.22 -8.44
N GLN H 100 -12.63 62.54 -8.49
CA GLN H 100 -12.29 63.38 -7.34
C GLN H 100 -13.30 63.22 -6.22
N GLY H 101 -14.54 62.87 -6.53
CA GLY H 101 -15.55 62.59 -5.54
C GLY H 101 -16.36 63.82 -5.17
N THR H 102 -17.52 63.56 -4.57
CA THR H 102 -18.44 64.59 -4.10
C THR H 102 -18.77 64.35 -2.64
N MET H 103 -18.78 65.43 -1.85
CA MET H 103 -19.01 65.36 -0.42
C MET H 103 -20.47 65.73 -0.14
N VAL H 104 -21.12 64.95 0.72
CA VAL H 104 -22.49 65.22 1.17
C VAL H 104 -22.46 65.31 2.69
N ASP H 105 -22.92 66.44 3.21
CA ASP H 105 -22.91 66.73 4.64
C ASP H 105 -24.28 67.23 5.07
N LEU H 106 -24.51 67.18 6.39
CA LEU H 106 -25.78 67.61 6.94
C LEU H 106 -25.97 69.11 6.72
N LYS H 107 -27.19 69.49 6.33
CA LYS H 107 -27.55 70.89 6.14
C LYS H 107 -28.15 71.43 7.43
N ARG H 108 -27.63 72.57 7.89
CA ARG H 108 -28.09 73.20 9.12
C ARG H 108 -28.18 74.70 8.89
N THR H 109 -28.74 75.40 9.88
CA THR H 109 -28.87 76.84 9.80
C THR H 109 -27.50 77.49 9.71
N VAL H 110 -27.41 78.57 8.92
CA VAL H 110 -26.17 79.28 8.71
C VAL H 110 -25.70 79.89 10.02
N GLN I 1 29.74 -7.29 -19.97
CA GLN I 1 30.14 -7.83 -21.30
C GLN I 1 29.48 -9.18 -21.55
N VAL I 2 29.12 -9.43 -22.80
CA VAL I 2 28.49 -10.68 -23.20
C VAL I 2 29.56 -11.75 -23.31
N GLN I 3 29.30 -12.92 -22.73
CA GLN I 3 30.22 -14.04 -22.76
C GLN I 3 29.50 -15.30 -23.21
N LEU I 4 30.16 -16.07 -24.07
CA LEU I 4 29.63 -17.32 -24.61
C LEU I 4 30.56 -18.45 -24.21
N GLN I 5 29.98 -19.54 -23.70
CA GLN I 5 30.75 -20.68 -23.20
C GLN I 5 30.23 -21.95 -23.86
N GLU I 6 31.09 -22.63 -24.61
CA GLU I 6 30.74 -23.90 -25.23
C GLU I 6 30.99 -25.05 -24.26
N SER I 7 30.18 -26.09 -24.39
CA SER I 7 30.33 -27.28 -23.56
C SER I 7 29.78 -28.48 -24.30
N GLY I 8 30.27 -29.66 -23.91
CA GLY I 8 29.87 -30.90 -24.53
C GLY I 8 30.95 -31.95 -24.43
N PRO I 9 30.68 -33.15 -24.95
CA PRO I 9 31.69 -34.22 -24.90
C PRO I 9 32.86 -33.91 -25.81
N GLY I 10 34.06 -34.23 -25.33
CA GLY I 10 35.26 -34.00 -26.11
C GLY I 10 35.54 -35.04 -27.17
N LEU I 11 34.86 -36.19 -27.10
CA LEU I 11 35.05 -37.28 -28.04
C LEU I 11 33.70 -37.91 -28.36
N VAL I 12 33.60 -38.48 -29.57
CA VAL I 12 32.39 -39.13 -30.04
C VAL I 12 32.79 -40.20 -31.06
N LYS I 13 31.92 -41.24 -31.19
CA LYS I 13 32.19 -42.33 -32.10
C LYS I 13 31.48 -42.10 -33.44
N PRO I 14 31.96 -42.68 -34.54
CA PRO I 14 31.28 -42.48 -35.83
C PRO I 14 29.85 -43.01 -35.80
N SER I 15 28.98 -42.32 -36.53
CA SER I 15 27.56 -42.62 -36.68
C SER I 15 26.74 -42.26 -35.44
N GLU I 16 27.36 -41.74 -34.39
CA GLU I 16 26.64 -41.36 -33.18
C GLU I 16 26.17 -39.90 -33.32
N THR I 17 25.51 -39.40 -32.28
CA THR I 17 24.97 -38.05 -32.25
C THR I 17 25.89 -37.16 -31.43
N LEU I 18 26.27 -36.03 -32.02
CA LEU I 18 27.15 -35.06 -31.36
C LEU I 18 26.29 -33.92 -30.84
N SER I 19 26.33 -33.68 -29.53
CA SER I 19 25.53 -32.66 -28.88
C SER I 19 26.44 -31.66 -28.20
N LEU I 20 26.28 -30.38 -28.56
CA LEU I 20 27.01 -29.29 -27.94
C LEU I 20 26.02 -28.24 -27.45
N THR I 21 26.43 -27.51 -26.40
CA THR I 21 25.59 -26.48 -25.80
C THR I 21 26.41 -25.23 -25.57
N CYS I 22 25.94 -24.10 -26.09
CA CYS I 22 26.56 -22.80 -25.87
C CYS I 22 25.68 -22.00 -24.92
N ALA I 23 26.26 -21.62 -23.78
CA ALA I 23 25.57 -20.81 -22.78
C ALA I 23 25.99 -19.35 -22.92
N VAL I 24 25.01 -18.46 -22.84
CA VAL I 24 25.21 -17.03 -23.02
C VAL I 24 24.96 -16.33 -21.69
N SER I 25 25.84 -15.40 -21.34
CA SER I 25 25.68 -14.57 -20.16
C SER I 25 25.88 -13.11 -20.54
N GLY I 26 25.06 -12.23 -19.95
CA GLY I 26 25.11 -10.81 -20.20
C GLY I 26 24.03 -10.28 -21.12
N VAL I 27 23.36 -11.15 -21.88
CA VAL I 27 22.27 -10.73 -22.75
C VAL I 27 21.27 -11.88 -22.85
N SER I 28 19.99 -11.54 -22.81
CA SER I 28 18.94 -12.55 -22.93
C SER I 28 18.95 -13.16 -24.33
N ILE I 29 18.71 -14.47 -24.39
CA ILE I 29 18.76 -15.18 -25.67
C ILE I 29 17.46 -15.07 -26.44
N SER I 30 16.36 -14.68 -25.80
CA SER I 30 15.05 -14.62 -26.44
C SER I 30 14.86 -13.37 -27.29
N GLY I 31 15.87 -12.50 -27.39
CA GLY I 31 15.76 -11.30 -28.17
C GLY I 31 15.91 -11.56 -29.66
N ASN I 32 15.94 -10.47 -30.42
CA ASN I 32 16.07 -10.53 -31.88
C ASN I 32 17.54 -10.73 -32.27
N TYR I 33 18.05 -11.92 -31.94
CA TYR I 33 19.42 -12.29 -32.22
C TYR I 33 19.45 -13.63 -32.96
N TYR I 34 20.42 -13.75 -33.87
CA TYR I 34 20.64 -14.98 -34.63
C TYR I 34 21.89 -15.64 -34.09
N TRP I 35 21.71 -16.68 -33.28
CA TRP I 35 22.84 -17.39 -32.68
C TRP I 35 23.38 -18.38 -33.70
N ASN I 36 24.67 -18.26 -34.00
CA ASN I 36 25.30 -18.97 -35.11
C ASN I 36 26.30 -20.00 -34.59
N TRP I 37 26.29 -21.17 -35.21
CA TRP I 37 27.25 -22.24 -34.97
C TRP I 37 28.15 -22.37 -36.19
N ILE I 38 29.46 -22.32 -35.94
CA ILE I 38 30.51 -22.38 -36.97
C ILE I 38 31.53 -23.41 -36.50
N ARG I 39 32.31 -23.94 -37.43
CA ARG I 39 33.40 -24.84 -37.07
C ARG I 39 34.63 -24.55 -37.92
N GLN I 40 35.80 -24.87 -37.38
CA GLN I 40 37.07 -24.74 -38.06
C GLN I 40 37.84 -26.05 -37.92
N SER I 41 38.36 -26.55 -39.04
CA SER I 41 39.18 -27.75 -39.07
C SER I 41 40.39 -27.51 -39.96
N PRO I 42 41.48 -28.26 -39.74
CA PRO I 42 42.63 -28.12 -40.67
C PRO I 42 42.26 -28.62 -42.05
N GLY I 43 42.59 -27.81 -43.06
CA GLY I 43 42.35 -28.16 -44.45
C GLY I 43 41.12 -27.49 -45.02
N LYS I 44 40.04 -27.43 -44.24
CA LYS I 44 38.81 -26.80 -44.68
C LYS I 44 38.64 -25.37 -44.18
N GLY I 45 39.37 -24.98 -43.14
CA GLY I 45 39.21 -23.64 -42.62
C GLY I 45 37.88 -23.47 -41.91
N LEU I 46 37.45 -22.21 -41.80
CA LEU I 46 36.20 -21.89 -41.14
C LEU I 46 35.02 -22.31 -42.03
N GLU I 47 34.04 -22.97 -41.42
CA GLU I 47 32.86 -23.43 -42.13
C GLU I 47 31.63 -23.16 -41.27
N TRP I 48 30.71 -22.36 -41.79
CA TRP I 48 29.50 -21.98 -41.07
C TRP I 48 28.51 -23.15 -41.10
N ILE I 49 28.08 -23.58 -39.91
CA ILE I 49 27.16 -24.71 -39.81
C ILE I 49 25.73 -24.21 -39.95
N GLY I 50 25.33 -23.29 -39.08
CA GLY I 50 23.94 -22.85 -39.13
C GLY I 50 23.67 -21.73 -38.14
N ASN I 51 22.40 -21.39 -38.01
CA ASN I 51 21.97 -20.40 -37.03
C ASN I 51 20.52 -20.63 -36.64
N ILE I 52 20.16 -20.07 -35.48
CA ILE I 52 18.82 -20.16 -34.92
C ILE I 52 18.40 -18.78 -34.41
N HIS I 53 17.11 -18.48 -34.56
CA HIS I 53 16.54 -17.23 -34.08
C HIS I 53 16.03 -17.42 -32.66
N GLY I 54 16.43 -16.52 -31.76
CA GLY I 54 16.02 -16.64 -30.36
C GLY I 54 14.53 -16.42 -30.17
N ASN I 55 13.99 -15.38 -30.83
CA ASN I 55 12.61 -14.99 -30.56
C ASN I 55 11.61 -15.94 -31.20
N THR I 56 11.76 -16.21 -32.50
CA THR I 56 10.79 -16.99 -33.25
C THR I 56 11.20 -18.45 -33.45
N ALA I 57 12.36 -18.85 -32.95
CA ALA I 57 12.89 -20.21 -33.07
C ALA I 57 13.16 -20.61 -34.52
N ALA I 58 13.21 -19.66 -35.44
CA ALA I 58 13.52 -19.99 -36.84
C ALA I 58 14.96 -20.43 -36.95
N THR I 59 15.19 -21.48 -37.75
CA THR I 59 16.50 -22.08 -37.92
C THR I 59 16.85 -22.17 -39.39
N VAL I 60 18.13 -21.93 -39.70
CA VAL I 60 18.65 -22.09 -41.04
C VAL I 60 19.95 -22.89 -40.95
N TYR I 61 20.13 -23.83 -41.88
CA TYR I 61 21.24 -24.78 -41.85
C TYR I 61 21.98 -24.77 -43.17
N ASN I 62 23.23 -25.22 -43.12
CA ASN I 62 24.05 -25.27 -44.32
C ASN I 62 23.48 -26.33 -45.29
N PRO I 63 23.23 -25.98 -46.56
CA PRO I 63 22.72 -27.01 -47.48
C PRO I 63 23.66 -28.21 -47.66
N SER I 64 24.97 -27.99 -47.58
CA SER I 64 25.91 -29.07 -47.84
C SER I 64 25.76 -30.21 -46.83
N LEU I 65 25.60 -29.86 -45.55
CA LEU I 65 25.51 -30.87 -44.51
C LEU I 65 24.10 -31.46 -44.41
N GLY I 66 23.09 -30.74 -44.92
CA GLY I 66 21.76 -31.30 -45.05
C GLY I 66 20.97 -31.33 -43.76
N SER I 67 20.17 -32.38 -43.61
CA SER I 67 19.22 -32.51 -42.50
C SER I 67 19.83 -33.17 -41.28
N ARG I 68 21.15 -33.40 -41.27
CA ARG I 68 21.82 -34.06 -40.15
C ARG I 68 21.95 -33.17 -38.91
N VAL I 69 21.41 -31.95 -38.88
CA VAL I 69 21.57 -31.03 -37.76
C VAL I 69 20.21 -30.59 -37.26
N THR I 70 20.13 -30.35 -35.95
CA THR I 70 18.94 -29.77 -35.33
C THR I 70 19.40 -28.82 -34.24
N PHE I 71 18.89 -27.58 -34.28
CA PHE I 71 19.25 -26.55 -33.32
C PHE I 71 18.08 -26.31 -32.38
N SER I 72 18.39 -26.13 -31.10
CA SER I 72 17.38 -25.88 -30.07
C SER I 72 17.84 -24.73 -29.19
N ARG I 73 16.89 -24.11 -28.52
CA ARG I 73 17.16 -22.99 -27.62
C ARG I 73 16.36 -23.15 -26.33
N ASP I 74 17.00 -22.83 -25.21
CA ASP I 74 16.38 -22.88 -23.88
C ASP I 74 16.50 -21.50 -23.27
N THR I 75 15.35 -20.83 -23.09
CA THR I 75 15.35 -19.48 -22.53
C THR I 75 15.55 -19.49 -21.02
N SER I 76 15.00 -20.49 -20.33
CA SER I 76 15.14 -20.54 -18.88
C SER I 76 16.60 -20.68 -18.46
N LYS I 77 17.34 -21.54 -19.15
CA LYS I 77 18.77 -21.70 -18.89
C LYS I 77 19.63 -20.72 -19.69
N ASN I 78 19.04 -19.96 -20.60
CA ASN I 78 19.78 -19.01 -21.44
C ASN I 78 20.90 -19.72 -22.19
N GLN I 79 20.51 -20.63 -23.08
CA GLN I 79 21.48 -21.44 -23.83
C GLN I 79 20.88 -21.83 -25.17
N PHE I 80 21.74 -22.26 -26.07
CA PHE I 80 21.30 -22.87 -27.32
C PHE I 80 22.22 -24.04 -27.67
N SER I 81 21.61 -25.13 -28.12
CA SER I 81 22.29 -26.40 -28.33
C SER I 81 22.21 -26.81 -29.79
N LEU I 82 23.28 -27.45 -30.25
CA LEU I 82 23.39 -28.00 -31.60
C LEU I 82 23.50 -29.52 -31.49
N ARG I 83 22.74 -30.23 -32.33
CA ARG I 83 22.74 -31.68 -32.36
C ARG I 83 22.99 -32.12 -33.79
N LEU I 84 24.20 -32.64 -34.06
CA LEU I 84 24.61 -33.09 -35.38
C LEU I 84 24.58 -34.61 -35.39
N ASP I 85 23.74 -35.17 -36.26
CA ASP I 85 23.56 -36.61 -36.34
C ASP I 85 24.51 -37.23 -37.35
N SER I 86 24.81 -38.52 -37.14
CA SER I 86 25.65 -39.31 -38.05
C SER I 86 27.02 -38.64 -38.24
N VAL I 87 27.74 -38.52 -37.12
CA VAL I 87 29.08 -37.93 -37.16
C VAL I 87 30.02 -38.84 -37.93
N THR I 88 31.06 -38.23 -38.51
CA THR I 88 32.09 -38.97 -39.23
C THR I 88 33.45 -38.38 -38.87
N ALA I 89 34.50 -38.94 -39.46
CA ALA I 89 35.85 -38.46 -39.18
C ALA I 89 36.05 -37.02 -39.64
N ALA I 90 35.39 -36.62 -40.73
CA ALA I 90 35.53 -35.27 -41.24
C ALA I 90 34.95 -34.21 -40.31
N ASP I 91 34.12 -34.61 -39.34
CA ASP I 91 33.49 -33.66 -38.43
C ASP I 91 34.38 -33.25 -37.26
N THR I 92 35.55 -33.86 -37.11
CA THR I 92 36.48 -33.44 -36.07
C THR I 92 36.91 -32.00 -36.34
N ALA I 93 36.68 -31.12 -35.38
CA ALA I 93 36.90 -29.69 -35.59
C ALA I 93 36.77 -28.96 -34.26
N VAL I 94 37.08 -27.66 -34.29
CA VAL I 94 36.84 -26.76 -33.17
C VAL I 94 35.57 -25.99 -33.49
N TYR I 95 34.58 -26.11 -32.60
CA TYR I 95 33.27 -25.50 -32.78
C TYR I 95 33.22 -24.16 -32.06
N PHE I 96 32.70 -23.15 -32.75
CA PHE I 96 32.50 -21.81 -32.21
C PHE I 96 31.01 -21.49 -32.22
N CYS I 97 30.54 -20.86 -31.15
CA CYS I 97 29.20 -20.31 -31.06
C CYS I 97 29.35 -18.79 -30.97
N ALA I 98 28.63 -18.06 -31.83
CA ALA I 98 28.80 -16.63 -31.93
C ALA I 98 27.48 -15.97 -32.28
N THR I 99 27.53 -14.66 -32.44
CA THR I 99 26.37 -13.87 -32.87
C THR I 99 26.86 -12.53 -33.38
N LEU I 100 26.26 -12.06 -34.47
CA LEU I 100 26.61 -10.78 -35.07
C LEU I 100 25.34 -9.96 -35.19
N TYR I 101 25.39 -8.71 -34.73
CA TYR I 101 24.21 -7.86 -34.80
C TYR I 101 24.64 -6.40 -34.74
N GLU I 102 23.65 -5.51 -34.83
CA GLU I 102 23.88 -4.06 -34.84
C GLU I 102 22.89 -3.40 -33.90
N PHE I 103 23.32 -2.27 -33.33
CA PHE I 103 22.50 -1.47 -32.43
C PHE I 103 22.25 -0.13 -33.10
N ARG I 104 20.97 0.16 -33.37
CA ARG I 104 20.54 1.35 -34.09
C ARG I 104 19.46 2.07 -33.28
N VAL I 105 18.80 3.04 -33.91
CA VAL I 105 17.63 3.71 -33.36
C VAL I 105 16.44 3.41 -34.26
N TYR I 106 15.25 3.44 -33.68
CA TYR I 106 14.04 3.00 -34.38
C TYR I 106 13.76 3.90 -35.59
N MET I 107 13.88 3.34 -36.79
CA MET I 107 13.75 4.06 -38.06
C MET I 107 14.65 5.31 -38.06
N GLY I 108 15.96 5.05 -37.97
CA GLY I 108 16.94 6.11 -38.01
C GLY I 108 18.31 5.61 -38.43
N GLU I 109 19.36 6.09 -37.77
CA GLU I 109 20.73 5.73 -38.09
C GLU I 109 21.26 4.67 -37.14
N ARG I 110 22.43 4.13 -37.48
CA ARG I 110 23.08 3.10 -36.69
C ARG I 110 23.97 3.73 -35.63
N ILE I 111 24.15 3.00 -34.52
CA ILE I 111 25.00 3.42 -33.41
C ILE I 111 26.25 2.56 -33.31
N SER I 112 26.09 1.23 -33.36
CA SER I 112 27.23 0.35 -33.13
C SER I 112 26.99 -1.02 -33.75
N TYR I 113 28.06 -1.83 -33.76
CA TYR I 113 28.07 -3.18 -34.30
C TYR I 113 28.71 -4.10 -33.25
N HIS I 114 28.19 -5.33 -33.14
CA HIS I 114 28.62 -6.24 -32.09
C HIS I 114 28.82 -7.65 -32.63
N ASP I 115 29.97 -8.23 -32.29
CA ASP I 115 30.23 -9.66 -32.41
C ASP I 115 31.07 -10.09 -31.21
N TYR I 116 30.99 -11.37 -30.86
CA TYR I 116 31.64 -11.87 -29.65
C TYR I 116 32.62 -13.01 -29.93
N TRP I 117 32.22 -14.03 -30.69
CA TRP I 117 33.13 -15.09 -31.14
C TRP I 117 33.78 -15.80 -29.94
N GLY I 118 32.95 -16.53 -29.20
CA GLY I 118 33.40 -17.25 -28.02
C GLY I 118 34.59 -18.17 -28.24
N GLN I 119 35.14 -18.71 -27.15
CA GLN I 119 36.45 -19.38 -27.22
C GLN I 119 36.37 -20.68 -28.03
N GLY I 120 35.24 -21.38 -27.97
CA GLY I 120 35.05 -22.59 -28.74
C GLY I 120 35.50 -23.84 -28.00
N LEU I 121 35.19 -25.00 -28.59
CA LEU I 121 35.49 -26.29 -27.98
C LEU I 121 35.95 -27.26 -29.05
N LEU I 122 36.98 -28.04 -28.74
CA LEU I 122 37.48 -29.06 -29.64
C LEU I 122 36.64 -30.33 -29.53
N VAL I 123 36.30 -30.93 -30.68
CA VAL I 123 35.58 -32.19 -30.72
C VAL I 123 36.24 -33.09 -31.77
N THR I 124 36.48 -34.34 -31.40
CA THR I 124 37.10 -35.32 -32.27
C THR I 124 36.16 -36.52 -32.42
N VAL I 125 36.08 -37.06 -33.62
CA VAL I 125 35.22 -38.19 -33.94
C VAL I 125 36.10 -39.41 -34.13
N SER I 126 35.90 -40.41 -33.27
CA SER I 126 36.65 -41.67 -33.36
C SER I 126 36.03 -42.66 -32.40
N ALA I 127 36.06 -43.94 -32.79
CA ALA I 127 35.50 -45.00 -31.98
C ALA I 127 36.47 -45.41 -30.88
N ASP J 1 26.25 -21.61 -53.70
CA ASP J 1 26.89 -20.86 -52.59
C ASP J 1 27.92 -19.87 -53.13
N ILE J 2 27.97 -18.68 -52.54
CA ILE J 2 28.95 -17.68 -52.97
C ILE J 2 30.33 -18.11 -52.51
N GLN J 3 31.29 -18.08 -53.44
CA GLN J 3 32.66 -18.47 -53.17
C GLN J 3 33.51 -17.23 -52.91
N MET J 4 34.27 -17.27 -51.83
CA MET J 4 35.13 -16.18 -51.40
C MET J 4 36.58 -16.59 -51.67
N THR J 5 37.29 -15.83 -52.50
CA THR J 5 38.67 -16.15 -52.84
C THR J 5 39.58 -15.01 -52.40
N GLN J 6 40.61 -15.35 -51.63
CA GLN J 6 41.58 -14.39 -51.12
C GLN J 6 42.88 -14.49 -51.89
N SER J 7 43.64 -13.38 -51.88
CA SER J 7 44.95 -13.37 -52.51
C SER J 7 45.81 -12.29 -51.88
N PRO J 8 47.11 -12.52 -51.66
CA PRO J 8 47.89 -13.75 -51.86
C PRO J 8 47.64 -14.77 -50.74
N SER J 9 47.99 -16.04 -50.96
CA SER J 9 47.79 -17.04 -49.91
C SER J 9 48.66 -16.73 -48.69
N SER J 10 49.90 -16.31 -48.91
CA SER J 10 50.80 -15.95 -47.83
C SER J 10 51.75 -14.86 -48.32
N LEU J 11 52.07 -13.92 -47.42
CA LEU J 11 52.96 -12.81 -47.74
C LEU J 11 53.84 -12.52 -46.53
N SER J 12 54.99 -11.91 -46.80
CA SER J 12 55.95 -11.53 -45.78
C SER J 12 56.17 -10.02 -45.84
N ALA J 13 56.15 -9.38 -44.67
CA ALA J 13 56.35 -7.94 -44.60
C ALA J 13 57.01 -7.60 -43.27
N SER J 14 57.67 -6.45 -43.25
CA SER J 14 58.37 -5.96 -42.08
C SER J 14 57.49 -4.97 -41.31
N VAL J 15 57.94 -4.62 -40.10
CA VAL J 15 57.21 -3.66 -39.30
C VAL J 15 57.23 -2.30 -39.99
N GLY J 16 56.05 -1.67 -40.09
CA GLY J 16 55.92 -0.40 -40.74
C GLY J 16 55.65 -0.47 -42.24
N ASP J 17 55.71 -1.65 -42.83
CA ASP J 17 55.45 -1.79 -44.26
C ASP J 17 53.95 -1.80 -44.53
N ARG J 18 53.59 -1.43 -45.76
CA ARG J 18 52.21 -1.42 -46.19
C ARG J 18 51.85 -2.78 -46.77
N VAL J 19 50.78 -3.38 -46.24
CA VAL J 19 50.33 -4.70 -46.65
C VAL J 19 48.95 -4.58 -47.27
N THR J 20 48.74 -5.23 -48.40
CA THR J 20 47.47 -5.20 -49.13
C THR J 20 47.03 -6.62 -49.47
N ILE J 21 45.76 -6.93 -49.20
CA ILE J 21 45.19 -8.24 -49.48
C ILE J 21 43.85 -8.04 -50.18
N SER J 22 43.60 -8.85 -51.22
CA SER J 22 42.40 -8.74 -52.03
C SER J 22 41.48 -9.93 -51.78
N CYS J 23 40.18 -9.66 -51.79
CA CYS J 23 39.15 -10.69 -51.62
C CYS J 23 38.09 -10.47 -52.69
N ARG J 24 37.75 -11.54 -53.42
CA ARG J 24 36.85 -11.47 -54.55
C ARG J 24 35.72 -12.48 -54.38
N ALA J 25 34.59 -12.15 -55.00
CA ALA J 25 33.35 -12.92 -54.91
C ALA J 25 32.97 -13.46 -56.28
N SER J 26 32.28 -14.60 -56.28
CA SER J 26 31.76 -15.14 -57.53
C SER J 26 30.69 -14.23 -58.11
N GLN J 27 29.84 -13.66 -57.25
CA GLN J 27 28.78 -12.75 -57.67
C GLN J 27 28.77 -11.55 -56.74
N ASP J 28 28.06 -10.50 -57.18
CA ASP J 28 28.01 -9.26 -56.42
C ASP J 28 27.40 -9.49 -55.04
N ILE J 29 28.00 -8.88 -54.02
CA ILE J 29 27.53 -8.99 -52.64
C ILE J 29 27.34 -7.61 -52.03
N SER J 30 27.26 -6.58 -52.87
CA SER J 30 27.06 -5.19 -52.42
C SER J 30 28.22 -4.83 -51.50
N SER J 31 27.98 -4.45 -50.24
CA SER J 31 29.05 -4.11 -49.29
C SER J 31 29.00 -4.99 -48.05
N ASP J 32 28.35 -6.16 -48.13
CA ASP J 32 28.21 -7.06 -46.99
C ASP J 32 29.42 -7.98 -46.90
N LEU J 33 30.54 -7.40 -46.51
CA LEU J 33 31.77 -8.14 -46.25
C LEU J 33 32.41 -7.61 -44.97
N ASN J 34 33.06 -8.52 -44.24
CA ASN J 34 33.75 -8.18 -43.01
C ASN J 34 35.14 -8.81 -42.99
N TRP J 35 36.11 -8.04 -42.52
CA TRP J 35 37.51 -8.48 -42.44
C TRP J 35 37.88 -8.74 -40.99
N TYR J 36 38.37 -9.95 -40.71
CA TYR J 36 38.72 -10.41 -39.38
C TYR J 36 40.18 -10.83 -39.32
N GLN J 37 40.73 -10.76 -38.11
CA GLN J 37 42.09 -11.17 -37.78
C GLN J 37 42.02 -12.37 -36.84
N GLN J 38 42.97 -13.30 -36.99
CA GLN J 38 43.03 -14.48 -36.12
C GLN J 38 44.49 -14.81 -35.84
N LYS J 39 44.85 -14.81 -34.56
CA LYS J 39 46.17 -15.21 -34.10
C LYS J 39 46.18 -16.69 -33.74
N PRO J 40 47.37 -17.30 -33.64
CA PRO J 40 47.42 -18.72 -33.23
C PRO J 40 46.85 -18.90 -31.83
N GLY J 41 45.88 -19.82 -31.72
CA GLY J 41 45.29 -20.14 -30.44
C GLY J 41 44.30 -19.12 -29.90
N LYS J 42 43.81 -18.22 -30.76
CA LYS J 42 42.86 -17.19 -30.36
C LYS J 42 41.70 -17.17 -31.36
N PRO J 43 40.53 -16.68 -30.96
CA PRO J 43 39.39 -16.65 -31.88
C PRO J 43 39.53 -15.49 -32.86
N PRO J 44 38.77 -15.51 -33.97
CA PRO J 44 38.83 -14.37 -34.90
C PRO J 44 38.38 -13.07 -34.24
N GLN J 45 39.01 -11.97 -34.63
CA GLN J 45 38.70 -10.64 -34.14
C GLN J 45 38.37 -9.73 -35.32
N LEU J 46 37.31 -8.94 -35.17
CA LEU J 46 36.85 -8.10 -36.26
C LEU J 46 37.80 -6.91 -36.44
N LEU J 47 38.18 -6.66 -37.70
CA LEU J 47 38.92 -5.46 -38.08
C LEU J 47 38.08 -4.45 -38.85
N ILE J 48 37.38 -4.88 -39.89
CA ILE J 48 36.55 -3.98 -40.69
C ILE J 48 35.17 -4.60 -40.85
N TYR J 49 34.13 -3.77 -40.68
CA TYR J 49 32.75 -4.19 -40.88
C TYR J 49 32.12 -3.33 -41.97
N PHE J 50 31.31 -3.97 -42.81
CA PHE J 50 30.69 -3.36 -43.99
C PHE J 50 31.74 -2.84 -44.99
N ALA J 51 32.97 -3.34 -44.89
CA ALA J 51 33.99 -3.16 -45.93
C ALA J 51 34.57 -1.75 -45.97
N SER J 52 34.10 -0.84 -45.12
CA SER J 52 34.62 0.52 -45.11
C SER J 52 34.60 1.18 -43.72
N ASN J 53 34.21 0.46 -42.67
CA ASN J 53 34.07 1.02 -41.33
C ASN J 53 34.97 0.28 -40.36
N LEU J 54 35.72 1.04 -39.57
CA LEU J 54 36.66 0.47 -38.61
C LEU J 54 35.94 0.18 -37.29
N GLN J 55 36.17 -1.03 -36.76
CA GLN J 55 35.58 -1.40 -35.48
C GLN J 55 36.17 -0.56 -34.36
N SER J 56 35.35 -0.26 -33.36
CA SER J 56 35.81 0.53 -32.22
C SER J 56 36.91 -0.20 -31.47
N GLY J 57 37.98 0.51 -31.14
CA GLY J 57 39.10 -0.04 -30.41
C GLY J 57 40.20 -0.62 -31.29
N VAL J 58 39.91 -0.89 -32.55
CA VAL J 58 40.95 -1.40 -33.45
C VAL J 58 41.91 -0.27 -33.81
N PRO J 59 43.21 -0.52 -33.98
CA PRO J 59 44.11 0.57 -34.40
C PRO J 59 43.72 1.13 -35.76
N SER J 60 43.95 2.43 -35.94
CA SER J 60 43.54 3.14 -37.15
C SER J 60 44.31 2.71 -38.39
N ARG J 61 45.42 1.98 -38.24
CA ARG J 61 46.19 1.56 -39.41
C ARG J 61 45.38 0.66 -40.33
N PHE J 62 44.60 -0.25 -39.75
CA PHE J 62 43.78 -1.15 -40.55
C PHE J 62 42.71 -0.36 -41.30
N SER J 63 42.46 -0.75 -42.55
CA SER J 63 41.43 -0.09 -43.35
C SER J 63 40.91 -1.08 -44.39
N GLY J 64 39.70 -0.81 -44.87
CA GLY J 64 39.07 -1.62 -45.89
C GLY J 64 38.44 -0.75 -46.96
N SER J 65 38.40 -1.30 -48.17
CA SER J 65 37.86 -0.57 -49.31
C SER J 65 37.31 -1.56 -50.32
N GLY J 66 36.59 -1.03 -51.31
CA GLY J 66 36.06 -1.82 -52.40
C GLY J 66 34.55 -1.97 -52.29
N ALA J 67 34.01 -2.76 -53.22
CA ALA J 67 32.58 -2.99 -53.31
C ALA J 67 32.34 -4.10 -54.32
N GLY J 68 31.07 -4.45 -54.52
CA GLY J 68 30.68 -5.42 -55.52
C GLY J 68 31.33 -6.76 -55.35
N THR J 69 32.24 -7.09 -56.29
CA THR J 69 32.96 -8.35 -56.28
C THR J 69 34.46 -8.17 -56.03
N GLU J 70 34.88 -7.02 -55.54
CA GLU J 70 36.30 -6.74 -55.33
C GLU J 70 36.45 -5.92 -54.06
N PHE J 71 37.15 -6.46 -53.07
CA PHE J 71 37.38 -5.79 -51.80
C PHE J 71 38.84 -5.92 -51.42
N THR J 72 39.32 -4.97 -50.61
CA THR J 72 40.74 -4.89 -50.27
C THR J 72 40.88 -4.51 -48.81
N LEU J 73 41.77 -5.22 -48.11
CA LEU J 73 42.17 -4.89 -46.75
C LEU J 73 43.60 -4.38 -46.78
N THR J 74 43.83 -3.22 -46.16
CA THR J 74 45.12 -2.55 -46.18
C THR J 74 45.57 -2.26 -44.76
N ILE J 75 46.81 -2.61 -44.45
CA ILE J 75 47.47 -2.25 -43.20
C ILE J 75 48.57 -1.25 -43.57
N ASN J 76 48.43 -0.02 -43.09
CA ASN J 76 49.35 1.05 -43.48
C ASN J 76 50.70 0.88 -42.82
N SER J 77 50.73 0.57 -41.53
CA SER J 77 51.95 0.46 -40.74
C SER J 77 51.89 -0.84 -39.93
N LEU J 78 52.42 -1.91 -40.51
CA LEU J 78 52.41 -3.21 -39.85
C LEU J 78 53.24 -3.15 -38.58
N GLN J 79 52.81 -3.89 -37.56
CA GLN J 79 53.45 -3.92 -36.25
C GLN J 79 53.74 -5.36 -35.86
N ALA J 80 54.35 -5.53 -34.69
CA ALA J 80 54.71 -6.87 -34.21
C ALA J 80 53.46 -7.71 -33.97
N GLU J 81 52.42 -7.11 -33.41
CA GLU J 81 51.20 -7.84 -33.08
C GLU J 81 50.28 -8.06 -34.27
N ASP J 82 50.60 -7.50 -35.43
CA ASP J 82 49.72 -7.59 -36.60
C ASP J 82 49.95 -8.83 -37.44
N PHE J 83 50.92 -9.67 -37.08
CA PHE J 83 51.18 -10.90 -37.84
C PHE J 83 50.18 -11.96 -37.44
N ALA J 84 49.37 -12.41 -38.39
CA ALA J 84 48.23 -13.27 -38.09
C ALA J 84 47.61 -13.71 -39.43
N SER J 85 46.54 -14.50 -39.34
CA SER J 85 45.79 -14.94 -40.52
C SER J 85 44.53 -14.09 -40.64
N TYR J 86 44.33 -13.48 -41.80
CA TYR J 86 43.23 -12.56 -42.03
C TYR J 86 42.24 -13.20 -42.98
N PHE J 87 40.95 -12.95 -42.72
CA PHE J 87 39.86 -13.59 -43.46
C PHE J 87 38.79 -12.57 -43.83
N CYS J 88 38.13 -12.83 -44.96
CA CYS J 88 36.98 -12.06 -45.41
C CYS J 88 35.73 -12.94 -45.37
N LEU J 89 34.71 -12.45 -44.67
CA LEU J 89 33.45 -13.17 -44.46
C LEU J 89 32.32 -12.41 -45.16
N GLN J 90 31.53 -13.14 -45.94
CA GLN J 90 30.38 -12.59 -46.65
C GLN J 90 29.09 -13.09 -46.02
N TYR J 91 28.10 -12.19 -45.94
CA TYR J 91 26.83 -12.50 -45.27
C TYR J 91 25.64 -11.91 -46.03
N GLN J 92 25.73 -11.85 -47.36
CA GLN J 92 24.60 -11.33 -48.14
C GLN J 92 23.52 -12.39 -48.34
N SER J 93 23.93 -13.62 -48.65
CA SER J 93 23.01 -14.72 -48.88
C SER J 93 23.51 -15.97 -48.17
N TYR J 94 22.57 -16.76 -47.65
CA TYR J 94 22.95 -17.99 -46.97
C TYR J 94 23.48 -19.00 -47.98
N PRO J 95 24.41 -19.88 -47.57
CA PRO J 95 25.08 -19.98 -46.26
C PRO J 95 26.27 -19.02 -46.18
N TRP J 96 26.69 -18.64 -44.98
CA TRP J 96 27.87 -17.81 -44.83
C TRP J 96 29.10 -18.59 -45.28
N THR J 97 30.00 -17.91 -45.98
CA THR J 97 31.22 -18.51 -46.53
C THR J 97 32.42 -17.65 -46.20
N PHE J 98 33.49 -18.29 -45.76
CA PHE J 98 34.75 -17.64 -45.44
C PHE J 98 35.76 -17.85 -46.56
N GLY J 99 36.76 -16.97 -46.61
CA GLY J 99 37.88 -17.16 -47.50
C GLY J 99 38.89 -18.14 -46.94
N GLN J 100 39.81 -18.57 -47.80
CA GLN J 100 40.83 -19.51 -47.37
C GLN J 100 41.79 -18.91 -46.36
N GLY J 101 41.90 -17.59 -46.32
CA GLY J 101 42.76 -16.91 -45.37
C GLY J 101 44.07 -16.49 -45.98
N THR J 102 44.63 -15.38 -45.47
CA THR J 102 45.95 -14.89 -45.87
C THR J 102 46.79 -14.70 -44.63
N MET J 103 47.94 -15.35 -44.59
CA MET J 103 48.83 -15.33 -43.43
C MET J 103 49.90 -14.26 -43.63
N VAL J 104 50.08 -13.40 -42.62
CA VAL J 104 51.11 -12.37 -42.62
C VAL J 104 52.03 -12.65 -41.45
N ASP J 105 53.33 -12.79 -41.74
CA ASP J 105 54.34 -13.12 -40.74
C ASP J 105 55.49 -12.12 -40.86
N LEU J 106 56.30 -12.07 -39.80
CA LEU J 106 57.43 -11.15 -39.76
C LEU J 106 58.42 -11.48 -40.87
N LYS J 107 58.91 -10.44 -41.54
CA LYS J 107 59.91 -10.58 -42.59
C LYS J 107 61.30 -10.44 -41.97
N ARG J 108 62.17 -11.40 -42.27
CA ARG J 108 63.53 -11.41 -41.76
C ARG J 108 64.48 -11.85 -42.86
N THR J 109 65.78 -11.75 -42.58
CA THR J 109 66.78 -12.14 -43.55
C THR J 109 66.67 -13.63 -43.86
N VAL J 110 66.91 -13.98 -45.13
CA VAL J 110 66.83 -15.37 -45.57
C VAL J 110 67.88 -16.21 -44.85
C1 NAG K . -17.86 30.88 36.92
C2 NAG K . -18.80 31.85 37.65
C3 NAG K . -18.79 33.21 36.96
C4 NAG K . -17.36 33.74 36.87
C5 NAG K . -16.49 32.72 36.14
C6 NAG K . -15.04 33.11 36.07
C7 NAG K . -20.59 30.54 38.69
C8 NAG K . -22.01 30.08 38.59
N2 NAG K . -20.15 31.32 37.71
O3 NAG K . -19.59 34.12 37.72
O4 NAG K . -17.34 34.98 36.17
O5 NAG K . -16.55 31.46 36.83
O6 NAG K . -14.18 31.98 36.04
O7 NAG K . -19.88 30.21 39.64
C1 NAG K . -17.30 36.03 37.16
C2 NAG K . -16.42 37.17 36.65
C3 NAG K . -16.41 38.32 37.65
C4 NAG K . -17.84 38.75 37.99
C5 NAG K . -18.66 37.54 38.44
C6 NAG K . -20.11 37.88 38.69
C7 NAG K . -14.59 36.45 35.17
C8 NAG K . -13.17 35.98 35.11
N2 NAG K . -15.06 36.71 36.40
O3 NAG K . -15.69 39.42 37.11
O4 NAG K . -17.82 39.73 39.02
O5 NAG K . -18.62 36.52 37.43
O6 NAG K . -20.49 37.60 40.02
O7 NAG K . -15.28 36.59 34.17
C1 NAG L . -19.57 28.93 26.25
C2 NAG L . -18.23 28.79 25.52
C3 NAG L . -17.69 30.17 25.13
C4 NAG L . -18.74 30.94 24.33
C5 NAG L . -20.03 31.02 25.13
C6 NAG L . -21.16 31.69 24.38
C7 NAG L . -16.75 26.88 25.99
C8 NAG L . -15.76 26.31 26.95
N2 NAG L . -17.26 28.07 26.32
O3 NAG L . -16.51 30.01 24.35
O4 NAG L . -18.27 32.25 24.04
O5 NAG L . -20.49 29.70 25.46
O6 NAG L . -21.82 30.78 23.52
O7 NAG L . -17.06 26.30 24.95
C1 NAG L . -18.28 32.42 22.61
C2 NAG L . -18.31 33.92 22.29
C3 NAG L . -18.27 34.13 20.78
C4 NAG L . -17.06 33.41 20.17
C5 NAG L . -17.07 31.94 20.58
C6 NAG L . -15.83 31.20 20.12
C7 NAG L . -19.49 35.25 23.98
C8 NAG L . -20.81 35.81 24.42
N2 NAG L . -19.50 34.54 22.86
O3 NAG L . -18.20 35.52 20.50
O4 NAG L . -17.11 33.51 18.75
O5 NAG L . -17.10 31.83 22.02
O6 NAG L . -16.17 30.16 19.21
O7 NAG L . -18.46 35.42 24.63
C1 NAG M . 4.71 -7.76 53.92
C2 NAG M . 3.46 -7.70 54.81
C3 NAG M . 3.83 -8.03 56.25
C4 NAG M . 4.54 -9.37 56.32
C5 NAG M . 5.77 -9.34 55.41
C6 NAG M . 6.49 -10.66 55.35
C7 NAG M . 1.53 -6.18 54.56
C8 NAG M . 1.08 -4.76 54.51
N2 NAG M . 2.85 -6.38 54.74
O3 NAG M . 2.64 -8.08 57.04
O4 NAG M . 4.94 -9.66 57.66
O5 NAG M . 5.35 -9.05 54.07
O6 NAG M . 5.85 -11.57 54.47
O7 NAG M . 0.75 -7.12 54.46
C1 NAG M . 4.33 -10.92 58.04
C2 NAG M . 5.04 -11.45 59.28
C3 NAG M . 4.38 -12.75 59.74
C4 NAG M . 2.88 -12.54 59.93
C5 NAG M . 2.26 -11.96 58.68
C6 NAG M . 0.79 -11.62 58.83
C7 NAG M . 7.38 -10.73 59.22
C8 NAG M . 8.79 -11.12 58.89
N2 NAG M . 6.45 -11.67 59.03
O3 NAG M . 4.98 -13.18 60.95
O4 NAG M . 2.25 -13.79 60.22
O5 NAG M . 2.93 -10.74 58.32
O6 NAG M . 0.06 -11.90 57.65
O7 NAG M . 7.10 -9.61 59.63
C1 NAG N . -35.41 27.21 -8.92
C2 NAG N . -34.53 27.62 -10.10
C3 NAG N . -34.94 29.00 -10.62
C4 NAG N . -36.43 29.01 -10.93
C5 NAG N . -37.23 28.56 -9.72
C6 NAG N . -38.71 28.44 -10.00
C7 NAG N . -32.12 27.55 -10.62
C8 NAG N . -30.73 27.56 -10.05
N2 NAG N . -33.12 27.62 -9.72
O3 NAG N . -34.19 29.32 -11.78
O4 NAG N . -36.83 30.32 -11.31
O5 NAG N . -36.78 27.26 -9.31
O6 NAG N . -39.18 27.11 -9.78
O7 NAG N . -32.34 27.48 -11.81
C1 NAG N . -37.30 30.26 -12.68
C2 NAG N . -38.40 31.30 -12.88
C3 NAG N . -38.90 31.27 -14.32
C4 NAG N . -37.72 31.41 -15.29
C5 NAG N . -36.63 30.39 -14.97
C6 NAG N . -35.38 30.59 -15.81
C7 NAG N . -39.90 31.97 -11.05
C8 NAG N . -41.06 31.57 -10.19
N2 NAG N . -39.51 31.07 -11.96
O3 NAG N . -39.83 32.33 -14.52
O4 NAG N . -38.17 31.20 -16.62
O5 NAG N . -36.24 30.51 -13.60
O6 NAG N . -34.70 29.36 -16.01
O7 NAG N . -39.36 33.07 -10.93
C1 BMA N . -38.52 32.47 -17.23
C2 BMA N . -38.02 32.43 -18.70
C3 BMA N . -38.52 33.65 -19.46
C4 BMA N . -40.03 33.85 -19.25
C5 BMA N . -40.34 33.92 -17.75
C6 BMA N . -41.82 34.10 -17.46
O2 BMA N . -38.52 31.28 -19.36
O3 BMA N . -38.24 33.55 -20.85
O4 BMA N . -40.45 35.04 -19.89
O5 BMA N . -39.91 32.70 -17.15
O6 BMA N . -42.48 32.89 -17.76
C1 NAG O . -45.20 5.34 19.16
C2 NAG O . -45.70 4.61 17.91
C3 NAG O . -47.14 4.12 18.12
C4 NAG O . -47.23 3.30 19.39
C5 NAG O . -46.69 4.09 20.57
C6 NAG O . -46.65 3.30 21.87
C7 NAG O . -45.17 5.07 15.55
C8 NAG O . -45.16 6.10 14.47
N2 NAG O . -45.63 5.48 16.74
O3 NAG O . -47.53 3.34 17.00
O4 NAG O . -48.60 2.95 19.64
O5 NAG O . -45.34 4.49 20.30
O6 NAG O . -47.90 3.34 22.53
O7 NAG O . -44.77 3.92 15.37
C1 NAG O . -48.67 1.58 20.10
C2 NAG O . -50.00 1.40 20.85
C3 NAG O . -50.13 -0.03 21.34
C4 NAG O . -49.94 -1.01 20.19
C5 NAG O . -48.63 -0.73 19.47
C6 NAG O . -48.44 -1.59 18.24
C7 NAG O . -50.95 3.39 21.95
C8 NAG O . -50.92 4.25 23.18
N2 NAG O . -50.11 2.34 21.95
O3 NAG O . -51.41 -0.22 21.93
O4 NAG O . -49.93 -2.35 20.69
O5 NAG O . -48.59 0.63 19.02
O6 NAG O . -49.37 -2.66 18.20
O7 NAG O . -51.68 3.64 21.00
C1 NAG P . -28.02 13.38 46.25
C2 NAG P . -27.89 12.13 47.13
C3 NAG P . -29.18 11.90 47.91
C4 NAG P . -29.54 13.14 48.71
C5 NAG P . -29.63 14.34 47.78
C6 NAG P . -29.90 15.64 48.51
C7 NAG P . -26.96 9.88 46.80
C8 NAG P . -26.71 8.78 45.83
N2 NAG P . -27.57 10.97 46.31
O3 NAG P . -29.00 10.79 48.79
O4 NAG P . -30.77 12.96 49.39
O5 NAG P . -28.39 14.51 47.07
O6 NAG P . -28.98 15.83 49.57
O7 NAG P . -26.64 9.80 47.99
C1 NAG P . -30.51 12.99 50.81
C2 NAG P . -31.83 13.24 51.54
C3 NAG P . -31.59 13.24 53.05
C4 NAG P . -30.89 11.96 53.47
C5 NAG P . -29.61 11.77 52.66
C6 NAG P . -28.92 10.45 52.94
C7 NAG P . -33.75 14.67 51.00
C8 NAG P . -34.20 16.03 50.56
N2 NAG P . -32.44 14.49 51.12
O3 NAG P . -32.84 13.35 53.73
O4 NAG P . -30.54 12.03 54.86
O5 NAG P . -29.93 11.77 51.26
O6 NAG P . -27.50 10.60 52.90
O7 NAG P . -34.55 13.76 51.23
C1 NAG Q . -15.10 22.43 27.95
C2 NAG Q . -14.31 21.36 28.71
C3 NAG Q . -13.42 22.00 29.77
C4 NAG Q . -12.54 23.08 29.15
C5 NAG Q . -13.41 24.08 28.39
C6 NAG Q . -12.61 25.13 27.65
C7 NAG Q . -15.12 19.08 29.17
C8 NAG Q . -16.15 18.25 29.89
N2 NAG Q . -15.22 20.40 29.34
O3 NAG Q . -12.61 21.00 30.38
O4 NAG Q . -11.80 23.75 30.17
O5 NAG Q . -14.19 23.39 27.40
O6 NAG Q . -12.53 24.83 26.26
O7 NAG Q . -14.25 18.56 28.47
C1 NAG Q . -10.38 23.75 29.85
C2 NAG Q . -9.72 24.82 30.70
C3 NAG Q . -8.22 24.86 30.41
C4 NAG Q . -7.61 23.49 30.59
C5 NAG Q . -8.37 22.45 29.76
C6 NAG Q . -7.89 21.03 30.00
C7 NAG Q . -10.82 26.90 31.41
C8 NAG Q . -11.41 28.21 30.98
N2 NAG Q . -10.32 26.12 30.45
O3 NAG Q . -7.60 25.79 31.28
O4 NAG Q . -6.24 23.50 30.17
O5 NAG Q . -9.76 22.48 30.11
O6 NAG Q . -8.34 20.54 31.25
O7 NAG Q . -10.81 26.57 32.60
C1 BMA Q . -5.41 23.11 31.28
C2 BMA Q . -4.09 22.51 30.71
C3 BMA Q . -3.12 22.21 31.85
C4 BMA Q . -2.96 23.42 32.79
C5 BMA Q . -4.35 23.88 33.28
C6 BMA Q . -4.27 25.10 34.18
O2 BMA Q . -3.45 23.45 29.86
O3 BMA Q . -1.85 21.80 31.37
O4 BMA Q . -2.15 23.08 33.89
O5 BMA Q . -5.14 24.22 32.13
O6 BMA Q . -3.70 26.17 33.44
C1 MAN Q . -1.48 20.57 32.04
C2 MAN Q . 0.05 20.40 31.90
C3 MAN Q . 0.41 20.11 30.45
C4 MAN Q . -0.40 18.93 29.91
C5 MAN Q . -1.90 19.21 30.08
C6 MAN Q . -2.78 18.05 29.67
O2 MAN Q . 0.50 19.25 32.63
O3 MAN Q . 1.80 19.87 30.28
O4 MAN Q . -0.12 18.74 28.53
O5 MAN Q . -2.17 19.47 31.47
O6 MAN Q . -4.11 18.53 29.50
C1 MAN Q . 1.56 19.64 33.53
C2 MAN Q . 2.53 18.44 33.64
C3 MAN Q . 1.88 17.30 34.39
C4 MAN Q . 1.28 17.77 35.72
C5 MAN Q . 0.32 18.94 35.48
C6 MAN Q . -0.25 19.52 36.75
O2 MAN Q . 3.69 18.79 34.40
O3 MAN Q . 2.78 16.22 34.61
O4 MAN Q . 0.60 16.71 36.36
O5 MAN Q . 1.02 20.00 34.79
O6 MAN Q . 0.80 20.20 37.43
C1 NAG R . -0.60 6.87 56.10
C2 NAG R . -0.33 8.27 56.65
C3 NAG R . 1.16 8.55 56.68
C4 NAG R . 1.90 7.46 57.44
C5 NAG R . 1.53 6.08 56.89
C6 NAG R . 2.11 4.94 57.69
C7 NAG R . -2.15 9.90 56.30
C8 NAG R . -2.72 10.92 55.36
N2 NAG R . -1.03 9.29 55.88
O3 NAG R . 1.40 9.81 57.31
O4 NAG R . 3.30 7.64 57.31
O5 NAG R . 0.11 5.91 56.90
O6 NAG R . 1.62 4.95 59.02
O7 NAG R . -2.65 9.65 57.38
C1 NAG R . 3.88 7.84 58.61
C2 NAG R . 5.38 7.59 58.51
C3 NAG R . 6.06 7.83 59.86
C4 NAG R . 5.71 9.23 60.37
C5 NAG R . 4.19 9.41 60.40
C6 NAG R . 3.79 10.82 60.78
C7 NAG R . 6.47 5.94 57.04
C8 NAG R . 6.62 4.48 56.71
N2 NAG R . 5.64 6.23 58.05
O3 NAG R . 7.46 7.71 59.71
O4 NAG R . 6.23 9.40 61.69
O5 NAG R . 3.65 9.17 59.10
O6 NAG R . 2.40 11.03 60.59
O7 NAG R . 7.07 6.81 56.42
C1 NAG S . -19.15 27.06 44.96
C2 NAG S . -17.71 27.59 44.99
C3 NAG S . -17.21 27.71 46.42
C4 NAG S . -18.17 28.55 47.25
C5 NAG S . -19.58 27.99 47.15
C6 NAG S . -20.61 28.84 47.85
C7 NAG S . -16.60 26.92 42.90
C8 NAG S . -15.66 25.95 42.25
N2 NAG S . -16.82 26.74 44.21
O3 NAG S . -15.92 28.30 46.43
O4 NAG S . -17.75 28.59 48.60
O5 NAG S . -19.98 27.90 45.77
O6 NAG S . -21.91 28.25 47.78
O7 NAG S . -17.14 27.83 42.26
C1 NAG S . -16.99 29.79 48.82
C2 NAG S . -16.78 29.99 50.32
C3 NAG S . -15.91 31.21 50.57
C4 NAG S . -14.63 31.14 49.77
C5 NAG S . -14.93 30.89 48.30
C6 NAG S . -13.68 30.69 47.46
C7 NAG S . -18.64 29.05 51.62
C8 NAG S . -19.95 29.36 52.29
N2 NAG S . -18.05 30.08 51.01
O3 NAG S . -15.63 31.31 51.96
O4 NAG S . -13.90 32.35 49.91
O5 NAG S . -15.72 29.71 48.15
O6 NAG S . -12.93 31.89 47.35
O7 NAG S . -18.14 27.93 51.64
C1 NAG T . -33.31 11.56 44.69
C2 NAG T . -32.15 10.58 44.92
C3 NAG T . -32.60 9.43 45.82
C4 NAG T . -33.20 9.97 47.11
C5 NAG T . -34.34 10.92 46.78
C6 NAG T . -34.94 11.57 48.02
C7 NAG T . -30.38 9.65 43.49
C8 NAG T . -30.04 9.15 42.13
N2 NAG T . -31.65 10.06 43.66
O3 NAG T . -31.50 8.59 46.11
O4 NAG T . -33.66 8.91 47.94
O5 NAG T . -33.84 11.99 45.96
O6 NAG T . -35.11 12.97 47.83
O7 NAG T . -29.57 9.67 44.41
C1 NAG T . -32.67 8.71 48.97
C2 NAG T . -33.38 8.36 50.28
C3 NAG T . -32.35 8.09 51.38
C4 NAG T . -31.35 7.04 50.93
C5 NAG T . -30.72 7.46 49.59
C6 NAG T . -29.78 6.42 49.03
C7 NAG T . -35.53 9.18 51.12
C8 NAG T . -36.34 10.40 51.48
N2 NAG T . -34.29 9.42 50.68
O3 NAG T . -33.01 7.64 52.55
O4 NAG T . -30.32 6.90 51.90
O5 NAG T . -31.75 7.66 48.62
O6 NAG T . -30.18 5.10 49.34
O7 NAG T . -36.00 8.05 51.21
C1 NAG U . -25.35 -47.64 15.85
C2 NAG U . -25.83 -49.07 15.64
C3 NAG U . -27.14 -49.09 14.85
C4 NAG U . -28.17 -48.21 15.54
C5 NAG U . -27.61 -46.80 15.74
C6 NAG U . -28.55 -45.90 16.51
C7 NAG U . -23.91 -50.62 15.60
C8 NAG U . -22.95 -51.36 14.73
N2 NAG U . -24.81 -49.86 14.96
O3 NAG U . -27.62 -50.43 14.76
O4 NAG U . -29.37 -48.14 14.75
O5 NAG U . -26.39 -46.87 16.49
O6 NAG U . -28.46 -46.14 17.91
O7 NAG U . -23.88 -50.69 16.82
C1 NAG U . -30.47 -48.61 15.55
C2 NAG U . -31.77 -48.23 14.85
C3 NAG U . -32.97 -48.74 15.64
C4 NAG U . -32.84 -50.24 15.89
C5 NAG U . -31.49 -50.55 16.54
C6 NAG U . -31.24 -52.03 16.70
C7 NAG U . -31.34 -46.14 13.63
C8 NAG U . -31.52 -44.64 13.61
N2 NAG U . -31.86 -46.78 14.68
O3 NAG U . -34.16 -48.47 14.91
O4 NAG U . -33.88 -50.69 16.73
O5 NAG U . -30.42 -50.04 15.72
O6 NAG U . -31.22 -52.69 15.45
O7 NAG U . -30.75 -46.73 12.73
C1 NAG V . -24.41 -41.84 6.34
C2 NAG V . -24.93 -40.43 6.66
C3 NAG V . -26.44 -40.37 6.46
C4 NAG V . -26.82 -40.85 5.07
C5 NAG V . -26.25 -42.26 4.84
C6 NAG V . -26.49 -42.76 3.43
C7 NAG V . -23.71 -39.05 8.28
C8 NAG V . -23.47 -38.78 9.74
N2 NAG V . -24.57 -40.03 8.01
O3 NAG V . -26.90 -39.04 6.66
O4 NAG V . -28.23 -40.88 4.92
O5 NAG V . -24.83 -42.23 5.03
O6 NAG V . -25.57 -42.19 2.51
O7 NAG V . -23.15 -38.40 7.40
C1 NAG V . -28.59 -40.06 3.78
C2 NAG V . -29.97 -40.47 3.29
C3 NAG V . -30.39 -39.58 2.12
C4 NAG V . -30.31 -38.12 2.50
C5 NAG V . -28.91 -37.79 3.04
C6 NAG V . -28.79 -36.38 3.55
C7 NAG V . -30.47 -42.85 3.67
C8 NAG V . -30.40 -44.23 3.11
N2 NAG V . -29.98 -41.88 2.90
O3 NAG V . -31.73 -39.91 1.74
O4 NAG V . -30.57 -37.30 1.38
O5 NAG V . -28.60 -38.67 4.13
O6 NAG V . -28.53 -35.47 2.50
O7 NAG V . -30.95 -42.62 4.78
C1 NAG W . 2.11 -27.44 48.56
C2 NAG W . 2.63 -28.88 48.52
C3 NAG W . 2.95 -29.38 49.93
C4 NAG W . 3.90 -28.41 50.63
C5 NAG W . 3.31 -27.01 50.62
C6 NAG W . 4.22 -25.97 51.23
C7 NAG W . 2.02 -30.76 47.06
C8 NAG W . 0.88 -31.56 46.50
N2 NAG W . 1.67 -29.76 47.88
O3 NAG W . 3.55 -30.66 49.85
O4 NAG W . 4.12 -28.83 51.98
O5 NAG W . 3.06 -26.61 49.27
O6 NAG W . 3.86 -24.65 50.82
O7 NAG W . 3.19 -31.00 46.79
C1 NAG W . 5.54 -29.05 52.15
C2 NAG W . 5.86 -29.13 53.64
C3 NAG W . 7.33 -29.41 53.86
C4 NAG W . 7.74 -30.67 53.09
C5 NAG W . 7.35 -30.55 51.62
C6 NAG W . 7.62 -31.81 50.84
C7 NAG W . 4.37 -27.76 55.05
C8 NAG W . 4.15 -26.41 55.67
N2 NAG W . 5.48 -27.89 54.31
O3 NAG W . 7.59 -29.59 55.25
O4 NAG W . 9.15 -30.86 53.19
O5 NAG W . 5.95 -30.28 51.52
O6 NAG W . 7.15 -31.70 49.49
O7 NAG W . 3.59 -28.69 55.23
C1 NAG X . -20.20 -30.81 -30.72
C2 NAG X . -21.04 -29.60 -31.13
C3 NAG X . -22.21 -30.05 -32.00
C4 NAG X . -21.71 -30.86 -33.18
C5 NAG X . -20.84 -32.02 -32.69
C6 NAG X . -20.22 -32.81 -33.81
C7 NAG X . -21.91 -27.61 -29.99
C8 NAG X . -22.37 -27.03 -28.69
N2 NAG X . -21.52 -28.88 -29.95
O3 NAG X . -22.91 -28.89 -32.47
O4 NAG X . -22.81 -31.38 -33.92
O5 NAG X . -19.77 -31.51 -31.89
O6 NAG X . -18.85 -33.10 -33.54
O7 NAG X . -21.89 -26.94 -31.03
C1 NAG X . -22.70 -30.93 -35.28
C2 NAG X . -23.34 -31.98 -36.19
C3 NAG X . -23.29 -31.52 -37.65
C4 NAG X . -23.88 -30.14 -37.80
C5 NAG X . -23.24 -29.17 -36.82
C6 NAG X . -23.87 -27.80 -36.83
C7 NAG X . -23.35 -34.44 -36.14
C8 NAG X . -22.52 -35.67 -35.94
N2 NAG X . -22.70 -33.28 -36.03
O3 NAG X . -23.99 -32.46 -38.46
O4 NAG X . -23.69 -29.67 -39.12
O5 NAG X . -23.34 -29.68 -35.48
O6 NAG X . -24.96 -27.74 -35.92
O7 NAG X . -24.56 -34.49 -36.36
C1 BMA X . -24.90 -29.89 -39.88
C2 BMA X . -25.15 -28.66 -40.78
C3 BMA X . -26.32 -28.91 -41.73
C4 BMA X . -26.17 -30.26 -42.45
C5 BMA X . -25.97 -31.38 -41.43
C6 BMA X . -25.77 -32.74 -42.07
O2 BMA X . -24.01 -28.40 -41.59
O3 BMA X . -26.46 -27.87 -42.67
O4 BMA X . -27.33 -30.52 -43.22
O5 BMA X . -24.79 -31.08 -40.66
O6 BMA X . -24.51 -32.75 -42.72
C1 NAG Y . 6.54 -46.22 -10.54
C2 NAG Y . 7.26 -45.51 -11.68
C3 NAG Y . 8.24 -46.47 -12.36
C4 NAG Y . 9.18 -47.08 -11.33
C5 NAG Y . 8.38 -47.74 -10.21
C6 NAG Y . 9.23 -48.27 -9.10
C7 NAG Y . 6.48 -43.82 -13.29
C8 NAG Y . 5.40 -43.44 -14.25
N2 NAG Y . 6.31 -44.99 -12.64
O3 NAG Y . 8.99 -45.76 -13.34
O4 NAG Y . 10.02 -48.05 -11.95
O5 NAG Y . 7.49 -46.76 -9.62
O6 NAG Y . 10.18 -47.30 -8.65
O7 NAG Y . 7.46 -43.12 -13.11
C1 NAG Y . 11.36 -47.89 -11.47
C2 NAG Y . 12.12 -49.20 -11.71
C3 NAG Y . 13.57 -49.07 -11.25
C4 NAG Y . 14.22 -47.85 -11.89
C5 NAG Y . 13.37 -46.60 -11.65
C6 NAG Y . 13.91 -45.38 -12.37
C7 NAG Y . 10.55 -51.09 -11.64
C8 NAG Y . 9.98 -52.19 -10.81
N2 NAG Y . 11.47 -50.31 -11.05
O3 NAG Y . 14.29 -50.24 -11.59
O4 NAG Y . 15.51 -47.65 -11.34
O5 NAG Y . 12.04 -46.82 -12.13
O6 NAG Y . 15.33 -45.34 -12.35
O7 NAG Y . 10.19 -50.89 -12.80
C1 NAG Z . -4.53 -53.73 19.51
C2 NAG Z . -3.41 -53.74 20.56
C3 NAG Z . -2.67 -55.07 20.52
C4 NAG Z . -3.63 -56.22 20.70
C5 NAG Z . -4.74 -56.14 19.65
C6 NAG Z . -5.81 -57.19 19.82
C7 NAG Z . -1.82 -52.04 21.34
C8 NAG Z . -0.92 -50.91 20.94
N2 NAG Z . -2.50 -52.62 20.35
O3 NAG Z . -1.69 -55.08 21.56
O4 NAG Z . -2.96 -57.46 20.60
O5 NAG Z . -5.40 -54.87 19.72
O6 NAG Z . -6.28 -57.23 21.16
O7 NAG Z . -1.92 -52.41 22.50
C1 NAG Z . -2.89 -58.05 21.92
C2 NAG Z . -2.48 -59.51 21.79
C3 NAG Z . -2.35 -60.14 23.17
C4 NAG Z . -1.39 -59.32 24.04
C5 NAG Z . -1.84 -57.87 24.08
C6 NAG Z . -0.87 -56.97 24.82
C7 NAG Z . -3.12 -60.95 19.90
C8 NAG Z . -4.24 -61.64 19.20
N2 NAG Z . -3.44 -60.24 20.99
O3 NAG Z . -1.85 -61.47 23.04
O4 NAG Z . -1.38 -59.84 25.36
O5 NAG Z . -1.93 -57.35 22.74
O6 NAG Z . -1.55 -55.89 25.45
O7 NAG Z . -1.96 -61.03 19.49
C1 NAG AA . -20.16 -37.17 11.42
C2 NAG AA . -19.42 -36.70 12.68
C3 NAG AA . -20.26 -36.98 13.92
C4 NAG AA . -21.65 -36.37 13.77
C5 NAG AA . -22.30 -36.88 12.49
C6 NAG AA . -23.65 -36.25 12.21
C7 NAG AA . -16.97 -36.68 12.97
C8 NAG AA . -15.74 -37.51 13.06
N2 NAG AA . -18.12 -37.35 12.79
O3 NAG AA . -19.61 -36.41 15.07
O4 NAG AA . -22.45 -36.73 14.89
O5 NAG AA . -21.45 -36.56 11.37
O6 NAG AA . -23.53 -35.12 11.37
O7 NAG AA . -16.94 -35.45 13.07
C1 NAG AA . -22.99 -35.53 15.51
C2 NAG AA . -24.20 -35.93 16.36
C3 NAG AA . -24.78 -34.71 17.04
C4 NAG AA . -23.71 -33.97 17.83
C5 NAG AA . -22.51 -33.67 16.93
C6 NAG AA . -21.35 -33.05 17.69
C7 NAG AA . -25.69 -37.82 15.81
C8 NAG AA . -26.72 -38.33 14.85
N2 NAG AA . -25.21 -36.60 15.54
O3 NAG AA . -25.83 -35.11 17.91
O4 NAG AA . -24.24 -32.74 18.33
O5 NAG AA . -22.01 -34.88 16.34
O6 NAG AA . -20.67 -34.03 18.49
O7 NAG AA . -25.31 -38.47 16.78
C1 BMA AA . -24.16 -32.74 19.77
C2 BMA AA . -24.20 -31.26 20.23
C3 BMA AA . -24.31 -31.18 21.76
C4 BMA AA . -25.41 -32.12 22.29
C5 BMA AA . -25.20 -33.54 21.77
C6 BMA AA . -26.28 -34.51 22.23
O2 BMA AA . -25.34 -30.60 19.71
O3 BMA AA . -24.54 -29.85 22.21
O4 BMA AA . -25.40 -32.12 23.71
O5 BMA AA . -25.22 -33.49 20.33
O6 BMA AA . -27.53 -34.04 21.73
C1 MAN AA . -23.46 -29.44 23.07
C2 MAN AA . -23.99 -28.33 24.00
C3 MAN AA . -24.28 -27.08 23.18
C4 MAN AA . -23.06 -26.67 22.36
C5 MAN AA . -22.61 -27.83 21.48
C6 MAN AA . -21.33 -27.54 20.72
O2 MAN AA . -23.01 -27.94 24.96
O3 MAN AA . -24.71 -26.00 24.01
O4 MAN AA . -23.37 -25.55 21.55
O5 MAN AA . -22.35 -29.00 22.30
O6 MAN AA . -21.07 -28.64 19.85
C1 MAN AA . -23.57 -27.96 26.28
C2 MAN AA . -22.88 -26.85 27.09
C3 MAN AA . -21.43 -27.21 27.37
C4 MAN AA . -21.33 -28.62 27.97
C5 MAN AA . -22.02 -29.64 27.05
C6 MAN AA . -22.03 -31.04 27.62
O2 MAN AA . -23.49 -26.69 28.39
O3 MAN AA . -20.79 -26.27 28.21
O4 MAN AA . -19.96 -28.98 28.11
O5 MAN AA . -23.39 -29.23 26.87
O6 MAN AA . -22.90 -31.05 28.75
C1 NAG BA . -8.82 -38.06 44.77
C2 NAG BA . -10.11 -38.77 45.16
C3 NAG BA . -10.96 -37.87 46.04
C4 NAG BA . -10.16 -37.38 47.24
C5 NAG BA . -8.85 -36.75 46.78
C6 NAG BA . -7.94 -36.38 47.93
C7 NAG BA . -10.87 -40.44 43.52
C8 NAG BA . -11.69 -40.68 42.28
N2 NAG BA . -10.85 -39.18 43.98
O3 NAG BA . -12.11 -38.58 46.48
O4 NAG BA . -10.91 -36.42 47.97
O5 NAG BA . -8.11 -37.67 45.96
O6 NAG BA . -7.30 -37.53 48.48
O7 NAG BA . -10.24 -41.34 44.06
C1 NAG BA . -11.14 -36.90 49.30
C2 NAG BA . -11.40 -35.70 50.21
C3 NAG BA . -11.71 -36.16 51.63
C4 NAG BA . -12.83 -37.18 51.63
C5 NAG BA . -12.50 -38.33 50.67
C6 NAG BA . -13.64 -39.32 50.53
C7 NAG BA . -10.39 -33.48 49.89
C8 NAG BA . -9.12 -32.69 49.93
N2 NAG BA . -10.28 -34.78 50.20
O3 NAG BA . -12.07 -35.04 52.43
O4 NAG BA . -13.02 -37.72 52.94
O5 NAG BA . -12.25 -37.81 49.36
O6 NAG BA . -13.43 -40.20 49.42
O7 NAG BA . -11.46 -32.97 49.59
C1 NAG CA . -21.11 -51.85 21.58
C2 NAG CA . -22.16 -51.06 22.36
C3 NAG CA . -22.30 -51.60 23.78
C4 NAG CA . -22.60 -53.09 23.72
C5 NAG CA . -21.53 -53.82 22.91
C6 NAG CA . -21.83 -55.29 22.73
C7 NAG CA . -22.23 -48.77 21.47
C8 NAG CA . -21.79 -47.34 21.66
N2 NAG CA . -21.82 -49.63 22.39
O3 NAG CA . -23.34 -50.91 24.45
O4 NAG CA . -22.65 -53.64 25.05
O5 NAG CA . -21.46 -53.24 21.60
O6 NAG CA . -20.71 -55.98 22.18
O7 NAG CA . -22.93 -49.11 20.52
C1 NAG CA . -24.04 -53.73 25.43
C2 NAG CA . -24.13 -54.49 26.75
C3 NAG CA . -25.59 -54.57 27.22
C4 NAG CA . -26.20 -53.17 27.27
C5 NAG CA . -26.01 -52.47 25.93
C6 NAG CA . -26.49 -51.03 25.95
C7 NAG CA . -22.27 -56.10 26.80
C8 NAG CA . -21.87 -57.53 26.63
N2 NAG CA . -23.57 -55.83 26.63
O3 NAG CA . -25.65 -55.18 28.50
O4 NAG CA . -27.58 -53.26 27.56
O5 NAG CA . -24.62 -52.43 25.58
O6 NAG CA . -27.87 -50.94 25.65
O7 NAG CA . -21.45 -55.22 27.08
C1 NAG DA . -1.12 -55.98 15.60
C2 NAG DA . -0.68 -55.06 16.73
C3 NAG DA . 0.62 -55.55 17.35
C4 NAG DA . 0.50 -57.00 17.77
C5 NAG DA . 0.06 -57.84 16.58
C6 NAG DA . -0.15 -59.30 16.92
C7 NAG DA . -0.55 -52.63 17.08
C8 NAG DA . -0.40 -51.29 16.43
N2 NAG DA . -0.54 -53.69 16.26
O3 NAG DA . 0.96 -54.75 18.48
O4 NAG DA . 1.73 -57.48 18.28
O5 NAG DA . -1.18 -57.34 16.07
O6 NAG DA . -1.26 -59.46 17.81
O7 NAG DA . -0.68 -52.74 18.30
C1 NAG DA . 1.62 -57.54 19.73
C2 NAG DA . 2.41 -58.74 20.24
C3 NAG DA . 2.34 -58.79 21.77
C4 NAG DA . 2.77 -57.47 22.37
C5 NAG DA . 1.97 -56.32 21.76
C6 NAG DA . 2.44 -54.95 22.22
C7 NAG DA . 2.72 -61.01 19.36
C8 NAG DA . 2.03 -62.21 18.77
N2 NAG DA . 1.92 -59.97 19.66
O3 NAG DA . 3.17 -59.84 22.24
O4 NAG DA . 2.58 -57.48 23.78
O5 NAG DA . 2.11 -56.33 20.33
O6 NAG DA . 1.41 -54.27 22.93
O7 NAG DA . 3.92 -60.98 19.57
C1 NAG EA . 46.03 -10.01 6.62
C2 NAG EA . 47.53 -9.69 6.58
C3 NAG EA . 48.12 -10.08 5.22
C4 NAG EA . 47.80 -11.54 4.92
C5 NAG EA . 46.30 -11.77 4.99
C6 NAG EA . 45.91 -13.22 4.79
C7 NAG EA . 48.01 -7.82 8.09
C8 NAG EA . 48.24 -6.34 8.19
N2 NAG EA . 47.77 -8.29 6.86
O3 NAG EA . 49.53 -9.87 5.24
O4 NAG EA . 48.30 -11.90 3.64
O5 NAG EA . 45.81 -11.39 6.28
O6 NAG EA . 44.84 -13.59 5.64
O7 NAG EA . 48.03 -8.54 9.08
C1 NAG EA . 49.57 -12.55 3.82
C2 NAG EA . 49.71 -13.68 2.79
C3 NAG EA . 51.07 -14.34 2.92
C4 NAG EA . 52.19 -13.31 2.85
C5 NAG EA . 51.95 -12.21 3.87
C6 NAG EA . 52.96 -11.08 3.78
C7 NAG EA . 47.54 -14.65 2.19
C8 NAG EA . 46.55 -15.74 2.48
N2 NAG EA . 48.64 -14.65 2.94
O3 NAG EA . 51.23 -15.30 1.88
O4 NAG EA . 53.44 -13.93 3.11
O5 NAG EA . 50.66 -11.61 3.67
O6 NAG EA . 53.72 -10.98 4.98
O7 NAG EA . 47.34 -13.81 1.31
C1 NAG FA . 39.05 -5.92 -0.64
C2 NAG FA . 37.97 -6.94 -1.03
C3 NAG FA . 38.49 -7.90 -2.09
C4 NAG FA . 39.03 -7.11 -3.29
C5 NAG FA . 40.10 -6.13 -2.82
C6 NAG FA . 40.62 -5.26 -3.92
C7 NAG FA . 36.26 -7.59 0.62
C8 NAG FA . 35.96 -8.43 1.83
N2 NAG FA . 37.50 -7.68 0.13
O3 NAG FA . 37.45 -8.77 -2.51
O4 NAG FA . 39.58 -8.00 -4.26
O5 NAG FA . 39.54 -5.26 -1.82
O6 NAG FA . 39.63 -4.33 -4.37
O7 NAG FA . 35.41 -6.85 0.11
C1 NAG FA . 38.86 -7.80 -5.50
C2 NAG FA . 39.72 -8.29 -6.66
C3 NAG FA . 38.97 -8.14 -7.97
C4 NAG FA . 37.61 -8.83 -7.89
C5 NAG FA . 36.84 -8.33 -6.67
C6 NAG FA . 35.53 -9.05 -6.47
C7 NAG FA . 42.13 -8.05 -6.24
C8 NAG FA . 43.34 -7.17 -6.38
N2 NAG FA . 40.98 -7.57 -6.71
O3 NAG FA . 39.74 -8.70 -9.03
O4 NAG FA . 36.86 -8.58 -9.07
O5 NAG FA . 37.61 -8.52 -5.49
O6 NAG FA . 34.44 -8.36 -7.07
O7 NAG FA . 42.20 -9.16 -5.72
C1 NAG GA . 20.54 -18.60 46.21
C2 NAG GA . 21.62 -17.65 46.74
C3 NAG GA . 22.09 -18.09 48.13
C4 NAG GA . 20.89 -18.24 49.07
C5 NAG GA . 19.89 -19.21 48.46
C6 NAG GA . 18.65 -19.37 49.31
C7 NAG GA . 23.30 -16.45 45.41
C8 NAG GA . 24.45 -16.58 44.47
N2 NAG GA . 22.75 -17.59 45.83
O3 NAG GA . 23.00 -17.13 48.66
O4 NAG GA . 21.32 -18.70 50.35
O5 NAG GA . 19.48 -18.72 47.19
O6 NAG GA . 17.94 -18.14 49.42
O7 NAG GA . 22.88 -15.35 45.77
C1 NAG GA . 20.80 -17.80 51.36
C2 NAG GA . 21.08 -18.40 52.74
C3 NAG GA . 20.58 -17.45 53.83
C4 NAG GA . 21.15 -16.06 53.63
C5 NAG GA . 20.87 -15.57 52.21
C6 NAG GA . 21.52 -14.23 51.91
C7 NAG GA . 21.14 -20.85 52.62
C8 NAG GA . 20.35 -22.11 52.82
N2 NAG GA . 20.48 -19.72 52.88
O3 NAG GA . 20.95 -17.96 55.11
O4 NAG GA . 20.57 -15.16 54.56
O5 NAG GA . 21.39 -16.50 51.25
O6 NAG GA . 22.37 -14.31 50.78
O7 NAG GA . 22.29 -20.86 52.23
C1 NAG HA . 23.06 14.97 -29.13
C2 NAG HA . 22.31 14.12 -30.17
C3 NAG HA . 23.10 14.07 -31.47
C4 NAG HA . 23.43 15.48 -31.95
C5 NAG HA . 24.13 16.26 -30.84
C6 NAG HA . 24.37 17.71 -31.20
C7 NAG HA . 20.92 12.13 -29.82
C8 NAG HA . 20.84 10.75 -29.24
N2 NAG HA . 22.07 12.78 -29.67
O3 NAG HA . 22.35 13.38 -32.47
O4 NAG HA . 24.26 15.43 -33.10
O5 NAG HA . 23.31 16.27 -29.66
O6 NAG HA . 24.11 18.57 -30.10
O7 NAG HA . 19.96 12.64 -30.41
C1 NAG HA . 23.65 16.23 -34.14
C2 NAG HA . 24.73 16.89 -34.97
C3 NAG HA . 24.11 17.73 -36.08
C4 NAG HA . 23.15 16.88 -36.91
C5 NAG HA . 22.14 16.17 -36.00
C6 NAG HA . 21.26 15.19 -36.75
C7 NAG HA . 26.93 17.64 -34.15
C8 NAG HA . 27.65 18.58 -33.22
N2 NAG HA . 25.59 17.72 -34.14
O3 NAG HA . 25.15 18.24 -36.91
O4 NAG HA . 22.42 17.70 -37.82
O5 NAG HA . 22.82 15.42 -34.99
O6 NAG HA . 21.78 13.87 -36.68
O7 NAG HA . 27.53 16.84 -34.86
C1 BMA HA . 23.21 17.98 -38.99
C2 BMA HA . 22.46 17.45 -40.24
C3 BMA HA . 23.19 17.90 -41.51
C4 BMA HA . 23.48 19.41 -41.49
C5 BMA HA . 24.24 19.77 -40.21
C6 BMA HA . 24.52 21.27 -40.09
O2 BMA HA . 21.15 17.98 -40.30
O3 BMA HA . 22.45 17.56 -42.68
O4 BMA HA . 24.25 19.77 -42.62
O5 BMA HA . 23.44 19.39 -39.09
O6 BMA HA . 25.21 21.68 -41.26
C1 NAG IA . 28.60 27.60 5.23
C2 NAG IA . 27.51 28.49 4.62
C3 NAG IA . 27.86 29.97 4.84
C4 NAG IA . 28.14 30.24 6.32
C5 NAG IA . 29.20 29.27 6.83
C6 NAG IA . 29.46 29.39 8.32
C7 NAG IA . 26.15 28.28 2.59
C8 NAG IA . 26.16 27.97 1.12
N2 NAG IA . 27.34 28.22 3.21
O3 NAG IA . 26.79 30.79 4.39
O4 NAG IA . 28.57 31.58 6.49
O5 NAG IA . 28.79 27.92 6.60
O6 NAG IA . 28.25 29.42 9.05
O7 NAG IA . 25.12 28.58 3.19
C1 NAG IA . 28.00 32.14 7.69
C2 NAG IA . 28.84 33.34 8.12
C3 NAG IA . 28.26 33.97 9.38
C4 NAG IA . 26.79 34.32 9.15
C5 NAG IA . 26.02 33.09 8.67
C6 NAG IA . 24.59 33.41 8.32
C7 NAG IA . 31.21 33.15 7.46
C8 NAG IA . 32.57 32.67 7.88
N2 NAG IA . 30.23 32.93 8.35
O3 NAG IA . 29.00 35.14 9.70
O4 NAG IA . 26.22 34.77 10.37
O5 NAG IA . 26.63 32.57 7.48
O6 NAG IA . 23.91 34.03 9.39
O7 NAG IA . 31.02 33.71 6.40
C1 NAG JA . 43.65 4.46 23.56
C2 NAG JA . 43.27 4.71 25.03
C3 NAG JA . 44.13 5.83 25.61
C4 NAG JA . 45.60 5.49 25.44
C5 NAG JA . 45.89 5.25 23.96
C6 NAG JA . 47.32 4.83 23.69
C7 NAG JA . 41.15 4.87 26.27
C8 NAG JA . 39.70 5.27 26.20
N2 NAG JA . 41.85 5.05 25.13
O3 NAG JA . 43.83 5.97 27.00
O4 NAG JA . 46.41 6.56 25.91
O5 NAG JA . 45.05 4.19 23.48
O6 NAG JA . 47.64 3.62 24.38
O7 NAG JA . 41.66 4.41 27.28
C1 NAG JA . 47.21 6.05 26.99
C2 NAG JA . 48.41 6.98 27.22
C3 NAG JA . 49.24 6.50 28.39
C4 NAG JA . 48.38 6.33 29.63
C5 NAG JA . 47.18 5.42 29.32
C6 NAG JA . 46.21 5.31 30.47
C7 NAG JA . 49.84 8.19 25.63
C8 NAG JA . 50.64 8.10 24.36
N2 NAG JA . 49.22 7.07 26.01
O3 NAG JA . 50.29 7.45 28.65
O4 NAG JA . 49.14 5.75 30.68
O5 NAG JA . 46.45 5.96 28.21
O6 NAG JA . 46.14 3.97 30.95
O7 NAG JA . 49.79 9.23 26.29
C1 NAG KA . 33.75 -7.86 5.16
C2 NAG KA . 33.20 -8.29 6.53
C3 NAG KA . 33.94 -9.54 7.03
C4 NAG KA . 33.91 -10.63 5.97
C5 NAG KA . 34.44 -10.11 4.65
C6 NAG KA . 34.36 -11.10 3.52
C7 NAG KA . 32.30 -6.76 8.23
C8 NAG KA . 32.61 -5.65 9.17
N2 NAG KA . 33.32 -7.21 7.50
O3 NAG KA . 33.33 -9.99 8.23
O4 NAG KA . 34.67 -11.75 6.41
O5 NAG KA . 33.68 -8.96 4.25
O6 NAG KA . 33.17 -10.93 2.76
O7 NAG KA . 31.16 -7.24 8.13
C1 NAG KA . 33.87 -12.94 6.37
C2 NAG KA . 34.80 -14.15 6.28
C3 NAG KA . 33.99 -15.44 6.27
C4 NAG KA . 33.04 -15.49 7.45
C5 NAG KA . 32.18 -14.23 7.51
C6 NAG KA . 31.30 -14.15 8.73
C7 NAG KA . 36.95 -13.72 5.18
C8 NAG KA . 37.69 -13.70 3.87
N2 NAG KA . 35.66 -14.07 5.12
O3 NAG KA . 34.88 -16.56 6.31
O4 NAG KA . 32.19 -16.63 7.34
O5 NAG KA . 33.02 -13.07 7.52
O6 NAG KA . 32.07 -14.05 9.91
O7 NAG KA . 37.51 -13.44 6.24
C1 BMA KA . 32.32 -17.43 8.53
C2 BMA KA . 31.06 -18.34 8.65
C3 BMA KA . 31.23 -19.32 9.81
C4 BMA KA . 32.58 -20.05 9.73
C5 BMA KA . 33.72 -19.02 9.65
C6 BMA KA . 35.09 -19.67 9.54
O2 BMA KA . 30.89 -19.11 7.47
O3 BMA KA . 30.17 -20.27 9.86
O4 BMA KA . 32.77 -20.87 10.87
O5 BMA KA . 33.51 -18.22 8.48
O6 BMA KA . 35.13 -20.45 8.35
C1 MAN KA . 29.59 -20.26 11.17
C2 MAN KA . 28.78 -21.56 11.35
C3 MAN KA . 27.56 -21.55 10.45
C4 MAN KA . 26.74 -20.26 10.67
C5 MAN KA . 27.64 -19.04 10.45
C6 MAN KA . 26.92 -17.73 10.75
O2 MAN KA . 28.26 -21.67 12.68
O3 MAN KA . 26.74 -22.69 10.64
O4 MAN KA . 25.65 -20.22 9.76
O5 MAN KA . 28.77 -19.11 11.35
O6 MAN KA . 27.87 -16.67 10.62
C1 MAN KA . 28.63 -22.93 13.26
C2 MAN KA . 27.47 -23.40 14.14
C3 MAN KA . 27.35 -22.48 15.35
C4 MAN KA . 28.68 -22.35 16.09
C5 MAN KA . 29.77 -21.88 15.10
C6 MAN KA . 31.15 -21.82 15.73
O2 MAN KA . 27.70 -24.71 14.67
O3 MAN KA . 26.33 -22.93 16.26
O4 MAN KA . 28.56 -21.41 17.15
O5 MAN KA . 29.83 -22.80 14.00
O6 MAN KA . 31.59 -23.16 15.95
C1 NAG LA . 34.09 -19.70 38.30
C2 NAG LA . 35.29 -20.54 37.86
C3 NAG LA . 34.93 -22.01 37.87
C4 NAG LA . 34.37 -22.42 39.23
C5 NAG LA . 33.22 -21.50 39.63
C6 NAG LA . 32.72 -21.76 41.03
C7 NAG LA . 36.88 -19.42 36.35
C8 NAG LA . 37.21 -19.10 34.92
N2 NAG LA . 35.76 -20.14 36.54
O3 NAG LA . 36.09 -22.80 37.56
O4 NAG LA . 33.90 -23.77 39.18
O5 NAG LA . 33.65 -20.13 39.58
O6 NAG LA . 33.73 -21.45 42.00
O7 NAG LA . 37.59 -19.07 37.28
C1 NAG LA . 34.54 -24.53 40.22
C2 NAG LA . 33.67 -25.75 40.52
C3 NAG LA . 34.32 -26.61 41.59
C4 NAG LA . 35.74 -26.98 41.18
C5 NAG LA . 36.54 -25.71 40.85
C6 NAG LA . 37.92 -26.00 40.32
C7 NAG LA . 31.22 -25.72 40.33
C8 NAG LA . 29.93 -25.19 40.91
N2 NAG LA . 32.34 -25.34 40.96
O3 NAG LA . 33.57 -27.80 41.78
O4 NAG LA . 36.40 -27.67 42.24
O5 NAG LA . 35.85 -24.96 39.83
O6 NAG LA . 37.90 -26.24 38.92
O7 NAG LA . 31.23 -26.45 39.34
C1 NAG MA . 48.64 -8.80 15.00
C2 NAG MA . 48.45 -10.30 14.83
C3 NAG MA . 49.19 -11.06 15.93
C4 NAG MA . 50.65 -10.63 15.97
C5 NAG MA . 50.75 -9.12 16.12
C6 NAG MA . 52.16 -8.61 16.06
C7 NAG MA . 46.32 -10.72 13.69
C8 NAG MA . 44.88 -11.12 13.87
N2 NAG MA . 47.05 -10.66 14.81
O3 NAG MA . 49.09 -12.46 15.69
O4 NAG MA . 51.31 -11.26 17.07
O5 NAG MA . 50.03 -8.49 15.05
O6 NAG MA . 52.25 -7.25 16.46
O7 NAG MA . 46.80 -10.48 12.59
C1 NAG MA . 51.93 -12.47 16.59
C2 NAG MA . 52.82 -13.03 17.69
C3 NAG MA . 53.46 -14.35 17.23
C4 NAG MA . 52.39 -15.32 16.76
C5 NAG MA . 51.52 -14.66 15.69
C6 NAG MA . 50.36 -15.53 15.25
C7 NAG MA . 53.72 -11.23 19.10
C8 NAG MA . 54.87 -10.32 19.35
N2 NAG MA . 53.85 -12.08 18.08
O3 NAG MA . 54.19 -14.92 18.32
O4 NAG MA . 53.00 -16.48 16.22
O5 NAG MA . 50.96 -13.45 16.21
O6 NAG MA . 50.64 -16.18 14.02
O7 NAG MA . 52.69 -11.19 19.79
C1 NAG NA . 43.79 10.41 22.75
C2 NAG NA . 42.87 9.62 23.70
C3 NAG NA . 42.78 10.30 25.06
C4 NAG NA . 44.17 10.52 25.63
C5 NAG NA . 44.99 11.34 24.64
C6 NAG NA . 46.42 11.56 25.10
C7 NAG NA . 40.72 8.46 23.45
C8 NAG NA . 39.39 8.44 22.75
N2 NAG NA . 41.55 9.45 23.12
O3 NAG NA . 42.01 9.50 25.94
O4 NAG NA . 44.09 11.19 26.88
O5 NAG NA . 45.07 10.64 23.39
O6 NAG NA . 47.35 11.08 24.15
O7 NAG NA . 41.04 7.60 24.28
C1 NAG NA . 44.34 10.20 27.91
C2 NAG NA . 45.12 10.85 29.06
C3 NAG NA . 45.35 9.83 30.17
C4 NAG NA . 44.03 9.20 30.61
C5 NAG NA . 43.29 8.63 29.40
C6 NAG NA . 41.92 8.10 29.74
C7 NAG NA . 46.63 12.71 28.50
C8 NAG NA . 47.99 13.08 27.99
N2 NAG NA . 46.38 11.39 28.60
O3 NAG NA . 45.97 10.47 31.28
O4 NAG NA . 44.28 8.15 31.54
O5 NAG NA . 43.11 9.65 28.40
O6 NAG NA . 41.15 9.05 30.45
O7 NAG NA . 45.79 13.56 28.79
C1 NAG OA . -41.38 16.82 13.79
C2 NAG OA . -41.62 17.21 12.32
C3 NAG OA . -42.85 16.50 11.79
C4 NAG OA . -42.75 15.00 12.02
C5 NAG OA . -42.45 14.71 13.49
C6 NAG OA . -42.23 13.25 13.79
C7 NAG OA . -41.69 19.28 11.01
C8 NAG OA . -41.86 20.77 11.06
N2 NAG OA . -41.76 18.65 12.19
O3 NAG OA . -42.98 16.75 10.39
O4 NAG OA . -43.97 14.36 11.66
O5 NAG OA . -41.26 15.41 13.90
O6 NAG OA . -43.30 12.45 13.29
O7 NAG OA . -41.51 18.68 9.96
C1 NAG PA . -36.45 19.59 46.43
C2 NAG PA . -35.41 19.87 47.51
C3 NAG PA . -36.09 20.05 48.87
C4 NAG PA . -37.17 21.11 48.78
C5 NAG PA . -38.14 20.79 47.64
C6 NAG PA . -39.17 21.88 47.42
C7 NAG PA . -33.13 18.98 47.26
C8 NAG PA . -32.26 17.77 47.38
N2 NAG PA . -34.42 18.81 47.57
O3 NAG PA . -35.12 20.41 49.84
O4 NAG PA . -37.90 21.17 50.01
O5 NAG PA . -37.41 20.65 46.41
O6 NAG PA . -40.47 21.34 47.25
O7 NAG PA . -32.68 20.07 46.91
C1 NAG QA . 0.02 22.80 47.16
C2 NAG QA . -0.04 24.33 47.13
C3 NAG QA . 1.22 24.88 46.46
C4 NAG QA . 2.47 24.33 47.15
C5 NAG QA . 2.42 22.81 47.20
C6 NAG QA . 3.57 22.21 47.97
C7 NAG QA . -2.13 25.60 46.97
C8 NAG QA . -3.30 25.97 46.10
N2 NAG QA . -1.23 24.79 46.42
O3 NAG QA . 1.21 26.30 46.54
O4 NAG QA . 3.63 24.74 46.44
O5 NAG QA . 1.21 22.37 47.83
O6 NAG QA . 3.61 22.71 49.31
O7 NAG QA . -2.04 26.00 48.13
C1 NAG RA . -16.13 -9.86 42.30
C2 NAG RA . -17.28 -10.61 41.63
C3 NAG RA . -18.57 -9.80 41.72
C4 NAG RA . -18.86 -9.43 43.17
C5 NAG RA . -17.65 -8.72 43.78
C6 NAG RA . -17.82 -8.42 45.25
C7 NAG RA . -17.37 -12.03 39.63
C8 NAG RA . -16.95 -12.18 38.19
N2 NAG RA . -16.97 -10.92 40.25
O3 NAG RA . -19.65 -10.57 41.20
O4 NAG RA . -19.98 -8.57 43.23
O5 NAG RA . -16.49 -9.55 43.66
O6 NAG RA . -17.14 -9.37 46.06
O7 NAG RA . -18.04 -12.88 40.19
C1 NAG SA . -13.78 4.25 59.10
C2 NAG SA . -14.08 3.08 60.03
C3 NAG SA . -15.37 2.38 59.58
C4 NAG SA . -16.51 3.38 59.48
C5 NAG SA . -16.11 4.56 58.59
C6 NAG SA . -17.14 5.66 58.56
C7 NAG SA . -12.02 2.06 60.98
C8 NAG SA . -12.09 3.05 62.11
N2 NAG SA . -12.98 2.13 60.06
O3 NAG SA . -15.71 1.36 60.51
O4 NAG SA . -17.66 2.76 58.93
O5 NAG SA . -14.90 5.15 59.08
O6 NAG SA . -17.16 6.39 59.77
O7 NAG SA . -11.12 1.23 60.92
C1 NAG TA . -6.31 -44.64 -14.33
C2 NAG TA . -6.77 -44.00 -15.64
C3 NAG TA . -5.77 -44.28 -16.75
C4 NAG TA . -4.37 -43.86 -16.31
C5 NAG TA . -4.01 -44.50 -14.98
C6 NAG TA . -2.68 -44.03 -14.43
C7 NAG TA . -9.03 -43.68 -16.57
C8 NAG TA . -10.34 -44.33 -16.90
N2 NAG TA . -8.10 -44.47 -16.02
O3 NAG TA . -6.14 -43.58 -17.93
O4 NAG TA . -3.41 -44.26 -17.29
O5 NAG TA . -5.01 -44.17 -13.99
O6 NAG TA . -1.62 -44.31 -15.33
O7 NAG TA . -8.82 -42.49 -16.79
C1 NAG UA . -6.68 -62.04 13.75
C2 NAG UA . -7.34 -62.15 15.12
C3 NAG UA . -7.08 -63.54 15.72
C4 NAG UA . -7.52 -64.62 14.74
C5 NAG UA . -6.87 -64.40 13.39
C6 NAG UA . -7.35 -65.37 12.34
C7 NAG UA . -7.63 -60.12 16.47
C8 NAG UA . -6.96 -59.14 17.39
N2 NAG UA . -6.86 -61.11 16.02
O3 NAG UA . -7.80 -63.66 16.94
O4 NAG UA . -7.16 -65.90 15.24
O5 NAG UA . -7.16 -63.08 12.90
O6 NAG UA . -6.28 -66.11 11.76
O7 NAG UA . -8.81 -60.01 16.17
C1 NAG VA . -24.41 -38.44 35.47
C2 NAG VA . -25.78 -39.04 35.13
C3 NAG VA . -26.86 -37.98 35.27
C4 NAG VA . -26.81 -37.33 36.64
C5 NAG VA . -25.40 -36.80 36.92
C6 NAG VA . -25.23 -36.26 38.32
C7 NAG VA . -26.23 -40.83 33.51
C8 NAG VA . -26.15 -41.25 32.07
N2 NAG VA . -25.78 -39.61 33.80
O3 NAG VA . -28.14 -38.58 35.06
O4 NAG VA . -27.73 -36.25 36.70
O5 NAG VA . -24.44 -37.87 36.78
O6 NAG VA . -25.56 -37.24 39.30
O7 NAG VA . -26.70 -41.57 34.38
C1 NAG WA . 11.10 -34.17 27.50
C2 NAG WA . 12.18 -34.23 26.41
C3 NAG WA . 11.98 -35.48 25.55
C4 NAG WA . 11.94 -36.72 26.42
C5 NAG WA . 10.87 -36.57 27.50
C6 NAG WA . 10.86 -37.72 28.48
C7 NAG WA . 13.26 -32.50 25.04
C8 NAG WA . 13.05 -31.27 24.23
N2 NAG WA . 12.16 -33.03 25.59
O3 NAG WA . 13.06 -35.58 24.62
O4 NAG WA . 11.64 -37.86 25.63
O5 NAG WA . 11.13 -35.38 28.27
O6 NAG WA . 11.79 -37.52 29.54
O7 NAG WA . 14.36 -32.99 25.21
C1 NAG XA . -0.81 -48.23 39.88
C2 NAG XA . 0.46 -48.74 40.56
C3 NAG XA . 1.47 -49.15 39.52
C4 NAG XA . 0.86 -50.16 38.55
C5 NAG XA . -0.43 -49.61 37.97
C6 NAG XA . -1.16 -50.61 37.09
C7 NAG XA . 0.86 -47.64 42.78
C8 NAG XA . 0.05 -48.71 43.43
N2 NAG XA . 1.02 -47.72 41.44
O3 NAG XA . 2.61 -49.72 40.15
O4 NAG XA . 1.77 -50.45 37.50
O5 NAG XA . -1.33 -49.24 39.01
O6 NAG XA . -1.87 -51.56 37.88
O7 NAG XA . 1.38 -46.74 43.43
C1 NAG YA . 31.78 20.52 -5.66
C2 NAG YA . 31.30 20.78 -7.10
C3 NAG YA . 30.95 22.25 -7.27
C4 NAG YA . 29.96 22.69 -6.19
C5 NAG YA . 30.49 22.33 -4.80
C6 NAG YA . 29.50 22.63 -3.70
C7 NAG YA . 32.04 20.17 -9.36
C8 NAG YA . 33.21 19.77 -10.21
N2 NAG YA . 32.31 20.38 -8.06
O3 NAG YA . 30.39 22.46 -8.56
O4 NAG YA . 29.76 24.10 -6.26
O5 NAG YA . 30.77 20.93 -4.73
O6 NAG YA . 28.65 23.72 -4.04
O7 NAG YA . 30.92 20.30 -9.81
C1 NAG ZA . 51.43 9.70 18.72
C2 NAG ZA . 51.89 8.45 19.47
C3 NAG ZA . 53.13 8.77 20.30
C4 NAG ZA . 54.22 9.38 19.42
C5 NAG ZA . 53.66 10.58 18.65
C6 NAG ZA . 54.65 11.15 17.66
C7 NAG ZA . 50.18 6.79 20.08
C8 NAG ZA . 49.13 6.41 21.07
N2 NAG ZA . 50.84 7.94 20.33
O3 NAG ZA . 53.62 7.57 20.90
O4 NAG ZA . 55.32 9.80 20.21
O5 NAG ZA . 52.49 10.19 17.91
O6 NAG ZA . 54.08 12.25 16.95
O7 NAG ZA . 50.44 6.10 19.10
C1 NAG AB . 39.59 -24.77 21.68
C2 NAG AB . 40.64 -25.20 20.66
C3 NAG AB . 40.18 -26.46 19.93
C4 NAG AB . 39.80 -27.55 20.93
C5 NAG AB . 38.80 -27.02 21.94
C6 NAG AB . 38.49 -28.02 23.04
C7 NAG AB . 42.13 -23.88 19.23
C8 NAG AB . 42.23 -22.74 18.26
N2 NAG AB . 40.92 -24.13 19.71
O3 NAG AB . 41.21 -26.91 19.07
O4 NAG AB . 39.25 -28.67 20.24
O5 NAG AB . 39.32 -25.85 22.58
O6 NAG AB . 39.67 -28.47 23.68
O7 NAG AB . 43.11 -24.55 19.55
C1 NAG BB . 20.49 3.16 35.95
C2 NAG BB . 20.04 4.60 35.73
C3 NAG BB . 21.17 5.41 35.10
C4 NAG BB . 22.44 5.30 35.93
C5 NAG BB . 22.79 3.83 36.15
C6 NAG BB . 23.97 3.64 37.08
C7 NAG BB . 17.78 5.41 35.19
C8 NAG BB . 16.64 5.33 34.21
N2 NAG BB . 18.84 4.64 34.90
O3 NAG BB . 20.77 6.78 35.00
O4 NAG BB . 23.51 5.96 35.27
O5 NAG BB . 21.68 3.14 36.74
O6 NAG BB . 23.57 3.68 38.43
O7 NAG BB . 17.75 6.13 36.18
C1 NAG CB . 39.49 -7.31 40.67
C2 NAG CB . 39.42 -6.63 42.03
C3 NAG CB . 39.26 -5.12 41.85
C4 NAG CB . 40.36 -4.58 40.95
C5 NAG CB . 40.41 -5.35 39.65
C6 NAG CB . 41.57 -4.95 38.76
C7 NAG CB . 38.41 -8.10 43.78
C8 NAG CB . 39.78 -8.64 44.06
N2 NAG CB . 38.31 -7.16 42.83
O3 NAG CB . 39.29 -4.49 43.12
O4 NAG CB . 40.12 -3.20 40.68
O5 NAG CB . 40.56 -6.75 39.90
O6 NAG CB . 42.80 -5.44 39.28
O7 NAG CB . 37.43 -8.49 44.40
#